data_2X2H
#
_entry.id   2X2H
#
_cell.length_a   91.678
_cell.length_b   96.629
_cell.length_c   134.457
_cell.angle_alpha   80.54
_cell.angle_beta   83.28
_cell.angle_gamma   85.26
#
_symmetry.space_group_name_H-M   'P 1'
#
loop_
_entity.id
_entity.type
_entity.pdbx_description
1 polymer 'ALPHA-1,4-GLUCAN LYASE ISOZYME 1'
2 non-polymer GLYCEROL
3 non-polymer 'ACETATE ION'
4 non-polymer 'CHLORIDE ION'
5 water water
#
_entity_poly.entity_id   1
_entity_poly.type   'polypeptide(L)'
_entity_poly.pdbx_seq_one_letter_code
;GSTDNPDGIDYKTYDYVGVWGFSPLSNTNWFAAGSSTPGGITDWTATMNVNFDRIDNPSITVQHPVQVQVTSYNNNSYRV
RFNPDGPIRDVTRGPILKQQLDWIRTQELSEGCDPGMTFTSEGFLTFETKDLSVIIYGNFKTRVTRKSDGKVIMENDEVG
TASSGNKCRGLMFVDRLYGNAIASVNKNFRNDAVKQEGFYGAGEVNCKYQDTYILERTGIAMTNYNYDNLNYNQWDLRPP
HHDGALNPDYYIPMYYAAPWLIVNGCAGTSEQYSYGWFMDNVSQSYMNTGDTTWNSGQEDLAYMGAQYGPFDQHFVYGAG
GGME(CSO)VVTAFSLLQGKEFENQVLNKRSVMPPKYVFGFFQGVFGTSSLLRAHMPAGENNISVEEIVEGYQNNNFPFE
GLAVDVDMQDNLRVFTTKGEFWTANRVGTGGDPNNRSVFEWAHDKGLVCQTNITCFLRNDNEGQDYEVNQTLRERQLYTK
NDSLTGTDFGMTDDGPSDAYIGHLDYGGGVECDALFPDWGRPDVAEWWGNNYKKLFSIGLDFVWQDMTVPAMMPHKIGDD
INVKPDGNWPNADDPSNGQYNWKTYHPQVLVTDMRYENHGREPMVTQRNIHAYTLCESTRKEGIVENADTLTKFRRSYII
SRGGYIGNQHFGGMWVGDNSTTSNYIQMMIANNINMNMSCLPLVGSDIGGFTSYDNENQRTPCTGDLMVRYVQAGCLLPW
FRNHYDRWIESKDHGKDYQELYMYPNEMDTLRKFVEFRYRWQEVLYTAMYQNAAFGKPIIKAASMYNNDSNVRRAQNDHF
LLGGHDGYRILCAPVVWENSTERELYLPVLTQWYKFGPDFDTKPLEGAMNGGDRIYNYPVPQSESPIFVREGAILPTRYT
LNGENKSLNTYTDEDPLVFEVFPLGNNRADGMCYLDDGGVTTNAEDNGKFSVVKVAAEQDGGTETITFTNDCYEYVFGGP
FYVRVRGAQSPSNIHVSSGAGSQDMKVSSATSRAALFNDGENGDFWVDQETDSLWLKLPNVVLPDAVITIT
;
_entity_poly.pdbx_strand_id   A,B,C,D
#
# COMPACT_ATOMS: atom_id res chain seq x y z
N THR A 3 -31.47 69.90 -10.49
CA THR A 3 -30.23 69.48 -9.78
C THR A 3 -29.32 68.65 -10.66
N ASP A 4 -29.63 68.59 -11.97
CA ASP A 4 -28.66 68.09 -12.95
C ASP A 4 -27.40 68.95 -12.78
N ASN A 5 -26.23 68.31 -12.85
CA ASN A 5 -24.96 69.03 -12.80
C ASN A 5 -24.89 70.01 -11.63
N PRO A 6 -25.07 69.52 -10.39
CA PRO A 6 -25.16 70.41 -9.23
C PRO A 6 -23.92 71.28 -8.99
N ASP A 7 -22.75 70.82 -9.40
CA ASP A 7 -21.50 71.57 -9.20
C ASP A 7 -21.17 72.55 -10.33
N GLY A 8 -21.98 72.56 -11.37
CA GLY A 8 -21.81 73.49 -12.48
C GLY A 8 -20.57 73.22 -13.31
N ILE A 9 -20.24 71.94 -13.48
CA ILE A 9 -19.14 71.53 -14.33
C ILE A 9 -19.43 71.86 -15.79
N ASP A 10 -18.39 72.28 -16.52
CA ASP A 10 -18.46 72.33 -17.96
C ASP A 10 -17.74 71.10 -18.48
N TYR A 11 -18.51 70.18 -19.06
CA TYR A 11 -17.96 68.91 -19.55
C TYR A 11 -17.35 69.13 -20.94
N LYS A 12 -16.03 69.08 -21.01
CA LYS A 12 -15.30 69.49 -22.21
C LYS A 12 -15.02 68.34 -23.16
N THR A 13 -15.06 67.13 -22.63
CA THR A 13 -14.68 65.97 -23.43
C THR A 13 -15.63 64.82 -23.19
N TYR A 14 -16.23 64.32 -24.27
CA TYR A 14 -17.12 63.18 -24.19
C TYR A 14 -16.56 61.89 -24.79
N ASP A 15 -15.77 62.01 -25.87
CA ASP A 15 -15.28 60.84 -26.57
C ASP A 15 -14.19 60.09 -25.81
N TYR A 16 -14.08 58.81 -26.12
CA TYR A 16 -12.94 58.01 -25.72
C TYR A 16 -11.66 58.78 -26.08
N VAL A 17 -10.71 58.82 -25.16
CA VAL A 17 -9.40 59.42 -25.44
C VAL A 17 -8.32 58.39 -25.15
N GLY A 18 -7.74 57.85 -26.22
CA GLY A 18 -6.75 56.80 -26.07
C GLY A 18 -5.53 57.26 -25.30
N VAL A 19 -4.67 56.34 -24.92
CA VAL A 19 -3.43 56.71 -24.22
C VAL A 19 -2.60 57.67 -25.07
N TRP A 20 -2.83 57.64 -26.38
CA TRP A 20 -2.08 58.50 -27.31
C TRP A 20 -2.49 59.96 -27.17
N GLY A 21 -3.66 60.20 -26.58
CA GLY A 21 -4.18 61.56 -26.43
C GLY A 21 -4.19 62.07 -24.99
N PHE A 22 -3.58 61.30 -24.09
CA PHE A 22 -3.48 61.69 -22.67
C PHE A 22 -2.03 61.97 -22.32
N SER A 23 -1.71 63.24 -22.13
CA SER A 23 -0.33 63.64 -21.98
C SER A 23 -0.09 64.74 -20.95
N PRO A 24 -0.25 64.41 -19.66
CA PRO A 24 -0.05 65.31 -18.53
C PRO A 24 1.38 65.89 -18.47
N LEU A 25 2.37 65.09 -18.88
CA LEU A 25 3.76 65.53 -18.80
C LEU A 25 4.10 66.58 -19.86
N SER A 26 3.16 66.85 -20.76
CA SER A 26 3.34 67.96 -21.69
C SER A 26 3.10 69.31 -21.02
N ASN A 27 2.45 69.30 -19.86
CA ASN A 27 2.32 70.48 -19.00
C ASN A 27 1.33 71.58 -19.47
N THR A 28 1.11 71.68 -20.77
CA THR A 28 0.31 72.75 -21.37
C THR A 28 -1.12 72.75 -20.85
N ASN A 29 -1.55 73.88 -20.30
CA ASN A 29 -2.89 74.05 -19.73
C ASN A 29 -3.16 73.24 -18.47
N TRP A 30 -2.11 72.62 -17.94
CA TRP A 30 -2.23 71.89 -16.68
C TRP A 30 -1.77 72.72 -15.48
N PHE A 31 -2.54 72.61 -14.40
CA PHE A 31 -2.14 73.11 -13.08
C PHE A 31 -1.33 72.04 -12.35
N ALA A 32 -0.41 72.47 -11.52
CA ALA A 32 0.29 71.55 -10.62
C ALA A 32 0.53 72.27 -9.29
N ALA A 33 0.79 71.52 -8.23
CA ALA A 33 0.89 72.10 -6.90
C ALA A 33 2.15 72.98 -6.81
N GLY A 34 1.97 74.27 -6.51
CA GLY A 34 3.10 75.20 -6.44
C GLY A 34 3.54 75.61 -5.05
N SER A 35 2.60 75.64 -4.11
CA SER A 35 2.89 76.06 -2.74
C SER A 35 1.68 75.77 -1.88
N SER A 36 1.81 75.96 -0.57
CA SER A 36 0.68 75.71 0.32
C SER A 36 0.89 76.30 1.70
N THR A 37 -0.18 76.31 2.49
CA THR A 37 -0.12 76.56 3.92
C THR A 37 -0.93 75.48 4.67
N PRO A 38 -0.59 75.22 5.94
CA PRO A 38 -1.37 74.24 6.72
C PRO A 38 -2.83 74.63 6.91
N GLY A 39 -3.72 73.64 6.82
CA GLY A 39 -5.16 73.85 6.93
C GLY A 39 -5.79 72.98 8.00
N GLY A 40 -5.02 72.67 9.05
CA GLY A 40 -5.58 71.92 10.19
C GLY A 40 -5.61 70.41 10.04
N ILE A 41 -5.76 69.73 11.17
CA ILE A 41 -5.85 68.27 11.22
C ILE A 41 -7.04 67.88 12.10
N THR A 42 -7.94 67.09 11.55
CA THR A 42 -8.99 66.48 12.34
C THR A 42 -8.90 64.96 12.15
N ASP A 43 -9.03 64.22 13.25
CA ASP A 43 -8.87 62.76 13.22
C ASP A 43 -7.53 62.45 12.58
N TRP A 44 -7.51 61.59 11.56
CA TRP A 44 -6.26 61.27 10.86
C TRP A 44 -6.18 61.95 9.50
N THR A 45 -6.86 63.07 9.35
CA THR A 45 -6.90 63.78 8.08
C THR A 45 -6.34 65.18 8.23
N ALA A 46 -5.20 65.43 7.60
CA ALA A 46 -4.66 66.78 7.51
C ALA A 46 -5.17 67.44 6.24
N THR A 47 -5.46 68.73 6.31
CA THR A 47 -5.77 69.51 5.11
C THR A 47 -4.58 70.44 4.85
N MET A 48 -4.14 70.47 3.60
CA MET A 48 -3.21 71.49 3.17
C MET A 48 -3.94 72.36 2.17
N ASN A 49 -3.87 73.67 2.36
CA ASN A 49 -4.46 74.59 1.42
C ASN A 49 -3.47 74.87 0.29
N VAL A 50 -3.66 74.18 -0.83
CA VAL A 50 -2.67 74.16 -1.89
C VAL A 50 -2.95 75.19 -2.99
N ASN A 51 -1.92 75.97 -3.30
CA ASN A 51 -1.91 76.86 -4.45
C ASN A 51 -1.42 76.12 -5.69
N PHE A 52 -2.32 75.93 -6.64
CA PHE A 52 -2.00 75.30 -7.92
C PHE A 52 -1.62 76.37 -8.94
N ASP A 53 -0.49 76.15 -9.61
CA ASP A 53 0.03 77.09 -10.60
C ASP A 53 0.03 76.47 -11.99
N ARG A 54 -0.28 77.26 -13.01
CA ARG A 54 -0.21 76.75 -14.37
C ARG A 54 1.26 76.54 -14.70
N ILE A 55 1.65 75.30 -15.00
CA ILE A 55 3.04 75.03 -15.28
C ILE A 55 3.59 75.92 -16.39
N ASP A 56 2.82 76.14 -17.46
CA ASP A 56 3.27 76.95 -18.59
C ASP A 56 3.06 78.47 -18.44
N ASN A 57 2.41 78.89 -17.35
CA ASN A 57 2.29 80.30 -17.00
C ASN A 57 2.05 80.43 -15.50
N PRO A 58 3.13 80.33 -14.71
CA PRO A 58 2.96 80.10 -13.27
C PRO A 58 2.33 81.25 -12.50
N SER A 59 2.22 82.43 -13.10
CA SER A 59 1.44 83.53 -12.53
C SER A 59 -0.09 83.23 -12.44
N ILE A 60 -0.59 82.31 -13.27
CA ILE A 60 -2.00 81.87 -13.16
C ILE A 60 -2.14 80.81 -12.07
N THR A 61 -2.95 81.12 -11.05
CA THR A 61 -2.95 80.30 -9.84
C THR A 61 -4.33 80.21 -9.20
N VAL A 62 -4.64 79.04 -8.61
CA VAL A 62 -5.92 78.83 -7.93
C VAL A 62 -5.67 77.98 -6.70
N GLN A 63 -6.57 78.09 -5.73
CA GLN A 63 -6.37 77.43 -4.45
C GLN A 63 -7.41 76.35 -4.24
N HIS A 64 -6.99 75.17 -3.83
CA HIS A 64 -7.93 74.11 -3.40
C HIS A 64 -7.42 73.39 -2.16
N PRO A 65 -8.35 73.03 -1.25
CA PRO A 65 -7.92 72.23 -0.10
C PRO A 65 -7.57 70.81 -0.51
N VAL A 66 -6.47 70.28 -0.01
CA VAL A 66 -6.05 68.91 -0.30
C VAL A 66 -5.97 68.11 0.99
N GLN A 67 -6.74 67.03 1.05
CA GLN A 67 -6.75 66.16 2.23
C GLN A 67 -5.72 65.05 2.15
N VAL A 68 -4.94 64.93 3.22
CA VAL A 68 -3.99 63.84 3.39
C VAL A 68 -4.45 63.02 4.59
N GLN A 69 -4.80 61.76 4.37
CA GLN A 69 -5.43 60.96 5.42
C GLN A 69 -4.71 59.63 5.61
N VAL A 70 -4.25 59.36 6.83
CA VAL A 70 -3.72 58.03 7.12
C VAL A 70 -4.90 57.05 7.20
N THR A 71 -4.87 56.00 6.38
CA THR A 71 -5.98 55.06 6.34
C THR A 71 -5.69 53.83 7.20
N SER A 72 -4.43 53.49 7.37
CA SER A 72 -4.06 52.43 8.28
C SER A 72 -2.62 52.57 8.72
N TYR A 73 -2.45 52.73 10.03
CA TYR A 73 -1.13 52.71 10.65
C TYR A 73 -0.51 51.32 10.53
N ASN A 74 -1.24 50.28 10.94
CA ASN A 74 -0.70 48.93 10.96
C ASN A 74 -0.35 48.36 9.58
N ASN A 75 -1.10 48.79 8.56
CA ASN A 75 -0.93 48.27 7.21
C ASN A 75 -0.35 49.34 6.29
N ASN A 76 0.20 50.39 6.91
CA ASN A 76 1.03 51.35 6.20
C ASN A 76 0.37 51.90 4.95
N SER A 77 -0.80 52.50 5.10
CA SER A 77 -1.48 53.07 3.93
C SER A 77 -1.97 54.48 4.22
N TYR A 78 -1.96 55.33 3.20
CA TYR A 78 -2.58 56.64 3.31
C TYR A 78 -3.24 57.05 2.01
N ARG A 79 -3.87 58.23 2.03
CA ARG A 79 -4.75 58.65 0.96
C ARG A 79 -4.57 60.15 0.73
N VAL A 80 -4.69 60.59 -0.52
CA VAL A 80 -4.67 62.00 -0.87
C VAL A 80 -5.88 62.30 -1.75
N ARG A 81 -6.69 63.29 -1.36
CA ARG A 81 -7.89 63.61 -2.14
C ARG A 81 -8.13 65.11 -2.24
N PHE A 82 -8.55 65.56 -3.40
CA PHE A 82 -9.03 66.93 -3.54
C PHE A 82 -10.04 66.99 -4.67
N ASN A 83 -10.80 68.06 -4.72
CA ASN A 83 -11.78 68.23 -5.76
C ASN A 83 -11.65 69.64 -6.33
N PRO A 84 -11.07 69.75 -7.53
CA PRO A 84 -10.91 71.09 -8.12
C PRO A 84 -12.24 71.67 -8.61
N ASP A 85 -13.30 70.88 -8.54
CA ASP A 85 -14.57 71.28 -9.14
C ASP A 85 -15.66 71.67 -8.14
N GLY A 86 -15.41 71.41 -6.87
CA GLY A 86 -16.43 71.66 -5.84
C GLY A 86 -15.90 71.16 -4.53
N PRO A 87 -16.79 71.03 -3.53
CA PRO A 87 -16.36 70.54 -2.23
C PRO A 87 -15.93 69.06 -2.31
N ILE A 88 -15.05 68.66 -1.41
CA ILE A 88 -14.66 67.27 -1.34
C ILE A 88 -15.86 66.47 -0.84
N ARG A 89 -16.13 65.34 -1.47
CA ARG A 89 -17.36 64.60 -1.19
C ARG A 89 -17.06 63.11 -0.98
N ASP A 90 -17.69 62.50 0.01
CA ASP A 90 -17.53 61.06 0.22
C ASP A 90 -18.45 60.29 -0.74
N VAL A 91 -17.88 59.36 -1.52
CA VAL A 91 -18.72 58.49 -2.36
C VAL A 91 -19.62 57.63 -1.46
N THR A 92 -20.87 57.46 -1.88
CA THR A 92 -21.78 56.58 -1.17
C THR A 92 -21.74 55.16 -1.77
N ARG A 93 -21.13 55.03 -2.93
CA ARG A 93 -21.00 53.74 -3.59
C ARG A 93 -19.59 53.58 -4.14
N GLY A 94 -18.99 52.42 -3.92
CA GLY A 94 -17.67 52.15 -4.46
C GLY A 94 -16.82 51.31 -3.53
N PRO A 95 -15.63 50.92 -3.98
CA PRO A 95 -14.78 50.00 -3.22
C PRO A 95 -14.37 50.55 -1.85
N ILE A 96 -14.13 51.85 -1.78
CA ILE A 96 -13.64 52.45 -0.53
C ILE A 96 -14.70 53.35 0.08
N LEU A 97 -15.23 52.95 1.23
CA LEU A 97 -16.33 53.66 1.88
C LEU A 97 -15.84 54.25 3.20
N LYS A 98 -16.36 55.42 3.56
CA LYS A 98 -15.98 56.10 4.78
C LYS A 98 -16.22 55.20 6.01
N GLN A 99 -17.35 54.53 6.03
CA GLN A 99 -17.71 53.65 7.15
C GLN A 99 -16.60 52.61 7.45
N GLN A 100 -15.98 52.05 6.42
CA GLN A 100 -14.89 51.08 6.61
C GLN A 100 -13.61 51.76 7.06
N LEU A 101 -13.27 52.90 6.44
CA LEU A 101 -12.13 53.70 6.90
C LEU A 101 -12.28 54.09 8.38
N ASP A 102 -13.50 54.46 8.77
CA ASP A 102 -13.79 54.81 10.16
C ASP A 102 -13.55 53.61 11.07
N TRP A 103 -14.01 52.44 10.64
CA TRP A 103 -13.87 51.22 11.43
C TRP A 103 -12.40 50.92 11.67
N ILE A 104 -11.62 50.99 10.60
CA ILE A 104 -10.18 50.73 10.67
C ILE A 104 -9.51 51.69 11.66
N ARG A 105 -9.77 52.99 11.49
CA ARG A 105 -9.15 54.00 12.34
C ARG A 105 -9.53 53.80 13.81
N THR A 106 -10.81 53.54 14.06
CA THR A 106 -11.31 53.28 15.43
C THR A 106 -10.61 52.12 16.11
N GLN A 107 -10.51 50.98 15.42
CA GLN A 107 -9.76 49.84 15.91
C GLN A 107 -8.30 50.16 16.23
N GLU A 108 -7.61 50.79 15.27
CA GLU A 108 -6.22 51.10 15.48
C GLU A 108 -5.96 52.09 16.63
N LEU A 109 -6.81 53.11 16.72
CA LEU A 109 -6.79 54.04 17.84
C LEU A 109 -6.97 53.31 19.16
N SER A 110 -7.92 52.38 19.22
CA SER A 110 -8.13 51.63 20.45
C SER A 110 -6.91 50.81 20.84
N GLU A 111 -6.04 50.54 19.87
CA GLU A 111 -4.82 49.76 20.11
C GLU A 111 -3.62 50.62 20.43
N GLY A 112 -3.80 51.93 20.39
CA GLY A 112 -2.69 52.84 20.69
C GLY A 112 -1.93 53.32 19.47
N CYS A 113 -2.32 52.90 18.27
CA CYS A 113 -1.67 53.40 17.06
C CYS A 113 -1.73 54.92 16.98
N ASP A 114 -0.57 55.55 16.81
CA ASP A 114 -0.49 57.01 16.73
C ASP A 114 0.43 57.43 15.58
N PRO A 115 -0.16 57.88 14.48
CA PRO A 115 0.57 58.34 13.30
C PRO A 115 1.33 59.64 13.54
N GLY A 116 1.05 60.32 14.66
CA GLY A 116 1.76 61.56 15.00
C GLY A 116 1.68 62.62 13.90
N MET A 117 0.53 62.69 13.23
CA MET A 117 0.35 63.64 12.15
C MET A 117 0.55 65.05 12.68
N THR A 118 1.53 65.75 12.10
CA THR A 118 1.82 67.08 12.56
C THR A 118 2.25 67.98 11.40
N PHE A 119 1.91 69.27 11.53
CA PHE A 119 2.49 70.27 10.66
C PHE A 119 3.69 70.83 11.40
N THR A 120 4.86 70.78 10.78
CA THR A 120 6.02 71.43 11.34
C THR A 120 5.79 72.95 11.34
N SER A 121 6.70 73.69 11.98
CA SER A 121 6.57 75.14 12.06
C SER A 121 6.65 75.75 10.66
N GLU A 122 7.46 75.13 9.79
CA GLU A 122 7.60 75.49 8.37
C GLU A 122 6.38 75.13 7.51
N GLY A 123 5.47 74.36 8.08
CA GLY A 123 4.23 74.02 7.38
C GLY A 123 4.27 72.71 6.61
N PHE A 124 5.37 71.96 6.75
CA PHE A 124 5.48 70.67 6.11
C PHE A 124 4.61 69.69 6.89
N LEU A 125 4.00 68.74 6.21
CA LEU A 125 3.22 67.71 6.90
C LEU A 125 4.09 66.47 7.13
N THR A 126 4.09 65.96 8.35
CA THR A 126 4.80 64.71 8.59
C THR A 126 3.87 63.79 9.37
N PHE A 127 4.05 62.49 9.14
CA PHE A 127 3.33 61.46 9.86
C PHE A 127 4.05 60.13 9.68
N GLU A 128 3.68 59.17 10.52
CA GLU A 128 4.29 57.86 10.52
C GLU A 128 3.20 56.82 10.47
N THR A 129 3.55 55.68 9.89
CA THR A 129 2.73 54.49 10.02
C THR A 129 3.62 53.50 10.76
N LYS A 130 3.20 52.25 10.89
CA LYS A 130 4.01 51.29 11.63
C LYS A 130 5.46 51.21 11.12
N ASP A 131 5.63 51.15 9.80
CA ASP A 131 6.94 50.89 9.21
C ASP A 131 7.48 52.05 8.38
N LEU A 132 6.66 53.08 8.23
CA LEU A 132 7.02 54.17 7.35
C LEU A 132 6.98 55.53 8.03
N SER A 133 7.67 56.49 7.41
CA SER A 133 7.54 57.86 7.81
C SER A 133 7.45 58.69 6.53
N VAL A 134 6.61 59.71 6.57
CA VAL A 134 6.28 60.46 5.39
C VAL A 134 6.51 61.94 5.65
N ILE A 135 7.08 62.65 4.68
CA ILE A 135 7.12 64.11 4.72
C ILE A 135 6.55 64.72 3.44
N ILE A 136 5.73 65.74 3.59
CA ILE A 136 5.15 66.43 2.45
C ILE A 136 5.56 67.90 2.60
N TYR A 137 6.29 68.41 1.62
CA TYR A 137 6.78 69.79 1.67
C TYR A 137 5.76 70.80 1.15
N GLY A 138 6.14 72.07 1.09
CA GLY A 138 5.21 73.14 0.74
C GLY A 138 4.50 72.96 -0.59
N ASN A 139 5.24 72.54 -1.61
CA ASN A 139 4.64 72.38 -2.95
C ASN A 139 4.05 70.99 -3.18
N PHE A 140 3.95 70.22 -2.08
CA PHE A 140 3.41 68.87 -2.03
C PHE A 140 4.41 67.77 -2.42
N LYS A 141 5.66 68.15 -2.65
CA LYS A 141 6.72 67.17 -2.87
C LYS A 141 6.67 66.18 -1.71
N THR A 142 6.66 64.89 -2.03
CA THR A 142 6.47 63.84 -1.02
C THR A 142 7.59 62.81 -1.06
N ARG A 143 8.15 62.49 0.10
CA ARG A 143 9.04 61.36 0.24
C ARG A 143 8.51 60.39 1.27
N VAL A 144 8.46 59.11 0.91
CA VAL A 144 8.04 58.06 1.83
C VAL A 144 9.27 57.23 2.13
N THR A 145 9.63 57.15 3.41
CA THR A 145 10.84 56.47 3.83
C THR A 145 10.49 55.27 4.72
N ARG A 146 11.14 54.15 4.47
CA ARG A 146 10.98 52.97 5.32
C ARG A 146 11.88 53.14 6.53
N LYS A 147 11.32 52.97 7.74
CA LYS A 147 12.08 53.25 8.97
C LYS A 147 13.24 52.32 9.25
N SER A 148 13.06 51.03 8.98
CA SER A 148 14.08 50.05 9.33
C SER A 148 15.44 50.36 8.70
N ASP A 149 15.44 50.83 7.45
CA ASP A 149 16.69 51.04 6.74
C ASP A 149 16.88 52.46 6.21
N GLY A 150 15.88 53.31 6.38
CA GLY A 150 15.95 54.68 5.89
C GLY A 150 15.82 54.79 4.39
N LYS A 151 15.46 53.71 3.71
CA LYS A 151 15.33 53.76 2.26
C LYS A 151 14.07 54.51 1.83
N VAL A 152 14.25 55.49 0.95
CA VAL A 152 13.10 56.13 0.32
C VAL A 152 12.48 55.09 -0.64
N ILE A 153 11.21 54.77 -0.44
CA ILE A 153 10.60 53.75 -1.25
C ILE A 153 9.63 54.31 -2.28
N MET A 154 9.26 55.58 -2.11
CA MET A 154 8.41 56.29 -3.06
C MET A 154 8.61 57.80 -2.95
N GLU A 155 8.62 58.48 -4.08
CA GLU A 155 8.61 59.93 -4.11
C GLU A 155 7.92 60.42 -5.37
N ASN A 156 7.18 61.52 -5.23
CA ASN A 156 6.46 62.05 -6.37
C ASN A 156 7.35 62.98 -7.18
N ASP A 157 6.77 63.53 -8.24
CA ASP A 157 7.57 64.21 -9.23
C ASP A 157 7.38 65.72 -9.18
N GLU A 158 8.46 66.43 -9.49
CA GLU A 158 8.45 67.87 -9.64
C GLU A 158 8.90 68.24 -11.05
N VAL A 159 8.31 69.29 -11.60
CA VAL A 159 8.77 69.85 -12.86
C VAL A 159 9.30 71.24 -12.55
N GLY A 160 10.37 71.63 -13.23
CA GLY A 160 10.89 72.98 -13.07
C GLY A 160 10.15 73.98 -13.92
N THR A 161 10.22 75.25 -13.54
CA THR A 161 9.79 76.36 -14.41
C THR A 161 10.96 77.31 -14.54
N ALA A 162 10.86 78.26 -15.47
CA ALA A 162 11.99 79.14 -15.79
C ALA A 162 12.56 79.83 -14.54
N SER A 163 11.68 80.37 -13.71
CA SER A 163 12.13 81.12 -12.54
C SER A 163 11.06 81.24 -11.47
N SER A 164 9.98 80.50 -11.62
CA SER A 164 8.85 80.58 -10.69
C SER A 164 8.81 79.41 -9.68
N GLY A 165 9.89 78.63 -9.62
CA GLY A 165 10.00 77.53 -8.67
C GLY A 165 9.49 76.20 -9.22
N ASN A 166 9.76 75.13 -8.47
CA ASN A 166 9.32 73.79 -8.85
C ASN A 166 7.86 73.52 -8.52
N LYS A 167 7.15 72.94 -9.47
CA LYS A 167 5.75 72.60 -9.28
C LYS A 167 5.68 71.09 -9.13
N CYS A 168 4.90 70.60 -8.18
CA CYS A 168 4.80 69.16 -7.92
C CYS A 168 3.69 68.51 -8.75
N ARG A 169 4.08 67.67 -9.69
CA ARG A 169 3.13 66.99 -10.56
C ARG A 169 2.47 65.80 -9.85
N GLY A 170 2.82 65.61 -8.58
CA GLY A 170 2.08 64.67 -7.72
C GLY A 170 0.61 65.06 -7.67
N LEU A 171 0.31 66.34 -7.84
CA LEU A 171 -1.10 66.78 -7.92
C LEU A 171 -1.24 67.63 -9.18
N MET A 172 -2.10 67.17 -10.11
CA MET A 172 -2.36 67.90 -11.35
C MET A 172 -3.83 67.87 -11.74
N PHE A 173 -4.28 68.94 -12.39
CA PHE A 173 -5.56 68.91 -13.08
C PHE A 173 -5.48 69.90 -14.20
N VAL A 174 -6.26 69.68 -15.25
CA VAL A 174 -6.30 70.61 -16.37
C VAL A 174 -7.10 71.85 -15.99
N ASP A 175 -6.56 73.02 -16.30
CA ASP A 175 -7.28 74.28 -16.16
C ASP A 175 -8.69 74.09 -16.71
N ARG A 176 -9.71 74.43 -15.92
CA ARG A 176 -11.11 74.16 -16.28
C ARG A 176 -11.63 75.04 -17.43
N LEU A 177 -10.87 76.08 -17.78
CA LEU A 177 -11.11 76.81 -19.02
C LEU A 177 -10.95 75.89 -20.23
N TYR A 178 -10.21 74.79 -20.06
CA TYR A 178 -9.85 73.94 -21.19
C TYR A 178 -10.23 72.47 -21.05
N GLY A 179 -10.34 71.97 -19.82
CA GLY A 179 -10.52 70.53 -19.61
C GLY A 179 -10.99 70.13 -18.23
N ASN A 180 -11.06 68.82 -17.99
CA ASN A 180 -11.60 68.29 -16.76
C ASN A 180 -10.70 67.25 -16.14
N ALA A 181 -9.58 66.97 -16.80
CA ALA A 181 -8.73 65.84 -16.42
C ALA A 181 -7.89 66.09 -15.15
N ILE A 182 -7.42 64.99 -14.56
CA ILE A 182 -6.56 65.05 -13.39
C ILE A 182 -5.40 64.07 -13.63
N ALA A 183 -4.33 64.22 -12.84
CA ALA A 183 -3.18 63.34 -12.96
C ALA A 183 -2.31 63.41 -11.72
N SER A 184 -1.57 62.34 -11.46
CA SER A 184 -0.58 62.33 -10.38
C SER A 184 0.65 61.58 -10.84
N VAL A 185 1.84 62.17 -10.63
CA VAL A 185 3.09 61.66 -11.20
C VAL A 185 4.14 61.35 -10.12
N ASN A 186 4.70 60.13 -10.16
CA ASN A 186 5.81 59.70 -9.32
C ASN A 186 7.10 59.55 -10.11
N LYS A 187 8.23 59.67 -9.42
CA LYS A 187 9.48 59.15 -9.97
C LYS A 187 9.33 57.65 -10.13
N ASN A 188 9.90 57.12 -11.21
CA ASN A 188 9.76 55.74 -11.61
C ASN A 188 11.16 55.25 -11.78
N PHE A 189 11.56 54.27 -10.96
CA PHE A 189 12.94 53.78 -10.94
C PHE A 189 13.15 52.48 -11.71
N ARG A 190 12.35 52.27 -12.76
CA ARG A 190 12.47 51.07 -13.61
C ARG A 190 13.86 50.88 -14.21
N ASN A 191 14.55 51.98 -14.50
CA ASN A 191 15.88 51.90 -15.14
C ASN A 191 17.03 51.99 -14.15
N ASP A 192 16.71 52.12 -12.87
CA ASP A 192 17.75 52.11 -11.84
C ASP A 192 18.34 50.71 -11.73
N ALA A 193 19.68 50.62 -11.78
CA ALA A 193 20.36 49.32 -11.88
C ALA A 193 20.10 48.43 -10.66
N VAL A 194 19.96 49.04 -9.49
CA VAL A 194 19.68 48.29 -8.28
C VAL A 194 18.17 48.08 -8.04
N LYS A 195 17.38 49.14 -8.12
CA LYS A 195 15.94 49.06 -7.86
C LYS A 195 15.18 48.23 -8.90
N GLN A 196 15.42 48.53 -10.18
CA GLN A 196 14.79 47.82 -11.29
C GLN A 196 13.30 47.69 -11.08
N GLU A 197 12.65 48.79 -10.73
CA GLU A 197 11.24 48.73 -10.41
C GLU A 197 10.43 48.08 -11.50
N GLY A 198 9.52 47.23 -11.08
CA GLY A 198 8.54 46.62 -11.95
C GLY A 198 7.17 46.99 -11.48
N PHE A 199 6.26 47.15 -12.43
CA PHE A 199 4.88 47.54 -12.17
C PHE A 199 3.96 46.42 -12.55
N TYR A 200 3.05 46.07 -11.64
CA TYR A 200 2.18 44.92 -11.80
C TYR A 200 0.75 45.31 -11.55
N GLY A 201 -0.19 44.50 -12.01
CA GLY A 201 -1.59 44.65 -11.63
C GLY A 201 -2.44 45.04 -12.81
N ALA A 202 -3.15 46.14 -12.67
CA ALA A 202 -3.92 46.71 -13.77
C ALA A 202 -4.95 45.76 -14.38
N GLY A 203 -5.50 44.87 -13.57
CA GLY A 203 -6.66 44.07 -13.99
C GLY A 203 -6.45 43.15 -15.18
N GLU A 204 -7.19 43.39 -16.26
CA GLU A 204 -7.22 42.50 -17.43
C GLU A 204 -6.35 42.96 -18.62
N VAL A 205 -5.58 44.03 -18.45
CA VAL A 205 -4.78 44.54 -19.56
C VAL A 205 -3.87 43.42 -20.10
N ASN A 206 -3.77 43.31 -21.42
CA ASN A 206 -2.88 42.37 -22.10
C ASN A 206 -1.68 43.10 -22.67
N CYS A 207 -0.51 42.52 -22.54
CA CYS A 207 0.71 43.13 -23.08
C CYS A 207 1.53 42.07 -23.81
N LYS A 208 1.89 42.36 -25.04
CA LYS A 208 2.71 41.48 -25.85
C LYS A 208 4.18 41.91 -25.80
N TYR A 209 5.08 40.94 -25.69
CA TYR A 209 6.50 41.17 -25.87
C TYR A 209 6.99 40.13 -26.86
N GLN A 210 7.44 40.60 -28.02
CA GLN A 210 7.78 39.77 -29.17
C GLN A 210 6.56 38.91 -29.55
N ASP A 211 6.67 37.59 -29.44
CA ASP A 211 5.52 36.73 -29.76
C ASP A 211 4.72 36.29 -28.53
N THR A 212 5.10 36.77 -27.35
CA THR A 212 4.57 36.21 -26.10
C THR A 212 3.78 37.20 -25.28
N TYR A 213 2.67 36.77 -24.70
CA TYR A 213 1.96 37.62 -23.74
C TYR A 213 2.54 37.45 -22.34
N ILE A 214 2.79 38.59 -21.68
CA ILE A 214 3.56 38.63 -20.44
C ILE A 214 2.74 39.20 -19.28
N LEU A 215 3.28 39.09 -18.07
CA LEU A 215 2.57 39.49 -16.86
C LEU A 215 2.80 40.96 -16.45
N GLU A 216 4.07 41.34 -16.38
CA GLU A 216 4.48 42.67 -15.90
C GLU A 216 3.95 43.78 -16.80
N ARG A 217 3.71 44.93 -16.20
CA ARG A 217 3.10 46.07 -16.87
C ARG A 217 3.99 47.31 -16.71
N THR A 218 5.27 47.15 -17.04
CA THR A 218 6.28 48.20 -16.92
C THR A 218 6.58 48.84 -18.27
N GLY A 219 6.78 50.16 -18.25
CA GLY A 219 7.14 50.91 -19.47
C GLY A 219 6.02 51.03 -20.48
N ILE A 220 4.78 51.05 -20.01
CA ILE A 220 3.66 51.02 -20.95
C ILE A 220 2.54 51.96 -20.56
N ALA A 221 1.77 52.39 -21.57
CA ALA A 221 0.66 53.31 -21.36
C ALA A 221 -0.69 52.58 -21.45
N MET A 222 -1.40 52.52 -20.33
CA MET A 222 -2.65 51.78 -20.21
C MET A 222 -3.83 52.69 -19.92
N THR A 223 -5.04 52.20 -20.17
CA THR A 223 -6.28 52.92 -19.86
C THR A 223 -7.40 51.99 -19.37
N ASN A 224 -8.24 52.50 -18.47
CA ASN A 224 -9.45 51.81 -18.05
C ASN A 224 -10.62 52.51 -18.66
N TYR A 225 -11.33 51.78 -19.50
CA TYR A 225 -12.45 52.34 -20.23
C TYR A 225 -13.23 51.08 -20.62
N ASN A 226 -14.09 50.61 -19.71
CA ASN A 226 -14.74 49.31 -19.89
C ASN A 226 -15.39 49.23 -21.25
N TYR A 227 -15.06 48.17 -21.98
CA TYR A 227 -15.41 48.10 -23.37
C TYR A 227 -15.94 46.72 -23.74
N ASP A 228 -16.84 46.69 -24.72
CA ASP A 228 -17.29 45.46 -25.38
C ASP A 228 -16.16 44.94 -26.25
N ASN A 229 -15.08 44.50 -25.63
CA ASN A 229 -13.85 44.25 -26.38
C ASN A 229 -13.69 42.80 -26.82
N LEU A 230 -14.55 42.36 -27.73
CA LEU A 230 -14.50 41.01 -28.27
C LEU A 230 -13.11 40.72 -28.89
N ASN A 231 -12.52 39.60 -28.49
CA ASN A 231 -11.16 39.21 -28.91
C ASN A 231 -10.03 40.06 -28.34
N TYR A 232 -10.40 41.08 -27.57
CA TYR A 232 -9.46 41.94 -26.85
C TYR A 232 -8.75 42.90 -27.79
N ASN A 233 -9.25 42.99 -29.02
CA ASN A 233 -8.60 43.81 -30.04
C ASN A 233 -9.59 44.51 -30.99
N GLN A 234 -10.68 45.03 -30.43
CA GLN A 234 -11.70 45.69 -31.26
C GLN A 234 -11.11 46.80 -32.13
N TRP A 235 -11.50 46.78 -33.41
CA TRP A 235 -10.92 47.65 -34.43
C TRP A 235 -11.07 49.14 -34.13
N ASP A 236 -12.23 49.54 -33.63
CA ASP A 236 -12.45 50.93 -33.19
C ASP A 236 -11.52 51.40 -32.08
N LEU A 237 -10.83 50.46 -31.43
CA LEU A 237 -9.89 50.79 -30.37
C LEU A 237 -8.44 50.95 -30.88
N ARG A 238 -8.24 50.88 -32.19
CA ARG A 238 -6.89 51.04 -32.74
C ARG A 238 -6.30 52.45 -32.56
N PRO A 239 -4.96 52.54 -32.43
CA PRO A 239 -4.29 53.84 -32.37
C PRO A 239 -4.49 54.60 -33.69
N PRO A 240 -4.36 55.93 -33.66
CA PRO A 240 -4.53 56.78 -34.84
C PRO A 240 -3.70 56.30 -36.02
N HIS A 241 -4.36 56.15 -37.17
CA HIS A 241 -3.71 55.78 -38.43
C HIS A 241 -3.07 54.38 -38.40
N HIS A 242 -3.50 53.54 -37.47
CA HIS A 242 -2.98 52.16 -37.38
C HIS A 242 -3.27 51.41 -38.67
N ASP A 243 -2.24 50.80 -39.24
CA ASP A 243 -2.41 49.98 -40.44
C ASP A 243 -2.18 48.50 -40.14
N GLY A 244 -2.96 47.65 -40.79
CA GLY A 244 -2.85 46.21 -40.61
C GLY A 244 -3.58 45.73 -39.37
N ALA A 245 -3.40 44.45 -39.05
CA ALA A 245 -4.10 43.81 -37.93
C ALA A 245 -3.82 44.51 -36.62
N LEU A 246 -4.87 44.63 -35.82
CA LEU A 246 -4.74 45.13 -34.47
C LEU A 246 -4.70 43.92 -33.55
N ASN A 247 -3.57 43.71 -32.88
CA ASN A 247 -3.43 42.61 -31.91
C ASN A 247 -3.76 43.05 -30.50
N PRO A 248 -4.29 42.13 -29.65
CA PRO A 248 -4.46 42.51 -28.26
C PRO A 248 -3.15 43.06 -27.73
N ASP A 249 -3.19 44.22 -27.06
CA ASP A 249 -1.96 44.81 -26.52
C ASP A 249 -2.29 45.84 -25.45
N TYR A 250 -1.24 46.43 -24.89
CA TYR A 250 -1.34 47.10 -23.61
C TYR A 250 -2.12 48.39 -23.64
N TYR A 251 -2.24 48.99 -24.83
CA TYR A 251 -2.87 50.29 -25.03
C TYR A 251 -4.36 50.12 -25.34
N ILE A 252 -4.88 48.93 -25.14
CA ILE A 252 -6.27 48.63 -25.43
C ILE A 252 -7.03 48.34 -24.13
N PRO A 253 -8.16 49.05 -23.89
CA PRO A 253 -8.93 48.85 -22.66
C PRO A 253 -9.61 47.48 -22.64
N MET A 254 -9.90 46.98 -21.45
CA MET A 254 -10.61 45.73 -21.31
C MET A 254 -11.97 45.89 -20.62
N TYR A 255 -12.39 44.88 -19.87
CA TYR A 255 -13.79 44.81 -19.41
C TYR A 255 -13.94 45.27 -17.95
N TYR A 256 -12.83 45.26 -17.22
CA TYR A 256 -12.80 45.57 -15.79
C TYR A 256 -11.96 46.82 -15.60
N ALA A 257 -12.44 47.74 -14.78
CA ALA A 257 -11.68 48.96 -14.52
C ALA A 257 -10.83 48.76 -13.29
N ALA A 258 -9.52 48.81 -13.48
CA ALA A 258 -8.63 48.57 -12.36
C ALA A 258 -7.48 49.57 -12.39
N PRO A 259 -7.75 50.83 -11.98
CA PRO A 259 -6.68 51.83 -11.87
C PRO A 259 -5.80 51.54 -10.66
N TRP A 260 -5.01 50.48 -10.76
CA TRP A 260 -4.34 49.87 -9.64
C TRP A 260 -3.05 49.28 -10.14
N LEU A 261 -1.95 49.62 -9.47
CA LEU A 261 -0.62 49.12 -9.80
C LEU A 261 0.08 48.76 -8.50
N ILE A 262 0.82 47.64 -8.50
CA ILE A 262 1.71 47.32 -7.43
C ILE A 262 3.16 47.44 -7.93
N VAL A 263 3.91 48.31 -7.28
CA VAL A 263 5.26 48.62 -7.65
C VAL A 263 6.14 47.73 -6.78
N ASN A 264 7.08 47.03 -7.40
CA ASN A 264 7.98 46.14 -6.69
C ASN A 264 9.41 46.50 -7.09
N GLY A 265 10.21 46.95 -6.14
CA GLY A 265 11.60 47.29 -6.42
C GLY A 265 12.54 46.44 -5.57
N CYS A 266 13.81 46.39 -5.96
CA CYS A 266 14.82 45.54 -5.29
C CYS A 266 14.39 44.08 -5.07
N ALA A 267 13.67 43.53 -6.04
CA ALA A 267 13.07 42.19 -5.92
C ALA A 267 14.07 41.10 -5.52
N GLY A 268 13.65 40.19 -4.67
CA GLY A 268 14.48 39.04 -4.30
C GLY A 268 15.58 39.34 -3.28
N THR A 269 15.77 40.62 -2.98
CA THR A 269 16.78 41.02 -2.02
C THR A 269 16.14 41.37 -0.68
N SER A 270 16.96 41.49 0.35
CA SER A 270 16.48 41.77 1.70
C SER A 270 15.98 43.22 1.82
N GLU A 271 16.34 44.06 0.85
CA GLU A 271 15.82 45.43 0.81
C GLU A 271 14.62 45.60 -0.15
N GLN A 272 14.04 44.50 -0.62
CA GLN A 272 12.83 44.57 -1.45
C GLN A 272 11.78 45.48 -0.81
N TYR A 273 11.08 46.25 -1.63
CA TYR A 273 9.95 47.02 -1.15
C TYR A 273 8.84 46.89 -2.17
N SER A 274 7.59 47.05 -1.73
CA SER A 274 6.43 46.94 -2.60
C SER A 274 5.41 47.94 -2.12
N TYR A 275 4.74 48.62 -3.05
CA TYR A 275 3.59 49.44 -2.67
C TYR A 275 2.51 49.46 -3.74
N GLY A 276 1.28 49.60 -3.32
CA GLY A 276 0.15 49.71 -4.23
C GLY A 276 -0.24 51.16 -4.45
N TRP A 277 -0.80 51.43 -5.62
CA TRP A 277 -1.18 52.78 -6.03
C TRP A 277 -2.57 52.65 -6.63
N PHE A 278 -3.58 53.18 -5.94
CA PHE A 278 -4.97 53.12 -6.41
C PHE A 278 -5.46 54.54 -6.70
N MET A 279 -5.83 54.81 -7.95
CA MET A 279 -6.53 56.05 -8.22
C MET A 279 -8.01 55.70 -8.30
N ASP A 280 -8.74 56.09 -7.27
CA ASP A 280 -10.13 55.69 -7.15
C ASP A 280 -10.95 56.67 -7.97
N ASN A 281 -11.13 56.35 -9.24
CA ASN A 281 -11.86 57.20 -10.18
C ASN A 281 -12.61 56.27 -11.15
N VAL A 282 -13.87 56.60 -11.44
CA VAL A 282 -14.69 55.77 -12.33
C VAL A 282 -14.99 56.42 -13.71
N SER A 283 -14.40 57.57 -13.98
CA SER A 283 -14.37 58.08 -15.35
C SER A 283 -13.22 57.35 -16.08
N GLN A 284 -13.09 57.54 -17.39
CA GLN A 284 -11.93 56.91 -18.05
C GLN A 284 -10.62 57.26 -17.32
N SER A 285 -9.85 56.24 -16.93
CA SER A 285 -8.59 56.49 -16.25
C SER A 285 -7.37 55.92 -16.99
N TYR A 286 -6.18 56.27 -16.54
CA TYR A 286 -4.95 55.99 -17.28
C TYR A 286 -3.88 55.56 -16.28
N MET A 287 -3.00 54.66 -16.72
CA MET A 287 -1.85 54.27 -15.92
C MET A 287 -0.67 54.13 -16.87
N ASN A 288 0.34 54.96 -16.70
CA ASN A 288 1.48 54.99 -17.59
C ASN A 288 2.70 54.70 -16.76
N THR A 289 3.40 53.61 -17.10
CA THR A 289 4.48 53.15 -16.26
C THR A 289 5.84 53.39 -16.93
N GLY A 290 5.90 54.47 -17.71
CA GLY A 290 7.16 54.94 -18.30
C GLY A 290 7.25 54.73 -19.79
N ASP A 291 6.12 54.91 -20.47
CA ASP A 291 6.07 54.64 -21.91
C ASP A 291 6.26 55.94 -22.70
N THR A 292 7.27 55.98 -23.57
CA THR A 292 7.48 57.16 -24.41
C THR A 292 6.66 57.13 -25.70
N THR A 293 5.95 56.04 -25.95
CA THR A 293 5.17 55.94 -27.18
C THR A 293 4.13 57.06 -27.19
N TRP A 294 3.96 57.68 -28.37
CA TRP A 294 3.09 58.86 -28.56
C TRP A 294 3.46 60.01 -27.67
N ASN A 295 4.67 59.99 -27.15
CA ASN A 295 5.06 60.92 -26.11
C ASN A 295 4.08 60.95 -24.95
N SER A 296 3.51 59.78 -24.62
CA SER A 296 2.50 59.73 -23.57
C SER A 296 3.13 59.82 -22.18
N GLY A 297 4.39 59.43 -22.08
CA GLY A 297 5.07 59.40 -20.79
C GLY A 297 6.57 59.55 -20.94
N GLN A 298 7.29 59.40 -19.83
CA GLN A 298 8.74 59.49 -19.84
C GLN A 298 9.23 58.27 -19.10
N GLU A 299 10.37 57.74 -19.53
CA GLU A 299 10.88 56.47 -19.04
C GLU A 299 11.01 56.46 -17.53
N ASP A 300 11.42 57.60 -16.99
CA ASP A 300 11.74 57.71 -15.58
C ASP A 300 10.59 58.31 -14.74
N LEU A 301 9.40 58.40 -15.34
CA LEU A 301 8.21 58.82 -14.59
C LEU A 301 7.10 57.81 -14.75
N ALA A 302 6.22 57.74 -13.74
CA ALA A 302 5.01 56.94 -13.84
C ALA A 302 3.86 57.81 -13.39
N TYR A 303 2.68 57.60 -13.96
CA TYR A 303 1.53 58.36 -13.53
C TYR A 303 0.20 57.65 -13.65
N MET A 304 -0.75 58.11 -12.87
CA MET A 304 -2.12 57.76 -13.06
C MET A 304 -2.89 59.03 -13.33
N GLY A 305 -4.00 58.92 -14.05
CA GLY A 305 -4.82 60.09 -14.35
C GLY A 305 -6.21 59.66 -14.73
N ALA A 306 -7.04 60.64 -15.09
CA ALA A 306 -8.42 60.38 -15.46
C ALA A 306 -9.02 61.58 -16.18
N GLN A 307 -10.08 61.34 -16.96
CA GLN A 307 -10.68 62.36 -17.80
C GLN A 307 -11.49 63.33 -16.94
N TYR A 308 -11.99 62.86 -15.81
CA TYR A 308 -12.78 63.68 -14.91
C TYR A 308 -12.33 63.54 -13.45
N GLY A 309 -12.60 64.56 -12.64
CA GLY A 309 -12.39 64.47 -11.20
C GLY A 309 -13.51 63.69 -10.55
N PRO A 310 -13.47 63.53 -9.21
CA PRO A 310 -12.50 64.14 -8.30
C PRO A 310 -11.19 63.38 -8.24
N PHE A 311 -10.25 63.89 -7.46
CA PHE A 311 -8.92 63.29 -7.29
C PHE A 311 -8.95 62.59 -5.95
N ASP A 312 -8.63 61.30 -5.94
CA ASP A 312 -8.70 60.51 -4.74
C ASP A 312 -7.82 59.30 -4.92
N GLN A 313 -6.73 59.26 -4.17
CA GLN A 313 -5.66 58.32 -4.46
C GLN A 313 -5.16 57.67 -3.18
N HIS A 314 -4.90 56.36 -3.24
CA HIS A 314 -4.43 55.62 -2.09
C HIS A 314 -3.06 55.05 -2.37
N PHE A 315 -2.19 55.12 -1.38
CA PHE A 315 -0.89 54.52 -1.45
C PHE A 315 -0.86 53.45 -0.36
N VAL A 316 -0.62 52.21 -0.77
CA VAL A 316 -0.87 51.04 0.08
C VAL A 316 0.38 50.19 0.19
N TYR A 317 1.12 50.30 1.29
CA TYR A 317 2.40 49.60 1.37
CA TYR A 317 2.42 49.61 1.42
C TYR A 317 2.30 48.21 2.01
N GLY A 318 1.30 47.99 2.84
CA GLY A 318 1.08 46.68 3.46
C GLY A 318 1.89 46.48 4.73
N ALA A 319 1.48 45.52 5.56
CA ALA A 319 2.18 45.25 6.81
C ALA A 319 3.46 44.46 6.59
N GLY A 320 3.33 43.26 6.06
CA GLY A 320 4.49 42.38 5.92
C GLY A 320 5.30 42.77 4.70
N GLY A 321 6.31 41.96 4.39
CA GLY A 321 7.06 42.18 3.16
C GLY A 321 6.47 41.37 2.03
N GLY A 322 6.51 41.92 0.83
CA GLY A 322 6.10 41.15 -0.34
C GLY A 322 4.85 41.70 -0.95
N MET A 323 4.70 41.48 -2.26
CA MET A 323 3.58 42.02 -3.01
C MET A 323 2.26 41.48 -2.54
N GLU A 324 2.24 40.24 -2.04
CA GLU A 324 1.00 39.70 -1.53
C GLU A 324 0.44 40.59 -0.41
N VAL A 326 0.69 43.71 -0.06
CA VAL A 326 0.03 44.87 -0.67
C VAL A 326 -1.42 44.55 -1.04
N VAL A 327 -1.63 43.33 -1.55
CA VAL A 327 -2.96 42.90 -1.94
C VAL A 327 -3.88 42.76 -0.72
N THR A 328 -3.38 42.15 0.34
CA THR A 328 -4.19 41.96 1.55
C THR A 328 -4.55 43.30 2.21
N ALA A 329 -3.61 44.25 2.20
CA ALA A 329 -3.87 45.60 2.74
C ALA A 329 -4.91 46.38 1.93
N PHE A 330 -4.86 46.21 0.61
CA PHE A 330 -5.82 46.85 -0.28
C PHE A 330 -7.22 46.30 -0.04
N SER A 331 -7.29 44.98 0.15
CA SER A 331 -8.56 44.33 0.43
C SER A 331 -9.15 44.79 1.76
N LEU A 332 -8.30 45.08 2.75
CA LEU A 332 -8.77 45.61 4.03
C LEU A 332 -9.48 46.97 3.86
N LEU A 333 -8.89 47.87 3.07
CA LEU A 333 -9.50 49.17 2.79
C LEU A 333 -10.89 49.02 2.17
N GLN A 334 -11.10 47.93 1.43
CA GLN A 334 -12.36 47.67 0.76
C GLN A 334 -13.22 46.70 1.57
N GLY A 335 -12.76 46.39 2.79
CA GLY A 335 -13.38 45.34 3.61
C GLY A 335 -14.75 45.62 4.20
N LYS A 336 -15.36 44.61 4.80
CA LYS A 336 -16.70 44.74 5.35
C LYS A 336 -16.73 44.50 6.85
N GLU A 337 -15.59 44.64 7.49
CA GLU A 337 -15.49 44.56 8.94
C GLU A 337 -16.46 45.53 9.62
N PHE A 338 -16.71 46.70 9.02
CA PHE A 338 -17.62 47.67 9.63
C PHE A 338 -19.07 47.13 9.69
N GLU A 339 -19.35 46.09 8.91
CA GLU A 339 -20.67 45.45 8.94
C GLU A 339 -20.66 44.22 9.83
N ASN A 340 -19.51 43.93 10.41
CA ASN A 340 -19.34 42.76 11.26
C ASN A 340 -19.67 41.47 10.50
N GLN A 341 -19.16 41.34 9.28
CA GLN A 341 -19.23 40.09 8.55
C GLN A 341 -18.46 39.01 9.31
N VAL A 342 -19.12 37.90 9.56
CA VAL A 342 -18.44 36.84 10.29
C VAL A 342 -17.55 36.02 9.35
N LEU A 343 -17.85 36.09 8.05
CA LEU A 343 -17.13 35.32 7.04
C LEU A 343 -16.64 36.19 5.88
N ASN A 344 -17.60 36.85 5.23
CA ASN A 344 -17.35 37.64 4.03
C ASN A 344 -16.72 39.01 4.28
N LYS A 345 -15.50 39.01 4.82
CA LYS A 345 -14.84 40.27 5.19
C LYS A 345 -14.23 40.97 3.98
N ARG A 346 -13.58 40.20 3.10
CA ARG A 346 -12.77 40.81 2.04
C ARG A 346 -13.30 40.49 0.65
N SER A 347 -14.37 39.69 0.61
CA SER A 347 -15.03 39.26 -0.62
C SER A 347 -16.17 38.37 -0.16
N VAL A 348 -17.02 37.92 -1.08
CA VAL A 348 -18.11 37.03 -0.70
C VAL A 348 -17.79 35.62 -1.11
N MET A 349 -17.99 34.66 -0.20
CA MET A 349 -17.79 33.24 -0.49
C MET A 349 -18.81 32.74 -1.51
N PRO A 350 -18.33 31.91 -2.46
CA PRO A 350 -19.23 31.30 -3.41
C PRO A 350 -19.76 30.00 -2.83
N PRO A 351 -20.77 29.42 -3.48
CA PRO A 351 -21.08 28.02 -3.21
C PRO A 351 -19.93 27.19 -3.70
N LYS A 352 -19.68 26.07 -3.04
CA LYS A 352 -18.67 25.11 -3.45
C LYS A 352 -18.74 24.82 -4.96
N TYR A 353 -19.95 24.76 -5.49
CA TYR A 353 -20.15 24.34 -6.87
C TYR A 353 -19.52 25.28 -7.88
N VAL A 354 -19.19 26.49 -7.46
CA VAL A 354 -18.63 27.46 -8.38
C VAL A 354 -17.25 26.99 -8.84
N PHE A 355 -16.63 26.10 -8.05
CA PHE A 355 -15.33 25.55 -8.41
C PHE A 355 -15.42 24.28 -9.26
N GLY A 356 -16.62 23.94 -9.74
CA GLY A 356 -16.78 22.78 -10.62
C GLY A 356 -16.49 23.12 -12.07
N PHE A 357 -16.49 22.10 -12.92
CA PHE A 357 -16.32 22.36 -14.35
C PHE A 357 -17.68 22.59 -15.03
N PHE A 358 -17.84 23.75 -15.66
CA PHE A 358 -19.09 24.09 -16.36
C PHE A 358 -18.92 24.09 -17.88
N GLN A 359 -20.00 23.81 -18.60
CA GLN A 359 -20.02 23.98 -20.04
C GLN A 359 -21.07 25.00 -20.43
N GLY A 360 -20.64 26.00 -21.20
CA GLY A 360 -21.57 26.96 -21.76
C GLY A 360 -21.58 26.80 -23.26
N VAL A 361 -22.72 27.07 -23.87
CA VAL A 361 -22.79 27.08 -25.31
C VAL A 361 -23.63 28.25 -25.74
N PHE A 362 -23.10 29.09 -26.61
CA PHE A 362 -23.92 30.11 -27.23
C PHE A 362 -24.45 29.53 -28.53
N GLY A 363 -25.72 29.17 -28.55
CA GLY A 363 -26.31 28.48 -29.69
C GLY A 363 -26.88 27.11 -29.37
N THR A 364 -27.49 26.93 -28.20
CA THR A 364 -28.33 25.75 -27.99
C THR A 364 -29.73 26.16 -28.42
N SER A 365 -30.62 25.19 -28.62
CA SER A 365 -31.95 25.52 -29.14
C SER A 365 -33.11 24.82 -28.42
N SER A 366 -32.79 24.00 -27.43
CA SER A 366 -33.81 23.37 -26.58
C SER A 366 -33.18 22.67 -25.39
N LEU A 367 -34.03 22.30 -24.43
CA LEU A 367 -33.59 21.45 -23.34
C LEU A 367 -33.45 20.01 -23.86
N LEU A 368 -34.54 19.45 -24.36
CA LEU A 368 -34.54 18.06 -24.74
C LEU A 368 -34.35 17.87 -26.23
N ARG A 369 -33.69 16.76 -26.61
CA ARG A 369 -33.62 16.38 -28.02
C ARG A 369 -35.03 16.28 -28.61
N ALA A 370 -35.95 15.70 -27.85
CA ALA A 370 -37.31 15.49 -28.33
C ALA A 370 -38.00 16.78 -28.76
N HIS A 371 -37.52 17.91 -28.25
CA HIS A 371 -38.11 19.20 -28.62
C HIS A 371 -37.16 20.14 -29.33
N MET A 372 -36.04 19.62 -29.81
CA MET A 372 -35.09 20.45 -30.54
C MET A 372 -35.59 20.75 -31.94
N PRO A 373 -35.61 22.04 -32.32
CA PRO A 373 -35.98 22.38 -33.68
C PRO A 373 -34.89 21.94 -34.65
N ALA A 374 -35.30 21.50 -35.83
CA ALA A 374 -34.39 21.08 -36.87
C ALA A 374 -33.59 22.30 -37.32
N GLY A 375 -32.30 22.11 -37.59
CA GLY A 375 -31.48 23.24 -37.99
C GLY A 375 -30.06 22.75 -38.07
N GLU A 376 -29.32 23.24 -39.06
CA GLU A 376 -27.96 22.80 -39.22
C GLU A 376 -27.09 23.03 -37.96
N ASN A 377 -26.55 21.93 -37.45
CA ASN A 377 -25.68 21.91 -36.27
C ASN A 377 -26.36 22.26 -34.95
N ASN A 378 -27.70 22.30 -34.95
CA ASN A 378 -28.44 22.54 -33.70
C ASN A 378 -28.09 21.52 -32.62
N ILE A 379 -28.10 21.93 -31.36
CA ILE A 379 -27.82 20.99 -30.26
C ILE A 379 -28.75 21.27 -29.08
N SER A 380 -29.15 20.21 -28.38
CA SER A 380 -29.99 20.33 -27.19
C SER A 380 -29.09 20.35 -25.96
N VAL A 381 -29.58 20.94 -24.89
CA VAL A 381 -28.90 20.88 -23.59
C VAL A 381 -28.66 19.42 -23.21
N GLU A 382 -29.66 18.59 -23.47
CA GLU A 382 -29.63 17.18 -23.13
C GLU A 382 -28.43 16.43 -23.71
N GLU A 383 -28.13 16.70 -24.98
CA GLU A 383 -27.00 16.05 -25.64
C GLU A 383 -25.67 16.39 -24.97
N ILE A 384 -25.53 17.65 -24.57
CA ILE A 384 -24.33 18.15 -23.90
C ILE A 384 -24.12 17.42 -22.57
N VAL A 385 -25.19 17.30 -21.81
CA VAL A 385 -25.18 16.65 -20.51
C VAL A 385 -24.85 15.15 -20.65
N GLU A 386 -25.42 14.52 -21.69
CA GLU A 386 -25.12 13.13 -22.00
C GLU A 386 -23.65 12.93 -22.33
N GLY A 387 -23.08 13.82 -23.14
CA GLY A 387 -21.71 13.64 -23.57
C GLY A 387 -20.75 13.64 -22.40
N TYR A 388 -21.02 14.50 -21.44
CA TYR A 388 -20.19 14.57 -20.23
C TYR A 388 -20.44 13.41 -19.27
N GLN A 389 -21.70 13.14 -18.96
CA GLN A 389 -22.02 12.10 -18.00
C GLN A 389 -21.77 10.68 -18.53
N ASN A 390 -22.09 10.42 -19.79
CA ASN A 390 -21.88 9.09 -20.37
C ASN A 390 -20.41 8.78 -20.46
N ASN A 391 -19.61 9.82 -20.62
CA ASN A 391 -18.17 9.64 -20.68
C ASN A 391 -17.48 9.84 -19.35
N ASN A 392 -18.28 9.93 -18.27
CA ASN A 392 -17.75 9.96 -16.91
C ASN A 392 -16.79 11.13 -16.71
N PHE A 393 -17.17 12.32 -17.20
CA PHE A 393 -16.43 13.53 -16.83
C PHE A 393 -16.97 14.05 -15.50
N PRO A 394 -16.08 14.56 -14.63
CA PRO A 394 -16.60 15.35 -13.53
C PRO A 394 -17.21 16.59 -14.16
N PHE A 395 -18.46 16.88 -13.86
CA PHE A 395 -19.20 17.87 -14.62
C PHE A 395 -20.23 18.56 -13.74
N GLU A 396 -20.08 19.87 -13.57
CA GLU A 396 -20.88 20.61 -12.59
C GLU A 396 -22.24 21.04 -13.12
N GLY A 397 -22.29 21.36 -14.40
CA GLY A 397 -23.51 21.84 -15.02
C GLY A 397 -23.26 22.85 -16.12
N LEU A 398 -24.23 23.72 -16.33
CA LEU A 398 -24.32 24.46 -17.57
C LEU A 398 -24.32 25.97 -17.39
N ALA A 399 -23.79 26.65 -18.39
CA ALA A 399 -24.04 28.08 -18.57
C ALA A 399 -25.06 28.21 -19.69
N VAL A 400 -26.31 28.50 -19.33
CA VAL A 400 -27.38 28.60 -20.32
C VAL A 400 -27.48 30.03 -20.84
N ASP A 401 -27.36 30.19 -22.15
CA ASP A 401 -27.25 31.51 -22.73
C ASP A 401 -28.62 32.09 -23.08
N VAL A 402 -28.59 33.25 -23.75
CA VAL A 402 -29.77 34.01 -24.13
C VAL A 402 -30.71 33.22 -25.03
N ASP A 403 -30.18 32.14 -25.60
CA ASP A 403 -30.95 31.15 -26.33
C ASP A 403 -32.25 30.74 -25.61
N MET A 404 -32.18 30.53 -24.30
CA MET A 404 -33.36 30.06 -23.59
C MET A 404 -34.48 31.11 -23.48
N GLN A 405 -34.16 32.37 -23.65
CA GLN A 405 -35.15 33.42 -23.43
C GLN A 405 -36.18 33.46 -24.55
N ASP A 406 -37.34 34.03 -24.24
CA ASP A 406 -38.32 34.30 -25.26
C ASP A 406 -37.87 35.55 -25.99
N ASN A 407 -37.35 35.38 -27.20
CA ASN A 407 -36.95 36.49 -28.05
C ASN A 407 -36.09 37.54 -27.35
N LEU A 408 -35.02 37.10 -26.73
CA LEU A 408 -34.07 37.99 -26.05
C LEU A 408 -34.71 38.89 -24.98
N ARG A 409 -35.75 38.39 -24.32
CA ARG A 409 -36.35 39.08 -23.20
C ARG A 409 -35.71 38.53 -21.92
N VAL A 410 -34.88 39.33 -21.28
CA VAL A 410 -34.17 38.87 -20.09
C VAL A 410 -35.19 38.52 -18.98
N PHE A 411 -34.87 37.48 -18.20
CA PHE A 411 -35.77 36.96 -17.16
C PHE A 411 -36.90 36.05 -17.67
N THR A 412 -37.02 35.88 -18.99
CA THR A 412 -37.96 34.92 -19.54
C THR A 412 -37.32 33.60 -19.97
N THR A 413 -38.18 32.63 -20.26
CA THR A 413 -37.77 31.41 -20.96
C THR A 413 -38.80 31.17 -22.05
N LYS A 414 -38.46 30.28 -22.96
CA LYS A 414 -39.42 29.79 -23.94
C LYS A 414 -39.63 28.29 -23.77
N GLY A 415 -40.74 27.82 -24.33
CA GLY A 415 -41.19 26.45 -24.15
C GLY A 415 -40.17 25.37 -24.49
N GLU A 416 -39.34 25.61 -25.50
CA GLU A 416 -38.36 24.61 -25.93
C GLU A 416 -37.40 24.26 -24.81
N PHE A 417 -37.27 25.12 -23.81
CA PHE A 417 -36.36 24.87 -22.70
C PHE A 417 -37.07 24.27 -21.47
N TRP A 418 -38.27 23.73 -21.69
CA TRP A 418 -39.00 22.95 -20.70
C TRP A 418 -39.26 21.55 -21.24
N THR A 419 -39.33 20.56 -20.34
CA THR A 419 -39.47 19.15 -20.77
C THR A 419 -40.76 18.87 -21.55
N ALA A 420 -41.85 19.55 -21.19
CA ALA A 420 -43.10 19.40 -21.92
C ALA A 420 -43.30 20.45 -23.02
N ASN A 421 -42.22 21.14 -23.37
CA ASN A 421 -42.24 22.13 -24.46
C ASN A 421 -43.23 23.28 -24.25
N ARG A 422 -43.45 23.65 -22.99
CA ARG A 422 -44.20 24.85 -22.66
C ARG A 422 -43.72 25.42 -21.32
N VAL A 423 -43.84 26.73 -21.16
CA VAL A 423 -43.35 27.41 -19.98
C VAL A 423 -44.27 27.18 -18.78
N GLY A 424 -43.68 26.73 -17.67
CA GLY A 424 -44.43 26.56 -16.43
C GLY A 424 -44.00 27.60 -15.42
N THR A 425 -44.56 27.54 -14.21
CA THR A 425 -44.19 28.45 -13.14
C THR A 425 -43.27 27.76 -12.12
N GLY A 426 -42.95 26.51 -12.39
CA GLY A 426 -42.01 25.74 -11.57
C GLY A 426 -42.65 24.73 -10.64
N GLY A 427 -41.89 23.70 -10.27
CA GLY A 427 -42.39 22.69 -9.34
C GLY A 427 -43.37 21.70 -9.93
N ASP A 428 -43.44 21.62 -11.26
CA ASP A 428 -44.28 20.64 -11.93
C ASP A 428 -43.46 19.41 -12.35
N PRO A 429 -43.72 18.24 -11.74
CA PRO A 429 -42.91 17.06 -12.05
C PRO A 429 -43.08 16.52 -13.47
N ASN A 430 -44.15 16.97 -14.16
CA ASN A 430 -44.41 16.57 -15.55
C ASN A 430 -44.14 17.69 -16.57
N ASN A 431 -43.44 18.72 -16.10
CA ASN A 431 -42.95 19.78 -16.97
C ASN A 431 -41.84 20.53 -16.25
N ARG A 432 -40.61 20.02 -16.35
CA ARG A 432 -39.47 20.63 -15.69
C ARG A 432 -38.74 21.63 -16.61
N SER A 433 -38.37 22.78 -16.06
CA SER A 433 -37.55 23.73 -16.79
C SER A 433 -36.14 23.18 -16.95
N VAL A 434 -35.32 23.87 -17.73
CA VAL A 434 -33.94 23.47 -17.94
C VAL A 434 -33.22 23.30 -16.61
N PHE A 435 -33.52 24.18 -15.66
CA PHE A 435 -32.81 24.22 -14.37
C PHE A 435 -33.26 23.11 -13.42
N GLU A 436 -34.56 22.81 -13.46
CA GLU A 436 -35.13 21.75 -12.66
C GLU A 436 -34.67 20.39 -13.17
N TRP A 437 -34.71 20.23 -14.49
CA TRP A 437 -34.23 19.02 -15.12
C TRP A 437 -32.74 18.86 -14.80
N ALA A 438 -32.00 19.96 -14.84
CA ALA A 438 -30.56 19.93 -14.55
C ALA A 438 -30.27 19.48 -13.11
N HIS A 439 -31.04 19.99 -12.14
CA HIS A 439 -30.98 19.48 -10.75
C HIS A 439 -31.12 17.96 -10.67
N ASP A 440 -32.04 17.40 -11.44
CA ASP A 440 -32.26 15.95 -11.45
C ASP A 440 -31.12 15.17 -12.08
N LYS A 441 -30.25 15.87 -12.81
CA LYS A 441 -29.03 15.27 -13.33
C LYS A 441 -27.85 15.50 -12.39
N GLY A 442 -28.11 16.08 -11.21
CA GLY A 442 -27.04 16.43 -10.28
C GLY A 442 -26.26 17.67 -10.72
N LEU A 443 -26.85 18.49 -11.58
CA LEU A 443 -26.18 19.67 -12.08
C LEU A 443 -26.70 20.93 -11.42
N VAL A 444 -25.95 22.03 -11.57
CA VAL A 444 -26.44 23.36 -11.26
C VAL A 444 -26.16 24.25 -12.47
N CYS A 445 -26.85 25.38 -12.57
CA CYS A 445 -26.76 26.22 -13.76
C CYS A 445 -26.64 27.70 -13.43
N GLN A 446 -25.89 28.40 -14.28
CA GLN A 446 -25.95 29.83 -14.33
C GLN A 446 -26.65 30.15 -15.63
N THR A 447 -27.20 31.35 -15.73
CA THR A 447 -27.85 31.78 -16.96
C THR A 447 -27.51 33.25 -17.24
N ASN A 448 -27.45 33.57 -18.52
CA ASN A 448 -27.02 34.87 -18.97
C ASN A 448 -28.04 35.96 -18.69
N ILE A 449 -27.68 36.89 -17.81
CA ILE A 449 -28.50 38.07 -17.54
C ILE A 449 -27.76 39.37 -17.90
N THR A 450 -28.36 40.16 -18.78
CA THR A 450 -27.88 41.51 -19.05
C THR A 450 -28.94 42.48 -18.56
N CYS A 451 -28.62 43.78 -18.59
CA CYS A 451 -29.57 44.81 -18.20
C CYS A 451 -30.13 45.55 -19.42
N PHE A 452 -30.21 44.85 -20.55
CA PHE A 452 -30.93 45.33 -21.74
C PHE A 452 -32.35 44.81 -21.60
N LEU A 453 -33.32 45.72 -21.45
CA LEU A 453 -34.74 45.29 -21.40
C LEU A 453 -35.40 45.51 -22.76
N ARG A 454 -35.66 44.41 -23.46
CA ARG A 454 -36.06 44.49 -24.87
C ARG A 454 -37.25 45.43 -25.02
N ASN A 455 -37.16 46.30 -26.02
CA ASN A 455 -38.12 47.37 -26.13
C ASN A 455 -39.05 47.24 -27.33
N ASP A 456 -38.57 46.52 -28.34
CA ASP A 456 -39.34 46.28 -29.56
C ASP A 456 -40.00 44.91 -29.46
N ASN A 457 -41.18 44.89 -28.81
CA ASN A 457 -41.83 43.64 -28.47
C ASN A 457 -43.04 43.36 -29.36
N GLU A 458 -43.19 44.20 -30.38
CA GLU A 458 -44.29 44.14 -31.34
C GLU A 458 -45.63 43.88 -30.67
N GLY A 459 -45.95 44.69 -29.66
CA GLY A 459 -47.23 44.58 -28.97
C GLY A 459 -47.40 43.40 -28.02
N GLN A 460 -46.44 42.50 -27.98
CA GLN A 460 -46.50 41.36 -27.06
C GLN A 460 -46.09 41.80 -25.66
N ASP A 461 -46.72 41.22 -24.64
CA ASP A 461 -46.47 41.66 -23.27
C ASP A 461 -45.09 41.21 -22.84
N TYR A 462 -44.34 42.13 -22.26
CA TYR A 462 -43.08 41.80 -21.62
C TYR A 462 -43.02 42.60 -20.32
N GLU A 463 -43.42 41.94 -19.24
CA GLU A 463 -43.70 42.60 -17.97
C GLU A 463 -42.50 43.39 -17.42
N VAL A 464 -41.29 42.86 -17.60
CA VAL A 464 -40.10 43.55 -17.11
C VAL A 464 -39.91 44.93 -17.75
N ASN A 465 -40.08 45.00 -19.07
CA ASN A 465 -39.98 46.29 -19.77
C ASN A 465 -41.13 47.22 -19.41
N GLN A 466 -42.32 46.64 -19.27
CA GLN A 466 -43.54 47.40 -18.95
C GLN A 466 -43.43 48.09 -17.60
N THR A 467 -43.01 47.34 -16.59
CA THR A 467 -42.91 47.91 -15.24
C THR A 467 -41.80 48.95 -15.14
N LEU A 468 -40.70 48.75 -15.87
CA LEU A 468 -39.63 49.75 -15.96
C LEU A 468 -40.18 51.08 -16.50
N ARG A 469 -41.01 50.99 -17.54
CA ARG A 469 -41.63 52.16 -18.15
C ARG A 469 -42.58 52.84 -17.18
N GLU A 470 -43.51 52.06 -16.65
CA GLU A 470 -44.57 52.57 -15.78
C GLU A 470 -43.98 53.27 -14.56
N ARG A 471 -43.01 52.63 -13.93
CA ARG A 471 -42.38 53.18 -12.74
C ARG A 471 -41.27 54.19 -13.05
N GLN A 472 -41.11 54.49 -14.33
CA GLN A 472 -40.08 55.44 -14.82
C GLN A 472 -38.69 55.22 -14.25
N LEU A 473 -38.21 53.98 -14.38
CA LEU A 473 -36.92 53.60 -13.81
C LEU A 473 -35.81 53.51 -14.87
N TYR A 474 -36.16 53.82 -16.12
CA TYR A 474 -35.24 53.73 -17.25
C TYR A 474 -34.45 55.02 -17.43
N THR A 475 -33.23 54.88 -17.95
CA THR A 475 -32.41 56.04 -18.25
C THR A 475 -33.09 56.88 -19.32
N LYS A 476 -33.14 58.18 -19.11
CA LYS A 476 -33.81 59.09 -20.05
C LYS A 476 -32.91 59.44 -21.22
N ASN A 477 -33.47 60.19 -22.17
CA ASN A 477 -32.74 60.63 -23.36
C ASN A 477 -32.27 62.08 -23.26
N ASP A 478 -31.96 62.52 -22.04
CA ASP A 478 -31.52 63.88 -21.78
C ASP A 478 -30.01 64.04 -21.85
N SER A 479 -29.59 65.24 -22.22
CA SER A 479 -28.18 65.59 -22.23
C SER A 479 -28.06 67.09 -22.01
N LEU A 480 -26.83 67.54 -21.78
CA LEU A 480 -26.52 68.95 -21.65
C LEU A 480 -26.11 69.54 -23.00
N THR A 481 -26.04 68.69 -24.00
CA THR A 481 -25.52 69.05 -25.33
C THR A 481 -26.61 69.11 -26.39
N GLY A 482 -27.84 68.76 -26.02
CA GLY A 482 -28.93 68.67 -26.98
C GLY A 482 -28.72 67.57 -28.01
N THR A 483 -28.02 66.49 -27.61
CA THR A 483 -27.73 65.39 -28.52
C THR A 483 -28.93 64.47 -28.73
N ASP A 484 -29.26 64.20 -29.98
CA ASP A 484 -30.40 63.37 -30.30
C ASP A 484 -29.97 61.90 -30.35
N PHE A 485 -30.25 61.17 -29.28
CA PHE A 485 -29.81 59.77 -29.16
C PHE A 485 -30.61 58.78 -29.99
N GLY A 486 -31.71 59.24 -30.57
CA GLY A 486 -32.51 58.41 -31.45
C GLY A 486 -33.82 58.01 -30.81
N MET A 487 -34.74 57.51 -31.61
CA MET A 487 -36.07 57.17 -31.13
C MET A 487 -36.67 56.09 -32.01
N THR A 488 -37.47 55.21 -31.42
CA THR A 488 -38.24 54.25 -32.19
C THR A 488 -39.73 54.51 -31.98
N ASP A 489 -40.56 53.84 -32.77
CA ASP A 489 -42.01 53.90 -32.64
C ASP A 489 -42.48 53.35 -31.28
N ASP A 490 -41.64 52.53 -30.65
CA ASP A 490 -41.98 51.92 -29.37
C ASP A 490 -41.97 52.91 -28.20
N GLY A 491 -41.16 53.97 -28.31
CA GLY A 491 -41.00 54.92 -27.21
C GLY A 491 -40.43 54.26 -25.96
N PRO A 492 -40.64 54.86 -24.78
CA PRO A 492 -41.30 56.15 -24.59
C PRO A 492 -40.50 57.29 -25.19
N SER A 493 -41.14 58.43 -25.42
CA SER A 493 -40.51 59.54 -26.13
C SER A 493 -39.32 60.15 -25.38
N ASP A 494 -39.20 59.84 -24.10
CA ASP A 494 -38.15 60.39 -23.28
C ASP A 494 -37.15 59.34 -22.78
N ALA A 495 -37.19 58.14 -23.35
CA ALA A 495 -36.28 57.09 -22.93
C ALA A 495 -35.04 57.07 -23.80
N TYR A 496 -33.92 56.67 -23.19
CA TYR A 496 -32.74 56.34 -23.95
C TYR A 496 -32.97 54.97 -24.53
N ILE A 497 -32.92 54.87 -25.85
CA ILE A 497 -33.11 53.58 -26.51
C ILE A 497 -31.84 53.12 -27.20
N GLY A 498 -31.39 51.93 -26.85
CA GLY A 498 -30.18 51.37 -27.43
C GLY A 498 -30.47 50.10 -28.21
N HIS A 499 -29.42 49.46 -28.68
CA HIS A 499 -29.56 48.25 -29.49
C HIS A 499 -28.58 47.18 -29.02
N LEU A 500 -29.08 45.96 -28.89
CA LEU A 500 -28.28 44.81 -28.50
C LEU A 500 -27.99 44.00 -29.77
N ASP A 501 -26.72 43.67 -29.98
CA ASP A 501 -26.34 42.97 -31.21
C ASP A 501 -25.37 41.83 -30.96
N TYR A 502 -25.89 40.60 -31.03
CA TYR A 502 -25.10 39.40 -30.88
C TYR A 502 -24.60 38.87 -32.20
N GLY A 503 -24.89 39.60 -33.28
CA GLY A 503 -24.46 39.23 -34.63
C GLY A 503 -25.35 38.19 -35.26
N GLY A 504 -25.30 38.09 -36.58
CA GLY A 504 -26.06 37.08 -37.30
C GLY A 504 -27.56 37.30 -37.25
N GLY A 505 -27.99 38.53 -36.96
CA GLY A 505 -29.41 38.85 -36.89
C GLY A 505 -30.01 38.66 -35.51
N VAL A 506 -29.21 38.17 -34.56
CA VAL A 506 -29.68 38.03 -33.20
C VAL A 506 -29.56 39.39 -32.49
N GLU A 507 -30.63 40.18 -32.55
CA GLU A 507 -30.60 41.57 -32.09
C GLU A 507 -31.96 42.09 -31.63
N CYS A 508 -31.94 43.22 -30.91
CA CYS A 508 -33.17 43.86 -30.42
C CYS A 508 -32.91 45.28 -29.89
N ASP A 509 -33.95 46.10 -29.85
CA ASP A 509 -33.93 47.38 -29.15
C ASP A 509 -34.03 47.18 -27.63
N ALA A 510 -33.64 48.17 -26.84
CA ALA A 510 -33.68 48.03 -25.40
C ALA A 510 -33.73 49.34 -24.62
N LEU A 511 -34.38 49.29 -23.46
CA LEU A 511 -34.26 50.31 -22.45
C LEU A 511 -33.29 49.79 -21.39
N PHE A 512 -32.85 50.66 -20.49
CA PHE A 512 -31.84 50.30 -19.50
C PHE A 512 -32.18 50.92 -18.15
N PRO A 513 -31.83 50.23 -17.04
CA PRO A 513 -32.14 50.80 -15.73
C PRO A 513 -31.27 52.02 -15.36
N ASP A 514 -31.89 53.10 -14.91
CA ASP A 514 -31.15 54.26 -14.42
C ASP A 514 -30.74 53.99 -12.98
N TRP A 515 -29.63 53.27 -12.80
CA TRP A 515 -29.24 52.71 -11.50
C TRP A 515 -29.21 53.67 -10.32
N GLY A 516 -28.86 54.92 -10.59
CA GLY A 516 -28.71 55.90 -9.53
C GLY A 516 -30.01 56.33 -8.89
N ARG A 517 -31.12 56.10 -9.59
CA ARG A 517 -32.44 56.43 -9.06
C ARG A 517 -32.76 55.57 -7.85
N PRO A 518 -33.45 56.14 -6.85
CA PRO A 518 -34.00 55.26 -5.82
C PRO A 518 -35.07 54.37 -6.44
N ASP A 519 -35.15 53.12 -5.98
CA ASP A 519 -36.14 52.17 -6.46
C ASP A 519 -35.60 51.22 -7.53
N VAL A 520 -34.64 51.67 -8.32
CA VAL A 520 -34.16 50.89 -9.45
C VAL A 520 -33.55 49.55 -9.01
N ALA A 521 -32.67 49.58 -8.02
CA ALA A 521 -31.99 48.37 -7.55
C ALA A 521 -32.93 47.30 -6.99
N GLU A 522 -33.92 47.73 -6.21
CA GLU A 522 -34.92 46.83 -5.66
C GLU A 522 -35.76 46.22 -6.79
N TRP A 523 -36.18 47.05 -7.72
CA TRP A 523 -36.94 46.60 -8.89
C TRP A 523 -36.16 45.54 -9.68
N TRP A 524 -34.88 45.82 -9.95
CA TRP A 524 -34.02 44.91 -10.67
C TRP A 524 -33.93 43.55 -9.96
N GLY A 525 -33.54 43.59 -8.69
CA GLY A 525 -33.33 42.36 -7.93
C GLY A 525 -34.56 41.49 -7.88
N ASN A 526 -35.72 42.13 -7.73
CA ASN A 526 -36.97 41.41 -7.68
C ASN A 526 -37.26 40.57 -8.93
N ASN A 527 -36.77 41.02 -10.09
CA ASN A 527 -36.96 40.31 -11.36
C ASN A 527 -36.39 38.89 -11.32
N TYR A 528 -35.38 38.68 -10.48
CA TYR A 528 -34.68 37.39 -10.41
C TYR A 528 -35.57 36.28 -9.87
N LYS A 529 -36.62 36.66 -9.14
CA LYS A 529 -37.60 35.69 -8.65
C LYS A 529 -38.16 34.83 -9.79
N LYS A 530 -38.34 35.43 -10.97
CA LYS A 530 -38.87 34.72 -12.15
C LYS A 530 -37.98 33.57 -12.58
N LEU A 531 -36.69 33.66 -12.23
CA LEU A 531 -35.70 32.66 -12.60
C LEU A 531 -35.39 31.72 -11.43
N PHE A 532 -35.16 32.27 -10.24
CA PHE A 532 -34.87 31.45 -9.06
C PHE A 532 -36.00 30.45 -8.78
N SER A 533 -37.25 30.91 -8.93
CA SER A 533 -38.39 30.06 -8.64
C SER A 533 -38.61 28.95 -9.66
N ILE A 534 -37.87 28.97 -10.76
CA ILE A 534 -37.91 27.83 -11.69
C ILE A 534 -36.59 27.07 -11.70
N GLY A 535 -35.74 27.32 -10.71
CA GLY A 535 -34.62 26.43 -10.44
C GLY A 535 -33.22 26.98 -10.69
N LEU A 536 -33.13 28.22 -11.14
CA LEU A 536 -31.83 28.83 -11.44
C LEU A 536 -30.94 28.92 -10.19
N ASP A 537 -29.68 28.51 -10.33
CA ASP A 537 -28.79 28.47 -9.20
C ASP A 537 -27.96 29.72 -9.04
N PHE A 538 -27.32 30.16 -10.11
CA PHE A 538 -26.51 31.37 -10.05
C PHE A 538 -26.51 32.21 -11.33
N VAL A 539 -25.83 33.35 -11.27
CA VAL A 539 -25.98 34.39 -12.28
C VAL A 539 -24.72 34.58 -13.13
N TRP A 540 -24.94 34.71 -14.42
CA TRP A 540 -23.88 34.94 -15.39
C TRP A 540 -24.17 36.31 -15.97
N GLN A 541 -23.43 37.34 -15.52
CA GLN A 541 -23.76 38.73 -15.86
C GLN A 541 -22.98 39.27 -17.07
N ASP A 542 -23.70 39.64 -18.13
CA ASP A 542 -23.05 39.88 -19.43
C ASP A 542 -23.37 41.28 -19.96
N MET A 543 -22.60 41.72 -20.96
CA MET A 543 -22.84 42.97 -21.68
C MET A 543 -23.02 44.14 -20.73
N THR A 544 -22.11 44.25 -19.76
CA THR A 544 -22.35 45.03 -18.56
C THR A 544 -21.87 46.47 -18.66
N VAL A 545 -21.27 46.85 -19.79
CA VAL A 545 -20.75 48.21 -19.95
C VAL A 545 -21.77 49.31 -19.63
N PRO A 546 -23.01 49.26 -20.16
CA PRO A 546 -23.70 48.23 -20.95
C PRO A 546 -23.21 48.15 -22.40
N ALA A 547 -23.02 46.93 -22.90
CA ALA A 547 -22.34 46.75 -24.19
C ALA A 547 -23.28 46.91 -25.38
N MET A 548 -23.59 48.16 -25.75
CA MET A 548 -24.52 48.44 -26.84
C MET A 548 -23.89 48.32 -28.24
N MET A 549 -24.70 48.03 -29.24
CA MET A 549 -24.27 48.03 -30.63
C MET A 549 -23.65 49.38 -30.96
N PRO A 550 -22.51 49.38 -31.65
CA PRO A 550 -21.93 50.67 -32.04
C PRO A 550 -22.97 51.49 -32.79
N HIS A 551 -23.00 52.78 -32.53
CA HIS A 551 -24.01 53.66 -33.10
C HIS A 551 -23.49 55.09 -33.24
N LYS A 552 -23.91 55.74 -34.33
CA LYS A 552 -23.56 57.11 -34.62
C LYS A 552 -24.82 57.98 -34.60
N ILE A 553 -24.76 59.07 -33.84
CA ILE A 553 -25.88 60.02 -33.76
C ILE A 553 -26.36 60.34 -35.15
N GLY A 554 -27.68 60.33 -35.34
CA GLY A 554 -28.29 60.64 -36.62
C GLY A 554 -28.72 59.40 -37.37
N ASP A 555 -28.08 58.27 -37.10
CA ASP A 555 -28.46 57.00 -37.71
C ASP A 555 -29.60 56.34 -36.95
N ASP A 556 -30.31 55.44 -37.60
CA ASP A 556 -31.37 54.69 -36.93
C ASP A 556 -30.77 53.89 -35.80
N ILE A 557 -31.58 53.66 -34.78
CA ILE A 557 -31.17 52.93 -33.59
C ILE A 557 -30.63 51.53 -33.93
N ASN A 558 -31.20 50.89 -34.95
CA ASN A 558 -30.75 49.55 -35.35
C ASN A 558 -29.64 49.56 -36.40
N VAL A 559 -29.12 50.74 -36.71
CA VAL A 559 -28.05 50.87 -37.71
C VAL A 559 -26.71 51.17 -37.08
N LYS A 560 -25.68 50.43 -37.47
CA LYS A 560 -24.35 50.68 -36.95
C LYS A 560 -23.51 51.39 -38.00
N PRO A 561 -22.44 52.08 -37.56
CA PRO A 561 -21.63 52.75 -38.56
C PRO A 561 -20.77 51.77 -39.32
N ASP A 562 -20.24 52.21 -40.46
CA ASP A 562 -19.13 51.53 -41.11
C ASP A 562 -18.11 51.16 -40.04
N GLY A 563 -17.57 49.94 -40.11
CA GLY A 563 -16.64 49.44 -39.09
C GLY A 563 -15.30 50.17 -38.99
N ASN A 564 -14.91 50.85 -40.05
CA ASN A 564 -13.71 51.68 -40.06
C ASN A 564 -13.88 52.99 -39.31
N TRP A 565 -15.14 53.37 -39.05
CA TRP A 565 -15.48 54.62 -38.39
C TRP A 565 -15.81 54.41 -36.91
N PRO A 566 -15.33 55.31 -36.03
CA PRO A 566 -14.54 56.50 -36.34
C PRO A 566 -13.06 56.15 -36.43
N ASN A 567 -12.27 57.11 -36.92
CA ASN A 567 -10.84 56.96 -37.06
C ASN A 567 -10.18 58.34 -36.98
N ALA A 568 -8.85 58.37 -36.98
CA ALA A 568 -8.10 59.63 -36.84
C ALA A 568 -8.44 60.66 -37.91
N ASP A 569 -8.76 60.19 -39.12
CA ASP A 569 -9.09 61.06 -40.26
C ASP A 569 -10.56 61.48 -40.24
N ASP A 570 -11.38 60.69 -39.57
CA ASP A 570 -12.81 60.91 -39.49
C ASP A 570 -13.26 60.61 -38.06
N PRO A 571 -12.88 61.51 -37.13
CA PRO A 571 -13.10 61.20 -35.72
C PRO A 571 -14.56 61.28 -35.30
N SER A 572 -14.86 60.73 -34.13
CA SER A 572 -16.20 60.71 -33.60
C SER A 572 -16.82 62.08 -33.48
N ASN A 573 -16.08 63.05 -32.95
CA ASN A 573 -16.60 64.40 -32.75
C ASN A 573 -17.95 64.43 -32.02
N GLY A 574 -18.06 63.64 -30.94
CA GLY A 574 -19.28 63.55 -30.17
C GLY A 574 -20.44 62.81 -30.83
N GLN A 575 -20.16 62.01 -31.85
CA GLN A 575 -21.23 61.28 -32.54
C GLN A 575 -21.24 59.78 -32.27
N TYR A 576 -20.11 59.24 -31.83
CA TYR A 576 -19.99 57.81 -31.59
C TYR A 576 -20.34 57.43 -30.16
N ASN A 577 -20.98 56.27 -29.98
CA ASN A 577 -21.40 55.83 -28.65
C ASN A 577 -20.34 54.97 -27.94
N TRP A 578 -19.24 54.69 -28.65
CA TRP A 578 -18.17 53.86 -28.09
C TRP A 578 -18.76 52.58 -27.50
N LYS A 579 -19.67 52.00 -28.26
CA LYS A 579 -20.30 50.71 -27.97
C LYS A 579 -20.96 50.63 -26.58
N THR A 580 -21.63 51.72 -26.22
CA THR A 580 -22.40 51.79 -24.99
C THR A 580 -23.33 53.01 -25.11
N TYR A 581 -23.81 53.52 -23.98
CA TYR A 581 -24.45 54.83 -23.91
C TYR A 581 -23.66 55.89 -24.68
N HIS A 582 -24.30 56.61 -25.59
CA HIS A 582 -23.68 57.85 -26.04
C HIS A 582 -23.29 58.59 -24.75
N PRO A 583 -22.03 59.04 -24.66
CA PRO A 583 -21.49 59.47 -23.36
C PRO A 583 -22.07 60.80 -22.84
N GLN A 584 -22.85 61.48 -23.68
CA GLN A 584 -23.52 62.72 -23.30
C GLN A 584 -24.71 62.46 -22.38
N VAL A 585 -25.24 61.23 -22.41
CA VAL A 585 -26.47 60.92 -21.68
C VAL A 585 -26.41 61.27 -20.19
N LEU A 586 -27.47 61.91 -19.70
CA LEU A 586 -27.58 62.26 -18.29
C LEU A 586 -28.10 61.09 -17.46
N VAL A 587 -27.24 60.53 -16.61
CA VAL A 587 -27.63 59.41 -15.76
C VAL A 587 -27.70 59.87 -14.31
N THR A 588 -28.58 59.26 -13.51
CA THR A 588 -28.64 59.58 -12.10
C THR A 588 -27.34 59.12 -11.44
N ASP A 589 -26.73 60.00 -10.65
CA ASP A 589 -25.37 59.79 -10.15
C ASP A 589 -25.27 58.48 -9.36
N MET A 590 -24.35 57.63 -9.80
CA MET A 590 -24.08 56.34 -9.16
C MET A 590 -22.97 56.44 -8.12
N ARG A 591 -22.21 57.53 -8.12
CA ARG A 591 -21.14 57.71 -7.14
C ARG A 591 -21.70 58.33 -5.86
N TYR A 592 -22.65 59.25 -6.02
CA TYR A 592 -23.21 59.98 -4.89
C TYR A 592 -24.74 59.93 -4.95
N GLU A 593 -25.36 59.30 -3.95
CA GLU A 593 -26.82 59.19 -3.94
C GLU A 593 -27.51 60.54 -3.70
N ASN A 594 -28.70 60.69 -4.28
CA ASN A 594 -29.50 61.91 -4.13
C ASN A 594 -28.67 63.16 -4.39
N HIS A 595 -27.91 63.13 -5.49
CA HIS A 595 -27.02 64.23 -5.82
C HIS A 595 -27.24 64.71 -7.25
N GLY A 596 -28.27 64.19 -7.92
CA GLY A 596 -28.66 64.66 -9.24
C GLY A 596 -28.17 63.77 -10.38
N ARG A 597 -28.08 64.35 -11.57
CA ARG A 597 -27.62 63.62 -12.73
C ARG A 597 -26.35 64.23 -13.31
N GLU A 598 -25.56 63.37 -13.95
CA GLU A 598 -24.30 63.73 -14.56
C GLU A 598 -24.20 62.98 -15.89
N PRO A 599 -23.44 63.53 -16.85
CA PRO A 599 -23.20 62.78 -18.08
C PRO A 599 -22.45 61.48 -17.77
N MET A 600 -22.78 60.42 -18.49
CA MET A 600 -22.19 59.10 -18.20
C MET A 600 -20.65 59.09 -18.31
N VAL A 601 -20.12 60.02 -19.09
CA VAL A 601 -18.67 60.11 -19.25
C VAL A 601 -17.95 60.26 -17.90
N THR A 602 -18.63 60.83 -16.90
CA THR A 602 -18.02 61.05 -15.57
C THR A 602 -17.85 59.74 -14.79
N GLN A 603 -18.54 58.69 -15.20
CA GLN A 603 -18.64 57.49 -14.37
C GLN A 603 -18.85 56.20 -15.15
N ARG A 604 -18.41 56.19 -16.40
CA ARG A 604 -18.52 54.99 -17.23
C ARG A 604 -18.19 53.68 -16.48
N ASN A 605 -17.09 53.68 -15.75
CA ASN A 605 -16.54 52.45 -15.20
C ASN A 605 -17.18 51.95 -13.91
N ILE A 606 -18.27 52.60 -13.48
CA ILE A 606 -18.98 52.18 -12.29
C ILE A 606 -20.29 51.47 -12.65
N HIS A 607 -20.67 51.52 -13.93
CA HIS A 607 -21.95 50.95 -14.35
C HIS A 607 -22.01 49.44 -14.09
N ALA A 608 -21.02 48.70 -14.57
CA ALA A 608 -21.03 47.23 -14.41
C ALA A 608 -21.01 46.85 -12.94
N TYR A 609 -20.23 47.62 -12.17
CA TYR A 609 -20.09 47.44 -10.72
C TYR A 609 -21.45 47.59 -10.04
N THR A 610 -22.17 48.66 -10.39
CA THR A 610 -23.48 48.94 -9.81
C THR A 610 -24.52 47.89 -10.18
N LEU A 611 -24.42 47.37 -11.41
CA LEU A 611 -25.25 46.26 -11.88
C LEU A 611 -25.06 45.03 -11.00
N CYS A 612 -23.80 44.60 -10.87
CA CYS A 612 -23.47 43.44 -10.05
C CYS A 612 -23.86 43.64 -8.60
N GLU A 613 -23.68 44.85 -8.08
CA GLU A 613 -24.06 45.18 -6.71
C GLU A 613 -25.55 44.99 -6.51
N SER A 614 -26.34 45.41 -7.49
CA SER A 614 -27.79 45.30 -7.40
C SER A 614 -28.27 43.86 -7.52
N THR A 615 -27.69 43.10 -8.45
CA THR A 615 -27.93 41.67 -8.52
C THR A 615 -27.66 40.99 -7.18
N ARG A 616 -26.50 41.28 -6.60
CA ARG A 616 -26.05 40.65 -5.36
C ARG A 616 -26.97 40.94 -4.17
N LYS A 617 -27.23 42.22 -3.91
CA LYS A 617 -27.93 42.59 -2.70
C LYS A 617 -29.45 42.41 -2.85
N GLU A 618 -30.02 43.05 -3.86
CA GLU A 618 -31.46 42.99 -4.08
C GLU A 618 -31.93 41.74 -4.83
N GLY A 619 -31.03 41.07 -5.55
CA GLY A 619 -31.38 39.86 -6.27
C GLY A 619 -31.13 38.62 -5.42
N ILE A 620 -29.86 38.23 -5.35
CA ILE A 620 -29.41 37.05 -4.65
C ILE A 620 -29.70 37.03 -3.13
N VAL A 621 -29.35 38.10 -2.42
CA VAL A 621 -29.49 38.11 -0.97
C VAL A 621 -30.93 38.32 -0.53
N GLU A 622 -31.55 39.42 -0.97
CA GLU A 622 -32.90 39.79 -0.54
C GLU A 622 -33.97 38.80 -0.95
N ASN A 623 -33.70 38.05 -2.02
CA ASN A 623 -34.64 37.06 -2.54
C ASN A 623 -34.10 35.63 -2.39
N ALA A 624 -33.30 35.41 -1.36
CA ALA A 624 -32.71 34.10 -1.09
C ALA A 624 -33.73 33.00 -0.84
N ASP A 625 -34.86 33.36 -0.23
CA ASP A 625 -35.96 32.43 0.03
C ASP A 625 -36.46 31.74 -1.24
N THR A 626 -36.33 32.40 -2.38
CA THR A 626 -36.84 31.86 -3.64
C THR A 626 -35.86 30.93 -4.37
N LEU A 627 -34.61 30.88 -3.90
CA LEU A 627 -33.67 29.91 -4.43
C LEU A 627 -34.12 28.51 -4.03
N THR A 628 -33.76 27.51 -4.84
CA THR A 628 -34.30 26.17 -4.63
C THR A 628 -33.34 25.27 -3.86
N LYS A 629 -32.33 24.74 -4.56
CA LYS A 629 -31.47 23.73 -3.99
C LYS A 629 -30.37 24.31 -3.12
N PHE A 630 -29.82 25.45 -3.50
CA PHE A 630 -28.75 26.07 -2.72
C PHE A 630 -29.12 27.51 -2.42
N ARG A 631 -29.14 27.85 -1.14
CA ARG A 631 -29.50 29.20 -0.73
C ARG A 631 -28.40 30.21 -1.01
N ARG A 632 -27.14 29.78 -0.98
CA ARG A 632 -26.05 30.67 -1.39
C ARG A 632 -26.04 30.68 -2.91
N SER A 633 -25.80 31.85 -3.50
CA SER A 633 -25.68 31.96 -4.95
C SER A 633 -24.41 32.74 -5.26
N TYR A 634 -24.24 33.15 -6.51
CA TYR A 634 -23.02 33.81 -6.92
C TYR A 634 -23.24 34.52 -8.24
N ILE A 635 -22.31 35.39 -8.58
CA ILE A 635 -22.33 36.09 -9.85
C ILE A 635 -21.00 35.87 -10.51
N ILE A 636 -21.01 35.46 -11.77
CA ILE A 636 -19.81 35.53 -12.61
C ILE A 636 -20.06 36.65 -13.63
N SER A 637 -19.31 37.73 -13.51
CA SER A 637 -19.56 38.93 -14.28
C SER A 637 -18.51 39.16 -15.36
N ARG A 638 -18.88 39.87 -16.42
CA ARG A 638 -17.96 40.24 -17.50
C ARG A 638 -17.35 41.62 -17.31
N GLY A 639 -17.97 42.44 -16.47
CA GLY A 639 -17.52 43.82 -16.28
C GLY A 639 -17.46 44.13 -14.80
N GLY A 640 -16.76 45.20 -14.43
CA GLY A 640 -16.79 45.65 -13.06
C GLY A 640 -15.71 46.67 -12.76
N TYR A 641 -15.51 46.93 -11.48
CA TYR A 641 -14.56 47.94 -11.04
C TYR A 641 -13.99 47.39 -9.77
N ILE A 642 -12.81 47.90 -9.38
CA ILE A 642 -12.22 47.55 -8.11
C ILE A 642 -13.32 47.46 -7.05
N GLY A 643 -13.43 46.30 -6.41
CA GLY A 643 -14.45 46.10 -5.39
C GLY A 643 -15.51 45.10 -5.79
N ASN A 644 -15.46 44.65 -7.05
CA ASN A 644 -16.42 43.67 -7.55
C ASN A 644 -16.46 42.36 -6.79
N GLN A 645 -15.39 42.06 -6.06
CA GLN A 645 -15.23 40.80 -5.33
C GLN A 645 -16.22 40.63 -4.19
N HIS A 646 -16.90 41.71 -3.80
CA HIS A 646 -17.97 41.61 -2.81
C HIS A 646 -19.30 41.28 -3.45
N PHE A 647 -19.32 41.21 -4.78
CA PHE A 647 -20.54 40.84 -5.48
C PHE A 647 -20.41 39.48 -6.14
N GLY A 648 -19.18 39.06 -6.43
CA GLY A 648 -18.97 37.78 -7.08
C GLY A 648 -17.65 37.72 -7.82
N GLY A 649 -17.58 36.89 -8.85
CA GLY A 649 -16.33 36.72 -9.59
C GLY A 649 -16.45 37.27 -10.99
N MET A 650 -15.53 36.86 -11.85
CA MET A 650 -15.44 37.40 -13.19
C MET A 650 -15.06 36.33 -14.21
N TRP A 651 -15.46 36.53 -15.45
CA TRP A 651 -14.76 35.79 -16.51
C TRP A 651 -14.30 36.82 -17.52
N VAL A 652 -13.17 36.56 -18.17
CA VAL A 652 -12.56 37.57 -19.05
C VAL A 652 -13.19 37.63 -20.45
N GLY A 653 -14.52 37.77 -20.47
CA GLY A 653 -15.23 38.09 -21.69
C GLY A 653 -15.03 37.17 -22.87
N ASP A 654 -14.96 37.76 -24.06
CA ASP A 654 -14.93 36.98 -25.28
C ASP A 654 -13.50 36.82 -25.79
N ASN A 655 -12.83 35.77 -25.33
CA ASN A 655 -11.49 35.45 -25.82
C ASN A 655 -11.60 34.61 -27.08
N SER A 656 -10.46 34.04 -27.51
CA SER A 656 -10.47 33.20 -28.69
C SER A 656 -9.57 31.98 -28.52
N THR A 657 -9.41 31.24 -29.60
CA THR A 657 -8.87 29.90 -29.55
C THR A 657 -7.47 29.87 -30.16
N THR A 658 -6.49 30.42 -29.43
CA THR A 658 -5.09 30.35 -29.84
C THR A 658 -4.21 30.27 -28.62
N SER A 659 -2.94 29.92 -28.82
CA SER A 659 -1.93 29.90 -27.76
C SER A 659 -1.82 31.23 -27.04
N ASN A 660 -1.82 32.32 -27.79
CA ASN A 660 -1.75 33.66 -27.21
C ASN A 660 -2.87 33.87 -26.18
N TYR A 661 -4.08 33.39 -26.48
CA TYR A 661 -5.15 33.53 -25.49
C TYR A 661 -4.96 32.66 -24.28
N ILE A 662 -4.21 31.57 -24.40
CA ILE A 662 -3.89 30.79 -23.20
C ILE A 662 -2.95 31.63 -22.33
N GLN A 663 -1.91 32.19 -22.97
CA GLN A 663 -0.93 33.03 -22.27
C GLN A 663 -1.64 34.18 -21.57
N MET A 664 -2.54 34.82 -22.31
CA MET A 664 -3.35 35.89 -21.76
C MET A 664 -4.21 35.45 -20.57
N MET A 665 -4.86 34.30 -20.69
CA MET A 665 -5.72 33.79 -19.62
C MET A 665 -4.94 33.66 -18.30
N ILE A 666 -3.74 33.14 -18.40
CA ILE A 666 -2.90 32.97 -17.22
C ILE A 666 -2.53 34.34 -16.62
N ALA A 667 -2.02 35.25 -17.44
CA ALA A 667 -1.62 36.58 -16.96
C ALA A 667 -2.81 37.35 -16.39
N ASN A 668 -3.94 37.29 -17.10
CA ASN A 668 -5.18 37.89 -16.62
C ASN A 668 -5.54 37.42 -15.22
N ASN A 669 -5.38 36.12 -14.99
CA ASN A 669 -5.84 35.54 -13.76
C ASN A 669 -4.98 35.99 -12.59
N ILE A 670 -3.67 35.96 -12.80
CA ILE A 670 -2.74 36.42 -11.79
C ILE A 670 -2.95 37.92 -11.50
N ASN A 671 -3.11 38.72 -12.57
CA ASN A 671 -3.25 40.17 -12.39
C ASN A 671 -4.56 40.56 -11.72
N MET A 672 -5.65 39.92 -12.12
CA MET A 672 -6.94 40.15 -11.48
C MET A 672 -6.89 39.75 -10.00
N ASN A 673 -6.26 38.61 -9.70
CA ASN A 673 -6.08 38.21 -8.30
C ASN A 673 -5.37 39.28 -7.48
N MET A 674 -4.35 39.91 -8.05
CA MET A 674 -3.61 40.94 -7.31
C MET A 674 -4.32 42.27 -7.36
N SER A 675 -5.41 42.35 -8.13
CA SER A 675 -6.30 43.52 -8.12
C SER A 675 -7.51 43.27 -7.23
N CYS A 676 -7.41 42.26 -6.35
CA CYS A 676 -8.46 41.93 -5.41
C CYS A 676 -9.74 41.37 -6.08
N LEU A 677 -9.58 40.71 -7.21
CA LEU A 677 -10.66 39.94 -7.81
C LEU A 677 -10.14 38.51 -8.01
N PRO A 678 -10.37 37.62 -7.02
CA PRO A 678 -9.72 36.30 -7.04
C PRO A 678 -10.43 35.25 -7.87
N LEU A 679 -11.75 35.27 -7.90
CA LEU A 679 -12.51 34.21 -8.55
C LEU A 679 -12.78 34.57 -10.00
N VAL A 680 -11.77 34.34 -10.83
CA VAL A 680 -11.80 34.78 -12.21
C VAL A 680 -11.31 33.63 -13.09
N GLY A 681 -11.70 33.65 -14.36
CA GLY A 681 -11.24 32.64 -15.31
C GLY A 681 -11.56 33.13 -16.70
N SER A 682 -11.12 32.38 -17.71
CA SER A 682 -11.37 32.71 -19.10
C SER A 682 -11.95 31.49 -19.79
N ASP A 683 -12.79 31.70 -20.80
CA ASP A 683 -13.42 30.57 -21.47
C ASP A 683 -12.36 29.55 -21.94
N ILE A 684 -12.48 28.33 -21.41
CA ILE A 684 -11.56 27.25 -21.72
C ILE A 684 -11.79 26.74 -23.15
N GLY A 685 -10.73 26.78 -23.97
CA GLY A 685 -10.88 26.45 -25.38
C GLY A 685 -11.07 27.70 -26.23
N GLY A 686 -11.39 28.83 -25.59
CA GLY A 686 -11.58 30.09 -26.32
C GLY A 686 -13.03 30.25 -26.76
N PHE A 687 -13.54 31.46 -26.73
CA PHE A 687 -14.96 31.68 -27.02
C PHE A 687 -15.27 31.78 -28.53
N THR A 688 -14.64 32.73 -29.21
CA THR A 688 -14.89 32.97 -30.63
C THR A 688 -14.16 32.00 -31.56
N SER A 689 -14.59 31.95 -32.82
CA SER A 689 -13.86 31.29 -33.92
C SER A 689 -12.44 31.82 -34.08
N TYR A 690 -11.52 30.98 -34.55
CA TYR A 690 -10.14 31.41 -34.76
C TYR A 690 -9.64 31.16 -36.19
N ASP A 691 -10.25 30.22 -36.89
CA ASP A 691 -9.81 29.83 -38.24
C ASP A 691 -10.28 30.86 -39.27
N ASN A 692 -9.35 31.62 -39.82
CA ASN A 692 -9.69 32.69 -40.79
C ASN A 692 -10.26 32.21 -42.12
N GLU A 693 -9.95 30.96 -42.50
CA GLU A 693 -10.41 30.40 -43.77
C GLU A 693 -11.78 29.70 -43.63
N ASN A 694 -12.02 29.12 -42.46
CA ASN A 694 -13.33 28.57 -42.13
C ASN A 694 -13.59 28.71 -40.63
N GLN A 695 -14.45 29.67 -40.27
CA GLN A 695 -14.73 30.01 -38.88
C GLN A 695 -15.28 28.83 -38.07
N ARG A 696 -15.83 27.84 -38.75
CA ARG A 696 -16.50 26.73 -38.07
C ARG A 696 -15.53 25.69 -37.50
N THR A 697 -14.26 25.77 -37.89
CA THR A 697 -13.27 24.80 -37.41
C THR A 697 -13.14 24.79 -35.90
N PRO A 698 -13.38 23.65 -35.26
CA PRO A 698 -13.23 23.64 -33.80
C PRO A 698 -11.78 23.80 -33.35
N CYS A 699 -11.60 24.11 -32.06
CA CYS A 699 -10.33 24.10 -31.37
C CYS A 699 -9.63 22.75 -31.56
N THR A 700 -8.33 22.73 -31.83
CA THR A 700 -7.64 21.45 -32.01
C THR A 700 -7.56 20.67 -30.70
N GLY A 701 -7.37 19.36 -30.80
CA GLY A 701 -7.24 18.54 -29.60
C GLY A 701 -6.06 18.96 -28.73
N ASP A 702 -4.94 19.31 -29.36
CA ASP A 702 -3.80 19.75 -28.56
C ASP A 702 -4.02 21.10 -27.89
N LEU A 703 -4.56 22.08 -28.63
CA LEU A 703 -4.80 23.36 -27.97
C LEU A 703 -5.79 23.22 -26.82
N MET A 704 -6.76 22.33 -26.98
CA MET A 704 -7.74 22.10 -25.93
C MET A 704 -7.08 21.50 -24.70
N VAL A 705 -6.19 20.54 -24.92
CA VAL A 705 -5.52 19.90 -23.79
C VAL A 705 -4.73 20.96 -23.02
N ARG A 706 -3.99 21.79 -23.74
CA ARG A 706 -3.22 22.86 -23.08
C ARG A 706 -4.13 23.89 -22.41
N TYR A 707 -5.28 24.18 -23.02
CA TYR A 707 -6.22 25.14 -22.45
C TYR A 707 -6.73 24.64 -21.11
N VAL A 708 -7.07 23.35 -21.08
CA VAL A 708 -7.66 22.70 -19.92
C VAL A 708 -6.62 22.57 -18.83
N GLN A 709 -5.43 22.12 -19.20
CA GLN A 709 -4.34 22.03 -18.25
C GLN A 709 -4.00 23.40 -17.64
N ALA A 710 -3.96 24.44 -18.46
CA ALA A 710 -3.61 25.76 -17.94
C ALA A 710 -4.67 26.30 -17.00
N GLY A 711 -5.94 26.00 -17.28
CA GLY A 711 -7.06 26.47 -16.47
C GLY A 711 -7.53 25.56 -15.35
N CYS A 712 -6.95 24.36 -15.20
CA CYS A 712 -7.56 23.35 -14.33
C CYS A 712 -7.46 23.66 -12.82
N LEU A 713 -6.55 24.54 -12.43
CA LEU A 713 -6.47 24.98 -11.04
C LEU A 713 -6.72 26.48 -10.91
N LEU A 714 -7.11 27.13 -12.01
CA LEU A 714 -7.50 28.54 -11.94
C LEU A 714 -8.91 28.56 -11.35
N PRO A 715 -9.31 29.66 -10.68
CA PRO A 715 -10.52 29.61 -9.84
C PRO A 715 -11.85 29.39 -10.57
N TRP A 716 -12.10 30.10 -11.67
CA TRP A 716 -13.31 29.86 -12.48
C TRP A 716 -12.95 29.03 -13.73
N PHE A 717 -13.57 27.84 -13.84
CA PHE A 717 -13.24 26.80 -14.83
C PHE A 717 -14.46 26.42 -15.69
N ARG A 718 -14.61 27.08 -16.83
CA ARG A 718 -15.75 26.83 -17.69
C ARG A 718 -15.28 26.81 -19.13
N ASN A 719 -15.62 25.74 -19.85
CA ASN A 719 -15.50 25.67 -21.30
C ASN A 719 -16.74 26.36 -21.84
N HIS A 720 -16.56 27.44 -22.60
CA HIS A 720 -17.70 28.11 -23.23
C HIS A 720 -17.29 28.64 -24.59
N TYR A 721 -18.22 28.63 -25.55
CA TYR A 721 -17.88 29.00 -26.91
C TYR A 721 -19.09 29.40 -27.72
N ASP A 722 -18.79 30.06 -28.83
CA ASP A 722 -19.76 30.52 -29.77
C ASP A 722 -19.99 29.38 -30.76
N ARG A 723 -21.19 28.82 -30.77
CA ARG A 723 -21.47 27.65 -31.61
C ARG A 723 -22.19 28.05 -32.87
N TRP A 724 -21.62 27.69 -34.02
CA TRP A 724 -22.26 27.93 -35.30
C TRP A 724 -23.52 27.09 -35.42
N ILE A 725 -24.66 27.74 -35.57
CA ILE A 725 -25.91 27.05 -35.90
C ILE A 725 -26.63 27.79 -37.02
N GLU A 726 -27.62 27.16 -37.62
CA GLU A 726 -28.34 27.74 -38.76
C GLU A 726 -28.94 29.14 -38.46
N SER A 727 -29.43 29.34 -37.24
CA SER A 727 -30.11 30.60 -36.89
C SER A 727 -29.17 31.61 -36.23
N LYS A 728 -27.91 31.23 -36.12
CA LYS A 728 -26.86 32.13 -35.62
C LYS A 728 -25.58 31.69 -36.29
N ASP A 729 -25.40 32.12 -37.53
CA ASP A 729 -24.35 31.59 -38.41
C ASP A 729 -22.97 32.19 -38.19
N HIS A 730 -22.53 32.22 -36.94
CA HIS A 730 -21.15 32.46 -36.61
C HIS A 730 -20.73 31.56 -35.44
N GLY A 731 -19.46 31.16 -35.44
CA GLY A 731 -18.93 30.32 -34.38
C GLY A 731 -18.31 29.03 -34.89
N LYS A 732 -18.02 28.12 -33.96
CA LYS A 732 -17.34 26.88 -34.22
C LYS A 732 -18.35 25.72 -34.14
N ASP A 733 -18.04 24.59 -34.77
CA ASP A 733 -18.98 23.46 -34.78
C ASP A 733 -19.28 22.88 -33.41
N TYR A 734 -18.24 22.72 -32.60
CA TYR A 734 -18.35 22.15 -31.26
C TYR A 734 -17.08 22.47 -30.46
N GLN A 735 -17.06 22.15 -29.17
CA GLN A 735 -15.90 22.42 -28.30
C GLN A 735 -15.86 21.57 -27.02
N GLU A 736 -16.95 20.87 -26.76
CA GLU A 736 -17.11 20.09 -25.54
C GLU A 736 -15.99 19.07 -25.39
N LEU A 737 -15.53 18.84 -24.16
CA LEU A 737 -14.39 17.93 -23.95
C LEU A 737 -14.64 16.51 -24.44
N TYR A 738 -15.90 16.09 -24.45
CA TYR A 738 -16.21 14.72 -24.84
C TYR A 738 -16.17 14.56 -26.36
N MET A 739 -16.09 15.68 -27.07
CA MET A 739 -16.02 15.64 -28.52
C MET A 739 -14.60 15.44 -29.01
N TYR A 740 -13.66 15.15 -28.10
CA TYR A 740 -12.25 14.94 -28.46
C TYR A 740 -11.79 13.54 -28.08
N PRO A 741 -12.12 12.52 -28.91
CA PRO A 741 -11.84 11.11 -28.56
C PRO A 741 -10.36 10.79 -28.29
N ASN A 742 -9.46 11.37 -29.09
CA ASN A 742 -8.04 11.05 -28.94
C ASN A 742 -7.46 11.61 -27.63
N GLU A 743 -8.04 12.71 -27.17
CA GLU A 743 -7.51 13.44 -26.02
C GLU A 743 -8.38 13.20 -24.79
N MET A 744 -9.48 12.49 -24.98
CA MET A 744 -10.49 12.32 -23.95
C MET A 744 -9.94 11.90 -22.60
N ASP A 745 -9.07 10.89 -22.58
CA ASP A 745 -8.51 10.38 -21.33
C ASP A 745 -7.73 11.47 -20.57
N THR A 746 -6.82 12.17 -21.25
CA THR A 746 -6.10 13.31 -20.66
C THR A 746 -7.05 14.43 -20.16
N LEU A 747 -8.00 14.79 -21.00
CA LEU A 747 -8.97 15.83 -20.65
C LEU A 747 -9.72 15.47 -19.38
N ARG A 748 -10.28 14.26 -19.34
CA ARG A 748 -11.00 13.75 -18.16
C ARG A 748 -10.12 13.77 -16.90
N LYS A 749 -8.89 13.28 -17.01
CA LYS A 749 -8.07 13.14 -15.82
C LYS A 749 -7.61 14.47 -15.21
N PHE A 750 -7.53 15.52 -16.01
CA PHE A 750 -7.24 16.83 -15.45
C PHE A 750 -8.42 17.46 -14.74
N VAL A 751 -9.63 17.21 -15.24
CA VAL A 751 -10.81 17.64 -14.52
C VAL A 751 -10.92 16.84 -13.21
N GLU A 752 -10.64 15.54 -13.26
CA GLU A 752 -10.68 14.73 -12.05
C GLU A 752 -9.70 15.29 -11.03
N PHE A 753 -8.50 15.62 -11.49
CA PHE A 753 -7.44 16.19 -10.67
C PHE A 753 -7.90 17.49 -10.00
N ARG A 754 -8.56 18.37 -10.75
CA ARG A 754 -9.14 19.55 -10.14
C ARG A 754 -10.16 19.15 -9.06
N TYR A 755 -11.05 18.22 -9.38
CA TYR A 755 -12.08 17.84 -8.42
C TYR A 755 -11.49 17.29 -7.13
N ARG A 756 -10.38 16.56 -7.23
CA ARG A 756 -9.74 16.04 -6.03
C ARG A 756 -9.22 17.16 -5.16
N TRP A 757 -8.85 18.28 -5.77
CA TRP A 757 -8.34 19.42 -5.03
C TRP A 757 -9.39 20.50 -4.87
N GLN A 758 -10.65 20.08 -4.78
CA GLN A 758 -11.75 21.01 -4.60
C GLN A 758 -11.63 21.80 -3.28
N GLU A 759 -11.12 21.14 -2.24
CA GLU A 759 -10.93 21.79 -0.94
C GLU A 759 -9.72 22.72 -0.93
N VAL A 760 -8.74 22.43 -1.78
CA VAL A 760 -7.60 23.32 -1.91
C VAL A 760 -8.10 24.68 -2.44
N LEU A 761 -8.95 24.63 -3.47
CA LEU A 761 -9.59 25.84 -4.03
C LEU A 761 -10.52 26.55 -3.06
N TYR A 762 -11.46 25.81 -2.46
CA TYR A 762 -12.46 26.36 -1.56
C TYR A 762 -11.80 26.99 -0.32
N THR A 763 -10.77 26.35 0.22
CA THR A 763 -10.03 26.89 1.38
C THR A 763 -9.24 28.14 1.02
N ALA A 764 -8.73 28.18 -0.20
CA ALA A 764 -8.04 29.36 -0.69
C ALA A 764 -9.05 30.51 -0.81
N MET A 765 -10.25 30.19 -1.30
CA MET A 765 -11.32 31.19 -1.36
C MET A 765 -11.68 31.68 0.04
N TYR A 766 -11.75 30.76 0.99
CA TYR A 766 -11.98 31.17 2.37
C TYR A 766 -10.88 32.11 2.83
N GLN A 767 -9.62 31.79 2.51
CA GLN A 767 -8.50 32.67 2.87
C GLN A 767 -8.65 34.05 2.23
N ASN A 768 -9.25 34.10 1.05
CA ASN A 768 -9.54 35.39 0.43
C ASN A 768 -10.65 36.15 1.17
N ALA A 769 -11.74 35.46 1.45
CA ALA A 769 -12.89 36.08 2.09
C ALA A 769 -12.51 36.58 3.49
N ALA A 770 -11.70 35.79 4.19
CA ALA A 770 -11.32 36.09 5.56
C ALA A 770 -10.13 37.06 5.64
N PHE A 771 -9.14 36.87 4.78
CA PHE A 771 -7.84 37.54 4.94
C PHE A 771 -7.41 38.35 3.72
N GLY A 772 -8.13 38.20 2.62
CA GLY A 772 -7.85 38.99 1.41
C GLY A 772 -6.70 38.43 0.62
N LYS A 773 -6.27 37.22 0.95
CA LYS A 773 -5.13 36.60 0.28
C LYS A 773 -5.55 36.22 -1.14
N PRO A 774 -4.80 36.66 -2.17
CA PRO A 774 -5.21 36.22 -3.50
C PRO A 774 -5.08 34.70 -3.64
N ILE A 775 -6.00 34.08 -4.35
CA ILE A 775 -5.89 32.64 -4.58
C ILE A 775 -4.63 32.35 -5.37
N ILE A 776 -4.51 32.98 -6.53
CA ILE A 776 -3.40 32.73 -7.44
C ILE A 776 -2.26 33.74 -7.16
N LYS A 777 -1.09 33.24 -6.81
CA LYS A 777 0.07 34.09 -6.54
C LYS A 777 0.92 34.31 -7.78
N ALA A 778 1.29 35.56 -8.04
CA ALA A 778 2.27 35.84 -9.07
C ALA A 778 3.60 35.33 -8.54
N ALA A 779 4.47 34.89 -9.45
CA ALA A 779 5.73 34.29 -9.03
C ALA A 779 6.56 35.25 -8.20
N SER A 780 6.45 36.55 -8.51
CA SER A 780 7.17 37.58 -7.78
C SER A 780 6.66 37.76 -6.35
N MET A 781 5.53 37.14 -6.00
CA MET A 781 5.05 37.12 -4.62
C MET A 781 5.84 36.16 -3.75
N TYR A 782 6.60 35.27 -4.40
CA TYR A 782 7.48 34.37 -3.69
C TYR A 782 8.74 35.16 -3.32
N ASN A 783 8.99 35.34 -2.02
CA ASN A 783 10.07 36.22 -1.54
C ASN A 783 11.45 35.59 -1.57
N ASN A 784 12.47 36.46 -1.46
CA ASN A 784 13.88 36.08 -1.42
C ASN A 784 14.31 35.22 -2.59
N ASP A 785 13.76 35.53 -3.76
CA ASP A 785 14.12 34.79 -4.97
C ASP A 785 14.33 35.78 -6.11
N SER A 786 15.55 35.84 -6.62
CA SER A 786 15.87 36.81 -7.65
C SER A 786 15.64 36.25 -9.06
N ASN A 787 15.11 35.05 -9.14
CA ASN A 787 14.81 34.43 -10.44
C ASN A 787 13.32 34.27 -10.77
N VAL A 788 12.43 34.48 -9.81
CA VAL A 788 11.01 34.33 -10.08
C VAL A 788 10.50 35.34 -11.11
N ARG A 789 11.09 36.53 -11.13
CA ARG A 789 10.65 37.59 -12.03
C ARG A 789 10.70 37.13 -13.48
N ARG A 790 11.81 36.48 -13.82
CA ARG A 790 12.01 35.90 -15.14
C ARG A 790 10.94 34.87 -15.49
N ALA A 791 10.52 34.09 -14.49
CA ALA A 791 9.53 33.02 -14.70
C ALA A 791 8.07 33.47 -14.60
N GLN A 792 7.84 34.73 -14.22
CA GLN A 792 6.50 35.19 -13.79
C GLN A 792 5.41 35.20 -14.87
N ASN A 793 5.76 35.05 -16.14
CA ASN A 793 4.73 35.07 -17.19
C ASN A 793 3.81 33.86 -17.15
N ASP A 794 4.34 32.75 -16.67
CA ASP A 794 3.62 31.49 -16.79
C ASP A 794 3.85 30.53 -15.64
N HIS A 795 4.55 30.98 -14.60
CA HIS A 795 4.66 30.23 -13.35
C HIS A 795 3.74 30.91 -12.34
N PHE A 796 2.92 30.15 -11.63
CA PHE A 796 2.12 30.74 -10.55
C PHE A 796 1.96 29.75 -9.40
N LEU A 797 1.48 30.24 -8.25
CA LEU A 797 1.38 29.39 -7.07
C LEU A 797 0.01 29.52 -6.43
N LEU A 798 -0.34 28.56 -5.59
CA LEU A 798 -1.61 28.57 -4.86
C LEU A 798 -1.58 27.45 -3.82
N GLY A 799 -2.56 27.45 -2.92
CA GLY A 799 -2.88 26.26 -2.14
C GLY A 799 -2.13 26.04 -0.84
N GLY A 800 -2.72 25.26 0.05
CA GLY A 800 -2.06 24.93 1.30
C GLY A 800 -2.24 25.99 2.35
N HIS A 801 -1.59 25.79 3.48
CA HIS A 801 -1.79 26.64 4.64
C HIS A 801 -1.40 28.07 4.33
N ASP A 802 -0.36 28.26 3.52
CA ASP A 802 0.15 29.60 3.27
C ASP A 802 -0.23 30.16 1.91
N GLY A 803 -0.76 29.30 1.04
CA GLY A 803 -1.11 29.72 -0.33
C GLY A 803 0.04 29.63 -1.31
N TYR A 804 1.16 29.05 -0.90
CA TYR A 804 2.28 28.85 -1.82
C TYR A 804 2.73 27.38 -1.83
N ARG A 805 1.81 26.44 -1.71
CA ARG A 805 2.18 25.01 -1.69
C ARG A 805 2.23 24.31 -3.05
N ILE A 806 1.59 24.91 -4.04
CA ILE A 806 1.52 24.31 -5.36
C ILE A 806 2.11 25.28 -6.35
N LEU A 807 2.94 24.78 -7.26
CA LEU A 807 3.51 25.59 -8.32
C LEU A 807 3.02 25.05 -9.66
N CYS A 808 2.50 25.93 -10.49
CA CYS A 808 2.07 25.58 -11.85
C CYS A 808 2.85 26.32 -12.91
N ALA A 809 3.30 25.61 -13.92
CA ALA A 809 3.97 26.24 -15.07
C ALA A 809 3.45 25.60 -16.36
N PRO A 810 2.20 25.87 -16.72
CA PRO A 810 1.59 25.22 -17.87
C PRO A 810 2.31 25.53 -19.17
N VAL A 811 2.28 24.59 -20.12
CA VAL A 811 2.75 24.86 -21.47
C VAL A 811 1.77 25.82 -22.13
N VAL A 812 2.28 26.89 -22.74
CA VAL A 812 1.42 27.94 -23.28
C VAL A 812 1.49 28.04 -24.82
N TRP A 813 1.92 26.95 -25.46
CA TRP A 813 2.08 26.90 -26.92
C TRP A 813 1.53 25.58 -27.44
N GLU A 814 0.82 25.62 -28.56
CA GLU A 814 0.36 24.40 -29.22
C GLU A 814 1.53 23.63 -29.82
N ASN A 815 1.36 22.31 -29.94
CA ASN A 815 2.37 21.41 -30.53
C ASN A 815 3.73 21.57 -29.88
N SER A 816 3.72 21.65 -28.56
CA SER A 816 4.93 21.87 -27.81
C SER A 816 4.98 20.89 -26.65
N THR A 817 6.12 20.22 -26.48
CA THR A 817 6.25 19.23 -25.43
C THR A 817 7.46 19.46 -24.52
N GLU A 818 7.88 20.71 -24.41
CA GLU A 818 8.91 21.10 -23.45
C GLU A 818 8.64 22.54 -23.05
N ARG A 819 9.19 22.94 -21.92
CA ARG A 819 9.14 24.34 -21.51
C ARG A 819 10.26 24.61 -20.54
N GLU A 820 10.64 25.87 -20.40
CA GLU A 820 11.64 26.29 -19.44
C GLU A 820 11.01 26.37 -18.06
N LEU A 821 11.51 25.57 -17.13
CA LEU A 821 10.94 25.50 -15.80
C LEU A 821 11.84 26.17 -14.78
N TYR A 822 11.28 27.06 -13.96
CA TYR A 822 12.01 27.57 -12.81
C TYR A 822 11.31 27.22 -11.50
N LEU A 823 12.06 26.63 -10.58
CA LEU A 823 11.52 26.22 -9.29
C LEU A 823 11.94 27.20 -8.21
N PRO A 824 10.98 27.87 -7.56
CA PRO A 824 11.34 28.83 -6.49
C PRO A 824 12.32 28.26 -5.44
N VAL A 825 13.28 29.09 -5.03
CA VAL A 825 14.42 28.69 -4.22
C VAL A 825 14.09 28.56 -2.72
N LEU A 826 14.98 27.90 -1.99
CA LEU A 826 14.87 27.74 -0.53
C LEU A 826 13.74 26.80 -0.09
N THR A 827 13.41 25.84 -0.95
CA THR A 827 12.39 24.84 -0.66
C THR A 827 12.57 23.67 -1.64
N GLN A 828 11.86 22.58 -1.42
CA GLN A 828 11.90 21.40 -2.30
C GLN A 828 10.55 21.18 -2.95
N TRP A 829 10.57 20.61 -4.16
CA TRP A 829 9.36 20.44 -4.94
C TRP A 829 9.17 18.97 -5.38
N TYR A 830 7.92 18.57 -5.56
CA TYR A 830 7.58 17.21 -5.96
C TYR A 830 6.70 17.24 -7.19
N LYS A 831 7.14 16.56 -8.24
CA LYS A 831 6.34 16.53 -9.44
C LYS A 831 5.02 15.89 -9.08
N PHE A 832 3.94 16.49 -9.56
CA PHE A 832 2.62 15.99 -9.27
C PHE A 832 1.76 16.13 -10.51
N GLY A 833 0.45 16.04 -10.34
CA GLY A 833 -0.49 16.10 -11.47
C GLY A 833 -1.40 14.89 -11.37
N PRO A 834 -2.31 14.75 -12.34
CA PRO A 834 -3.37 13.72 -12.41
C PRO A 834 -2.94 12.26 -12.20
N ASP A 835 -1.74 11.89 -12.66
CA ASP A 835 -1.26 10.52 -12.54
C ASP A 835 -0.78 10.16 -11.16
N PHE A 836 -0.42 11.17 -10.37
CA PHE A 836 0.32 10.89 -9.15
C PHE A 836 -0.53 10.47 -7.97
N ASP A 837 -1.85 10.54 -8.12
CA ASP A 837 -2.74 10.04 -7.08
C ASP A 837 -2.58 8.53 -6.88
N THR A 838 -2.20 7.83 -7.94
CA THR A 838 -2.17 6.38 -7.94
C THR A 838 -0.77 5.80 -8.16
N LYS A 839 0.28 6.57 -7.87
CA LYS A 839 1.65 6.02 -7.91
C LYS A 839 2.55 6.76 -6.93
N PRO A 840 3.75 6.22 -6.65
CA PRO A 840 4.61 6.95 -5.72
C PRO A 840 5.08 8.30 -6.28
N LEU A 841 5.40 9.23 -5.40
CA LEU A 841 6.10 10.44 -5.79
C LEU A 841 7.47 10.07 -6.34
N GLU A 842 8.01 10.94 -7.20
CA GLU A 842 9.39 10.85 -7.63
C GLU A 842 10.31 11.56 -6.63
N GLY A 843 11.61 11.57 -6.91
CA GLY A 843 12.57 12.25 -6.05
C GLY A 843 12.38 13.76 -5.96
N ALA A 844 12.82 14.35 -4.85
CA ALA A 844 12.65 15.77 -4.64
C ALA A 844 13.39 16.57 -5.72
N MET A 845 12.80 17.69 -6.10
CA MET A 845 13.45 18.59 -7.03
C MET A 845 13.90 19.81 -6.23
N ASN A 846 15.16 20.21 -6.40
CA ASN A 846 15.73 21.30 -5.62
C ASN A 846 15.22 22.63 -6.12
N GLY A 847 14.68 23.44 -5.21
CA GLY A 847 14.33 24.81 -5.53
C GLY A 847 15.57 25.56 -5.98
N GLY A 848 15.39 26.54 -6.85
CA GLY A 848 16.49 27.31 -7.40
C GLY A 848 16.94 26.79 -8.75
N ASP A 849 16.60 25.55 -9.07
CA ASP A 849 17.01 24.95 -10.34
C ASP A 849 16.21 25.55 -11.51
N ARG A 850 16.91 25.87 -12.59
CA ARG A 850 16.27 26.25 -13.85
C ARG A 850 16.56 25.17 -14.87
N ILE A 851 15.50 24.58 -15.41
CA ILE A 851 15.63 23.48 -16.37
C ILE A 851 15.11 23.92 -17.74
N TYR A 852 16.03 24.08 -18.69
CA TYR A 852 15.66 24.35 -20.09
C TYR A 852 15.18 23.07 -20.74
N ASN A 853 14.16 23.20 -21.60
CA ASN A 853 13.55 22.08 -22.29
C ASN A 853 13.09 20.98 -21.34
N TYR A 854 12.52 21.40 -20.21
CA TYR A 854 11.92 20.47 -19.27
C TYR A 854 10.81 19.75 -20.02
N PRO A 855 10.81 18.41 -19.98
CA PRO A 855 9.89 17.61 -20.78
C PRO A 855 8.46 17.67 -20.28
N VAL A 856 7.52 17.94 -21.20
CA VAL A 856 6.12 18.02 -20.86
C VAL A 856 5.34 17.39 -22.01
N PRO A 857 5.14 16.07 -21.94
CA PRO A 857 4.29 15.41 -22.91
C PRO A 857 2.92 16.08 -22.95
N GLN A 858 2.19 15.87 -24.03
CA GLN A 858 0.84 16.41 -24.12
C GLN A 858 0.00 15.97 -22.92
N SER A 859 0.19 14.74 -22.47
CA SER A 859 -0.61 14.19 -21.39
C SER A 859 -0.28 14.78 -20.01
N GLU A 860 0.80 15.54 -19.93
CA GLU A 860 1.24 16.11 -18.66
C GLU A 860 1.15 17.63 -18.65
N SER A 861 1.12 18.19 -17.45
CA SER A 861 1.32 19.61 -17.24
C SER A 861 2.25 19.81 -16.03
N PRO A 862 3.15 20.80 -16.09
CA PRO A 862 4.07 21.01 -14.95
C PRO A 862 3.36 21.59 -13.71
N ILE A 863 3.18 20.72 -12.70
CA ILE A 863 2.48 21.07 -11.47
C ILE A 863 3.25 20.38 -10.36
N PHE A 864 3.61 21.12 -9.32
CA PHE A 864 4.51 20.61 -8.29
C PHE A 864 3.95 20.92 -6.91
N VAL A 865 4.02 19.93 -6.02
CA VAL A 865 3.69 20.16 -4.61
C VAL A 865 4.97 20.36 -3.79
N ARG A 866 4.98 21.43 -3.03
CA ARG A 866 6.09 21.83 -2.20
C ARG A 866 6.16 20.90 -1.01
N GLU A 867 7.36 20.67 -0.49
CA GLU A 867 7.50 19.93 0.76
C GLU A 867 6.80 20.69 1.90
N GLY A 868 6.42 19.97 2.94
CA GLY A 868 5.72 20.56 4.07
C GLY A 868 4.26 20.93 3.81
N ALA A 869 3.71 20.49 2.67
CA ALA A 869 2.28 20.62 2.40
C ALA A 869 1.49 19.43 2.95
N ILE A 870 0.38 19.73 3.61
CA ILE A 870 -0.65 18.74 3.84
C ILE A 870 -1.89 19.31 3.16
N LEU A 871 -2.38 18.64 2.13
CA LEU A 871 -3.52 19.14 1.37
C LEU A 871 -4.82 18.35 1.59
N PRO A 872 -5.93 19.04 1.86
CA PRO A 872 -7.21 18.33 1.93
C PRO A 872 -7.65 17.94 0.52
N THR A 873 -8.01 16.67 0.38
CA THR A 873 -8.25 16.05 -0.92
C THR A 873 -9.57 15.29 -0.85
N ARG A 874 -10.38 15.34 -1.91
CA ARG A 874 -11.67 14.62 -1.90
C ARG A 874 -11.79 13.50 -2.93
N TYR A 875 -12.52 12.46 -2.55
CA TYR A 875 -12.81 11.34 -3.43
C TYR A 875 -14.29 10.99 -3.35
N THR A 876 -14.83 10.46 -4.43
CA THR A 876 -16.18 9.91 -4.39
C THR A 876 -16.10 8.53 -3.76
N LEU A 877 -17.10 8.21 -2.95
CA LEU A 877 -17.14 6.92 -2.25
C LEU A 877 -17.20 5.75 -3.22
N ASN A 878 -17.96 5.90 -4.31
CA ASN A 878 -18.13 4.81 -5.28
C ASN A 878 -17.14 4.83 -6.43
N GLY A 879 -16.29 5.85 -6.46
CA GLY A 879 -15.22 5.93 -7.46
C GLY A 879 -15.65 6.48 -8.81
N GLU A 880 -16.93 6.82 -8.96
CA GLU A 880 -17.43 7.46 -10.17
C GLU A 880 -17.30 8.99 -10.08
N ASN A 881 -17.09 9.65 -11.20
CA ASN A 881 -17.07 11.12 -11.19
C ASN A 881 -18.47 11.70 -11.08
N LYS A 882 -18.66 12.59 -10.12
CA LYS A 882 -19.94 13.28 -9.94
C LYS A 882 -19.69 14.78 -9.75
N SER A 883 -20.76 15.57 -9.83
CA SER A 883 -20.61 17.00 -9.59
C SER A 883 -20.21 17.26 -8.14
N LEU A 884 -19.52 18.38 -7.90
CA LEU A 884 -19.20 18.82 -6.52
C LEU A 884 -20.47 18.99 -5.69
N ASN A 885 -21.52 19.50 -6.32
CA ASN A 885 -22.72 19.83 -5.57
C ASN A 885 -23.49 18.61 -5.04
N THR A 886 -23.13 17.41 -5.50
CA THR A 886 -23.75 16.17 -5.02
C THR A 886 -22.79 15.32 -4.15
N TYR A 887 -21.65 15.88 -3.77
CA TYR A 887 -20.84 15.26 -2.72
C TYR A 887 -21.56 15.34 -1.39
N THR A 888 -21.40 14.32 -0.55
CA THR A 888 -21.79 14.40 0.85
C THR A 888 -20.54 14.18 1.65
N ASP A 889 -20.63 14.29 2.97
CA ASP A 889 -19.49 14.05 3.83
C ASP A 889 -19.12 12.57 3.85
N GLU A 890 -19.93 11.73 3.21
CA GLU A 890 -19.58 10.31 3.05
C GLU A 890 -18.66 10.08 1.84
N ASP A 891 -18.40 11.13 1.08
CA ASP A 891 -17.34 11.09 0.09
C ASP A 891 -16.03 11.52 0.75
N PRO A 892 -15.07 10.59 0.90
CA PRO A 892 -13.92 10.79 1.77
C PRO A 892 -13.22 12.15 1.66
N LEU A 893 -12.93 12.71 2.83
CA LEU A 893 -12.02 13.83 2.99
C LEU A 893 -10.69 13.23 3.42
N VAL A 894 -9.61 13.55 2.71
CA VAL A 894 -8.30 12.94 2.97
C VAL A 894 -7.22 14.00 3.07
N PHE A 895 -6.51 14.04 4.20
CA PHE A 895 -5.43 14.98 4.38
C PHE A 895 -4.14 14.33 3.92
N GLU A 896 -3.64 14.75 2.76
CA GLU A 896 -2.49 14.13 2.14
C GLU A 896 -1.26 14.86 2.63
N VAL A 897 -0.44 14.15 3.39
CA VAL A 897 0.81 14.69 3.93
C VAL A 897 1.95 14.40 2.97
N PHE A 898 2.39 15.45 2.28
CA PHE A 898 3.56 15.34 1.40
C PHE A 898 4.84 15.26 2.21
N PRO A 899 5.97 14.96 1.56
CA PRO A 899 7.21 14.85 2.34
C PRO A 899 7.47 16.11 3.14
N LEU A 900 7.99 15.94 4.35
CA LEU A 900 8.16 17.04 5.28
C LEU A 900 9.23 18.02 4.83
N GLY A 901 9.02 19.30 5.12
CA GLY A 901 10.04 20.33 4.94
C GLY A 901 10.57 20.71 6.30
N ASN A 902 11.87 20.51 6.49
CA ASN A 902 12.48 20.74 7.79
C ASN A 902 11.74 19.99 8.92
N ASN A 903 11.44 18.72 8.68
CA ASN A 903 10.78 17.86 9.64
C ASN A 903 9.36 18.32 9.99
N ARG A 904 8.77 19.11 9.11
CA ARG A 904 7.45 19.65 9.37
C ARG A 904 6.54 19.73 8.13
N ALA A 905 5.24 19.58 8.34
CA ALA A 905 4.27 19.86 7.30
C ALA A 905 3.08 20.52 7.96
N ASP A 906 2.31 21.28 7.17
CA ASP A 906 1.21 22.06 7.69
C ASP A 906 0.08 22.02 6.70
N GLY A 907 -1.14 22.18 7.20
CA GLY A 907 -2.32 22.20 6.33
C GLY A 907 -3.52 22.89 6.96
N MET A 908 -4.50 23.20 6.13
CA MET A 908 -5.69 23.90 6.56
C MET A 908 -6.85 23.50 5.66
N CYS A 909 -8.05 23.46 6.24
CA CYS A 909 -9.24 23.14 5.48
C CYS A 909 -10.44 23.88 6.07
N TYR A 910 -11.06 24.68 5.23
CA TYR A 910 -12.34 25.30 5.56
C TYR A 910 -13.45 24.28 5.31
N LEU A 911 -14.43 24.18 6.20
CA LEU A 911 -15.57 23.29 5.95
C LEU A 911 -16.91 23.98 6.22
N ASP A 912 -17.85 23.83 5.30
CA ASP A 912 -19.22 24.25 5.56
C ASP A 912 -20.14 23.38 4.69
N ASP A 913 -21.44 23.67 4.66
CA ASP A 913 -22.35 22.81 3.91
C ASP A 913 -22.35 23.04 2.39
N GLY A 914 -21.34 23.75 1.90
CA GLY A 914 -21.20 23.99 0.48
C GLY A 914 -22.09 25.09 -0.08
N GLY A 915 -22.91 25.69 0.77
CA GLY A 915 -23.80 26.75 0.33
C GLY A 915 -25.23 26.30 0.16
N VAL A 916 -25.56 25.11 0.66
CA VAL A 916 -26.95 24.67 0.77
C VAL A 916 -27.77 25.72 1.53
N THR A 917 -27.18 26.23 2.61
CA THR A 917 -27.72 27.36 3.32
C THR A 917 -26.69 28.50 3.27
N THR A 918 -27.07 29.66 3.82
CA THR A 918 -26.13 30.76 3.96
C THR A 918 -25.74 30.94 5.42
N ASN A 919 -25.73 29.84 6.18
CA ASN A 919 -25.48 29.92 7.61
C ASN A 919 -24.03 30.10 7.99
N ALA A 920 -23.12 29.71 7.11
CA ALA A 920 -21.71 30.04 7.27
C ALA A 920 -21.52 31.55 7.35
N GLU A 921 -22.03 32.28 6.35
CA GLU A 921 -21.85 33.73 6.26
C GLU A 921 -22.86 34.54 7.07
N ASP A 922 -23.99 33.95 7.42
CA ASP A 922 -25.01 34.68 8.15
C ASP A 922 -24.83 34.49 9.66
N ASN A 923 -24.37 33.30 10.05
CA ASN A 923 -24.42 32.89 11.45
C ASN A 923 -23.14 32.23 11.95
N GLY A 924 -22.10 32.22 11.11
CA GLY A 924 -20.83 31.62 11.49
C GLY A 924 -20.84 30.11 11.52
N LYS A 925 -21.74 29.48 10.76
CA LYS A 925 -21.81 28.01 10.71
C LYS A 925 -20.80 27.43 9.73
N PHE A 926 -19.53 27.52 10.11
CA PHE A 926 -18.46 26.90 9.34
C PHE A 926 -17.36 26.45 10.29
N SER A 927 -16.41 25.70 9.74
CA SER A 927 -15.30 25.18 10.52
C SER A 927 -13.97 25.44 9.83
N VAL A 928 -12.93 25.63 10.61
CA VAL A 928 -11.62 25.83 10.05
C VAL A 928 -10.73 24.89 10.81
N VAL A 929 -10.32 23.83 10.13
CA VAL A 929 -9.50 22.79 10.67
C VAL A 929 -8.05 23.02 10.25
N LYS A 930 -7.13 22.90 11.20
CA LYS A 930 -5.71 22.94 10.86
C LYS A 930 -5.04 21.62 11.18
N VAL A 931 -3.93 21.33 10.49
CA VAL A 931 -3.21 20.09 10.70
C VAL A 931 -1.71 20.34 10.62
N ALA A 932 -0.94 19.58 11.39
CA ALA A 932 0.50 19.70 11.40
C ALA A 932 1.08 18.32 11.47
N ALA A 933 2.27 18.14 10.91
CA ALA A 933 3.00 16.90 11.05
C ALA A 933 4.40 17.29 11.48
N GLU A 934 4.97 16.51 12.39
CA GLU A 934 6.31 16.78 12.85
C GLU A 934 7.04 15.47 13.03
N GLN A 935 8.25 15.39 12.49
CA GLN A 935 9.09 14.25 12.73
C GLN A 935 10.09 14.60 13.82
N ASP A 936 10.15 13.77 14.85
CA ASP A 936 11.07 13.94 15.97
C ASP A 936 11.69 12.58 16.25
N GLY A 937 12.83 12.32 15.64
CA GLY A 937 13.46 11.00 15.75
C GLY A 937 12.59 9.93 15.11
N GLY A 938 12.31 8.88 15.88
CA GLY A 938 11.49 7.78 15.37
C GLY A 938 9.99 7.94 15.54
N THR A 939 9.55 9.14 15.89
CA THR A 939 8.13 9.41 16.14
C THR A 939 7.60 10.55 15.27
N GLU A 940 6.54 10.28 14.51
CA GLU A 940 5.86 11.33 13.78
C GLU A 940 4.58 11.67 14.50
N THR A 941 4.32 12.97 14.67
CA THR A 941 3.13 13.42 15.35
C THR A 941 2.31 14.23 14.38
N ILE A 942 1.06 13.84 14.18
CA ILE A 942 0.17 14.55 13.29
C ILE A 942 -0.96 15.14 14.13
N THR A 943 -1.08 16.47 14.13
CA THR A 943 -2.01 17.12 15.04
C THR A 943 -3.11 17.85 14.30
N PHE A 944 -4.36 17.53 14.65
CA PHE A 944 -5.54 18.26 14.20
C PHE A 944 -6.05 19.20 15.29
N THR A 945 -6.21 20.47 14.95
CA THR A 945 -6.81 21.45 15.84
C THR A 945 -7.85 22.20 15.02
N ASN A 946 -8.66 23.03 15.67
CA ASN A 946 -9.59 23.91 14.95
C ASN A 946 -9.56 25.35 15.45
N ASP A 947 -9.73 26.30 14.53
CA ASP A 947 -9.93 27.69 14.90
C ASP A 947 -11.41 27.94 15.24
N CYS A 948 -12.27 27.10 14.68
CA CYS A 948 -13.68 27.08 15.02
C CYS A 948 -14.21 25.81 14.39
N TYR A 949 -15.28 25.29 14.94
CA TYR A 949 -15.85 24.04 14.44
C TYR A 949 -17.37 24.08 14.57
N GLU A 950 -18.00 24.90 13.74
CA GLU A 950 -19.42 25.14 13.84
C GLU A 950 -20.16 24.24 12.86
N TYR A 951 -19.43 23.81 11.83
CA TYR A 951 -19.92 22.81 10.89
C TYR A 951 -19.35 21.43 11.19
N VAL A 952 -20.21 20.47 11.46
CA VAL A 952 -19.79 19.11 11.78
C VAL A 952 -19.64 18.26 10.53
N PHE A 953 -18.40 17.88 10.20
CA PHE A 953 -18.18 16.97 9.09
C PHE A 953 -18.76 15.59 9.47
N GLY A 954 -19.64 15.06 8.63
CA GLY A 954 -20.45 13.90 9.00
C GLY A 954 -19.88 12.52 8.66
N GLY A 955 -18.76 12.48 7.96
CA GLY A 955 -18.19 11.21 7.54
C GLY A 955 -16.81 11.01 8.11
N PRO A 956 -16.28 9.78 8.00
CA PRO A 956 -14.90 9.57 8.40
C PRO A 956 -13.98 10.41 7.51
N PHE A 957 -12.77 10.67 7.99
CA PHE A 957 -11.77 11.40 7.23
C PHE A 957 -10.49 10.56 7.33
N TYR A 958 -9.51 10.86 6.48
CA TYR A 958 -8.32 10.04 6.38
C TYR A 958 -7.10 10.92 6.48
N VAL A 959 -5.99 10.32 6.89
CA VAL A 959 -4.69 10.93 6.71
C VAL A 959 -3.91 10.00 5.79
N ARG A 960 -3.30 10.57 4.76
CA ARG A 960 -2.48 9.80 3.85
C ARG A 960 -1.08 10.33 3.93
N VAL A 961 -0.19 9.58 4.56
CA VAL A 961 1.21 9.98 4.69
C VAL A 961 2.06 9.42 3.53
N ARG A 962 2.58 10.30 2.69
CA ARG A 962 3.51 9.92 1.62
C ARG A 962 4.87 9.57 2.19
N GLY A 963 5.47 8.48 1.71
CA GLY A 963 6.82 8.10 2.12
C GLY A 963 6.87 7.32 3.42
N ALA A 964 5.70 7.01 3.96
CA ALA A 964 5.61 6.09 5.10
C ALA A 964 5.02 4.77 4.68
N GLN A 965 5.46 3.69 5.33
CA GLN A 965 4.85 2.39 5.15
C GLN A 965 4.44 1.83 6.51
N SER A 966 4.77 0.58 6.78
CA SER A 966 4.29 -0.08 7.98
C SER A 966 4.85 0.52 9.29
N PRO A 967 3.94 0.99 10.18
CA PRO A 967 4.31 1.48 11.49
C PRO A 967 4.34 0.34 12.52
N SER A 968 5.05 0.52 13.62
CA SER A 968 4.94 -0.39 14.76
C SER A 968 3.64 -0.12 15.51
N ASN A 969 3.28 1.16 15.58
CA ASN A 969 2.11 1.59 16.34
C ASN A 969 1.62 2.97 15.91
N ILE A 970 0.31 3.16 15.92
CA ILE A 970 -0.28 4.47 15.75
C ILE A 970 -1.27 4.69 16.90
N HIS A 971 -1.01 5.71 17.73
CA HIS A 971 -1.90 6.08 18.81
C HIS A 971 -2.68 7.32 18.39
N VAL A 972 -3.96 7.38 18.74
CA VAL A 972 -4.80 8.56 18.46
C VAL A 972 -5.42 9.05 19.76
N SER A 973 -5.12 10.30 20.10
CA SER A 973 -5.65 10.96 21.28
C SER A 973 -6.60 12.04 20.82
N SER A 974 -7.78 12.10 21.43
CA SER A 974 -8.79 13.06 21.03
C SER A 974 -9.84 13.16 22.13
N GLY A 975 -10.40 14.34 22.33
CA GLY A 975 -11.40 14.56 23.38
C GLY A 975 -12.50 13.51 23.39
N ALA A 976 -12.79 12.94 22.21
CA ALA A 976 -13.77 11.86 22.08
C ALA A 976 -13.27 10.56 22.71
N GLY A 977 -12.16 10.04 22.21
CA GLY A 977 -11.54 8.84 22.78
C GLY A 977 -10.05 8.75 22.51
N SER A 978 -9.33 8.10 23.41
CA SER A 978 -7.94 7.74 23.19
C SER A 978 -7.86 6.26 22.82
N GLN A 979 -7.26 5.95 21.68
CA GLN A 979 -7.27 4.57 21.18
C GLN A 979 -6.07 4.30 20.28
N ASP A 980 -5.57 3.07 20.29
CA ASP A 980 -4.57 2.61 19.31
C ASP A 980 -5.27 2.19 18.03
N MET A 981 -4.59 2.34 16.90
CA MET A 981 -5.15 1.93 15.63
C MET A 981 -4.75 0.50 15.35
N LYS A 982 -5.43 -0.14 14.40
CA LYS A 982 -5.04 -1.48 13.98
C LYS A 982 -4.97 -1.57 12.47
N VAL A 983 -4.13 -2.47 11.98
CA VAL A 983 -4.02 -2.72 10.55
C VAL A 983 -5.40 -3.12 10.01
N SER A 984 -5.75 -2.61 8.85
CA SER A 984 -7.04 -2.90 8.27
C SER A 984 -7.03 -4.30 7.68
N SER A 985 -8.21 -4.90 7.56
CA SER A 985 -8.29 -6.11 6.76
C SER A 985 -8.53 -5.76 5.28
N ALA A 986 -8.80 -4.49 5.00
CA ALA A 986 -8.93 -4.01 3.62
C ALA A 986 -7.55 -3.93 2.99
N THR A 987 -7.42 -4.38 1.74
CA THR A 987 -6.12 -4.37 1.06
C THR A 987 -6.12 -3.51 -0.20
N SER A 988 -7.08 -2.59 -0.29
CA SER A 988 -7.11 -1.62 -1.37
C SER A 988 -7.80 -0.35 -0.88
N ARG A 989 -7.73 0.71 -1.68
CA ARG A 989 -8.26 1.99 -1.26
C ARG A 989 -9.79 1.99 -1.31
N ALA A 990 -10.36 1.45 -2.37
CA ALA A 990 -11.81 1.37 -2.47
C ALA A 990 -12.38 0.58 -1.29
N ALA A 991 -11.67 -0.47 -0.89
CA ALA A 991 -12.10 -1.32 0.22
C ALA A 991 -11.91 -0.60 1.55
N LEU A 992 -10.78 0.08 1.74
CA LEU A 992 -10.61 0.88 2.95
C LEU A 992 -11.71 1.92 3.06
N PHE A 993 -12.06 2.54 1.93
CA PHE A 993 -13.13 3.54 1.92
C PHE A 993 -14.49 2.93 2.28
N ASN A 994 -14.83 1.80 1.67
CA ASN A 994 -16.17 1.26 1.79
C ASN A 994 -16.41 0.30 2.97
N ASP A 995 -15.38 -0.46 3.29
CA ASP A 995 -15.47 -1.57 4.24
C ASP A 995 -14.58 -1.36 5.45
N GLY A 996 -13.55 -0.52 5.30
CA GLY A 996 -12.62 -0.27 6.38
C GLY A 996 -13.34 0.28 7.59
N GLU A 997 -12.90 -0.14 8.78
CA GLU A 997 -13.48 0.38 10.01
C GLU A 997 -12.73 1.61 10.48
N ASN A 998 -13.42 2.52 11.14
CA ASN A 998 -12.77 3.63 11.81
C ASN A 998 -11.68 3.10 12.75
N GLY A 999 -10.49 3.68 12.66
CA GLY A 999 -9.35 3.23 13.46
C GLY A 999 -8.46 2.23 12.74
N ASP A 1000 -8.74 1.96 11.47
CA ASP A 1000 -7.91 1.11 10.62
C ASP A 1000 -6.80 1.91 9.95
N PHE A 1001 -5.61 1.33 9.83
CA PHE A 1001 -4.61 1.89 8.93
C PHE A 1001 -4.35 0.92 7.78
N TRP A 1002 -3.91 1.44 6.64
CA TRP A 1002 -3.65 0.61 5.48
C TRP A 1002 -2.33 0.98 4.84
N VAL A 1003 -1.41 0.01 4.78
CA VAL A 1003 -0.14 0.20 4.14
C VAL A 1003 -0.31 0.06 2.63
N ASP A 1004 -0.22 1.20 1.93
CA ASP A 1004 -0.46 1.25 0.49
C ASP A 1004 0.88 1.20 -0.26
N GLN A 1005 1.28 -0.01 -0.67
CA GLN A 1005 2.54 -0.22 -1.36
C GLN A 1005 2.58 0.41 -2.75
N GLU A 1006 1.47 0.36 -3.48
CA GLU A 1006 1.38 0.92 -4.84
C GLU A 1006 1.84 2.38 -4.90
N THR A 1007 1.48 3.17 -3.89
CA THR A 1007 1.80 4.59 -3.93
C THR A 1007 2.73 5.00 -2.79
N ASP A 1008 3.31 4.03 -2.09
CA ASP A 1008 4.19 4.31 -0.97
C ASP A 1008 3.55 5.31 0.01
N SER A 1009 2.28 5.06 0.35
CA SER A 1009 1.56 5.89 1.31
C SER A 1009 1.04 5.04 2.45
N LEU A 1010 0.90 5.65 3.62
CA LEU A 1010 0.22 5.03 4.73
C LEU A 1010 -1.11 5.76 4.92
N TRP A 1011 -2.22 5.02 4.95
CA TRP A 1011 -3.55 5.61 5.10
C TRP A 1011 -4.13 5.34 6.48
N LEU A 1012 -4.64 6.37 7.14
CA LEU A 1012 -5.29 6.24 8.43
C LEU A 1012 -6.75 6.57 8.24
N LYS A 1013 -7.63 5.68 8.67
CA LYS A 1013 -9.06 5.94 8.60
C LYS A 1013 -9.53 6.35 9.99
N LEU A 1014 -10.06 7.56 10.12
CA LEU A 1014 -10.43 8.07 11.45
C LEU A 1014 -11.90 8.48 11.49
N PRO A 1015 -12.52 8.40 12.68
CA PRO A 1015 -13.93 8.78 12.78
C PRO A 1015 -14.10 10.30 12.74
N ASN A 1016 -15.27 10.76 12.30
CA ASN A 1016 -15.52 12.19 12.16
C ASN A 1016 -15.28 13.01 13.44
N VAL A 1017 -15.64 12.44 14.59
CA VAL A 1017 -15.53 13.16 15.87
C VAL A 1017 -14.11 13.57 16.25
N VAL A 1018 -13.10 12.93 15.69
CA VAL A 1018 -11.72 13.25 16.04
C VAL A 1018 -11.11 14.33 15.15
N LEU A 1019 -11.87 14.79 14.15
CA LEU A 1019 -11.42 15.82 13.21
C LEU A 1019 -11.04 17.17 13.83
N PRO A 1020 -11.88 17.69 14.75
CA PRO A 1020 -11.57 19.03 15.28
C PRO A 1020 -10.40 19.08 16.25
N ASP A 1021 -9.93 17.92 16.71
CA ASP A 1021 -8.91 17.89 17.77
C ASP A 1021 -8.34 16.50 18.00
N ALA A 1022 -7.08 16.29 17.66
CA ALA A 1022 -6.49 14.98 17.78
C ALA A 1022 -4.95 15.02 17.72
N VAL A 1023 -4.32 14.15 18.50
CA VAL A 1023 -2.88 13.96 18.42
C VAL A 1023 -2.62 12.52 17.97
N ILE A 1024 -2.07 12.39 16.79
CA ILE A 1024 -1.79 11.09 16.19
C ILE A 1024 -0.28 10.84 16.26
N THR A 1025 0.13 9.76 16.92
CA THR A 1025 1.56 9.49 17.03
C THR A 1025 1.93 8.17 16.36
N ILE A 1026 2.65 8.28 15.26
CA ILE A 1026 3.09 7.14 14.50
C ILE A 1026 4.50 6.80 14.95
N THR A 1027 4.72 5.54 15.30
CA THR A 1027 5.98 5.12 15.83
C THR A 1027 6.46 3.86 15.13
N THR B 3 25.58 47.09 21.83
CA THR B 3 26.01 46.23 20.70
C THR B 3 27.53 46.28 20.51
N ASP B 4 28.06 47.46 20.23
CA ASP B 4 29.51 47.67 20.15
C ASP B 4 30.15 47.52 21.54
N ASN B 5 31.11 46.60 21.65
CA ASN B 5 31.77 46.30 22.93
C ASN B 5 30.76 46.16 24.08
N PRO B 6 29.95 45.09 24.05
CA PRO B 6 28.86 44.95 25.02
C PRO B 6 29.30 44.60 26.45
N ASP B 7 30.60 44.37 26.66
CA ASP B 7 31.13 44.10 28.00
C ASP B 7 31.77 45.32 28.63
N GLY B 8 31.97 46.36 27.82
CA GLY B 8 32.51 47.63 28.29
C GLY B 8 33.98 47.57 28.66
N ILE B 9 34.69 46.61 28.07
CA ILE B 9 36.13 46.46 28.27
C ILE B 9 36.86 47.72 27.82
N ASP B 10 37.91 48.09 28.53
CA ASP B 10 38.78 49.20 28.12
C ASP B 10 40.02 48.63 27.47
N TYR B 11 40.15 48.83 26.16
CA TYR B 11 41.24 48.27 25.38
C TYR B 11 42.52 49.07 25.54
N LYS B 12 43.44 48.54 26.34
CA LYS B 12 44.64 49.26 26.69
C LYS B 12 45.73 49.12 25.64
N THR B 13 45.71 48.03 24.88
CA THR B 13 46.80 47.73 23.96
C THR B 13 46.32 47.30 22.58
N TYR B 14 46.89 47.93 21.55
CA TYR B 14 46.52 47.61 20.19
C TYR B 14 47.71 47.10 19.38
N ASP B 15 48.91 47.53 19.75
CA ASP B 15 50.11 47.17 19.00
C ASP B 15 50.56 45.75 19.26
N TYR B 16 51.24 45.18 18.27
CA TYR B 16 52.03 43.97 18.46
C TYR B 16 52.88 44.15 19.70
N VAL B 17 52.86 43.18 20.60
CA VAL B 17 53.78 43.16 21.73
C VAL B 17 54.63 41.92 21.60
N GLY B 18 55.91 42.10 21.31
CA GLY B 18 56.82 40.97 21.17
C GLY B 18 57.00 40.20 22.46
N VAL B 19 57.67 39.05 22.38
CA VAL B 19 57.93 38.22 23.56
C VAL B 19 58.82 38.96 24.55
N TRP B 20 59.54 39.97 24.05
CA TRP B 20 60.41 40.80 24.88
C TRP B 20 59.62 41.81 25.70
N GLY B 21 58.33 41.95 25.39
CA GLY B 21 57.48 42.91 26.09
C GLY B 21 56.34 42.24 26.84
N PHE B 22 56.35 40.92 26.88
CA PHE B 22 55.34 40.18 27.61
C PHE B 22 56.05 39.40 28.72
N SER B 23 55.81 39.80 29.96
CA SER B 23 56.52 39.20 31.08
C SER B 23 55.66 39.13 32.34
N PRO B 24 54.74 38.16 32.38
CA PRO B 24 53.88 37.90 33.54
C PRO B 24 54.65 37.59 34.81
N LEU B 25 55.82 36.97 34.69
CA LEU B 25 56.62 36.62 35.87
C LEU B 25 57.17 37.84 36.61
N SER B 26 57.10 39.01 35.98
CA SER B 26 57.47 40.25 36.64
C SER B 26 56.46 40.69 37.70
N ASN B 27 55.25 40.11 37.63
CA ASN B 27 54.26 40.20 38.71
C ASN B 27 53.49 41.51 38.85
N THR B 28 54.13 42.63 38.57
CA THR B 28 53.54 43.91 38.95
C THR B 28 52.31 44.22 38.11
N ASN B 29 51.23 44.56 38.81
CA ASN B 29 49.93 44.83 38.21
C ASN B 29 49.19 43.57 37.75
N TRP B 30 49.73 42.41 38.09
CA TRP B 30 49.07 41.14 37.81
C TRP B 30 48.35 40.56 39.04
N PHE B 31 47.07 40.21 38.85
CA PHE B 31 46.31 39.42 39.80
C PHE B 31 46.64 37.94 39.64
N ALA B 32 46.71 37.22 40.75
CA ALA B 32 46.86 35.78 40.74
C ALA B 32 45.98 35.23 41.84
N ALA B 33 45.57 33.96 41.72
CA ALA B 33 44.62 33.37 42.65
C ALA B 33 45.20 33.24 44.07
N GLY B 34 44.46 33.70 45.07
CA GLY B 34 44.97 33.75 46.44
C GLY B 34 44.20 32.86 47.39
N SER B 35 42.90 32.73 47.14
CA SER B 35 42.02 31.88 47.94
C SER B 35 40.70 31.69 47.20
N SER B 36 39.80 30.87 47.77
CA SER B 36 38.52 30.62 47.15
C SER B 36 37.50 29.98 48.09
N THR B 37 36.24 29.99 47.65
CA THR B 37 35.17 29.26 48.31
C THR B 37 34.48 28.43 47.24
N PRO B 38 34.04 27.20 47.59
CA PRO B 38 33.37 26.36 46.61
C PRO B 38 32.12 27.01 46.01
N GLY B 39 31.81 26.66 44.77
CA GLY B 39 30.70 27.28 44.04
C GLY B 39 29.79 26.28 43.38
N GLY B 40 29.89 25.02 43.76
CA GLY B 40 28.98 23.99 43.28
C GLY B 40 29.45 23.19 42.08
N ILE B 41 28.81 22.05 41.84
CA ILE B 41 29.19 21.17 40.75
C ILE B 41 27.97 20.75 39.96
N THR B 42 27.91 21.17 38.69
CA THR B 42 26.83 20.75 37.80
C THR B 42 27.39 19.95 36.61
N ASP B 43 26.86 18.76 36.43
CA ASP B 43 27.39 17.79 35.47
C ASP B 43 28.87 17.54 35.77
N TRP B 44 29.74 17.86 34.82
CA TRP B 44 31.18 17.65 35.01
C TRP B 44 31.95 18.96 35.15
N THR B 45 31.22 20.04 35.42
CA THR B 45 31.83 21.35 35.67
C THR B 45 31.67 21.75 37.15
N ALA B 46 32.80 21.87 37.85
CA ALA B 46 32.79 22.46 39.20
C ALA B 46 33.14 23.94 39.08
N THR B 47 32.54 24.78 39.91
CA THR B 47 32.94 26.19 39.95
C THR B 47 33.62 26.47 41.28
N MET B 48 34.70 27.25 41.22
CA MET B 48 35.34 27.77 42.41
C MET B 48 35.25 29.30 42.38
N ASN B 49 34.85 29.89 43.51
CA ASN B 49 34.75 31.34 43.61
C ASN B 49 36.05 31.93 44.11
N VAL B 50 36.93 32.27 43.17
CA VAL B 50 38.32 32.61 43.49
C VAL B 50 38.53 34.10 43.78
N ASN B 51 39.27 34.36 44.84
CA ASN B 51 39.74 35.69 45.17
C ASN B 51 41.12 35.89 44.55
N PHE B 52 41.20 36.81 43.58
CA PHE B 52 42.45 37.18 42.95
C PHE B 52 43.04 38.36 43.69
N ASP B 53 44.32 38.25 44.03
CA ASP B 53 45.01 39.30 44.73
C ASP B 53 46.14 39.82 43.86
N ARG B 54 46.32 41.14 43.82
CA ARG B 54 47.45 41.74 43.15
C ARG B 54 48.72 41.25 43.85
N ILE B 55 49.63 40.65 43.10
CA ILE B 55 50.85 40.08 43.67
C ILE B 55 51.68 41.16 44.37
N ASP B 56 51.73 42.34 43.77
CA ASP B 56 52.53 43.46 44.25
C ASP B 56 51.87 44.26 45.38
N ASN B 57 50.56 44.08 45.54
CA ASN B 57 49.78 44.75 46.59
C ASN B 57 48.53 43.92 46.90
N PRO B 58 48.70 42.87 47.72
CA PRO B 58 47.67 41.85 47.89
C PRO B 58 46.43 42.30 48.68
N SER B 59 46.48 43.50 49.26
CA SER B 59 45.29 44.07 49.90
C SER B 59 44.24 44.44 48.85
N ILE B 60 44.69 44.61 47.60
CA ILE B 60 43.79 44.82 46.47
C ILE B 60 43.34 43.46 45.97
N THR B 61 42.04 43.19 46.08
CA THR B 61 41.51 41.89 45.70
C THR B 61 40.21 42.01 44.90
N VAL B 62 40.02 41.11 43.95
CA VAL B 62 38.79 41.04 43.17
C VAL B 62 38.34 39.58 43.06
N GLN B 63 37.05 39.35 42.86
CA GLN B 63 36.47 38.00 42.83
C GLN B 63 35.89 37.66 41.46
N HIS B 64 36.21 36.47 40.96
CA HIS B 64 35.68 35.98 39.68
C HIS B 64 35.45 34.48 39.72
N PRO B 65 34.34 34.02 39.15
CA PRO B 65 34.03 32.59 39.08
C PRO B 65 34.98 31.88 38.13
N VAL B 66 35.53 30.75 38.57
CA VAL B 66 36.43 29.94 37.75
C VAL B 66 35.84 28.53 37.58
N GLN B 67 35.67 28.10 36.33
CA GLN B 67 35.14 26.76 36.04
C GLN B 67 36.26 25.74 35.82
N VAL B 68 36.10 24.57 36.44
CA VAL B 68 36.98 23.42 36.20
C VAL B 68 36.15 22.23 35.72
N GLN B 69 36.28 21.93 34.43
CA GLN B 69 35.43 20.93 33.78
C GLN B 69 36.23 19.74 33.25
N VAL B 70 35.83 18.53 33.62
CA VAL B 70 36.41 17.34 33.05
C VAL B 70 35.83 17.18 31.65
N THR B 71 36.68 17.22 30.63
CA THR B 71 36.21 17.13 29.25
C THR B 71 36.22 15.68 28.76
N SER B 72 37.07 14.85 29.35
CA SER B 72 37.08 13.44 29.00
C SER B 72 37.70 12.58 30.09
N TYR B 73 36.92 11.62 30.56
CA TYR B 73 37.37 10.68 31.58
C TYR B 73 38.30 9.65 30.94
N ASN B 74 37.84 9.04 29.85
CA ASN B 74 38.63 8.01 29.19
C ASN B 74 39.89 8.57 28.53
N ASN B 75 39.83 9.83 28.11
CA ASN B 75 40.98 10.45 27.46
C ASN B 75 41.81 11.35 28.36
N ASN B 76 41.47 11.38 29.65
CA ASN B 76 42.24 12.07 30.67
C ASN B 76 42.48 13.54 30.33
N SER B 77 41.41 14.29 30.09
CA SER B 77 41.53 15.72 29.81
C SER B 77 40.53 16.54 30.62
N TYR B 78 40.95 17.75 30.99
CA TYR B 78 40.08 18.67 31.70
C TYR B 78 40.40 20.09 31.24
N ARG B 79 39.62 21.05 31.74
CA ARG B 79 39.60 22.42 31.23
C ARG B 79 39.46 23.40 32.40
N VAL B 80 40.06 24.59 32.27
CA VAL B 80 39.94 25.62 33.27
C VAL B 80 39.59 26.93 32.58
N ARG B 81 38.51 27.55 33.00
CA ARG B 81 38.00 28.71 32.29
C ARG B 81 37.48 29.79 33.26
N PHE B 82 37.77 31.04 32.95
CA PHE B 82 37.14 32.17 33.64
C PHE B 82 37.23 33.40 32.78
N ASN B 83 36.52 34.44 33.16
CA ASN B 83 36.47 35.67 32.38
C ASN B 83 36.51 36.84 33.34
N PRO B 84 37.66 37.53 33.43
CA PRO B 84 37.78 38.63 34.38
C PRO B 84 37.03 39.89 33.93
N ASP B 85 36.47 39.85 32.72
CA ASP B 85 35.89 41.03 32.11
C ASP B 85 34.36 41.02 32.09
N GLY B 86 33.78 39.85 32.36
CA GLY B 86 32.34 39.67 32.35
C GLY B 86 31.95 38.23 32.60
N PRO B 87 30.70 37.86 32.27
CA PRO B 87 30.25 36.48 32.41
C PRO B 87 31.04 35.53 31.51
N ILE B 88 31.23 34.29 31.98
CA ILE B 88 31.83 33.24 31.18
C ILE B 88 30.90 32.88 30.02
N ARG B 89 31.45 32.88 28.80
CA ARG B 89 30.64 32.73 27.59
C ARG B 89 31.22 31.63 26.70
N ASP B 90 30.35 30.78 26.19
CA ASP B 90 30.75 29.76 25.22
C ASP B 90 30.94 30.40 23.86
N VAL B 91 32.09 30.14 23.24
CA VAL B 91 32.31 30.55 21.85
C VAL B 91 31.32 29.83 20.94
N THR B 92 30.85 30.51 19.90
CA THR B 92 30.02 29.82 18.90
C THR B 92 30.89 29.41 17.71
N ARG B 93 32.15 29.84 17.72
CA ARG B 93 33.09 29.50 16.67
C ARG B 93 34.50 29.28 17.21
N GLY B 94 35.14 28.21 16.76
CA GLY B 94 36.47 27.85 17.22
C GLY B 94 36.58 26.34 17.25
N PRO B 95 37.78 25.82 17.55
CA PRO B 95 38.08 24.39 17.57
C PRO B 95 37.31 23.59 18.63
N ILE B 96 37.06 24.19 19.79
CA ILE B 96 36.37 23.49 20.85
C ILE B 96 34.97 24.08 21.08
N LEU B 97 33.96 23.26 20.80
CA LEU B 97 32.56 23.68 20.92
C LEU B 97 31.84 22.93 22.03
N LYS B 98 30.91 23.62 22.68
CA LYS B 98 30.08 23.04 23.72
C LYS B 98 29.39 21.78 23.23
N GLN B 99 28.84 21.83 22.02
CA GLN B 99 28.10 20.68 21.47
C GLN B 99 28.94 19.42 21.48
N GLN B 100 30.21 19.55 21.10
CA GLN B 100 31.12 18.40 21.03
C GLN B 100 31.51 17.89 22.41
N LEU B 101 31.79 18.81 23.32
CA LEU B 101 32.05 18.45 24.73
C LEU B 101 30.83 17.79 25.36
N ASP B 102 29.64 18.27 24.99
CA ASP B 102 28.39 17.68 25.44
C ASP B 102 28.30 16.24 24.95
N TRP B 103 28.61 16.04 23.66
CA TRP B 103 28.57 14.72 23.06
C TRP B 103 29.52 13.74 23.75
N ILE B 104 30.76 14.18 23.99
CA ILE B 104 31.77 13.32 24.63
C ILE B 104 31.33 12.89 26.02
N ARG B 105 30.83 13.84 26.80
CA ARG B 105 30.41 13.55 28.16
C ARG B 105 29.18 12.63 28.16
N THR B 106 28.26 12.85 27.22
CA THR B 106 27.08 11.99 27.11
C THR B 106 27.49 10.53 26.87
N GLN B 107 28.37 10.31 25.90
CA GLN B 107 28.85 8.95 25.59
C GLN B 107 29.50 8.28 26.80
N GLU B 108 30.36 9.02 27.49
CA GLU B 108 31.12 8.46 28.60
C GLU B 108 30.26 8.18 29.82
N LEU B 109 29.23 9.03 30.02
CA LEU B 109 28.26 8.81 31.09
C LEU B 109 27.47 7.52 30.90
N SER B 110 27.29 7.08 29.65
CA SER B 110 26.59 5.82 29.39
C SER B 110 27.50 4.60 29.49
N GLU B 111 28.81 4.84 29.54
CA GLU B 111 29.76 3.76 29.79
C GLU B 111 30.03 3.64 31.29
N GLY B 112 29.41 4.52 32.07
CA GLY B 112 29.59 4.51 33.52
C GLY B 112 30.86 5.22 33.99
N CYS B 113 31.29 6.24 33.25
CA CYS B 113 32.41 7.06 33.67
C CYS B 113 31.97 8.06 34.73
N ASP B 114 32.74 8.14 35.81
CA ASP B 114 32.45 9.05 36.92
C ASP B 114 33.73 9.65 37.46
N PRO B 115 33.97 10.94 37.15
CA PRO B 115 35.14 11.69 37.62
C PRO B 115 35.15 11.82 39.14
N GLY B 116 33.98 11.70 39.76
CA GLY B 116 33.83 11.81 41.20
C GLY B 116 34.21 13.19 41.71
N MET B 117 33.82 14.22 40.97
CA MET B 117 34.14 15.60 41.33
C MET B 117 33.50 15.94 42.66
N THR B 118 34.34 16.31 43.63
CA THR B 118 33.85 16.64 44.95
C THR B 118 34.72 17.68 45.65
N PHE B 119 34.10 18.50 46.49
CA PHE B 119 34.83 19.43 47.34
C PHE B 119 35.11 18.79 48.71
N THR B 120 36.31 19.01 49.22
CA THR B 120 36.69 18.53 50.54
C THR B 120 36.19 19.50 51.60
N SER B 121 36.36 19.14 52.88
CA SER B 121 35.93 20.00 53.98
C SER B 121 36.63 21.36 53.94
N GLU B 122 37.89 21.36 53.49
CA GLU B 122 38.67 22.60 53.37
C GLU B 122 38.31 23.41 52.12
N GLY B 123 37.51 22.84 51.23
CA GLY B 123 37.10 23.52 50.02
C GLY B 123 37.96 23.18 48.82
N PHE B 124 38.89 22.24 49.00
CA PHE B 124 39.73 21.79 47.89
C PHE B 124 38.86 21.03 46.87
N LEU B 125 39.11 21.27 45.58
CA LEU B 125 38.39 20.54 44.55
C LEU B 125 39.17 19.30 44.14
N THR B 126 38.54 18.14 44.21
CA THR B 126 39.17 16.91 43.79
C THR B 126 38.35 16.21 42.70
N PHE B 127 39.05 15.48 41.83
CA PHE B 127 38.42 14.67 40.80
C PHE B 127 39.42 13.72 40.16
N GLU B 128 38.94 12.84 39.30
CA GLU B 128 39.83 11.91 38.63
C GLU B 128 39.34 11.52 37.24
N THR B 129 40.27 11.06 36.42
CA THR B 129 39.94 10.51 35.11
C THR B 129 40.37 9.05 35.13
N LYS B 130 40.39 8.40 33.96
CA LYS B 130 40.70 6.98 33.92
C LYS B 130 42.06 6.67 34.56
N ASP B 131 43.04 7.53 34.30
CA ASP B 131 44.43 7.26 34.68
C ASP B 131 45.04 8.32 35.61
N LEU B 132 44.29 9.38 35.89
CA LEU B 132 44.81 10.48 36.71
C LEU B 132 43.89 10.79 37.89
N SER B 133 44.46 11.39 38.93
CA SER B 133 43.68 12.06 39.96
C SER B 133 44.26 13.46 40.16
N VAL B 134 43.38 14.45 40.29
CA VAL B 134 43.77 15.85 40.32
C VAL B 134 43.30 16.51 41.61
N ILE B 135 44.17 17.27 42.26
CA ILE B 135 43.75 18.08 43.39
C ILE B 135 44.01 19.57 43.16
N ILE B 136 42.98 20.38 43.38
CA ILE B 136 43.11 21.83 43.31
C ILE B 136 42.87 22.38 44.72
N TYR B 137 43.80 23.20 45.21
CA TYR B 137 43.71 23.72 46.56
C TYR B 137 43.03 25.09 46.58
N GLY B 138 42.95 25.70 47.77
CA GLY B 138 42.23 26.96 47.97
C GLY B 138 42.67 28.11 47.09
N ASN B 139 43.97 28.23 46.83
CA ASN B 139 44.47 29.29 45.94
C ASN B 139 44.66 28.79 44.51
N PHE B 140 44.11 27.62 44.22
CA PHE B 140 44.11 26.99 42.89
C PHE B 140 45.40 26.21 42.58
N LYS B 141 46.28 26.07 43.55
CA LYS B 141 47.45 25.23 43.39
C LYS B 141 46.98 23.86 42.92
N THR B 142 47.45 23.44 41.76
CA THR B 142 46.97 22.22 41.13
C THR B 142 48.07 21.19 41.01
N ARG B 143 47.77 19.94 41.36
CA ARG B 143 48.68 18.83 41.10
C ARG B 143 47.91 17.72 40.39
N VAL B 144 48.46 17.28 39.26
CA VAL B 144 47.91 16.17 38.51
C VAL B 144 48.80 14.97 38.75
N THR B 145 48.20 13.89 39.26
CA THR B 145 48.95 12.67 39.61
C THR B 145 48.49 11.50 38.74
N ARG B 146 49.43 10.68 38.32
CA ARG B 146 49.08 9.47 37.58
C ARG B 146 48.87 8.32 38.58
N LYS B 147 47.72 7.65 38.48
CA LYS B 147 47.33 6.65 39.48
C LYS B 147 48.24 5.43 39.58
N SER B 148 48.77 4.99 38.45
CA SER B 148 49.47 3.69 38.37
C SER B 148 50.79 3.64 39.14
N ASP B 149 51.52 4.76 39.16
CA ASP B 149 52.79 4.81 39.87
C ASP B 149 52.83 5.94 40.89
N GLY B 150 51.81 6.78 40.87
CA GLY B 150 51.71 7.92 41.78
C GLY B 150 52.59 9.11 41.42
N LYS B 151 53.11 9.15 40.21
CA LYS B 151 53.98 10.25 39.79
C LYS B 151 53.19 11.53 39.52
N VAL B 152 53.66 12.64 40.07
CA VAL B 152 53.10 13.95 39.78
C VAL B 152 53.50 14.37 38.38
N ILE B 153 52.51 14.38 37.49
CA ILE B 153 52.73 14.61 36.06
C ILE B 153 52.83 16.10 35.75
N MET B 154 51.99 16.89 36.41
CA MET B 154 51.97 18.35 36.23
C MET B 154 51.65 19.01 37.56
N GLU B 155 52.16 20.23 37.74
CA GLU B 155 51.68 21.11 38.81
C GLU B 155 51.90 22.54 38.39
N ASN B 156 50.99 23.44 38.78
CA ASN B 156 51.17 24.84 38.44
C ASN B 156 52.05 25.58 39.44
N ASP B 157 52.17 26.89 39.27
CA ASP B 157 53.18 27.66 39.98
C ASP B 157 52.60 28.58 41.03
N GLU B 158 53.33 28.72 42.13
CA GLU B 158 52.99 29.67 43.19
C GLU B 158 54.09 30.70 43.38
N VAL B 159 53.69 31.96 43.50
CA VAL B 159 54.61 33.02 43.87
C VAL B 159 54.37 33.40 45.34
N GLY B 160 55.44 33.58 46.09
CA GLY B 160 55.33 33.99 47.50
C GLY B 160 55.18 35.50 47.63
N THR B 161 54.48 35.95 48.66
CA THR B 161 54.41 37.37 48.97
C THR B 161 54.92 37.56 50.40
N ALA B 162 55.30 38.79 50.73
CA ALA B 162 55.90 39.09 52.03
C ALA B 162 54.91 38.95 53.20
N SER B 163 53.64 39.27 52.94
CA SER B 163 52.67 39.39 54.01
C SER B 163 51.27 38.90 53.66
N SER B 164 51.16 38.06 52.64
CA SER B 164 49.85 37.54 52.24
C SER B 164 49.90 36.11 51.72
N GLY B 165 50.95 35.39 52.04
CA GLY B 165 51.07 33.99 51.61
C GLY B 165 51.26 33.81 50.12
N ASN B 166 50.95 32.61 49.63
CA ASN B 166 51.20 32.20 48.25
C ASN B 166 50.07 32.48 47.27
N LYS B 167 50.40 33.11 46.16
CA LYS B 167 49.45 33.33 45.08
C LYS B 167 49.76 32.39 43.91
N CYS B 168 48.73 31.77 43.36
CA CYS B 168 48.90 30.80 42.28
C CYS B 168 48.89 31.44 40.92
N ARG B 169 50.07 31.53 40.31
CA ARG B 169 50.23 32.08 38.98
C ARG B 169 49.65 31.15 37.91
N GLY B 170 49.02 30.07 38.35
CA GLY B 170 48.27 29.19 37.45
C GLY B 170 47.10 29.94 36.83
N LEU B 171 46.57 30.93 37.56
CA LEU B 171 45.54 31.82 37.01
C LEU B 171 45.98 33.27 37.19
N MET B 172 46.19 33.98 36.09
CA MET B 172 46.70 35.36 36.14
C MET B 172 45.99 36.25 35.14
N PHE B 173 45.75 37.49 35.53
CA PHE B 173 45.35 38.49 34.57
C PHE B 173 45.85 39.84 35.06
N VAL B 174 46.19 40.72 34.13
CA VAL B 174 46.56 42.08 34.48
C VAL B 174 45.31 42.81 35.00
N ASP B 175 45.50 43.53 36.10
CA ASP B 175 44.50 44.45 36.63
C ASP B 175 43.99 45.30 35.47
N ARG B 176 42.67 45.36 35.28
CA ARG B 176 42.08 46.06 34.12
C ARG B 176 42.18 47.58 34.23
N LEU B 177 42.78 48.06 35.32
CA LEU B 177 43.17 49.46 35.44
C LEU B 177 44.38 49.74 34.55
N TYR B 178 45.16 48.69 34.27
CA TYR B 178 46.45 48.82 33.57
C TYR B 178 46.54 48.03 32.25
N GLY B 179 45.78 46.95 32.13
CA GLY B 179 45.84 46.13 30.92
C GLY B 179 44.73 45.12 30.74
N ASN B 180 44.95 44.15 29.85
CA ASN B 180 43.94 43.17 29.50
C ASN B 180 44.48 41.75 29.40
N ALA B 181 45.78 41.58 29.66
CA ALA B 181 46.44 40.29 29.42
C ALA B 181 46.04 39.22 30.41
N ILE B 182 46.20 37.95 30.00
CA ILE B 182 46.04 36.81 30.87
C ILE B 182 47.30 35.94 30.81
N ALA B 183 47.48 35.06 31.79
CA ALA B 183 48.61 34.14 31.79
C ALA B 183 48.36 32.98 32.74
N SER B 184 49.15 31.92 32.59
CA SER B 184 49.01 30.72 33.38
C SER B 184 50.37 30.06 33.41
N VAL B 185 50.91 29.85 34.61
CA VAL B 185 52.28 29.38 34.80
C VAL B 185 52.35 27.99 35.46
N ASN B 186 53.10 27.08 34.87
CA ASN B 186 53.36 25.77 35.44
C ASN B 186 54.81 25.65 35.83
N LYS B 187 55.10 24.69 36.71
CA LYS B 187 56.49 24.34 36.96
C LYS B 187 57.04 23.63 35.73
N ASN B 188 58.30 23.89 35.42
CA ASN B 188 58.96 23.38 34.24
C ASN B 188 60.12 22.50 34.68
N PHE B 189 60.11 21.24 34.26
CA PHE B 189 61.16 20.31 34.68
C PHE B 189 62.17 19.98 33.58
N ARG B 190 62.47 20.95 32.73
CA ARG B 190 63.41 20.76 31.63
C ARG B 190 64.83 20.48 32.16
N ASN B 191 65.18 21.09 33.29
CA ASN B 191 66.51 20.91 33.88
C ASN B 191 66.56 19.81 34.94
N ASP B 192 65.43 19.16 35.19
CA ASP B 192 65.44 18.01 36.08
C ASP B 192 66.21 16.86 35.43
N ALA B 193 67.17 16.32 36.16
CA ALA B 193 68.03 15.23 35.65
C ALA B 193 67.24 14.02 35.14
N VAL B 194 66.18 13.66 35.86
CA VAL B 194 65.36 12.51 35.49
C VAL B 194 64.29 12.84 34.43
N LYS B 195 63.49 13.87 34.66
CA LYS B 195 62.37 14.19 33.77
C LYS B 195 62.81 14.79 32.43
N GLN B 196 63.85 15.61 32.45
CA GLN B 196 64.32 16.34 31.26
C GLN B 196 63.19 16.69 30.31
N GLU B 197 62.19 17.39 30.82
CA GLU B 197 61.01 17.71 30.04
C GLU B 197 61.37 18.47 28.76
N GLY B 198 60.64 18.17 27.70
CA GLY B 198 60.78 18.88 26.44
C GLY B 198 59.40 19.31 26.03
N PHE B 199 59.31 20.45 25.37
CA PHE B 199 58.04 21.00 24.94
C PHE B 199 58.04 20.99 23.42
N TYR B 200 56.96 20.48 22.83
CA TYR B 200 56.86 20.27 21.37
C TYR B 200 55.57 20.91 20.87
N GLY B 201 55.43 21.08 19.56
CA GLY B 201 54.16 21.55 18.99
C GLY B 201 54.31 22.95 18.45
N ALA B 202 53.42 23.85 18.87
CA ALA B 202 53.50 25.28 18.53
C ALA B 202 53.45 25.61 17.03
N GLY B 203 52.66 24.83 16.28
CA GLY B 203 52.42 25.12 14.86
C GLY B 203 53.66 25.25 14.00
N GLU B 204 53.86 26.45 13.44
CA GLU B 204 54.86 26.72 12.40
C GLU B 204 56.10 27.46 12.90
N VAL B 205 56.27 27.56 14.22
CA VAL B 205 57.40 28.28 14.76
C VAL B 205 58.71 27.60 14.31
N ASN B 206 59.66 28.40 13.88
CA ASN B 206 60.99 27.91 13.53
C ASN B 206 61.93 28.22 14.67
N CYS B 207 62.86 27.32 14.95
CA CYS B 207 63.83 27.59 16.00
C CYS B 207 65.19 27.13 15.53
N LYS B 208 66.13 28.06 15.48
CA LYS B 208 67.48 27.77 15.06
C LYS B 208 68.33 27.41 16.27
N TYR B 209 69.21 26.44 16.09
CA TYR B 209 70.18 26.10 17.10
C TYR B 209 71.52 25.88 16.40
N GLN B 210 72.49 26.71 16.74
CA GLN B 210 73.76 26.77 16.02
C GLN B 210 73.48 27.09 14.54
N ASP B 211 73.76 26.14 13.65
CA ASP B 211 73.54 26.38 12.22
C ASP B 211 72.34 25.60 11.67
N THR B 212 71.62 24.93 12.56
CA THR B 212 70.60 23.95 12.18
C THR B 212 69.22 24.32 12.70
N TYR B 213 68.18 24.05 11.92
CA TYR B 213 66.83 24.27 12.37
C TYR B 213 66.24 23.01 13.00
N ILE B 214 65.72 23.16 14.22
CA ILE B 214 65.38 22.02 15.07
C ILE B 214 63.89 21.88 15.33
N LEU B 215 63.51 20.74 15.88
CA LEU B 215 62.10 20.37 16.08
C LEU B 215 61.54 20.81 17.41
N GLU B 216 62.30 20.57 18.47
CA GLU B 216 61.81 20.79 19.85
C GLU B 216 61.76 22.27 20.17
N ARG B 217 60.83 22.66 21.04
CA ARG B 217 60.54 24.05 21.38
C ARG B 217 60.67 24.29 22.90
N THR B 218 61.84 23.89 23.44
CA THR B 218 62.17 23.97 24.86
C THR B 218 63.10 25.15 25.14
N GLY B 219 62.87 25.84 26.26
CA GLY B 219 63.69 26.99 26.69
C GLY B 219 63.50 28.27 25.87
N ILE B 220 62.35 28.43 25.25
CA ILE B 220 62.18 29.54 24.31
C ILE B 220 60.89 30.33 24.49
N ALA B 221 60.96 31.62 24.15
CA ALA B 221 59.81 32.51 24.21
C ALA B 221 59.17 32.66 22.83
N MET B 222 57.94 32.17 22.68
CA MET B 222 57.22 32.16 21.39
C MET B 222 55.95 32.99 21.46
N THR B 223 55.45 33.43 20.30
CA THR B 223 54.17 34.11 20.21
C THR B 223 53.37 33.64 18.97
N ASN B 224 52.05 33.69 19.09
CA ASN B 224 51.14 33.50 17.95
C ASN B 224 50.56 34.83 17.61
N TYR B 225 50.93 35.33 16.45
CA TYR B 225 50.54 36.65 16.00
C TYR B 225 50.60 36.56 14.48
N ASN B 226 49.48 36.14 13.89
CA ASN B 226 49.50 35.71 12.50
C ASN B 226 49.94 36.86 11.60
N TYR B 227 50.95 36.59 10.78
CA TYR B 227 51.67 37.67 10.11
C TYR B 227 51.92 37.37 8.65
N ASP B 228 52.02 38.45 7.87
CA ASP B 228 52.31 38.37 6.45
C ASP B 228 53.81 38.16 6.31
N ASN B 229 54.27 36.98 6.71
CA ASN B 229 55.68 36.83 7.05
C ASN B 229 56.52 36.12 6.00
N LEU B 230 56.64 36.74 4.84
CA LEU B 230 57.47 36.22 3.76
C LEU B 230 58.89 35.94 4.24
N ASN B 231 59.39 34.76 3.90
CA ASN B 231 60.73 34.27 4.32
C ASN B 231 60.82 33.93 5.81
N TYR B 232 59.71 34.10 6.54
CA TYR B 232 59.64 33.78 7.97
C TYR B 232 60.43 34.76 8.85
N ASN B 233 60.89 35.86 8.26
CA ASN B 233 61.81 36.74 8.97
C ASN B 233 61.61 38.22 8.64
N GLN B 234 60.36 38.65 8.51
CA GLN B 234 60.07 40.03 8.11
C GLN B 234 60.72 41.02 9.07
N TRP B 235 61.29 42.08 8.52
CA TRP B 235 62.17 42.98 9.26
C TRP B 235 61.48 43.67 10.43
N ASP B 236 60.20 43.98 10.28
CA ASP B 236 59.42 44.62 11.33
C ASP B 236 59.13 43.70 12.53
N LEU B 237 59.47 42.43 12.40
CA LEU B 237 59.36 41.49 13.51
C LEU B 237 60.66 41.33 14.30
N ARG B 238 61.68 42.11 13.96
CA ARG B 238 62.96 42.04 14.68
C ARG B 238 62.86 42.50 16.15
N PRO B 239 63.74 41.95 17.01
CA PRO B 239 63.80 42.42 18.39
C PRO B 239 64.38 43.83 18.45
N PRO B 240 64.10 44.57 19.54
CA PRO B 240 64.67 45.90 19.68
C PRO B 240 66.20 45.88 19.47
N HIS B 241 66.67 46.83 18.65
CA HIS B 241 68.09 47.06 18.37
C HIS B 241 68.83 45.87 17.76
N HIS B 242 68.11 45.02 17.04
CA HIS B 242 68.73 43.91 16.34
C HIS B 242 69.62 44.40 15.20
N ASP B 243 70.87 43.97 15.21
CA ASP B 243 71.79 44.26 14.12
C ASP B 243 71.95 43.06 13.21
N GLY B 244 72.29 43.33 11.96
CA GLY B 244 72.55 42.27 11.00
C GLY B 244 71.28 41.59 10.52
N ALA B 245 71.47 40.61 9.65
CA ALA B 245 70.38 39.80 9.15
C ALA B 245 69.49 39.29 10.27
N LEU B 246 68.17 39.37 10.06
CA LEU B 246 67.23 38.69 10.92
C LEU B 246 66.96 37.30 10.34
N ASN B 247 67.35 36.27 11.10
CA ASN B 247 67.11 34.89 10.72
C ASN B 247 65.76 34.40 11.24
N PRO B 248 65.10 33.51 10.49
CA PRO B 248 63.87 32.95 11.04
C PRO B 248 64.23 32.32 12.37
N ASP B 249 63.40 32.50 13.40
CA ASP B 249 63.78 32.00 14.71
C ASP B 249 62.60 32.01 15.66
N TYR B 250 62.83 31.52 16.88
CA TYR B 250 61.73 31.13 17.77
C TYR B 250 60.78 32.25 18.20
N TYR B 251 61.28 33.48 18.20
CA TYR B 251 60.54 34.63 18.74
C TYR B 251 59.78 35.36 17.66
N ILE B 252 59.72 34.78 16.46
CA ILE B 252 59.05 35.39 15.33
C ILE B 252 57.74 34.64 15.05
N PRO B 253 56.62 35.36 14.98
CA PRO B 253 55.36 34.68 14.69
C PRO B 253 55.35 34.17 13.24
N MET B 254 54.47 33.23 12.95
CA MET B 254 54.29 32.71 11.59
C MET B 254 52.85 32.94 11.08
N TYR B 255 52.35 32.06 10.23
CA TYR B 255 51.00 32.24 9.65
C TYR B 255 49.88 31.51 10.38
N TYR B 256 50.24 30.59 11.26
CA TYR B 256 49.26 29.74 11.94
C TYR B 256 49.30 30.02 13.43
N ALA B 257 48.14 30.14 14.05
CA ALA B 257 48.08 30.38 15.49
C ALA B 257 47.87 29.06 16.20
N ALA B 258 48.89 28.64 16.95
CA ALA B 258 48.87 27.36 17.65
C ALA B 258 49.40 27.53 19.08
N PRO B 259 48.54 27.99 19.99
CA PRO B 259 48.87 28.09 21.40
C PRO B 259 48.73 26.72 22.06
N TRP B 260 49.64 25.82 21.70
CA TRP B 260 49.51 24.40 21.97
C TRP B 260 50.90 23.79 22.14
N LEU B 261 51.11 23.09 23.25
CA LEU B 261 52.37 22.43 23.52
C LEU B 261 52.10 21.02 24.00
N ILE B 262 52.92 20.07 23.58
CA ILE B 262 52.89 18.79 24.20
C ILE B 262 54.18 18.69 25.01
N VAL B 263 54.04 18.47 26.32
CA VAL B 263 55.16 18.24 27.20
C VAL B 263 55.45 16.74 27.24
N ASN B 264 56.72 16.37 27.13
CA ASN B 264 57.11 14.97 27.18
C ASN B 264 58.22 14.86 28.21
N GLY B 265 58.03 13.99 29.20
CA GLY B 265 59.02 13.83 30.27
C GLY B 265 59.36 12.38 30.55
N CYS B 266 60.53 12.14 31.13
CA CYS B 266 61.05 10.78 31.31
C CYS B 266 60.94 10.00 30.01
N ALA B 267 61.36 10.63 28.91
CA ALA B 267 61.17 10.04 27.58
C ALA B 267 61.98 8.76 27.43
N GLY B 268 61.38 7.75 26.77
CA GLY B 268 62.07 6.50 26.48
C GLY B 268 62.07 5.49 27.60
N THR B 269 61.56 5.88 28.76
CA THR B 269 61.48 4.96 29.90
C THR B 269 60.03 4.52 30.11
N SER B 270 59.86 3.58 31.04
CA SER B 270 58.55 3.06 31.40
C SER B 270 57.71 4.09 32.14
N GLU B 271 58.35 5.11 32.72
CA GLU B 271 57.62 6.16 33.43
C GLU B 271 57.37 7.42 32.58
N GLN B 272 57.62 7.32 31.28
CA GLN B 272 57.35 8.43 30.36
C GLN B 272 55.96 9.01 30.56
N TYR B 273 55.84 10.33 30.47
CA TYR B 273 54.54 10.97 30.54
C TYR B 273 54.42 12.08 29.49
N SER B 274 53.21 12.28 28.98
CA SER B 274 52.96 13.29 27.97
C SER B 274 51.64 13.96 28.25
N TYR B 275 51.60 15.27 28.09
CA TYR B 275 50.32 15.99 28.10
C TYR B 275 50.32 17.21 27.20
N GLY B 276 49.14 17.54 26.69
CA GLY B 276 48.97 18.69 25.85
C GLY B 276 48.46 19.85 26.67
N TRP B 277 48.82 21.05 26.26
CA TRP B 277 48.48 22.26 26.96
C TRP B 277 47.96 23.24 25.91
N PHE B 278 46.66 23.53 25.96
CA PHE B 278 46.03 24.37 24.95
C PHE B 278 45.42 25.59 25.61
N MET B 279 45.96 26.77 25.31
CA MET B 279 45.27 27.98 25.73
C MET B 279 44.40 28.40 24.55
N ASP B 280 43.09 28.19 24.69
CA ASP B 280 42.15 28.51 23.65
C ASP B 280 41.89 30.00 23.63
N ASN B 281 42.67 30.71 22.82
CA ASN B 281 42.60 32.14 22.76
C ASN B 281 43.05 32.59 21.39
N VAL B 282 42.38 33.58 20.82
CA VAL B 282 42.64 34.01 19.44
C VAL B 282 43.10 35.47 19.35
N SER B 283 43.32 36.10 20.50
CA SER B 283 44.05 37.34 20.50
C SER B 283 45.53 36.90 20.47
N GLN B 284 46.46 37.85 20.43
CA GLN B 284 47.89 37.47 20.42
C GLN B 284 48.19 36.63 21.67
N SER B 285 48.79 35.46 21.50
CA SER B 285 49.12 34.60 22.64
C SER B 285 50.63 34.30 22.67
N TYR B 286 51.07 33.66 23.75
CA TYR B 286 52.48 33.45 24.05
C TYR B 286 52.66 32.07 24.62
N MET B 287 53.83 31.47 24.37
CA MET B 287 54.21 30.20 24.96
C MET B 287 55.70 30.30 25.32
N ASN B 288 55.98 30.41 26.61
CA ASN B 288 57.34 30.48 27.09
C ASN B 288 57.71 29.17 27.79
N THR B 289 58.69 28.46 27.25
CA THR B 289 59.04 27.15 27.78
C THR B 289 60.36 27.21 28.55
N GLY B 290 60.56 28.33 29.23
CA GLY B 290 61.72 28.50 30.12
C GLY B 290 62.79 29.41 29.55
N ASP B 291 62.39 30.48 28.88
CA ASP B 291 63.34 31.39 28.25
C ASP B 291 63.64 32.58 29.14
N THR B 292 64.91 32.79 29.49
CA THR B 292 65.29 33.96 30.27
C THR B 292 65.56 35.18 29.40
N THR B 293 65.70 34.96 28.09
CA THR B 293 66.01 36.02 27.15
C THR B 293 65.00 37.17 27.27
N TRP B 294 65.51 38.40 27.26
CA TRP B 294 64.71 39.62 27.45
C TRP B 294 63.96 39.64 28.78
N ASN B 295 64.39 38.80 29.71
CA ASN B 295 63.66 38.60 30.96
C ASN B 295 62.21 38.14 30.74
N SER B 296 61.98 37.42 29.66
CA SER B 296 60.62 37.03 29.30
C SER B 296 60.08 35.93 30.20
N GLY B 297 60.97 35.09 30.73
CA GLY B 297 60.56 33.99 31.58
C GLY B 297 61.69 33.54 32.49
N GLN B 298 61.56 32.31 32.99
CA GLN B 298 62.54 31.72 33.89
C GLN B 298 62.69 30.27 33.52
N GLU B 299 63.91 29.77 33.66
CA GLU B 299 64.25 28.42 33.23
C GLU B 299 63.37 27.31 33.83
N ASP B 300 62.93 27.49 35.07
CA ASP B 300 62.18 26.46 35.77
C ASP B 300 60.67 26.68 35.75
N LEU B 301 60.23 27.61 34.92
CA LEU B 301 58.80 27.87 34.77
C LEU B 301 58.45 27.83 33.28
N ALA B 302 57.18 27.54 32.99
CA ALA B 302 56.66 27.62 31.63
C ALA B 302 55.29 28.27 31.69
N TYR B 303 54.99 29.16 30.75
CA TYR B 303 53.68 29.78 30.74
C TYR B 303 53.06 29.91 29.35
N MET B 304 51.76 30.11 29.33
CA MET B 304 51.06 30.57 28.15
C MET B 304 50.32 31.83 28.56
N GLY B 305 50.10 32.74 27.61
CA GLY B 305 49.46 33.99 27.93
C GLY B 305 48.83 34.60 26.70
N ALA B 306 48.09 35.69 26.88
CA ALA B 306 47.52 36.40 25.75
C ALA B 306 47.32 37.87 26.09
N GLN B 307 47.34 38.72 25.07
CA GLN B 307 47.08 40.13 25.23
C GLN B 307 45.66 40.37 25.77
N TYR B 308 44.74 39.46 25.48
CA TYR B 308 43.33 39.67 25.85
C TYR B 308 42.66 38.40 26.38
N GLY B 309 41.62 38.59 27.18
CA GLY B 309 40.79 37.47 27.65
C GLY B 309 39.83 37.01 26.56
N PRO B 310 39.04 35.98 26.85
CA PRO B 310 38.91 35.34 28.16
C PRO B 310 39.97 34.27 28.38
N PHE B 311 39.88 33.60 29.52
CA PHE B 311 40.84 32.58 29.92
C PHE B 311 40.15 31.24 29.77
N ASP B 312 40.71 30.38 28.94
CA ASP B 312 40.12 29.10 28.68
C ASP B 312 41.20 28.15 28.25
N GLN B 313 41.44 27.11 29.03
CA GLN B 313 42.66 26.36 28.90
C GLN B 313 42.41 24.88 29.11
N HIS B 314 42.99 24.05 28.25
CA HIS B 314 42.83 22.61 28.34
C HIS B 314 44.13 21.90 28.69
N PHE B 315 44.00 20.88 29.53
CA PHE B 315 45.05 19.95 29.86
C PHE B 315 44.61 18.64 29.22
N VAL B 316 45.45 18.08 28.36
CA VAL B 316 45.09 16.89 27.58
C VAL B 316 46.11 15.78 27.75
N TYR B 317 45.89 14.88 28.71
CA TYR B 317 46.83 13.80 28.96
C TYR B 317 46.77 12.68 27.92
N GLY B 318 45.58 12.42 27.39
CA GLY B 318 45.41 11.38 26.40
C GLY B 318 45.15 10.03 27.04
N ALA B 319 44.60 9.11 26.24
CA ALA B 319 44.20 7.80 26.74
C ALA B 319 45.39 6.84 26.80
N GLY B 320 46.00 6.56 25.66
CA GLY B 320 47.15 5.68 25.62
C GLY B 320 48.39 6.38 26.13
N GLY B 321 49.51 5.66 26.18
CA GLY B 321 50.79 6.26 26.51
C GLY B 321 51.51 6.70 25.25
N GLY B 322 52.14 7.87 25.30
CA GLY B 322 52.87 8.40 24.16
C GLY B 322 52.36 9.74 23.70
N MET B 323 53.24 10.53 23.07
CA MET B 323 52.88 11.85 22.58
C MET B 323 51.79 11.84 21.51
N GLU B 324 51.71 10.76 20.75
CA GLU B 324 50.72 10.63 19.69
C GLU B 324 49.31 10.57 20.27
N VAL B 326 48.30 12.10 22.80
CA VAL B 326 47.93 13.46 23.17
C VAL B 326 47.26 14.15 21.98
N VAL B 327 47.86 14.00 20.79
CA VAL B 327 47.32 14.59 19.56
C VAL B 327 45.94 14.02 19.26
N THR B 328 45.84 12.71 19.41
CA THR B 328 44.62 11.98 19.18
C THR B 328 43.47 12.46 20.09
N ALA B 329 43.78 12.66 21.37
CA ALA B 329 42.79 13.12 22.35
C ALA B 329 42.40 14.58 22.10
N PHE B 330 43.39 15.39 21.75
CA PHE B 330 43.14 16.77 21.38
C PHE B 330 42.21 16.86 20.17
N SER B 331 42.41 16.00 19.18
CA SER B 331 41.57 15.99 17.99
C SER B 331 40.13 15.59 18.30
N LEU B 332 39.95 14.72 19.30
CA LEU B 332 38.62 14.32 19.77
C LEU B 332 37.86 15.52 20.33
N LEU B 333 38.55 16.33 21.13
CA LEU B 333 37.93 17.50 21.72
C LEU B 333 37.47 18.47 20.64
N GLN B 334 38.16 18.43 19.50
CA GLN B 334 37.82 19.25 18.34
C GLN B 334 36.93 18.51 17.34
N GLY B 335 36.61 17.26 17.66
CA GLY B 335 35.93 16.37 16.72
C GLY B 335 34.52 16.76 16.34
N LYS B 336 33.95 16.04 15.38
CA LYS B 336 32.65 16.39 14.81
C LYS B 336 31.67 15.24 14.95
N GLU B 337 31.92 14.40 15.95
CA GLU B 337 31.05 13.28 16.26
C GLU B 337 29.65 13.76 16.61
N PHE B 338 29.55 14.97 17.15
CA PHE B 338 28.24 15.57 17.49
C PHE B 338 27.39 15.87 16.26
N GLU B 339 28.02 15.85 15.09
CA GLU B 339 27.30 16.03 13.82
C GLU B 339 27.04 14.70 13.13
N ASN B 340 27.48 13.61 13.75
CA ASN B 340 27.33 12.27 13.20
C ASN B 340 28.07 12.03 11.88
N GLN B 341 29.21 12.69 11.71
CA GLN B 341 30.05 12.48 10.54
C GLN B 341 30.43 11.02 10.45
N VAL B 342 30.14 10.38 9.33
CA VAL B 342 30.49 8.97 9.17
C VAL B 342 31.95 8.82 8.81
N LEU B 343 32.54 9.87 8.23
CA LEU B 343 33.95 9.84 7.84
C LEU B 343 34.79 10.97 8.45
N ASN B 344 34.35 12.21 8.25
CA ASN B 344 35.12 13.39 8.66
C ASN B 344 35.02 13.76 10.14
N LYS B 345 35.34 12.82 11.01
CA LYS B 345 35.23 13.04 12.44
C LYS B 345 36.24 14.06 12.98
N ARG B 346 37.52 13.90 12.63
CA ARG B 346 38.60 14.68 13.23
C ARG B 346 39.26 15.67 12.26
N SER B 347 38.91 15.55 10.98
CA SER B 347 39.32 16.49 9.92
C SER B 347 38.56 16.11 8.66
N VAL B 348 38.60 16.97 7.64
CA VAL B 348 37.93 16.65 6.37
C VAL B 348 38.86 15.93 5.41
N MET B 349 38.37 14.87 4.79
CA MET B 349 39.12 14.15 3.77
C MET B 349 39.23 14.98 2.49
N PRO B 350 40.43 14.99 1.89
CA PRO B 350 40.63 15.63 0.61
C PRO B 350 40.28 14.66 -0.51
N PRO B 351 40.08 15.18 -1.74
CA PRO B 351 40.08 14.29 -2.90
C PRO B 351 41.47 13.65 -3.00
N LYS B 352 41.58 12.51 -3.67
CA LYS B 352 42.85 11.78 -3.76
C LYS B 352 43.95 12.58 -4.48
N TYR B 353 43.55 13.38 -5.46
CA TYR B 353 44.49 14.19 -6.24
C TYR B 353 45.32 15.19 -5.41
N VAL B 354 44.86 15.49 -4.19
CA VAL B 354 45.59 16.44 -3.35
C VAL B 354 46.98 15.92 -3.00
N PHE B 355 47.15 14.60 -3.09
CA PHE B 355 48.42 13.97 -2.80
C PHE B 355 49.30 13.84 -4.03
N GLY B 356 48.89 14.43 -5.14
CA GLY B 356 49.71 14.43 -6.35
C GLY B 356 50.77 15.51 -6.31
N PHE B 357 51.63 15.55 -7.33
CA PHE B 357 52.67 16.56 -7.40
C PHE B 357 52.20 17.75 -8.23
N PHE B 358 52.15 18.93 -7.60
CA PHE B 358 51.70 20.14 -8.24
C PHE B 358 52.84 21.11 -8.52
N GLN B 359 52.70 21.89 -9.59
CA GLN B 359 53.63 22.96 -9.91
C GLN B 359 52.88 24.28 -10.00
N GLY B 360 53.36 25.29 -9.29
CA GLY B 360 52.85 26.63 -9.42
C GLY B 360 53.96 27.59 -9.78
N VAL B 361 53.62 28.64 -10.50
CA VAL B 361 54.61 29.63 -10.88
C VAL B 361 53.99 31.02 -10.67
N PHE B 362 54.54 31.80 -9.75
CA PHE B 362 54.17 33.22 -9.65
C PHE B 362 54.99 33.93 -10.70
N GLY B 363 54.35 34.29 -11.80
CA GLY B 363 55.04 34.85 -12.95
C GLY B 363 54.76 34.13 -14.27
N THR B 364 53.51 33.71 -14.49
CA THR B 364 53.09 33.14 -15.77
C THR B 364 52.26 34.14 -16.55
N SER B 365 52.50 34.18 -17.87
CA SER B 365 51.97 35.25 -18.71
C SER B 365 50.71 34.87 -19.47
N SER B 366 50.48 33.57 -19.62
CA SER B 366 49.36 33.09 -20.42
C SER B 366 49.16 31.59 -20.25
N LEU B 367 48.06 31.11 -20.81
CA LEU B 367 47.78 29.69 -20.91
C LEU B 367 48.65 29.09 -22.01
N LEU B 368 48.41 29.52 -23.25
CA LEU B 368 49.12 28.98 -24.40
C LEU B 368 50.28 29.86 -24.84
N ARG B 369 51.31 29.21 -25.40
CA ARG B 369 52.38 29.91 -26.07
C ARG B 369 51.87 30.88 -27.12
N ALA B 370 50.85 30.44 -27.86
CA ALA B 370 50.34 31.20 -29.00
C ALA B 370 49.73 32.54 -28.56
N HIS B 371 49.38 32.67 -27.29
CA HIS B 371 48.83 33.94 -26.79
C HIS B 371 49.66 34.54 -25.64
N MET B 372 50.91 34.09 -25.52
CA MET B 372 51.81 34.60 -24.50
C MET B 372 52.44 35.90 -24.96
N PRO B 373 52.23 36.99 -24.20
CA PRO B 373 52.88 38.26 -24.53
C PRO B 373 54.39 38.11 -24.45
N ALA B 374 55.08 38.88 -25.30
CA ALA B 374 56.53 38.88 -25.33
C ALA B 374 57.07 39.57 -24.08
N GLY B 375 58.25 39.15 -23.64
CA GLY B 375 58.85 39.71 -22.43
C GLY B 375 59.90 38.76 -21.93
N GLU B 376 60.97 39.32 -21.35
CA GLU B 376 62.11 38.52 -20.94
C GLU B 376 61.75 37.49 -19.88
N ASN B 377 62.08 36.24 -20.19
CA ASN B 377 61.83 35.07 -19.35
C ASN B 377 60.36 34.68 -19.17
N ASN B 378 59.47 35.29 -19.96
CA ASN B 378 58.05 34.94 -19.95
C ASN B 378 57.78 33.48 -20.24
N ILE B 379 56.80 32.91 -19.53
CA ILE B 379 56.41 31.52 -19.71
C ILE B 379 54.89 31.33 -19.69
N SER B 380 54.42 30.37 -20.48
CA SER B 380 53.03 29.97 -20.50
C SER B 380 52.83 28.70 -19.68
N VAL B 381 51.58 28.51 -19.24
CA VAL B 381 51.15 27.27 -18.61
C VAL B 381 51.52 26.08 -19.49
N GLU B 382 51.30 26.26 -20.78
CA GLU B 382 51.56 25.23 -21.79
C GLU B 382 52.98 24.69 -21.76
N GLU B 383 53.99 25.56 -21.77
CA GLU B 383 55.38 25.11 -21.72
C GLU B 383 55.71 24.33 -20.44
N ILE B 384 55.07 24.73 -19.33
CA ILE B 384 55.28 24.07 -18.04
C ILE B 384 54.73 22.66 -18.09
N VAL B 385 53.51 22.54 -18.61
CA VAL B 385 52.86 21.24 -18.77
C VAL B 385 53.64 20.36 -19.76
N GLU B 386 54.10 20.96 -20.85
CA GLU B 386 54.91 20.24 -21.82
C GLU B 386 56.20 19.70 -21.22
N GLY B 387 56.88 20.51 -20.41
CA GLY B 387 58.13 20.06 -19.79
C GLY B 387 57.90 18.83 -18.93
N TYR B 388 56.84 18.83 -18.13
CA TYR B 388 56.56 17.69 -17.27
C TYR B 388 56.11 16.43 -18.02
N GLN B 389 55.17 16.59 -18.95
CA GLN B 389 54.64 15.45 -19.70
C GLN B 389 55.62 14.89 -20.74
N ASN B 390 56.25 15.77 -21.52
CA ASN B 390 57.26 15.32 -22.49
C ASN B 390 58.38 14.58 -21.81
N ASN B 391 58.67 14.96 -20.56
CA ASN B 391 59.75 14.33 -19.82
C ASN B 391 59.27 13.24 -18.85
N ASN B 392 58.01 12.82 -19.02
CA ASN B 392 57.49 11.65 -18.31
C ASN B 392 57.49 11.78 -16.78
N PHE B 393 57.18 12.96 -16.27
CA PHE B 393 56.97 13.12 -14.83
C PHE B 393 55.55 12.76 -14.47
N PRO B 394 55.37 12.04 -13.35
CA PRO B 394 54.03 12.02 -12.78
C PRO B 394 53.75 13.45 -12.37
N PHE B 395 52.63 14.00 -12.83
CA PHE B 395 52.37 15.43 -12.70
C PHE B 395 50.86 15.61 -12.57
N GLU B 396 50.46 16.23 -11.47
CA GLU B 396 49.05 16.25 -11.11
C GLU B 396 48.36 17.43 -11.71
N GLY B 397 49.07 18.55 -11.80
CA GLY B 397 48.48 19.78 -12.29
C GLY B 397 49.11 21.04 -11.74
N LEU B 398 48.36 22.13 -11.81
CA LEU B 398 48.90 23.46 -11.66
C LEU B 398 48.35 24.26 -10.48
N ALA B 399 49.19 25.12 -9.94
CA ALA B 399 48.76 26.13 -9.01
C ALA B 399 48.80 27.44 -9.78
N VAL B 400 47.64 27.92 -10.20
CA VAL B 400 47.54 29.12 -11.02
C VAL B 400 47.43 30.33 -10.09
N ASP B 401 48.38 31.25 -10.18
CA ASP B 401 48.51 32.31 -9.18
C ASP B 401 47.63 33.53 -9.54
N VAL B 402 47.76 34.61 -8.76
CA VAL B 402 46.92 35.80 -8.91
C VAL B 402 47.15 36.50 -10.23
N ASP B 403 48.29 36.23 -10.84
CA ASP B 403 48.58 36.76 -12.15
C ASP B 403 47.71 36.22 -13.29
N MET B 404 46.81 35.29 -12.97
CA MET B 404 45.76 34.87 -13.90
C MET B 404 44.59 35.84 -13.88
N GLN B 405 44.34 36.44 -12.73
CA GLN B 405 43.18 37.31 -12.55
C GLN B 405 43.33 38.59 -13.32
N ASP B 406 42.20 39.23 -13.61
CA ASP B 406 42.23 40.54 -14.25
C ASP B 406 42.63 41.62 -13.23
N ASN B 407 43.91 41.99 -13.28
CA ASN B 407 44.47 43.04 -12.42
C ASN B 407 44.09 42.92 -10.95
N LEU B 408 44.36 41.75 -10.37
CA LEU B 408 44.20 41.48 -8.93
C LEU B 408 42.76 41.46 -8.43
N ARG B 409 41.81 41.25 -9.34
CA ARG B 409 40.40 41.10 -8.96
C ARG B 409 40.12 39.63 -8.72
N VAL B 410 39.99 39.24 -7.46
CA VAL B 410 39.78 37.84 -7.14
C VAL B 410 38.48 37.34 -7.78
N PHE B 411 38.51 36.09 -8.24
CA PHE B 411 37.37 35.43 -8.90
C PHE B 411 37.24 35.70 -10.40
N THR B 412 38.15 36.51 -10.94
CA THR B 412 38.15 36.79 -12.38
C THR B 412 39.32 36.11 -13.08
N THR B 413 39.30 36.16 -14.41
CA THR B 413 40.41 35.73 -15.25
C THR B 413 40.58 36.75 -16.38
N LYS B 414 41.75 36.81 -16.99
CA LYS B 414 41.92 37.56 -18.24
C LYS B 414 42.06 36.64 -19.47
N GLY B 415 41.90 37.23 -20.64
CA GLY B 415 41.85 36.50 -21.91
C GLY B 415 43.02 35.56 -22.15
N GLU B 416 44.21 36.02 -21.76
CA GLU B 416 45.48 35.31 -21.99
C GLU B 416 45.47 33.90 -21.43
N PHE B 417 44.55 33.63 -20.51
CA PHE B 417 44.50 32.34 -19.84
C PHE B 417 43.33 31.50 -20.36
N TRP B 418 42.93 31.78 -21.61
CA TRP B 418 41.92 31.01 -22.34
C TRP B 418 42.47 30.68 -23.72
N THR B 419 42.07 29.53 -24.27
CA THR B 419 42.64 29.04 -25.52
C THR B 419 42.33 29.95 -26.71
N ALA B 420 41.18 30.61 -26.69
CA ALA B 420 40.82 31.54 -27.77
C ALA B 420 41.27 32.98 -27.45
N ASN B 421 42.02 33.13 -26.36
CA ASN B 421 42.53 34.43 -25.93
C ASN B 421 41.44 35.43 -25.56
N ARG B 422 40.29 34.93 -25.11
CA ARG B 422 39.23 35.79 -24.61
C ARG B 422 38.44 35.03 -23.56
N VAL B 423 37.81 35.77 -22.64
CA VAL B 423 37.14 35.16 -21.49
C VAL B 423 35.78 34.58 -21.85
N GLY B 424 35.59 33.29 -21.58
CA GLY B 424 34.30 32.64 -21.84
C GLY B 424 33.57 32.38 -20.55
N THR B 425 32.41 31.73 -20.62
CA THR B 425 31.65 31.44 -19.41
C THR B 425 31.73 29.97 -19.04
N GLY B 426 32.48 29.21 -19.84
CA GLY B 426 32.70 27.81 -19.55
C GLY B 426 31.91 26.87 -20.44
N GLY B 427 32.41 25.66 -20.62
CA GLY B 427 31.73 24.63 -21.39
C GLY B 427 31.75 24.85 -22.89
N ASP B 428 32.57 25.79 -23.34
CA ASP B 428 32.77 26.04 -24.77
C ASP B 428 33.98 25.27 -25.29
N PRO B 429 33.74 24.23 -26.12
CA PRO B 429 34.87 23.42 -26.61
C PRO B 429 35.87 24.21 -27.49
N ASN B 430 35.41 25.28 -28.12
CA ASN B 430 36.28 26.13 -28.96
C ASN B 430 36.93 27.31 -28.22
N ASN B 431 36.67 27.39 -26.91
CA ASN B 431 37.39 28.32 -26.05
C ASN B 431 37.50 27.79 -24.61
N ARG B 432 38.51 26.97 -24.34
CA ARG B 432 38.68 26.41 -23.00
C ARG B 432 39.47 27.34 -22.09
N SER B 433 39.10 27.36 -20.81
CA SER B 433 39.87 28.10 -19.82
C SER B 433 41.11 27.29 -19.49
N VAL B 434 42.05 27.92 -18.79
CA VAL B 434 43.21 27.19 -18.30
C VAL B 434 42.77 25.91 -17.56
N PHE B 435 41.68 25.98 -16.81
CA PHE B 435 41.23 24.81 -16.03
C PHE B 435 40.64 23.68 -16.90
N GLU B 436 39.85 24.07 -17.90
CA GLU B 436 39.28 23.10 -18.83
C GLU B 436 40.34 22.44 -19.73
N TRP B 437 41.26 23.27 -20.22
CA TRP B 437 42.42 22.80 -20.97
C TRP B 437 43.26 21.83 -20.15
N ALA B 438 43.46 22.17 -18.87
CA ALA B 438 44.20 21.32 -17.95
C ALA B 438 43.51 19.96 -17.76
N HIS B 439 42.18 19.97 -17.59
CA HIS B 439 41.38 18.74 -17.54
C HIS B 439 41.71 17.80 -18.71
N ASP B 440 41.72 18.36 -19.91
CA ASP B 440 42.04 17.59 -21.13
C ASP B 440 43.48 17.11 -21.18
N LYS B 441 44.36 17.68 -20.36
CA LYS B 441 45.74 17.18 -20.24
C LYS B 441 45.87 16.15 -19.12
N GLY B 442 44.74 15.81 -18.51
CA GLY B 442 44.69 14.87 -17.39
C GLY B 442 45.05 15.50 -16.06
N LEU B 443 44.99 16.82 -15.96
CA LEU B 443 45.39 17.51 -14.73
C LEU B 443 44.20 18.10 -13.97
N VAL B 444 44.46 18.52 -12.74
CA VAL B 444 43.53 19.31 -11.96
C VAL B 444 44.27 20.54 -11.45
N CYS B 445 43.54 21.61 -11.14
CA CYS B 445 44.18 22.85 -10.72
C CYS B 445 43.59 23.46 -9.46
N GLN B 446 44.48 24.05 -8.65
CA GLN B 446 44.06 25.01 -7.62
C GLN B 446 44.40 26.41 -8.15
N THR B 447 43.74 27.43 -7.62
CA THR B 447 44.06 28.80 -8.01
C THR B 447 44.04 29.69 -6.78
N ASN B 448 44.70 30.85 -6.86
CA ASN B 448 44.85 31.71 -5.69
C ASN B 448 43.59 32.53 -5.39
N ILE B 449 42.93 32.22 -4.29
CA ILE B 449 41.81 33.05 -3.83
C ILE B 449 42.28 33.94 -2.69
N THR B 450 42.40 35.23 -2.99
CA THR B 450 42.67 36.21 -1.96
C THR B 450 41.36 36.65 -1.33
N CYS B 451 41.46 37.31 -0.18
CA CYS B 451 40.28 37.75 0.56
C CYS B 451 40.15 39.27 0.54
N PHE B 452 40.78 39.92 -0.43
CA PHE B 452 40.58 41.36 -0.63
C PHE B 452 39.89 41.65 -1.94
N LEU B 453 38.94 42.58 -1.91
CA LEU B 453 38.17 42.92 -3.10
C LEU B 453 38.64 44.26 -3.63
N ARG B 454 39.30 44.26 -4.79
CA ARG B 454 39.86 45.47 -5.36
C ARG B 454 38.82 46.59 -5.44
N ASN B 455 39.17 47.76 -4.90
CA ASN B 455 38.23 48.87 -4.75
C ASN B 455 38.44 49.97 -5.80
N ASP B 456 39.68 50.20 -6.21
CA ASP B 456 39.98 51.17 -7.26
C ASP B 456 39.95 50.52 -8.64
N ASN B 457 38.76 50.44 -9.22
CA ASN B 457 38.55 49.66 -10.43
C ASN B 457 38.58 50.47 -11.73
N GLU B 458 38.98 51.73 -11.62
CA GLU B 458 39.26 52.58 -12.78
C GLU B 458 38.31 52.35 -13.95
N GLY B 459 37.04 52.66 -13.75
CA GLY B 459 36.06 52.60 -14.84
C GLY B 459 35.43 51.25 -15.11
N GLN B 460 36.17 50.18 -14.83
CA GLN B 460 35.68 48.82 -15.01
C GLN B 460 34.64 48.41 -13.98
N ASP B 461 33.64 47.65 -14.41
CA ASP B 461 32.71 47.03 -13.47
C ASP B 461 33.34 45.77 -12.89
N TYR B 462 33.39 45.69 -11.57
CA TYR B 462 33.89 44.50 -10.89
C TYR B 462 32.83 44.05 -9.91
N GLU B 463 31.96 43.16 -10.38
CA GLU B 463 30.73 42.79 -9.67
C GLU B 463 30.93 42.33 -8.22
N VAL B 464 32.01 41.61 -7.95
CA VAL B 464 32.25 41.09 -6.60
C VAL B 464 32.39 42.22 -5.58
N ASN B 465 33.09 43.29 -5.97
CA ASN B 465 33.21 44.49 -5.15
C ASN B 465 31.89 45.27 -5.10
N GLN B 466 31.18 45.32 -6.22
CA GLN B 466 29.89 46.01 -6.29
C GLN B 466 28.87 45.46 -5.29
N THR B 467 28.70 44.14 -5.27
CA THR B 467 27.71 43.53 -4.40
C THR B 467 28.14 43.54 -2.93
N LEU B 468 29.45 43.40 -2.67
CA LEU B 468 30.00 43.59 -1.33
C LEU B 468 29.55 44.94 -0.78
N ARG B 469 29.82 45.99 -1.54
CA ARG B 469 29.35 47.35 -1.21
C ARG B 469 27.85 47.43 -0.97
N GLU B 470 27.07 47.04 -1.98
CA GLU B 470 25.62 47.19 -1.99
C GLU B 470 24.94 46.57 -0.77
N ARG B 471 25.36 45.35 -0.44
CA ARG B 471 24.78 44.61 0.67
C ARG B 471 25.46 44.96 1.99
N GLN B 472 26.43 45.87 1.94
CA GLN B 472 27.19 46.32 3.12
C GLN B 472 27.74 45.14 3.91
N LEU B 473 28.56 44.32 3.26
CA LEU B 473 29.16 43.18 3.92
C LEU B 473 30.63 43.41 4.23
N TYR B 474 31.10 44.63 3.96
CA TYR B 474 32.49 45.02 4.21
C TYR B 474 32.69 45.46 5.66
N THR B 475 33.90 45.24 6.16
CA THR B 475 34.32 45.80 7.44
C THR B 475 34.29 47.32 7.36
N LYS B 476 33.69 47.95 8.37
CA LYS B 476 33.59 49.41 8.42
C LYS B 476 34.90 50.08 8.85
N ASN B 477 34.89 51.40 8.84
CA ASN B 477 36.02 52.19 9.30
C ASN B 477 35.80 52.77 10.71
N ASP B 478 35.05 52.03 11.52
CA ASP B 478 34.76 52.45 12.89
C ASP B 478 35.82 51.99 13.87
N SER B 479 35.97 52.75 14.96
CA SER B 479 36.87 52.39 16.05
C SER B 479 36.41 53.05 17.35
N LEU B 480 36.86 52.52 18.48
CA LEU B 480 36.55 53.08 19.80
C LEU B 480 37.54 54.20 20.14
N THR B 481 38.43 54.49 19.21
CA THR B 481 39.61 55.30 19.49
C THR B 481 39.71 56.51 18.56
N GLY B 482 38.78 56.60 17.60
CA GLY B 482 38.74 57.72 16.67
C GLY B 482 39.88 57.74 15.69
N THR B 483 40.43 56.56 15.42
CA THR B 483 41.57 56.42 14.51
C THR B 483 41.11 56.59 13.06
N ASP B 484 41.84 57.38 12.29
CA ASP B 484 41.50 57.61 10.89
C ASP B 484 42.27 56.66 9.97
N PHE B 485 41.63 55.57 9.56
CA PHE B 485 42.30 54.51 8.78
C PHE B 485 42.60 54.92 7.34
N GLY B 486 41.95 55.97 6.86
CA GLY B 486 42.17 56.44 5.51
C GLY B 486 40.89 56.43 4.69
N MET B 487 40.97 57.02 3.51
CA MET B 487 39.81 57.12 2.60
C MET B 487 40.25 57.45 1.16
N THR B 488 39.46 57.01 0.20
CA THR B 488 39.68 57.33 -1.21
C THR B 488 38.39 57.85 -1.83
N ASP B 489 38.49 58.43 -3.02
CA ASP B 489 37.33 58.98 -3.72
C ASP B 489 36.29 57.92 -4.06
N ASP B 490 36.72 56.66 -4.06
CA ASP B 490 35.83 55.55 -4.36
C ASP B 490 34.80 55.30 -3.26
N GLY B 491 35.19 55.49 -2.01
CA GLY B 491 34.33 55.13 -0.90
C GLY B 491 34.28 53.61 -0.77
N PRO B 492 33.28 53.07 -0.05
CA PRO B 492 32.28 53.81 0.71
C PRO B 492 32.92 54.61 1.84
N SER B 493 32.31 55.73 2.19
CA SER B 493 32.84 56.64 3.19
C SER B 493 32.87 56.02 4.59
N ASP B 494 32.09 54.96 4.79
CA ASP B 494 32.05 54.23 6.07
C ASP B 494 32.79 52.90 6.00
N ALA B 495 33.65 52.73 5.01
CA ALA B 495 34.33 51.44 4.81
C ALA B 495 35.81 51.47 5.19
N TYR B 496 36.31 50.33 5.67
CA TYR B 496 37.75 50.15 5.83
C TYR B 496 38.35 49.90 4.47
N ILE B 497 39.29 50.74 4.08
CA ILE B 497 39.98 50.58 2.81
C ILE B 497 41.46 50.37 3.06
N GLY B 498 41.91 49.14 2.81
CA GLY B 498 43.31 48.78 2.90
C GLY B 498 43.94 48.82 1.53
N HIS B 499 45.24 48.56 1.46
CA HIS B 499 45.94 48.58 0.19
C HIS B 499 46.81 47.34 0.08
N LEU B 500 46.97 46.83 -1.13
CA LEU B 500 47.90 45.75 -1.39
C LEU B 500 48.88 46.13 -2.48
N ASP B 501 50.15 45.98 -2.19
CA ASP B 501 51.20 46.39 -3.11
C ASP B 501 52.10 45.21 -3.38
N TYR B 502 51.87 44.55 -4.52
CA TYR B 502 52.71 43.43 -4.95
C TYR B 502 54.02 43.94 -5.54
N GLY B 503 54.06 45.23 -5.91
CA GLY B 503 55.29 45.87 -6.38
C GLY B 503 55.36 46.06 -7.88
N GLY B 504 55.89 47.21 -8.30
CA GLY B 504 56.04 47.50 -9.72
C GLY B 504 54.74 47.94 -10.37
N GLY B 505 53.91 48.64 -9.60
CA GLY B 505 52.65 49.16 -10.09
C GLY B 505 51.48 48.19 -9.94
N VAL B 506 51.77 46.94 -9.62
CA VAL B 506 50.70 45.96 -9.40
C VAL B 506 50.18 46.03 -7.97
N GLU B 507 49.18 46.89 -7.78
CA GLU B 507 48.68 47.20 -6.47
C GLU B 507 47.23 47.64 -6.57
N CYS B 508 46.51 47.64 -5.44
CA CYS B 508 45.13 48.07 -5.44
C CYS B 508 44.65 48.44 -4.04
N ASP B 509 43.73 49.40 -3.96
CA ASP B 509 42.96 49.60 -2.74
C ASP B 509 42.05 48.40 -2.68
N ALA B 510 41.64 47.99 -1.48
CA ALA B 510 40.71 46.89 -1.35
C ALA B 510 39.73 47.11 -0.21
N LEU B 511 38.59 46.43 -0.30
CA LEU B 511 37.70 46.27 0.83
C LEU B 511 37.79 44.82 1.31
N PHE B 512 37.27 44.55 2.50
CA PHE B 512 37.38 43.23 3.10
C PHE B 512 36.06 42.80 3.73
N PRO B 513 35.71 41.52 3.58
CA PRO B 513 34.49 41.02 4.19
C PRO B 513 34.56 41.05 5.71
N ASP B 514 33.47 41.50 6.33
CA ASP B 514 33.33 41.52 7.79
C ASP B 514 32.83 40.14 8.22
N TRP B 515 33.74 39.16 8.27
CA TRP B 515 33.37 37.75 8.40
C TRP B 515 32.42 37.40 9.56
N GLY B 516 32.48 38.16 10.65
CA GLY B 516 31.65 37.88 11.82
C GLY B 516 30.14 37.97 11.59
N ARG B 517 29.74 38.71 10.56
CA ARG B 517 28.34 38.77 10.19
C ARG B 517 27.87 37.41 9.69
N PRO B 518 26.71 36.93 10.18
CA PRO B 518 26.11 35.67 9.70
C PRO B 518 25.73 35.81 8.24
N ASP B 519 25.85 37.04 7.75
CA ASP B 519 25.42 37.47 6.43
C ASP B 519 26.46 37.16 5.35
N VAL B 520 27.74 37.31 5.70
CA VAL B 520 28.84 37.28 4.75
C VAL B 520 29.08 35.93 4.08
N ALA B 521 29.05 34.86 4.87
CA ALA B 521 29.43 33.53 4.41
C ALA B 521 28.74 33.12 3.10
N GLU B 522 27.42 33.32 3.06
CA GLU B 522 26.60 33.03 1.89
C GLU B 522 27.06 33.79 0.65
N TRP B 523 27.30 35.08 0.80
CA TRP B 523 27.72 35.91 -0.32
C TRP B 523 29.10 35.51 -0.84
N TRP B 524 29.98 35.13 0.08
CA TRP B 524 31.36 34.79 -0.24
C TRP B 524 31.43 33.49 -1.05
N GLY B 525 30.79 32.46 -0.55
CA GLY B 525 30.81 31.15 -1.18
C GLY B 525 30.20 31.15 -2.57
N ASN B 526 29.23 32.03 -2.80
CA ASN B 526 28.58 32.13 -4.10
C ASN B 526 29.54 32.58 -5.19
N ASN B 527 30.58 33.30 -4.79
CA ASN B 527 31.59 33.80 -5.71
C ASN B 527 32.40 32.70 -6.38
N TYR B 528 32.57 31.58 -5.68
CA TYR B 528 33.38 30.48 -6.17
C TYR B 528 32.77 29.83 -7.40
N LYS B 529 31.46 30.00 -7.57
CA LYS B 529 30.76 29.55 -8.77
C LYS B 529 31.40 30.07 -10.04
N LYS B 530 31.91 31.30 -10.00
CA LYS B 530 32.53 31.92 -11.17
C LYS B 530 33.83 31.20 -11.59
N LEU B 531 34.43 30.48 -10.66
CA LEU B 531 35.64 29.71 -10.99
C LEU B 531 35.31 28.25 -11.22
N PHE B 532 34.48 27.66 -10.36
CA PHE B 532 34.08 26.27 -10.53
C PHE B 532 33.39 26.02 -11.88
N SER B 533 32.62 26.99 -12.37
CA SER B 533 31.89 26.83 -13.63
C SER B 533 32.79 26.98 -14.85
N ILE B 534 34.06 27.31 -14.61
CA ILE B 534 35.04 27.29 -15.69
C ILE B 534 36.12 26.24 -15.43
N GLY B 535 35.80 25.28 -14.57
CA GLY B 535 36.60 24.07 -14.46
C GLY B 535 37.62 23.98 -13.33
N LEU B 536 37.71 25.01 -12.50
CA LEU B 536 38.62 24.99 -11.34
C LEU B 536 38.30 23.83 -10.40
N ASP B 537 39.33 23.17 -9.91
CA ASP B 537 39.11 21.99 -9.08
C ASP B 537 39.17 22.29 -7.60
N PHE B 538 40.26 22.91 -7.15
CA PHE B 538 40.33 23.27 -5.74
C PHE B 538 41.02 24.60 -5.52
N VAL B 539 41.12 25.02 -4.27
CA VAL B 539 41.54 26.38 -4.00
C VAL B 539 42.70 26.44 -3.04
N TRP B 540 43.45 27.52 -3.10
CA TRP B 540 44.29 27.85 -2.00
C TRP B 540 43.99 29.28 -1.60
N GLN B 541 43.77 29.48 -0.29
CA GLN B 541 43.48 30.80 0.27
C GLN B 541 44.78 31.50 0.63
N ASP B 542 44.96 32.70 0.10
CA ASP B 542 46.19 33.48 0.29
C ASP B 542 45.89 34.81 0.99
N MET B 543 46.95 35.43 1.52
CA MET B 543 46.89 36.75 2.11
C MET B 543 45.81 36.78 3.18
N THR B 544 45.78 35.74 4.02
CA THR B 544 44.63 35.49 4.90
C THR B 544 44.66 36.19 6.28
N VAL B 545 45.65 37.03 6.53
CA VAL B 545 45.76 37.70 7.84
C VAL B 545 44.51 38.52 8.26
N PRO B 546 43.92 39.33 7.36
CA PRO B 546 44.22 39.56 5.95
C PRO B 546 45.46 40.42 5.74
N ALA B 547 46.39 39.91 4.94
CA ALA B 547 47.62 40.62 4.62
C ALA B 547 47.28 41.96 3.99
N MET B 548 47.98 43.01 4.44
CA MET B 548 47.82 44.33 3.84
C MET B 548 49.21 44.93 3.72
N MET B 549 49.36 45.90 2.83
CA MET B 549 50.59 46.67 2.73
C MET B 549 50.77 47.35 4.07
N PRO B 550 52.01 47.34 4.60
CA PRO B 550 52.32 48.09 5.82
C PRO B 550 51.88 49.55 5.70
N HIS B 551 51.30 50.10 6.76
CA HIS B 551 50.69 51.43 6.68
C HIS B 551 50.68 52.14 8.04
N LYS B 552 51.02 53.43 8.00
CA LYS B 552 51.00 54.29 9.18
C LYS B 552 49.81 55.24 9.09
N ILE B 553 49.05 55.35 10.19
CA ILE B 553 47.89 56.23 10.26
C ILE B 553 48.25 57.66 9.84
N GLY B 554 47.41 58.24 8.99
CA GLY B 554 47.62 59.62 8.57
C GLY B 554 48.32 59.73 7.23
N ASP B 555 49.01 58.67 6.82
CA ASP B 555 49.60 58.63 5.48
C ASP B 555 48.53 58.24 4.49
N ASP B 556 48.79 58.48 3.21
CA ASP B 556 47.88 58.03 2.18
C ASP B 556 47.79 56.51 2.20
N ILE B 557 46.63 56.00 1.84
CA ILE B 557 46.35 54.57 1.82
C ILE B 557 47.39 53.79 0.98
N ASN B 558 47.88 54.42 -0.09
CA ASN B 558 48.85 53.79 -0.98
C ASN B 558 50.31 54.03 -0.62
N VAL B 559 50.56 54.61 0.55
CA VAL B 559 51.91 54.97 0.98
C VAL B 559 52.42 54.03 2.08
N LYS B 560 53.61 53.46 1.86
CA LYS B 560 54.25 52.59 2.86
C LYS B 560 55.17 53.41 3.74
N PRO B 561 55.30 53.03 5.04
CA PRO B 561 56.33 53.65 5.85
C PRO B 561 57.71 53.16 5.43
N ASP B 562 58.77 53.77 5.96
CA ASP B 562 60.12 53.28 5.75
C ASP B 562 60.16 51.85 6.30
N GLY B 563 60.90 50.97 5.62
CA GLY B 563 61.00 49.58 6.04
C GLY B 563 61.49 49.40 7.46
N ASN B 564 62.20 50.42 7.96
CA ASN B 564 62.76 50.40 9.30
C ASN B 564 61.78 50.81 10.39
N TRP B 565 60.65 51.39 9.98
CA TRP B 565 59.65 51.86 10.93
C TRP B 565 58.46 50.90 10.94
N PRO B 566 57.95 50.57 12.14
CA PRO B 566 58.37 51.08 13.45
C PRO B 566 59.59 50.37 14.03
N ASN B 567 60.12 50.91 15.13
CA ASN B 567 61.23 50.28 15.85
C ASN B 567 61.24 50.77 17.30
N ALA B 568 62.18 50.27 18.10
CA ALA B 568 62.24 50.60 19.53
C ALA B 568 62.33 52.10 19.79
N ASP B 569 63.18 52.80 19.04
CA ASP B 569 63.38 54.23 19.24
C ASP B 569 62.37 55.07 18.50
N ASP B 570 61.43 54.41 17.84
CA ASP B 570 60.38 55.09 17.11
C ASP B 570 59.19 54.14 17.04
N PRO B 571 58.56 53.89 18.20
CA PRO B 571 57.53 52.86 18.25
C PRO B 571 56.32 53.23 17.42
N SER B 572 55.44 52.26 17.19
CA SER B 572 54.21 52.48 16.46
C SER B 572 53.32 53.49 17.16
N ASN B 573 53.24 53.40 18.49
CA ASN B 573 52.33 54.23 19.30
C ASN B 573 50.90 54.24 18.77
N GLY B 574 50.45 53.07 18.32
CA GLY B 574 49.10 52.88 17.82
C GLY B 574 48.90 53.30 16.37
N GLN B 575 49.99 53.58 15.68
CA GLN B 575 49.92 54.10 14.30
C GLN B 575 50.18 53.06 13.21
N TYR B 576 50.70 51.89 13.57
CA TYR B 576 51.09 50.89 12.59
C TYR B 576 49.98 49.88 12.42
N ASN B 577 49.85 49.33 11.22
CA ASN B 577 48.82 48.31 10.98
C ASN B 577 49.31 46.88 11.14
N TRP B 578 50.62 46.71 11.35
CA TRP B 578 51.23 45.39 11.46
C TRP B 578 50.83 44.49 10.28
N LYS B 579 50.84 45.10 9.10
CA LYS B 579 50.62 44.44 7.82
C LYS B 579 49.28 43.73 7.72
N THR B 580 48.27 44.37 8.28
CA THR B 580 46.90 43.88 8.27
C THR B 580 45.99 45.06 8.63
N TYR B 581 44.78 44.79 9.10
CA TYR B 581 43.91 45.82 9.63
C TYR B 581 44.68 46.56 10.71
N HIS B 582 44.55 47.88 10.73
CA HIS B 582 44.94 48.63 11.91
C HIS B 582 44.13 48.05 13.06
N PRO B 583 44.80 47.62 14.14
CA PRO B 583 44.21 46.77 15.19
C PRO B 583 42.99 47.37 15.92
N GLN B 584 42.79 48.66 15.76
CA GLN B 584 41.71 49.38 16.42
C GLN B 584 40.35 49.19 15.74
N VAL B 585 40.37 48.67 14.51
CA VAL B 585 39.13 48.59 13.73
C VAL B 585 38.08 47.67 14.35
N LEU B 586 36.85 48.18 14.47
CA LEU B 586 35.75 47.38 14.99
C LEU B 586 35.22 46.36 13.98
N VAL B 587 35.42 45.08 14.28
CA VAL B 587 34.96 44.01 13.41
C VAL B 587 33.88 43.21 14.13
N THR B 588 32.92 42.68 13.38
CA THR B 588 31.86 41.89 13.95
C THR B 588 32.47 40.65 14.59
N ASP B 589 32.18 40.45 15.87
CA ASP B 589 32.81 39.41 16.65
C ASP B 589 32.73 38.05 15.98
N MET B 590 33.88 37.41 15.77
CA MET B 590 33.96 36.10 15.11
C MET B 590 34.00 34.97 16.13
N ARG B 591 34.15 35.32 17.40
CA ARG B 591 34.15 34.33 18.48
C ARG B 591 32.71 34.03 18.92
N TYR B 592 31.88 35.07 18.89
CA TYR B 592 30.52 34.97 19.41
C TYR B 592 29.53 35.54 18.39
N GLU B 593 28.82 34.65 17.70
CA GLU B 593 27.85 35.03 16.68
C GLU B 593 26.76 35.92 17.27
N ASN B 594 26.34 36.91 16.49
CA ASN B 594 25.25 37.82 16.88
C ASN B 594 25.49 38.50 18.23
N HIS B 595 26.76 38.78 18.52
CA HIS B 595 27.13 39.44 19.75
C HIS B 595 27.92 40.72 19.48
N GLY B 596 27.47 41.49 18.48
CA GLY B 596 28.03 42.81 18.20
C GLY B 596 29.47 42.83 17.73
N ARG B 597 30.14 43.97 17.91
CA ARG B 597 31.51 44.14 17.43
C ARG B 597 32.53 44.31 18.54
N GLU B 598 33.80 44.19 18.16
CA GLU B 598 34.94 44.30 19.06
C GLU B 598 36.13 44.74 18.21
N PRO B 599 37.09 45.46 18.82
CA PRO B 599 38.34 45.75 18.11
C PRO B 599 39.01 44.46 17.66
N MET B 600 39.60 44.47 16.47
CA MET B 600 40.25 43.27 15.90
C MET B 600 41.42 42.73 16.75
N VAL B 601 42.04 43.58 17.56
CA VAL B 601 43.15 43.11 18.41
C VAL B 601 42.70 41.94 19.31
N THR B 602 41.40 41.89 19.64
CA THR B 602 40.86 40.83 20.48
C THR B 602 40.83 39.46 19.82
N GLN B 603 40.95 39.43 18.48
CA GLN B 603 40.67 38.20 17.73
C GLN B 603 41.44 38.11 16.40
N ARG B 604 42.62 38.72 16.37
CA ARG B 604 43.47 38.70 15.18
C ARG B 604 43.63 37.31 14.57
N ASN B 605 43.84 36.32 15.44
CA ASN B 605 44.23 34.99 14.97
C ASN B 605 43.08 34.05 14.62
N ILE B 606 41.83 34.55 14.61
CA ILE B 606 40.70 33.73 14.18
C ILE B 606 40.22 34.10 12.78
N HIS B 607 40.91 35.06 12.15
CA HIS B 607 40.43 35.61 10.89
C HIS B 607 40.52 34.61 9.73
N ALA B 608 41.70 34.01 9.52
CA ALA B 608 41.83 33.03 8.46
C ALA B 608 41.01 31.79 8.78
N TYR B 609 40.90 31.47 10.06
CA TYR B 609 40.11 30.33 10.50
C TYR B 609 38.67 30.51 10.02
N THR B 610 38.11 31.69 10.30
CA THR B 610 36.71 31.98 10.00
C THR B 610 36.44 32.02 8.51
N LEU B 611 37.38 32.58 7.74
CA LEU B 611 37.17 32.70 6.30
C LEU B 611 37.30 31.35 5.63
N CYS B 612 38.18 30.51 6.18
CA CYS B 612 38.31 29.12 5.74
C CYS B 612 37.04 28.34 6.05
N GLU B 613 36.43 28.64 7.19
CA GLU B 613 35.17 28.02 7.57
C GLU B 613 34.09 28.35 6.53
N SER B 614 34.02 29.63 6.18
CA SER B 614 33.04 30.15 5.23
C SER B 614 33.25 29.56 3.84
N THR B 615 34.51 29.51 3.41
CA THR B 615 34.86 28.93 2.13
C THR B 615 34.53 27.43 2.08
N ARG B 616 34.81 26.72 3.15
CA ARG B 616 34.52 25.29 3.24
C ARG B 616 33.01 25.01 3.11
N LYS B 617 32.20 25.67 3.92
CA LYS B 617 30.77 25.38 3.94
C LYS B 617 30.04 25.95 2.73
N GLU B 618 30.11 27.27 2.56
CA GLU B 618 29.38 27.96 1.52
C GLU B 618 30.10 27.94 0.17
N GLY B 619 31.43 27.94 0.20
CA GLY B 619 32.22 27.99 -1.02
C GLY B 619 32.37 26.66 -1.73
N ILE B 620 32.58 25.60 -0.95
CA ILE B 620 32.92 24.29 -1.48
C ILE B 620 31.79 23.25 -1.37
N VAL B 621 31.33 23.00 -0.14
CA VAL B 621 30.25 22.03 0.07
C VAL B 621 28.96 22.45 -0.66
N GLU B 622 28.52 23.69 -0.46
CA GLU B 622 27.28 24.17 -1.09
C GLU B 622 27.39 24.35 -2.62
N ASN B 623 28.58 24.12 -3.17
CA ASN B 623 28.81 24.31 -4.61
C ASN B 623 29.26 23.06 -5.34
N ALA B 624 29.05 21.90 -4.71
CA ALA B 624 29.37 20.62 -5.34
C ALA B 624 28.72 20.45 -6.73
N ASP B 625 27.54 21.03 -6.91
CA ASP B 625 26.85 20.97 -8.21
C ASP B 625 27.61 21.70 -9.31
N THR B 626 28.30 22.78 -8.95
CA THR B 626 29.05 23.56 -9.94
C THR B 626 30.41 22.94 -10.26
N LEU B 627 30.95 22.16 -9.33
CA LEU B 627 32.22 21.47 -9.57
C LEU B 627 32.09 20.50 -10.75
N THR B 628 33.12 20.50 -11.61
CA THR B 628 33.03 19.77 -12.87
C THR B 628 33.41 18.30 -12.73
N LYS B 629 34.69 18.02 -12.52
CA LYS B 629 35.20 16.65 -12.55
C LYS B 629 35.09 15.93 -11.19
N PHE B 630 35.36 16.64 -10.11
CA PHE B 630 35.30 16.07 -8.77
C PHE B 630 34.40 16.92 -7.89
N ARG B 631 33.36 16.30 -7.33
CA ARG B 631 32.46 17.01 -6.44
C ARG B 631 33.11 17.28 -5.08
N ARG B 632 34.03 16.42 -4.67
CA ARG B 632 34.86 16.72 -3.52
C ARG B 632 35.95 17.69 -3.93
N SER B 633 36.21 18.66 -3.06
CA SER B 633 37.22 19.66 -3.31
C SER B 633 38.01 19.84 -2.01
N TYR B 634 38.88 20.85 -1.97
CA TYR B 634 39.76 21.04 -0.84
C TYR B 634 40.25 22.47 -0.80
N ILE B 635 40.72 22.86 0.39
CA ILE B 635 41.27 24.18 0.62
C ILE B 635 42.69 23.97 1.10
N ILE B 636 43.63 24.71 0.52
CA ILE B 636 44.97 24.79 1.08
C ILE B 636 45.18 26.23 1.52
N SER B 637 45.28 26.42 2.83
CA SER B 637 45.29 27.76 3.41
C SER B 637 46.68 28.19 3.83
N ARG B 638 46.92 29.50 3.76
CA ARG B 638 48.15 30.05 4.25
C ARG B 638 48.02 30.32 5.74
N GLY B 639 46.81 30.59 6.19
CA GLY B 639 46.62 31.01 7.57
C GLY B 639 45.60 30.17 8.32
N GLY B 640 45.54 30.34 9.63
CA GLY B 640 44.53 29.66 10.40
C GLY B 640 44.81 29.59 11.88
N TYR B 641 43.95 28.86 12.57
CA TYR B 641 44.03 28.64 13.99
C TYR B 641 43.79 27.13 14.20
N ILE B 642 44.21 26.61 15.36
CA ILE B 642 43.83 25.26 15.78
C ILE B 642 42.37 24.97 15.40
N GLY B 643 42.13 23.90 14.63
CA GLY B 643 40.78 23.54 14.19
C GLY B 643 40.63 23.63 12.67
N ASN B 644 41.65 24.21 12.02
CA ASN B 644 41.64 24.44 10.57
C ASN B 644 41.59 23.17 9.74
N GLN B 645 41.94 22.04 10.35
CA GLN B 645 41.94 20.76 9.66
C GLN B 645 40.52 20.34 9.24
N HIS B 646 39.50 20.95 9.83
CA HIS B 646 38.10 20.68 9.44
C HIS B 646 37.70 21.45 8.20
N PHE B 647 38.53 22.40 7.79
CA PHE B 647 38.30 23.12 6.55
C PHE B 647 39.22 22.64 5.44
N GLY B 648 40.39 22.13 5.79
CA GLY B 648 41.32 21.65 4.79
C GLY B 648 42.75 21.61 5.29
N GLY B 649 43.69 21.81 4.39
CA GLY B 649 45.11 21.78 4.74
C GLY B 649 45.78 23.14 4.67
N MET B 650 47.11 23.12 4.66
CA MET B 650 47.93 24.31 4.77
C MET B 650 49.21 24.14 3.97
N TRP B 651 49.76 25.24 3.49
CA TRP B 651 51.14 25.27 3.02
C TRP B 651 51.82 26.41 3.78
N VAL B 652 53.12 26.29 4.03
CA VAL B 652 53.78 27.25 4.91
C VAL B 652 54.27 28.50 4.15
N GLY B 653 53.33 29.21 3.55
CA GLY B 653 53.62 30.49 2.93
C GLY B 653 54.86 30.52 2.07
N ASP B 654 55.61 31.61 2.16
CA ASP B 654 56.75 31.82 1.28
C ASP B 654 58.03 31.46 2.00
N ASN B 655 58.52 30.26 1.78
CA ASN B 655 59.86 29.89 2.21
C ASN B 655 60.86 30.36 1.16
N SER B 656 62.12 29.99 1.34
CA SER B 656 63.14 30.32 0.36
C SER B 656 63.99 29.08 0.06
N THR B 657 65.05 29.28 -0.70
CA THR B 657 65.77 28.21 -1.36
C THR B 657 67.14 27.96 -0.71
N THR B 658 67.13 27.42 0.51
CA THR B 658 68.37 27.05 1.21
C THR B 658 68.17 25.74 1.98
N SER B 659 69.26 25.11 2.40
CA SER B 659 69.19 23.93 3.25
C SER B 659 68.39 24.23 4.52
N ASN B 660 68.62 25.40 5.11
CA ASN B 660 67.90 25.79 6.33
C ASN B 660 66.38 25.71 6.12
N TYR B 661 65.91 26.10 4.94
CA TYR B 661 64.48 26.01 4.66
C TYR B 661 63.98 24.58 4.46
N ILE B 662 64.83 23.66 4.02
CA ILE B 662 64.45 22.25 3.97
C ILE B 662 64.27 21.74 5.40
N GLN B 663 65.26 22.03 6.26
CA GLN B 663 65.18 21.69 7.67
C GLN B 663 63.91 22.24 8.32
N MET B 664 63.62 23.50 8.04
CA MET B 664 62.41 24.11 8.55
C MET B 664 61.16 23.42 8.03
N MET B 665 61.17 23.03 6.75
CA MET B 665 59.99 22.42 6.12
C MET B 665 59.62 21.14 6.85
N ILE B 666 60.64 20.34 7.16
CA ILE B 666 60.46 19.10 7.87
C ILE B 666 59.93 19.35 9.28
N ALA B 667 60.59 20.22 10.04
CA ALA B 667 60.17 20.53 11.41
C ALA B 667 58.75 21.07 11.44
N ASN B 668 58.46 21.97 10.52
CA ASN B 668 57.12 22.53 10.39
C ASN B 668 56.09 21.44 10.16
N ASN B 669 56.44 20.45 9.35
CA ASN B 669 55.50 19.43 8.97
C ASN B 669 55.19 18.50 10.13
N ILE B 670 56.23 18.17 10.89
CA ILE B 670 56.09 17.35 12.08
C ILE B 670 55.28 18.08 13.16
N ASN B 671 55.54 19.38 13.34
CA ASN B 671 54.91 20.14 14.41
C ASN B 671 53.48 20.53 14.08
N MET B 672 53.22 20.77 12.80
CA MET B 672 51.88 21.10 12.38
C MET B 672 51.01 19.87 12.53
N ASN B 673 51.56 18.72 12.13
CA ASN B 673 50.91 17.44 12.34
C ASN B 673 50.54 17.17 13.78
N MET B 674 51.44 17.50 14.70
CA MET B 674 51.15 17.22 16.10
C MET B 674 50.31 18.35 16.71
N SER B 675 50.09 19.40 15.93
CA SER B 675 49.15 20.43 16.31
C SER B 675 47.78 20.20 15.65
N CYS B 676 47.55 18.97 15.20
CA CYS B 676 46.30 18.57 14.55
C CYS B 676 46.01 19.19 13.18
N LEU B 677 47.06 19.64 12.48
CA LEU B 677 46.91 20.04 11.08
C LEU B 677 47.82 19.13 10.25
N PRO B 678 47.25 18.04 9.71
CA PRO B 678 48.05 16.99 9.07
C PRO B 678 48.42 17.26 7.61
N LEU B 679 47.49 17.74 6.80
CA LEU B 679 47.78 17.91 5.37
C LEU B 679 48.47 19.24 5.13
N VAL B 680 49.80 19.24 5.31
CA VAL B 680 50.58 20.45 5.27
C VAL B 680 51.83 20.20 4.44
N GLY B 681 52.40 21.27 3.90
CA GLY B 681 53.70 21.16 3.23
C GLY B 681 54.26 22.54 2.97
N SER B 682 55.44 22.59 2.36
CA SER B 682 56.11 23.85 2.04
C SER B 682 56.53 23.80 0.58
N ASP B 683 56.63 24.97 -0.04
CA ASP B 683 56.96 25.04 -1.46
C ASP B 683 58.28 24.31 -1.72
N ILE B 684 58.23 23.31 -2.58
CA ILE B 684 59.38 22.46 -2.85
C ILE B 684 60.39 23.20 -3.73
N GLY B 685 61.62 23.33 -3.24
CA GLY B 685 62.65 24.10 -3.94
C GLY B 685 62.70 25.53 -3.41
N GLY B 686 61.69 25.92 -2.62
CA GLY B 686 61.69 27.22 -1.98
C GLY B 686 61.01 28.26 -2.83
N PHE B 687 60.24 29.14 -2.22
CA PHE B 687 59.48 30.11 -3.01
C PHE B 687 60.36 31.26 -3.52
N THR B 688 61.04 31.96 -2.61
CA THR B 688 61.71 33.20 -2.97
C THR B 688 63.13 32.98 -3.46
N SER B 689 63.71 34.03 -4.07
CA SER B 689 65.12 34.06 -4.41
C SER B 689 65.98 33.86 -3.16
N TYR B 690 67.20 33.38 -3.36
CA TYR B 690 68.11 33.12 -2.26
C TYR B 690 69.47 33.74 -2.50
N ASP B 691 69.86 33.88 -3.76
CA ASP B 691 71.17 34.43 -4.12
C ASP B 691 71.21 35.94 -3.92
N ASN B 692 72.00 36.41 -2.96
CA ASN B 692 72.08 37.83 -2.61
C ASN B 692 72.77 38.68 -3.69
N GLU B 693 73.62 38.05 -4.49
CA GLU B 693 74.40 38.73 -5.52
C GLU B 693 73.71 38.71 -6.89
N ASN B 694 72.93 37.68 -7.13
CA ASN B 694 72.04 37.64 -8.30
C ASN B 694 70.77 36.88 -7.96
N GLN B 695 69.70 37.62 -7.68
CA GLN B 695 68.44 37.04 -7.26
C GLN B 695 67.87 36.02 -8.27
N ARG B 696 68.25 36.15 -9.55
CA ARG B 696 67.66 35.30 -10.59
C ARG B 696 68.20 33.88 -10.60
N THR B 697 69.29 33.63 -9.87
CA THR B 697 69.90 32.31 -9.84
C THR B 697 68.96 31.23 -9.32
N PRO B 698 68.65 30.24 -10.17
CA PRO B 698 67.75 29.15 -9.79
C PRO B 698 68.32 28.26 -8.67
N CYS B 699 67.43 27.55 -7.97
CA CYS B 699 67.82 26.51 -7.02
C CYS B 699 68.80 25.57 -7.71
N THR B 700 69.88 25.19 -7.04
CA THR B 700 70.84 24.28 -7.61
C THR B 700 70.25 22.89 -7.76
N GLY B 701 70.80 22.10 -8.68
CA GLY B 701 70.36 20.73 -8.87
C GLY B 701 70.39 19.90 -7.60
N ASP B 702 71.44 20.04 -6.81
CA ASP B 702 71.57 19.24 -5.60
C ASP B 702 70.56 19.66 -4.55
N LEU B 703 70.38 20.96 -4.37
CA LEU B 703 69.44 21.42 -3.37
C LEU B 703 68.01 21.03 -3.79
N MET B 704 67.71 21.11 -5.09
CA MET B 704 66.40 20.71 -5.58
C MET B 704 66.17 19.22 -5.30
N VAL B 705 67.19 18.41 -5.55
CA VAL B 705 67.07 16.97 -5.27
C VAL B 705 66.79 16.70 -3.79
N ARG B 706 67.56 17.33 -2.88
CA ARG B 706 67.31 17.16 -1.44
C ARG B 706 65.93 17.71 -1.04
N TYR B 707 65.54 18.82 -1.63
CA TYR B 707 64.23 19.39 -1.35
C TYR B 707 63.12 18.40 -1.72
N VAL B 708 63.19 17.87 -2.93
CA VAL B 708 62.19 16.92 -3.44
C VAL B 708 62.17 15.62 -2.63
N GLN B 709 63.35 15.10 -2.27
CA GLN B 709 63.45 13.87 -1.47
C GLN B 709 62.92 14.06 -0.04
N ALA B 710 63.15 15.22 0.54
CA ALA B 710 62.67 15.48 1.89
C ALA B 710 61.15 15.65 1.95
N GLY B 711 60.56 16.12 0.85
CA GLY B 711 59.15 16.43 0.83
C GLY B 711 58.30 15.40 0.12
N CYS B 712 58.94 14.34 -0.38
CA CYS B 712 58.24 13.40 -1.28
C CYS B 712 57.23 12.49 -0.58
N LEU B 713 57.27 12.43 0.74
CA LEU B 713 56.30 11.66 1.51
C LEU B 713 55.62 12.53 2.56
N LEU B 714 55.73 13.85 2.39
CA LEU B 714 54.99 14.79 3.22
C LEU B 714 53.63 15.05 2.57
N PRO B 715 52.60 15.35 3.37
CA PRO B 715 51.23 15.34 2.82
C PRO B 715 50.99 16.24 1.61
N TRP B 716 51.46 17.47 1.66
CA TRP B 716 51.25 18.42 0.56
C TRP B 716 52.53 18.68 -0.22
N PHE B 717 52.53 18.36 -1.52
CA PHE B 717 53.75 18.23 -2.30
C PHE B 717 53.69 19.07 -3.57
N ARG B 718 54.19 20.30 -3.51
CA ARG B 718 54.04 21.25 -4.60
C ARG B 718 55.26 22.13 -4.77
N ASN B 719 55.81 22.15 -5.98
CA ASN B 719 56.91 23.04 -6.35
C ASN B 719 56.26 24.34 -6.74
N HIS B 720 56.53 25.39 -5.99
CA HIS B 720 55.95 26.69 -6.29
C HIS B 720 57.02 27.74 -6.04
N TYR B 721 57.15 28.69 -6.97
CA TYR B 721 58.20 29.68 -6.83
C TYR B 721 57.86 31.01 -7.47
N ASP B 722 58.64 32.00 -7.07
CA ASP B 722 58.58 33.35 -7.61
C ASP B 722 59.48 33.38 -8.83
N ARG B 723 58.91 33.68 -10.00
CA ARG B 723 59.68 33.64 -11.24
C ARG B 723 59.98 35.04 -11.78
N TRP B 724 61.27 35.37 -11.89
CA TRP B 724 61.67 36.62 -12.51
C TRP B 724 61.14 36.69 -13.94
N ILE B 725 60.28 37.65 -14.20
CA ILE B 725 59.93 38.00 -15.57
C ILE B 725 60.01 39.51 -15.74
N GLU B 726 60.07 39.97 -16.97
CA GLU B 726 60.24 41.39 -17.28
C GLU B 726 59.23 42.30 -16.57
N SER B 727 57.97 41.89 -16.53
CA SER B 727 56.91 42.70 -15.93
C SER B 727 56.77 42.48 -14.42
N LYS B 728 57.60 41.62 -13.86
CA LYS B 728 57.59 41.37 -12.42
C LYS B 728 58.99 40.92 -12.05
N ASP B 729 59.90 41.90 -12.05
CA ASP B 729 61.34 41.67 -12.01
C ASP B 729 61.93 41.28 -10.65
N HIS B 730 61.33 40.29 -10.01
CA HIS B 730 61.93 39.65 -8.84
C HIS B 730 61.65 38.17 -8.92
N GLY B 731 62.55 37.38 -8.35
CA GLY B 731 62.42 35.94 -8.37
C GLY B 731 63.53 35.24 -9.16
N LYS B 732 63.36 33.93 -9.34
CA LYS B 732 64.34 33.08 -10.01
C LYS B 732 63.96 32.81 -11.47
N ASP B 733 64.96 32.46 -12.28
CA ASP B 733 64.75 32.21 -13.72
C ASP B 733 63.79 31.04 -13.99
N TYR B 734 63.93 29.98 -13.19
CA TYR B 734 63.16 28.73 -13.35
C TYR B 734 63.37 27.83 -12.14
N GLN B 735 62.58 26.76 -12.02
CA GLN B 735 62.64 25.87 -10.85
C GLN B 735 61.96 24.50 -11.11
N GLU B 736 61.32 24.36 -12.26
CA GLU B 736 60.58 23.14 -12.59
C GLU B 736 61.53 21.95 -12.62
N LEU B 737 61.05 20.77 -12.26
CA LEU B 737 61.96 19.60 -12.15
C LEU B 737 62.55 19.19 -13.50
N TYR B 738 61.79 19.39 -14.58
CA TYR B 738 62.26 19.03 -15.90
C TYR B 738 63.39 19.94 -16.41
N MET B 739 63.67 21.02 -15.67
CA MET B 739 64.69 22.01 -16.03
C MET B 739 66.04 21.65 -15.42
N TYR B 740 66.18 20.42 -14.93
CA TYR B 740 67.44 19.95 -14.35
C TYR B 740 67.89 18.66 -15.04
N PRO B 741 68.54 18.77 -16.22
CA PRO B 741 68.83 17.55 -16.98
C PRO B 741 69.69 16.51 -16.23
N ASN B 742 70.69 16.97 -15.49
CA ASN B 742 71.59 16.06 -14.79
C ASN B 742 70.95 15.35 -13.60
N GLU B 743 69.90 15.95 -13.06
CA GLU B 743 69.21 15.41 -11.89
C GLU B 743 67.84 14.85 -12.25
N MET B 744 67.46 14.93 -13.53
CA MET B 744 66.09 14.59 -13.93
C MET B 744 65.67 13.17 -13.56
N ASP B 745 66.56 12.20 -13.77
CA ASP B 745 66.28 10.80 -13.45
C ASP B 745 65.92 10.61 -11.97
N THR B 746 66.75 11.15 -11.09
CA THR B 746 66.51 11.08 -9.65
C THR B 746 65.21 11.76 -9.25
N LEU B 747 64.97 12.95 -9.83
CA LEU B 747 63.80 13.73 -9.50
C LEU B 747 62.52 12.99 -9.89
N ARG B 748 62.50 12.49 -11.13
CA ARG B 748 61.38 11.71 -11.63
C ARG B 748 61.11 10.48 -10.80
N LYS B 749 62.15 9.71 -10.47
CA LYS B 749 61.93 8.45 -9.76
C LYS B 749 61.38 8.65 -8.34
N PHE B 750 61.73 9.79 -7.71
CA PHE B 750 61.16 10.10 -6.40
C PHE B 750 59.69 10.52 -6.48
N VAL B 751 59.29 11.14 -7.58
CA VAL B 751 57.86 11.41 -7.79
C VAL B 751 57.10 10.11 -8.11
N GLU B 752 57.69 9.24 -8.94
CA GLU B 752 57.12 7.92 -9.22
C GLU B 752 56.92 7.14 -7.93
N PHE B 753 57.94 7.17 -7.08
CA PHE B 753 57.95 6.55 -5.76
C PHE B 753 56.80 7.02 -4.89
N ARG B 754 56.56 8.33 -4.86
CA ARG B 754 55.44 8.86 -4.09
C ARG B 754 54.11 8.35 -4.65
N TYR B 755 54.00 8.32 -5.97
CA TYR B 755 52.74 7.93 -6.63
C TYR B 755 52.40 6.47 -6.34
N ARG B 756 53.40 5.59 -6.37
CA ARG B 756 53.22 4.21 -5.97
C ARG B 756 52.67 4.07 -4.55
N TRP B 757 53.04 5.01 -3.67
CA TRP B 757 52.54 5.06 -2.30
C TRP B 757 51.38 6.03 -2.08
N GLN B 758 50.59 6.30 -3.12
CA GLN B 758 49.43 7.18 -2.97
C GLN B 758 48.44 6.69 -1.90
N GLU B 759 48.23 5.38 -1.81
CA GLU B 759 47.33 4.81 -0.82
C GLU B 759 47.92 4.84 0.60
N VAL B 760 49.23 4.74 0.72
CA VAL B 760 49.86 4.94 2.02
C VAL B 760 49.46 6.32 2.56
N LEU B 761 49.62 7.36 1.75
CA LEU B 761 49.23 8.72 2.15
C LEU B 761 47.72 8.87 2.38
N TYR B 762 46.91 8.36 1.44
CA TYR B 762 45.45 8.49 1.48
C TYR B 762 44.85 7.78 2.68
N THR B 763 45.36 6.59 2.96
CA THR B 763 44.96 5.80 4.11
C THR B 763 45.41 6.47 5.39
N ALA B 764 46.62 6.99 5.41
CA ALA B 764 47.08 7.76 6.58
C ALA B 764 46.12 8.92 6.82
N MET B 765 45.66 9.55 5.74
CA MET B 765 44.76 10.69 5.87
C MET B 765 43.39 10.24 6.39
N TYR B 766 42.92 9.08 5.94
CA TYR B 766 41.73 8.50 6.53
C TYR B 766 41.92 8.25 8.03
N GLN B 767 43.11 7.75 8.40
CA GLN B 767 43.42 7.47 9.79
C GLN B 767 43.38 8.74 10.62
N ASN B 768 43.74 9.85 9.99
CA ASN B 768 43.54 11.15 10.62
C ASN B 768 42.06 11.58 10.71
N ALA B 769 41.33 11.55 9.60
CA ALA B 769 39.92 11.94 9.61
C ALA B 769 39.08 11.12 10.58
N ALA B 770 39.41 9.85 10.76
CA ALA B 770 38.61 8.97 11.60
C ALA B 770 39.10 8.92 13.05
N PHE B 771 40.42 8.80 13.25
CA PHE B 771 40.99 8.60 14.60
C PHE B 771 41.87 9.76 15.10
N GLY B 772 42.13 10.73 14.22
CA GLY B 772 42.96 11.90 14.55
C GLY B 772 44.45 11.60 14.60
N LYS B 773 44.87 10.46 14.08
CA LYS B 773 46.28 10.11 14.08
C LYS B 773 47.03 11.07 13.16
N PRO B 774 48.11 11.71 13.66
CA PRO B 774 48.92 12.56 12.81
C PRO B 774 49.50 11.75 11.66
N ILE B 775 49.51 12.29 10.45
CA ILE B 775 50.11 11.56 9.33
C ILE B 775 51.59 11.40 9.62
N ILE B 776 52.27 12.53 9.82
CA ILE B 776 53.71 12.51 10.08
C ILE B 776 53.97 12.43 11.58
N LYS B 777 54.75 11.44 11.98
CA LYS B 777 55.07 11.21 13.39
C LYS B 777 56.44 11.77 13.74
N ALA B 778 56.48 12.60 14.78
CA ALA B 778 57.75 12.99 15.42
C ALA B 778 58.46 11.72 15.85
N ALA B 779 59.79 11.71 15.76
CA ALA B 779 60.56 10.56 16.19
C ALA B 779 60.26 10.25 17.67
N SER B 780 59.92 11.29 18.43
CA SER B 780 59.59 11.17 19.85
C SER B 780 58.33 10.34 20.10
N MET B 781 57.48 10.19 19.08
CA MET B 781 56.23 9.46 19.24
C MET B 781 56.47 7.94 19.27
N TYR B 782 57.68 7.54 18.87
CA TYR B 782 58.12 6.16 18.98
C TYR B 782 58.53 5.89 20.42
N ASN B 783 57.80 5.02 21.11
CA ASN B 783 57.99 4.80 22.55
C ASN B 783 59.07 3.81 22.90
N ASN B 784 59.45 3.81 24.18
CA ASN B 784 60.48 2.93 24.72
C ASN B 784 61.81 2.99 23.98
N ASP B 785 62.15 4.20 23.57
CA ASP B 785 63.38 4.47 22.84
C ASP B 785 64.07 5.71 23.40
N SER B 786 65.21 5.51 24.06
CA SER B 786 65.93 6.62 24.70
C SER B 786 66.85 7.40 23.73
N ASN B 787 66.77 7.08 22.44
CA ASN B 787 67.62 7.72 21.44
C ASN B 787 66.88 8.54 20.37
N VAL B 788 65.56 8.36 20.24
CA VAL B 788 64.82 9.07 19.18
C VAL B 788 64.75 10.60 19.36
N ARG B 789 64.90 11.06 20.59
CA ARG B 789 64.88 12.50 20.87
C ARG B 789 66.03 13.19 20.15
N ARG B 790 67.23 12.63 20.30
CA ARG B 790 68.40 13.16 19.63
C ARG B 790 68.23 13.14 18.11
N ALA B 791 67.45 12.20 17.60
CA ALA B 791 67.26 12.06 16.16
C ALA B 791 66.07 12.83 15.60
N GLN B 792 65.31 13.50 16.46
CA GLN B 792 64.00 14.07 16.05
C GLN B 792 64.00 15.27 15.11
N ASN B 793 65.14 15.89 14.87
CA ASN B 793 65.16 17.05 13.97
C ASN B 793 64.87 16.70 12.51
N ASP B 794 65.25 15.50 12.10
CA ASP B 794 65.19 15.13 10.69
C ASP B 794 64.75 13.68 10.43
N HIS B 795 64.49 12.91 11.49
CA HIS B 795 63.88 11.57 11.35
C HIS B 795 62.40 11.65 11.67
N PHE B 796 61.55 11.17 10.77
CA PHE B 796 60.11 11.09 11.05
C PHE B 796 59.52 9.77 10.54
N LEU B 797 58.34 9.42 11.03
CA LEU B 797 57.69 8.17 10.62
C LEU B 797 56.30 8.41 10.03
N LEU B 798 55.82 7.43 9.28
CA LEU B 798 54.47 7.50 8.72
C LEU B 798 54.06 6.12 8.21
N GLY B 799 52.79 5.96 7.92
CA GLY B 799 52.32 4.87 7.07
C GLY B 799 52.07 3.52 7.69
N GLY B 800 51.31 2.70 6.98
CA GLY B 800 51.06 1.33 7.38
C GLY B 800 49.90 1.25 8.34
N HIS B 801 49.72 0.10 8.96
CA HIS B 801 48.54 -0.14 9.79
C HIS B 801 48.50 0.74 11.04
N ASP B 802 49.68 1.03 11.59
CA ASP B 802 49.81 1.78 12.83
C ASP B 802 50.33 3.22 12.66
N GLY B 803 50.79 3.56 11.46
CA GLY B 803 51.34 4.89 11.21
C GLY B 803 52.83 5.01 11.45
N TYR B 804 53.47 3.88 11.74
CA TYR B 804 54.90 3.87 12.08
C TYR B 804 55.68 2.86 11.25
N ARG B 805 55.21 2.56 10.04
CA ARG B 805 55.86 1.52 9.23
C ARG B 805 56.98 2.05 8.34
N ILE B 806 57.03 3.36 8.14
CA ILE B 806 58.03 3.94 7.26
C ILE B 806 58.83 4.98 8.03
N LEU B 807 60.15 4.90 7.93
CA LEU B 807 61.05 5.82 8.60
C LEU B 807 61.80 6.64 7.56
N CYS B 808 61.72 7.95 7.67
CA CYS B 808 62.44 8.86 6.77
C CYS B 808 63.48 9.66 7.53
N ALA B 809 64.69 9.74 6.97
CA ALA B 809 65.72 10.59 7.53
C ALA B 809 66.39 11.31 6.39
N PRO B 810 65.67 12.27 5.77
CA PRO B 810 66.27 12.90 4.58
C PRO B 810 67.57 13.63 4.89
N VAL B 811 68.47 13.67 3.93
CA VAL B 811 69.63 14.55 4.02
C VAL B 811 69.17 16.01 3.95
N VAL B 812 69.59 16.83 4.90
CA VAL B 812 69.13 18.22 4.99
C VAL B 812 70.22 19.26 4.71
N TRP B 813 71.33 18.83 4.12
CA TRP B 813 72.36 19.79 3.70
C TRP B 813 72.68 19.63 2.23
N GLU B 814 72.96 20.75 1.56
CA GLU B 814 73.41 20.70 0.17
C GLU B 814 74.85 20.17 0.10
N ASN B 815 75.17 19.51 -1.01
CA ASN B 815 76.50 18.94 -1.26
C ASN B 815 76.94 18.04 -0.14
N SER B 816 76.06 17.11 0.21
CA SER B 816 76.32 16.20 1.29
C SER B 816 75.92 14.79 0.86
N THR B 817 76.80 13.83 1.10
CA THR B 817 76.57 12.46 0.66
C THR B 817 76.60 11.46 1.81
N GLU B 818 76.40 11.96 3.02
CA GLU B 818 76.32 11.11 4.19
C GLU B 818 75.54 11.83 5.28
N ARG B 819 75.02 11.07 6.24
CA ARG B 819 74.35 11.64 7.40
C ARG B 819 74.39 10.65 8.56
N GLU B 820 74.11 11.11 9.76
CA GLU B 820 73.99 10.21 10.90
C GLU B 820 72.59 9.59 10.92
N LEU B 821 72.53 8.27 10.88
CA LEU B 821 71.24 7.60 10.86
C LEU B 821 70.97 6.91 12.20
N TYR B 822 69.75 7.07 12.71
CA TYR B 822 69.33 6.25 13.85
C TYR B 822 68.05 5.48 13.56
N LEU B 823 68.15 4.16 13.72
CA LEU B 823 66.99 3.28 13.57
C LEU B 823 66.32 3.05 14.92
N PRO B 824 65.02 3.37 15.04
CA PRO B 824 64.25 3.13 16.26
C PRO B 824 64.30 1.67 16.71
N VAL B 825 64.36 1.46 18.02
CA VAL B 825 64.75 0.17 18.62
C VAL B 825 63.58 -0.80 18.77
N LEU B 826 63.90 -2.08 18.96
CA LEU B 826 62.92 -3.16 19.11
C LEU B 826 62.05 -3.45 17.89
N THR B 827 62.63 -3.22 16.70
CA THR B 827 62.00 -3.59 15.44
C THR B 827 63.11 -3.72 14.40
N GLN B 828 62.77 -4.21 13.21
CA GLN B 828 63.77 -4.35 12.15
C GLN B 828 63.39 -3.48 10.96
N TRP B 829 64.39 -3.05 10.21
CA TRP B 829 64.21 -2.07 9.14
C TRP B 829 64.78 -2.56 7.83
N TYR B 830 64.12 -2.24 6.73
CA TYR B 830 64.61 -2.55 5.39
C TYR B 830 64.80 -1.29 4.57
N LYS B 831 66.03 -1.09 4.10
CA LYS B 831 66.32 0.01 3.21
C LYS B 831 65.38 -0.01 2.02
N PHE B 832 64.77 1.12 1.73
CA PHE B 832 63.80 1.21 0.65
C PHE B 832 63.98 2.53 -0.11
N GLY B 833 63.06 2.84 -1.00
CA GLY B 833 63.20 4.01 -1.85
C GLY B 833 62.84 3.62 -3.26
N PRO B 834 62.96 4.56 -4.21
CA PRO B 834 62.50 4.42 -5.60
C PRO B 834 63.11 3.26 -6.38
N ASP B 835 64.28 2.78 -5.99
CA ASP B 835 64.94 1.68 -6.71
C ASP B 835 64.41 0.32 -6.31
N PHE B 836 63.95 0.20 -5.07
CA PHE B 836 63.66 -1.11 -4.51
C PHE B 836 62.40 -1.78 -5.02
N ASP B 837 61.55 -1.05 -5.73
CA ASP B 837 60.37 -1.64 -6.36
C ASP B 837 60.75 -2.66 -7.43
N THR B 838 61.93 -2.51 -8.02
CA THR B 838 62.31 -3.32 -9.16
C THR B 838 63.53 -4.20 -8.88
N LYS B 839 63.88 -4.37 -7.61
CA LYS B 839 64.99 -5.25 -7.22
C LYS B 839 64.74 -5.88 -5.84
N PRO B 840 65.56 -6.88 -5.45
CA PRO B 840 65.33 -7.50 -4.15
C PRO B 840 65.66 -6.56 -2.99
N LEU B 841 64.99 -6.75 -1.86
CA LEU B 841 65.38 -6.08 -0.63
C LEU B 841 66.78 -6.52 -0.23
N GLU B 842 67.40 -5.75 0.65
CA GLU B 842 68.67 -6.13 1.22
C GLU B 842 68.42 -6.69 2.61
N GLY B 843 69.48 -7.01 3.34
CA GLY B 843 69.36 -7.57 4.68
C GLY B 843 68.61 -6.67 5.64
N ALA B 844 67.98 -7.26 6.64
CA ALA B 844 67.38 -6.53 7.73
C ALA B 844 68.44 -5.69 8.45
N MET B 845 68.06 -4.48 8.81
CA MET B 845 68.91 -3.58 9.55
C MET B 845 68.34 -3.50 10.97
N ASN B 846 69.21 -3.70 11.96
CA ASN B 846 68.77 -3.79 13.35
C ASN B 846 68.33 -2.45 13.95
N GLY B 847 67.11 -2.43 14.46
CA GLY B 847 66.62 -1.27 15.19
C GLY B 847 67.49 -1.08 16.43
N GLY B 848 67.72 0.17 16.78
CA GLY B 848 68.60 0.54 17.90
C GLY B 848 69.97 0.98 17.42
N ASP B 849 70.26 0.74 16.16
CA ASP B 849 71.56 1.08 15.57
C ASP B 849 71.67 2.56 15.21
N ARG B 850 72.80 3.16 15.59
CA ARG B 850 73.15 4.50 15.16
C ARG B 850 74.39 4.40 14.27
N ILE B 851 74.22 4.75 13.00
CA ILE B 851 75.32 4.69 12.05
C ILE B 851 75.80 6.09 11.70
N TYR B 852 77.05 6.39 12.05
CA TYR B 852 77.67 7.64 11.64
C TYR B 852 78.14 7.48 10.23
N ASN B 853 78.11 8.55 9.45
CA ASN B 853 78.60 8.51 8.09
C ASN B 853 77.81 7.52 7.23
N TYR B 854 76.52 7.36 7.53
CA TYR B 854 75.66 6.55 6.69
C TYR B 854 75.64 7.14 5.28
N PRO B 855 76.01 6.34 4.27
CA PRO B 855 76.16 6.87 2.91
C PRO B 855 74.81 7.18 2.28
N VAL B 856 74.70 8.40 1.74
CA VAL B 856 73.53 8.82 0.99
C VAL B 856 73.99 9.56 -0.25
N PRO B 857 74.24 8.84 -1.34
CA PRO B 857 74.51 9.48 -2.62
C PRO B 857 73.36 10.41 -3.01
N GLN B 858 73.62 11.35 -3.90
CA GLN B 858 72.59 12.31 -4.33
C GLN B 858 71.31 11.63 -4.79
N SER B 859 71.46 10.55 -5.56
CA SER B 859 70.32 9.82 -6.10
C SER B 859 69.53 9.07 -5.03
N GLU B 860 70.03 9.02 -3.80
CA GLU B 860 69.39 8.26 -2.72
C GLU B 860 68.82 9.13 -1.58
N SER B 861 68.01 8.52 -0.73
CA SER B 861 67.46 9.19 0.44
C SER B 861 67.13 8.12 1.47
N PRO B 862 67.53 8.31 2.74
CA PRO B 862 67.27 7.25 3.71
C PRO B 862 65.79 7.11 3.98
N ILE B 863 65.21 6.03 3.47
CA ILE B 863 63.81 5.69 3.70
C ILE B 863 63.82 4.19 3.97
N PHE B 864 63.08 3.77 4.98
CA PHE B 864 63.12 2.38 5.41
C PHE B 864 61.71 1.91 5.69
N VAL B 865 61.45 0.67 5.35
CA VAL B 865 60.18 0.04 5.67
C VAL B 865 60.40 -0.94 6.80
N ARG B 866 59.59 -0.79 7.84
CA ARG B 866 59.62 -1.64 9.01
C ARG B 866 59.15 -3.05 8.65
N GLU B 867 59.76 -4.07 9.26
CA GLU B 867 59.23 -5.43 9.20
C GLU B 867 57.77 -5.43 9.67
N GLY B 868 57.00 -6.43 9.25
CA GLY B 868 55.61 -6.54 9.66
C GLY B 868 54.67 -5.59 8.93
N ALA B 869 55.20 -4.90 7.93
CA ALA B 869 54.39 -3.97 7.15
C ALA B 869 53.77 -4.62 5.90
N ILE B 870 52.49 -4.34 5.69
CA ILE B 870 51.82 -4.62 4.42
C ILE B 870 51.34 -3.25 3.92
N LEU B 871 51.86 -2.79 2.80
CA LEU B 871 51.49 -1.47 2.30
C LEU B 871 50.69 -1.57 1.00
N PRO B 872 49.60 -0.81 0.90
CA PRO B 872 48.88 -0.78 -0.36
C PRO B 872 49.66 0.07 -1.35
N THR B 873 49.77 -0.42 -2.58
CA THR B 873 50.66 0.13 -3.58
C THR B 873 49.90 0.19 -4.90
N ARG B 874 50.13 1.22 -5.69
CA ARG B 874 49.37 1.38 -6.92
C ARG B 874 50.30 1.46 -8.11
N TYR B 875 49.85 0.89 -9.22
CA TYR B 875 50.54 0.93 -10.49
C TYR B 875 49.54 1.27 -11.57
N THR B 876 50.01 1.79 -12.69
CA THR B 876 49.13 1.97 -13.82
C THR B 876 49.13 0.71 -14.68
N LEU B 877 47.97 0.42 -15.26
CA LEU B 877 47.80 -0.76 -16.09
C LEU B 877 48.78 -0.76 -17.26
N ASN B 878 49.00 0.41 -17.85
CA ASN B 878 49.82 0.50 -19.06
C ASN B 878 51.28 0.86 -18.82
N GLY B 879 51.65 1.04 -17.57
CA GLY B 879 53.05 1.37 -17.22
C GLY B 879 53.45 2.81 -17.49
N GLU B 880 52.49 3.64 -17.88
CA GLU B 880 52.75 5.06 -18.08
C GLU B 880 52.59 5.85 -16.78
N ASN B 881 53.35 6.92 -16.63
CA ASN B 881 53.17 7.84 -15.50
C ASN B 881 52.00 8.76 -15.79
N LYS B 882 50.93 8.63 -15.00
CA LYS B 882 49.82 9.55 -15.12
C LYS B 882 49.48 10.20 -13.78
N SER B 883 48.69 11.27 -13.87
CA SER B 883 48.17 11.92 -12.69
C SER B 883 47.32 10.95 -11.88
N LEU B 884 47.35 11.11 -10.57
CA LEU B 884 46.50 10.36 -9.65
C LEU B 884 45.04 10.44 -10.07
N ASN B 885 44.61 11.63 -10.49
CA ASN B 885 43.19 11.88 -10.74
C ASN B 885 42.64 11.15 -11.96
N THR B 886 43.54 10.59 -12.78
CA THR B 886 43.11 9.81 -13.94
C THR B 886 43.29 8.31 -13.73
N TYR B 887 43.66 7.90 -12.52
CA TYR B 887 43.68 6.47 -12.19
C TYR B 887 42.25 5.94 -12.11
N THR B 888 42.08 4.67 -12.47
CA THR B 888 40.82 3.98 -12.23
C THR B 888 41.17 2.69 -11.48
N ASP B 889 40.15 1.96 -11.05
CA ASP B 889 40.36 0.71 -10.31
C ASP B 889 40.97 -0.39 -11.19
N GLU B 890 41.04 -0.16 -12.50
CA GLU B 890 41.75 -1.08 -13.40
C GLU B 890 43.26 -0.89 -13.32
N ASP B 891 43.70 0.15 -12.62
CA ASP B 891 45.12 0.36 -12.37
C ASP B 891 45.45 -0.37 -11.07
N PRO B 892 46.28 -1.42 -11.16
CA PRO B 892 46.49 -2.40 -10.10
C PRO B 892 46.61 -1.83 -8.70
N LEU B 893 45.92 -2.46 -7.75
CA LEU B 893 46.15 -2.23 -6.33
C LEU B 893 46.84 -3.46 -5.79
N VAL B 894 47.97 -3.26 -5.14
CA VAL B 894 48.86 -4.35 -4.76
C VAL B 894 49.17 -4.23 -3.26
N PHE B 895 48.94 -5.31 -2.52
CA PHE B 895 49.29 -5.34 -1.11
C PHE B 895 50.66 -5.96 -0.94
N GLU B 896 51.65 -5.12 -0.72
CA GLU B 896 53.03 -5.57 -0.66
C GLU B 896 53.40 -5.97 0.76
N VAL B 897 53.58 -7.27 0.95
CA VAL B 897 53.91 -7.84 2.25
C VAL B 897 55.41 -7.82 2.41
N PHE B 898 55.88 -6.98 3.31
CA PHE B 898 57.31 -6.92 3.60
C PHE B 898 57.69 -8.04 4.55
N PRO B 899 59.00 -8.27 4.73
CA PRO B 899 59.36 -9.37 5.61
C PRO B 899 58.61 -9.31 6.95
N LEU B 900 58.20 -10.46 7.45
CA LEU B 900 57.38 -10.52 8.66
C LEU B 900 58.12 -10.07 9.92
N GLY B 901 57.40 -9.39 10.80
CA GLY B 901 57.89 -9.03 12.12
C GLY B 901 57.27 -9.98 13.13
N ASN B 902 58.12 -10.75 13.81
CA ASN B 902 57.66 -11.73 14.79
C ASN B 902 56.59 -12.64 14.16
N ASN B 903 56.90 -13.16 12.98
CA ASN B 903 56.04 -14.09 12.23
C ASN B 903 54.69 -13.56 11.78
N ARG B 904 54.55 -12.24 11.72
CA ARG B 904 53.31 -11.65 11.24
C ARG B 904 53.54 -10.33 10.51
N ALA B 905 52.53 -9.91 9.76
CA ALA B 905 52.54 -8.62 9.11
C ALA B 905 51.11 -8.11 9.10
N ASP B 906 50.94 -6.80 9.04
CA ASP B 906 49.60 -6.20 9.05
C ASP B 906 49.56 -5.06 8.06
N GLY B 907 48.36 -4.74 7.60
CA GLY B 907 48.17 -3.65 6.67
C GLY B 907 46.74 -3.16 6.69
N MET B 908 46.53 -1.96 6.16
CA MET B 908 45.24 -1.31 6.07
C MET B 908 45.18 -0.41 4.83
N CYS B 909 44.05 -0.42 4.14
CA CYS B 909 43.85 0.42 2.95
C CYS B 909 42.44 1.01 2.90
N TYR B 910 42.36 2.34 2.93
CA TYR B 910 41.12 3.06 2.71
C TYR B 910 40.83 3.12 1.22
N LEU B 911 39.56 2.94 0.85
CA LEU B 911 39.18 3.01 -0.56
C LEU B 911 37.88 3.76 -0.74
N ASP B 912 37.88 4.75 -1.64
CA ASP B 912 36.63 5.33 -2.15
C ASP B 912 36.86 5.71 -3.61
N ASP B 913 35.95 6.50 -4.18
CA ASP B 913 36.08 6.82 -5.60
C ASP B 913 37.02 8.00 -5.84
N GLY B 914 37.78 8.39 -4.82
CA GLY B 914 38.79 9.44 -4.95
C GLY B 914 38.27 10.87 -4.90
N GLY B 915 36.97 11.02 -4.66
CA GLY B 915 36.41 12.35 -4.54
C GLY B 915 35.62 12.78 -5.76
N VAL B 916 35.38 11.83 -6.67
CA VAL B 916 34.51 12.06 -7.82
C VAL B 916 33.13 12.48 -7.28
N THR B 917 32.65 11.76 -6.28
CA THR B 917 31.48 12.18 -5.51
C THR B 917 31.88 12.40 -4.06
N THR B 918 30.99 13.02 -3.29
CA THR B 918 31.20 13.21 -1.86
C THR B 918 30.41 12.19 -1.07
N ASN B 919 30.25 10.99 -1.64
CA ASN B 919 29.42 9.97 -1.01
C ASN B 919 30.10 9.21 0.12
N ALA B 920 31.44 9.19 0.11
CA ALA B 920 32.18 8.58 1.22
C ALA B 920 31.86 9.33 2.51
N GLU B 921 31.98 10.65 2.46
CA GLU B 921 31.81 11.50 3.62
C GLU B 921 30.34 11.76 3.96
N ASP B 922 29.47 11.79 2.95
CA ASP B 922 28.05 12.07 3.14
C ASP B 922 27.24 10.82 3.50
N ASN B 923 27.50 9.73 2.78
CA ASN B 923 26.66 8.54 2.86
C ASN B 923 27.42 7.26 3.21
N GLY B 924 28.67 7.41 3.61
CA GLY B 924 29.46 6.27 4.09
C GLY B 924 29.96 5.36 2.98
N LYS B 925 30.05 5.87 1.76
CA LYS B 925 30.46 5.04 0.63
C LYS B 925 31.98 4.91 0.51
N PHE B 926 32.57 4.23 1.48
CA PHE B 926 34.00 3.93 1.45
C PHE B 926 34.23 2.54 2.03
N SER B 927 35.44 2.03 1.85
CA SER B 927 35.83 0.75 2.40
C SER B 927 37.10 0.92 3.21
N VAL B 928 37.28 0.06 4.22
CA VAL B 928 38.52 0.00 4.98
C VAL B 928 38.96 -1.44 5.00
N VAL B 929 39.85 -1.77 4.08
CA VAL B 929 40.39 -3.11 3.98
C VAL B 929 41.46 -3.28 5.03
N LYS B 930 41.41 -4.40 5.74
CA LYS B 930 42.46 -4.76 6.69
C LYS B 930 43.03 -6.09 6.25
N VAL B 931 44.34 -6.27 6.40
CA VAL B 931 44.98 -7.51 6.00
C VAL B 931 46.03 -7.95 7.01
N ALA B 932 46.14 -9.25 7.23
CA ALA B 932 47.11 -9.78 8.18
C ALA B 932 47.78 -11.02 7.62
N ALA B 933 49.10 -11.08 7.73
CA ALA B 933 49.86 -12.26 7.35
C ALA B 933 50.40 -12.91 8.60
N GLU B 934 50.37 -14.25 8.63
CA GLU B 934 50.92 -15.00 9.75
C GLU B 934 51.64 -16.23 9.21
N GLN B 935 52.89 -16.41 9.63
CA GLN B 935 53.65 -17.60 9.26
C GLN B 935 53.66 -18.56 10.44
N ASP B 936 53.29 -19.81 10.17
CA ASP B 936 53.19 -20.86 11.17
C ASP B 936 53.79 -22.12 10.58
N GLY B 937 55.06 -22.40 10.93
CA GLY B 937 55.79 -23.47 10.28
C GLY B 937 55.90 -23.22 8.79
N GLY B 938 55.36 -24.14 7.99
CA GLY B 938 55.44 -24.04 6.54
C GLY B 938 54.21 -23.46 5.88
N THR B 939 53.31 -22.91 6.68
CA THR B 939 52.06 -22.32 6.17
C THR B 939 52.00 -20.82 6.48
N GLU B 940 51.80 -20.02 5.44
CA GLU B 940 51.54 -18.60 5.60
C GLU B 940 50.09 -18.28 5.26
N THR B 941 49.35 -17.75 6.23
CA THR B 941 47.95 -17.41 6.01
C THR B 941 47.79 -15.90 5.94
N ILE B 942 47.30 -15.42 4.80
CA ILE B 942 47.07 -13.99 4.56
C ILE B 942 45.56 -13.70 4.50
N THR B 943 45.05 -13.01 5.51
CA THR B 943 43.63 -12.80 5.68
C THR B 943 43.17 -11.39 5.42
N PHE B 944 42.18 -11.25 4.54
CA PHE B 944 41.57 -9.97 4.26
C PHE B 944 40.26 -9.87 5.01
N THR B 945 40.10 -8.78 5.76
CA THR B 945 38.84 -8.45 6.39
C THR B 945 38.56 -6.99 6.09
N ASN B 946 37.49 -6.44 6.65
CA ASN B 946 37.21 -5.02 6.53
C ASN B 946 36.45 -4.47 7.72
N ASP B 947 36.71 -3.21 8.07
CA ASP B 947 35.89 -2.51 9.07
C ASP B 947 34.57 -2.10 8.43
N CYS B 948 34.59 -1.94 7.11
CA CYS B 948 33.38 -1.73 6.29
C CYS B 948 33.76 -1.90 4.83
N TYR B 949 32.76 -2.21 4.01
CA TYR B 949 32.99 -2.37 2.59
C TYR B 949 31.81 -1.82 1.80
N GLU B 950 31.73 -0.49 1.71
CA GLU B 950 30.66 0.16 0.96
C GLU B 950 31.19 0.70 -0.36
N TYR B 951 32.50 0.57 -0.57
CA TYR B 951 33.08 0.89 -1.87
C TYR B 951 33.65 -0.35 -2.54
N VAL B 952 33.08 -0.71 -3.68
CA VAL B 952 33.54 -1.87 -4.42
C VAL B 952 34.74 -1.51 -5.30
N PHE B 953 35.91 -2.06 -4.97
CA PHE B 953 37.08 -1.88 -5.83
C PHE B 953 36.83 -2.64 -7.12
N GLY B 954 36.70 -1.91 -8.23
CA GLY B 954 36.23 -2.48 -9.49
C GLY B 954 37.32 -2.92 -10.44
N GLY B 955 38.36 -3.54 -9.90
CA GLY B 955 39.42 -4.15 -10.69
C GLY B 955 40.01 -5.24 -9.85
N PRO B 956 40.90 -6.06 -10.43
CA PRO B 956 41.59 -7.08 -9.65
C PRO B 956 42.56 -6.46 -8.64
N PHE B 957 42.97 -7.22 -7.63
CA PHE B 957 43.99 -6.76 -6.71
C PHE B 957 45.06 -7.82 -6.52
N TYR B 958 46.19 -7.44 -5.96
CA TYR B 958 47.32 -8.34 -5.90
C TYR B 958 47.85 -8.41 -4.49
N VAL B 959 48.56 -9.49 -4.19
CA VAL B 959 49.38 -9.56 -3.01
C VAL B 959 50.78 -9.87 -3.49
N ARG B 960 51.76 -9.13 -2.99
CA ARG B 960 53.13 -9.33 -3.41
C ARG B 960 53.96 -9.63 -2.18
N VAL B 961 54.31 -10.90 -2.01
CA VAL B 961 55.03 -11.37 -0.83
C VAL B 961 56.55 -11.30 -1.03
N ARG B 962 57.18 -10.30 -0.40
CA ARG B 962 58.63 -10.18 -0.40
C ARG B 962 59.30 -11.36 0.28
N GLY B 963 60.30 -11.92 -0.38
CA GLY B 963 61.09 -13.01 0.18
C GLY B 963 60.47 -14.37 0.01
N ALA B 964 59.46 -14.45 -0.84
CA ALA B 964 58.83 -15.74 -1.18
C ALA B 964 59.18 -16.13 -2.63
N GLN B 965 59.33 -17.44 -2.86
CA GLN B 965 59.59 -17.98 -4.18
C GLN B 965 58.43 -18.86 -4.66
N SER B 966 58.76 -20.05 -5.16
CA SER B 966 57.74 -20.98 -5.66
C SER B 966 57.02 -21.68 -4.52
N PRO B 967 55.68 -21.59 -4.49
CA PRO B 967 54.88 -22.31 -3.52
C PRO B 967 54.50 -23.70 -4.03
N SER B 968 54.28 -24.64 -3.11
CA SER B 968 53.73 -25.94 -3.46
C SER B 968 52.27 -25.78 -3.85
N ASN B 969 51.55 -24.93 -3.11
CA ASN B 969 50.15 -24.66 -3.36
C ASN B 969 49.70 -23.34 -2.72
N ILE B 970 48.77 -22.64 -3.37
CA ILE B 970 48.15 -21.47 -2.76
C ILE B 970 46.65 -21.62 -2.86
N HIS B 971 45.98 -21.65 -1.72
CA HIS B 971 44.54 -21.79 -1.72
C HIS B 971 43.86 -20.49 -1.32
N VAL B 972 42.78 -20.15 -2.01
CA VAL B 972 42.04 -18.95 -1.72
C VAL B 972 40.59 -19.29 -1.36
N SER B 973 40.22 -18.93 -0.14
CA SER B 973 38.90 -19.25 0.39
C SER B 973 38.13 -17.94 0.55
N SER B 974 36.85 -17.97 0.15
CA SER B 974 36.03 -16.76 0.21
C SER B 974 34.53 -17.07 0.16
N GLY B 975 33.73 -16.18 0.73
CA GLY B 975 32.28 -16.26 0.63
C GLY B 975 31.83 -16.07 -0.81
N ALA B 976 32.72 -15.55 -1.65
CA ALA B 976 32.44 -15.37 -3.08
C ALA B 976 32.81 -16.60 -3.89
N GLY B 977 33.65 -17.47 -3.32
CA GLY B 977 34.04 -18.70 -4.00
C GLY B 977 35.45 -19.13 -3.66
N SER B 978 35.68 -20.44 -3.59
CA SER B 978 36.99 -20.97 -3.26
C SER B 978 37.71 -21.55 -4.47
N GLN B 979 39.04 -21.44 -4.47
CA GLN B 979 39.84 -21.81 -5.64
C GLN B 979 41.30 -22.00 -5.24
N ASP B 980 41.94 -23.02 -5.77
CA ASP B 980 43.39 -23.11 -5.71
C ASP B 980 43.96 -22.26 -6.84
N MET B 981 45.03 -21.54 -6.56
CA MET B 981 45.67 -20.70 -7.57
C MET B 981 46.54 -21.55 -8.48
N LYS B 982 46.90 -21.02 -9.65
CA LYS B 982 47.81 -21.72 -10.55
C LYS B 982 48.91 -20.79 -11.07
N VAL B 983 50.05 -21.37 -11.41
CA VAL B 983 51.14 -20.59 -11.99
C VAL B 983 50.67 -19.93 -13.29
N SER B 984 50.89 -18.62 -13.39
CA SER B 984 50.49 -17.84 -14.56
C SER B 984 51.30 -18.27 -15.78
N SER B 985 50.78 -18.02 -16.97
CA SER B 985 51.61 -18.18 -18.15
C SER B 985 52.37 -16.88 -18.39
N ALA B 986 51.94 -15.81 -17.71
CA ALA B 986 52.64 -14.53 -17.76
C ALA B 986 53.95 -14.62 -16.99
N THR B 987 55.03 -14.11 -17.56
CA THR B 987 56.35 -14.20 -16.95
C THR B 987 56.98 -12.83 -16.66
N SER B 988 56.16 -11.78 -16.69
CA SER B 988 56.62 -10.44 -16.33
C SER B 988 55.49 -9.70 -15.60
N ARG B 989 55.82 -8.60 -14.91
CA ARG B 989 54.80 -7.88 -14.16
C ARG B 989 53.76 -7.28 -15.10
N ALA B 990 54.24 -6.64 -16.16
CA ALA B 990 53.37 -6.03 -17.16
C ALA B 990 52.42 -7.07 -17.75
N ALA B 991 52.95 -8.25 -18.08
CA ALA B 991 52.14 -9.35 -18.60
C ALA B 991 51.14 -9.85 -17.57
N LEU B 992 51.53 -9.90 -16.32
CA LEU B 992 50.61 -10.35 -15.27
C LEU B 992 49.45 -9.37 -15.15
N PHE B 993 49.77 -8.08 -15.13
CA PHE B 993 48.74 -7.04 -15.02
C PHE B 993 47.74 -7.11 -16.18
N ASN B 994 48.26 -7.29 -17.39
CA ASN B 994 47.45 -7.19 -18.60
C ASN B 994 46.83 -8.48 -19.14
N ASP B 995 47.58 -9.57 -19.06
CA ASP B 995 47.17 -10.86 -19.63
C ASP B 995 46.87 -11.92 -18.57
N GLY B 996 47.42 -11.74 -17.37
CA GLY B 996 47.26 -12.70 -16.29
C GLY B 996 45.80 -12.94 -15.95
N GLU B 997 45.49 -14.18 -15.57
CA GLU B 997 44.15 -14.55 -15.18
C GLU B 997 43.94 -14.32 -13.69
N ASN B 998 42.72 -14.03 -13.29
CA ASN B 998 42.39 -14.05 -11.88
C ASN B 998 42.60 -15.45 -11.34
N GLY B 999 43.41 -15.57 -10.30
CA GLY B 999 43.76 -16.87 -9.73
C GLY B 999 45.18 -17.26 -10.07
N ASP B 1000 45.87 -16.38 -10.80
CA ASP B 1000 47.25 -16.63 -11.23
C ASP B 1000 48.25 -16.19 -10.19
N PHE B 1001 49.35 -16.91 -10.08
CA PHE B 1001 50.49 -16.39 -9.33
C PHE B 1001 51.74 -16.35 -10.21
N TRP B 1002 52.67 -15.47 -9.88
CA TRP B 1002 53.89 -15.31 -10.66
C TRP B 1002 55.12 -15.23 -9.76
N VAL B 1003 56.04 -16.15 -9.96
CA VAL B 1003 57.31 -16.16 -9.23
C VAL B 1003 58.25 -15.17 -9.89
N ASP B 1004 58.46 -14.05 -9.20
CA ASP B 1004 59.22 -12.92 -9.68
C ASP B 1004 60.61 -13.01 -9.07
N GLN B 1005 61.51 -13.70 -9.78
CA GLN B 1005 62.90 -13.90 -9.35
C GLN B 1005 63.64 -12.57 -9.22
N GLU B 1006 63.39 -11.67 -10.16
CA GLU B 1006 64.14 -10.40 -10.25
C GLU B 1006 64.00 -9.54 -8.99
N THR B 1007 62.84 -9.55 -8.34
CA THR B 1007 62.68 -8.81 -7.08
C THR B 1007 62.52 -9.71 -5.86
N ASP B 1008 62.73 -11.02 -6.04
CA ASP B 1008 62.52 -12.02 -4.99
C ASP B 1008 61.12 -11.87 -4.39
N SER B 1009 60.12 -11.80 -5.25
CA SER B 1009 58.74 -11.64 -4.82
C SER B 1009 57.83 -12.71 -5.41
N LEU B 1010 56.71 -12.94 -4.74
CA LEU B 1010 55.67 -13.81 -5.25
C LEU B 1010 54.39 -12.98 -5.39
N TRP B 1011 53.85 -12.93 -6.61
CA TRP B 1011 52.70 -12.09 -6.88
C TRP B 1011 51.47 -12.96 -7.04
N LEU B 1012 50.37 -12.55 -6.43
CA LEU B 1012 49.10 -13.25 -6.53
C LEU B 1012 48.07 -12.32 -7.14
N LYS B 1013 47.49 -12.71 -8.26
CA LYS B 1013 46.43 -11.94 -8.90
C LYS B 1013 45.08 -12.49 -8.46
N LEU B 1014 44.26 -11.63 -7.88
CA LEU B 1014 43.01 -12.05 -7.29
C LEU B 1014 41.83 -11.21 -7.75
N PRO B 1015 40.66 -11.84 -7.95
CA PRO B 1015 39.47 -11.13 -8.41
C PRO B 1015 38.96 -10.20 -7.33
N ASN B 1016 38.29 -9.12 -7.75
CA ASN B 1016 37.83 -8.13 -6.79
C ASN B 1016 36.81 -8.68 -5.80
N VAL B 1017 36.02 -9.67 -6.23
CA VAL B 1017 34.96 -10.22 -5.37
C VAL B 1017 35.48 -10.84 -4.06
N VAL B 1018 36.74 -11.23 -4.04
CA VAL B 1018 37.30 -11.81 -2.81
C VAL B 1018 38.07 -10.81 -1.94
N LEU B 1019 38.06 -9.53 -2.31
CA LEU B 1019 38.74 -8.49 -1.53
C LEU B 1019 38.22 -8.33 -0.09
N PRO B 1020 36.89 -8.38 0.11
CA PRO B 1020 36.36 -8.19 1.46
C PRO B 1020 36.73 -9.27 2.50
N ASP B 1021 36.96 -10.51 2.06
CA ASP B 1021 37.04 -11.63 3.01
C ASP B 1021 38.03 -12.77 2.67
N ALA B 1022 38.89 -12.55 1.68
CA ALA B 1022 39.77 -13.61 1.21
C ALA B 1022 40.66 -14.17 2.31
N VAL B 1023 40.65 -15.48 2.48
CA VAL B 1023 41.64 -16.14 3.34
C VAL B 1023 42.55 -16.89 2.38
N ILE B 1024 43.82 -16.53 2.37
CA ILE B 1024 44.79 -17.07 1.44
C ILE B 1024 45.79 -17.92 2.20
N THR B 1025 45.88 -19.19 1.85
CA THR B 1025 46.82 -20.09 2.53
C THR B 1025 47.93 -20.51 1.58
N ILE B 1026 49.16 -20.18 1.93
CA ILE B 1026 50.32 -20.45 1.11
C ILE B 1026 51.16 -21.54 1.76
N THR B 1027 51.40 -22.61 1.01
CA THR B 1027 52.12 -23.73 1.56
C THR B 1027 53.27 -24.15 0.64
N THR C 3 -27.29 -49.23 -18.79
CA THR C 3 -27.57 -47.83 -18.37
C THR C 3 -28.86 -47.33 -19.03
N ASP C 4 -28.83 -47.19 -20.36
CA ASP C 4 -29.98 -46.67 -21.12
C ASP C 4 -31.20 -47.57 -20.97
N ASN C 5 -32.38 -46.95 -20.91
CA ASN C 5 -33.65 -47.67 -20.87
C ASN C 5 -33.65 -48.85 -19.90
N PRO C 6 -33.51 -48.57 -18.59
CA PRO C 6 -33.36 -49.61 -17.56
C PRO C 6 -34.55 -50.58 -17.46
N ASP C 7 -35.75 -50.11 -17.78
CA ASP C 7 -36.94 -50.97 -17.67
C ASP C 7 -37.30 -51.70 -18.96
N GLY C 8 -36.52 -51.48 -20.01
CA GLY C 8 -36.72 -52.17 -21.27
C GLY C 8 -38.05 -51.85 -21.91
N ILE C 9 -38.35 -50.56 -22.04
CA ILE C 9 -39.58 -50.13 -22.67
C ILE C 9 -39.42 -50.09 -24.19
N ASP C 10 -40.47 -50.48 -24.89
CA ASP C 10 -40.55 -50.33 -26.34
C ASP C 10 -41.34 -49.06 -26.62
N TYR C 11 -40.66 -48.04 -27.12
CA TYR C 11 -41.27 -46.72 -27.37
C TYR C 11 -41.96 -46.68 -28.72
N LYS C 12 -43.29 -46.63 -28.72
CA LYS C 12 -44.05 -46.82 -29.94
C LYS C 12 -44.58 -45.55 -30.61
N THR C 13 -44.47 -44.41 -29.93
CA THR C 13 -44.88 -43.15 -30.53
C THR C 13 -43.88 -42.06 -30.18
N TYR C 14 -43.54 -41.24 -31.16
CA TYR C 14 -42.56 -40.18 -30.93
C TYR C 14 -43.10 -38.82 -31.30
N ASP C 15 -44.03 -38.80 -32.26
CA ASP C 15 -44.57 -37.55 -32.76
C ASP C 15 -45.60 -36.95 -31.83
N TYR C 16 -45.79 -35.65 -31.94
CA TYR C 16 -46.93 -34.96 -31.35
C TYR C 16 -48.21 -35.71 -31.65
N VAL C 17 -49.01 -35.97 -30.63
CA VAL C 17 -50.33 -36.56 -30.83
C VAL C 17 -51.38 -35.54 -30.39
N GLY C 18 -52.04 -34.93 -31.36
CA GLY C 18 -53.06 -33.95 -31.04
C GLY C 18 -54.16 -34.58 -30.21
N VAL C 19 -54.98 -33.75 -29.57
CA VAL C 19 -56.14 -34.24 -28.85
C VAL C 19 -57.05 -35.04 -29.77
N TRP C 20 -56.96 -34.78 -31.08
CA TRP C 20 -57.75 -35.51 -32.10
C TRP C 20 -57.25 -36.95 -32.35
N GLY C 21 -56.12 -37.30 -31.75
CA GLY C 21 -55.56 -38.63 -31.89
C GLY C 21 -55.38 -39.29 -30.54
N PHE C 22 -55.95 -38.69 -29.50
CA PHE C 22 -55.93 -39.29 -28.18
C PHE C 22 -57.35 -39.52 -27.69
N SER C 23 -57.76 -40.79 -27.63
CA SER C 23 -59.14 -41.13 -27.32
C SER C 23 -59.18 -42.45 -26.58
N PRO C 24 -58.92 -42.41 -25.27
CA PRO C 24 -58.95 -43.58 -24.39
C PRO C 24 -60.36 -44.15 -24.26
N LEU C 25 -61.39 -43.34 -24.51
CA LEU C 25 -62.76 -43.81 -24.41
C LEU C 25 -63.14 -44.74 -25.57
N SER C 26 -62.27 -44.87 -26.57
CA SER C 26 -62.49 -45.79 -27.66
C SER C 26 -62.23 -47.24 -27.22
N ASN C 27 -61.57 -47.40 -26.07
CA ASN C 27 -61.41 -48.70 -25.39
C ASN C 27 -60.41 -49.69 -25.98
N THR C 28 -60.34 -49.74 -27.31
CA THR C 28 -59.61 -50.80 -28.00
C THR C 28 -58.11 -50.75 -27.73
N ASN C 29 -57.59 -51.89 -27.28
CA ASN C 29 -56.19 -52.03 -26.90
C ASN C 29 -55.82 -51.41 -25.56
N TRP C 30 -56.84 -50.95 -24.82
CA TRP C 30 -56.63 -50.40 -23.47
C TRP C 30 -56.95 -51.42 -22.38
N PHE C 31 -56.01 -51.58 -21.45
CA PHE C 31 -56.28 -52.27 -20.20
C PHE C 31 -57.01 -51.31 -19.27
N ALA C 32 -57.89 -51.86 -18.43
CA ALA C 32 -58.53 -51.11 -17.35
C ALA C 32 -58.70 -52.08 -16.19
N ALA C 33 -58.76 -51.55 -14.98
CA ALA C 33 -58.81 -52.39 -13.78
C ALA C 33 -60.10 -53.20 -13.73
N GLY C 34 -59.97 -54.49 -13.42
CA GLY C 34 -61.12 -55.40 -13.40
C GLY C 34 -61.35 -56.08 -12.07
N SER C 35 -60.30 -56.20 -11.27
CA SER C 35 -60.39 -56.88 -9.99
C SER C 35 -59.05 -56.75 -9.28
N SER C 36 -58.99 -57.12 -8.01
CA SER C 36 -57.77 -56.97 -7.24
C SER C 36 -57.78 -57.85 -6.01
N THR C 37 -56.65 -57.87 -5.31
CA THR C 37 -56.56 -58.44 -3.97
C THR C 37 -55.78 -57.46 -3.09
N PRO C 38 -56.09 -57.41 -1.78
CA PRO C 38 -55.31 -56.55 -0.88
C PRO C 38 -53.82 -56.91 -0.86
N GLY C 39 -52.97 -55.89 -0.77
CA GLY C 39 -51.52 -56.09 -0.81
C GLY C 39 -50.82 -55.44 0.36
N GLY C 40 -51.57 -55.16 1.42
CA GLY C 40 -50.97 -54.66 2.66
C GLY C 40 -50.92 -53.13 2.74
N ILE C 41 -50.81 -52.63 3.96
CA ILE C 41 -50.72 -51.20 4.21
C ILE C 41 -49.46 -50.88 5.02
N THR C 42 -48.62 -49.99 4.47
CA THR C 42 -47.44 -49.48 5.18
C THR C 42 -47.54 -47.95 5.28
N ASP C 43 -47.33 -47.42 6.49
CA ASP C 43 -47.57 -46.02 6.82
C ASP C 43 -48.96 -45.62 6.32
N TRP C 44 -49.06 -44.61 5.45
CA TRP C 44 -50.35 -44.21 4.88
C TRP C 44 -50.51 -44.61 3.41
N THR C 45 -49.80 -45.67 3.01
CA THR C 45 -49.85 -46.18 1.65
C THR C 45 -50.35 -47.63 1.66
N ALA C 46 -51.50 -47.85 1.02
CA ALA C 46 -52.06 -49.17 0.83
C ALA C 46 -51.71 -49.62 -0.58
N THR C 47 -51.42 -50.91 -0.75
CA THR C 47 -51.19 -51.46 -2.07
C THR C 47 -52.31 -52.41 -2.42
N MET C 48 -52.83 -52.30 -3.63
CA MET C 48 -53.82 -53.23 -4.14
C MET C 48 -53.22 -53.92 -5.37
N ASN C 49 -53.19 -55.25 -5.34
CA ASN C 49 -52.74 -56.02 -6.48
C ASN C 49 -53.82 -56.01 -7.53
N VAL C 50 -53.70 -55.13 -8.51
CA VAL C 50 -54.77 -54.93 -9.48
C VAL C 50 -54.58 -55.75 -10.74
N ASN C 51 -55.60 -56.53 -11.06
CA ASN C 51 -55.71 -57.23 -12.33
C ASN C 51 -56.31 -56.29 -13.35
N PHE C 52 -55.55 -56.01 -14.41
CA PHE C 52 -56.00 -55.20 -15.51
C PHE C 52 -56.43 -56.11 -16.65
N ASP C 53 -57.61 -55.84 -17.21
CA ASP C 53 -58.17 -56.63 -18.29
C ASP C 53 -58.32 -55.74 -19.52
N ARG C 54 -58.05 -56.30 -20.69
CA ARG C 54 -58.24 -55.56 -21.94
C ARG C 54 -59.75 -55.36 -22.17
N ILE C 55 -60.18 -54.10 -22.24
CA ILE C 55 -61.61 -53.81 -22.34
C ILE C 55 -62.26 -54.55 -23.53
N ASP C 56 -61.55 -54.60 -24.65
CA ASP C 56 -62.05 -55.24 -25.87
C ASP C 56 -61.85 -56.76 -25.89
N ASN C 57 -60.94 -57.26 -25.05
CA ASN C 57 -60.69 -58.71 -24.93
C ASN C 57 -60.28 -59.07 -23.50
N PRO C 58 -61.27 -59.16 -22.59
CA PRO C 58 -61.00 -59.22 -21.15
C PRO C 58 -60.35 -60.52 -20.67
N SER C 59 -60.29 -61.53 -21.54
CA SER C 59 -59.53 -62.74 -21.23
C SER C 59 -58.03 -62.45 -21.21
N ILE C 60 -57.61 -61.38 -21.87
CA ILE C 60 -56.22 -60.92 -21.78
C ILE C 60 -56.05 -60.07 -20.53
N THR C 61 -55.19 -60.52 -19.63
CA THR C 61 -55.09 -59.90 -18.33
C THR C 61 -53.64 -59.84 -17.85
N VAL C 62 -53.35 -58.81 -17.06
CA VAL C 62 -52.01 -58.62 -16.52
C VAL C 62 -52.17 -57.94 -15.15
N GLN C 63 -51.25 -58.20 -14.23
CA GLN C 63 -51.39 -57.63 -12.90
C GLN C 63 -50.28 -56.64 -12.55
N HIS C 64 -50.67 -55.56 -11.87
CA HIS C 64 -49.72 -54.55 -11.39
C HIS C 64 -50.14 -54.01 -10.03
N PRO C 65 -49.15 -53.77 -9.15
CA PRO C 65 -49.42 -53.17 -7.86
C PRO C 65 -49.82 -51.71 -8.00
N VAL C 66 -50.90 -51.31 -7.36
CA VAL C 66 -51.35 -49.92 -7.39
C VAL C 66 -51.31 -49.38 -5.96
N GLN C 67 -50.59 -48.28 -5.74
CA GLN C 67 -50.48 -47.64 -4.44
C GLN C 67 -51.52 -46.56 -4.26
N VAL C 68 -52.16 -46.54 -3.09
CA VAL C 68 -53.14 -45.54 -2.73
C VAL C 68 -52.67 -44.92 -1.42
N GLN C 69 -52.26 -43.66 -1.48
CA GLN C 69 -51.57 -43.02 -0.38
C GLN C 69 -52.28 -41.74 0.02
N VAL C 70 -52.64 -41.65 1.30
CA VAL C 70 -53.15 -40.40 1.82
C VAL C 70 -51.97 -39.46 1.97
N THR C 71 -52.05 -38.29 1.33
CA THR C 71 -50.93 -37.35 1.36
C THR C 71 -51.15 -36.25 2.39
N SER C 72 -52.41 -35.94 2.68
CA SER C 72 -52.72 -35.07 3.79
C SER C 72 -54.10 -35.34 4.36
N TYR C 73 -54.15 -35.64 5.65
CA TYR C 73 -55.40 -35.81 6.36
C TYR C 73 -56.11 -34.47 6.52
N ASN C 74 -55.40 -33.49 7.08
CA ASN C 74 -55.96 -32.16 7.30
C ASN C 74 -56.37 -31.43 6.02
N ASN C 75 -55.64 -31.69 4.94
CA ASN C 75 -55.89 -30.98 3.69
C ASN C 75 -56.65 -31.80 2.67
N ASN C 76 -57.13 -32.97 3.10
CA ASN C 76 -58.04 -33.81 2.32
C ASN C 76 -57.48 -34.19 0.94
N SER C 77 -56.29 -34.77 0.94
CA SER C 77 -55.67 -35.15 -0.32
C SER C 77 -55.11 -36.55 -0.28
N TYR C 78 -55.24 -37.27 -1.40
CA TYR C 78 -54.62 -38.57 -1.55
C TYR C 78 -54.13 -38.71 -2.98
N ARG C 79 -53.46 -39.83 -3.23
CA ARG C 79 -52.72 -40.05 -4.44
C ARG C 79 -52.88 -41.52 -4.87
N VAL C 80 -52.95 -41.73 -6.18
CA VAL C 80 -53.03 -43.06 -6.76
C VAL C 80 -51.87 -43.23 -7.73
N ARG C 81 -51.10 -44.28 -7.57
CA ARG C 81 -49.88 -44.44 -8.34
C ARG C 81 -49.64 -45.88 -8.78
N PHE C 82 -49.22 -46.07 -10.03
CA PHE C 82 -48.65 -47.35 -10.45
C PHE C 82 -47.75 -47.19 -11.67
N ASN C 83 -47.01 -48.25 -11.98
CA ASN C 83 -46.14 -48.25 -13.13
C ASN C 83 -46.33 -49.55 -13.92
N PRO C 84 -46.98 -49.45 -15.09
CA PRO C 84 -47.22 -50.64 -15.90
C PRO C 84 -45.96 -51.19 -16.55
N ASP C 85 -44.87 -50.43 -16.50
CA ASP C 85 -43.65 -50.80 -17.25
C ASP C 85 -42.51 -51.34 -16.40
N GLY C 86 -42.66 -51.28 -15.08
CA GLY C 86 -41.61 -51.72 -14.17
C GLY C 86 -41.98 -51.42 -12.72
N PRO C 87 -40.99 -51.49 -11.82
CA PRO C 87 -41.25 -51.15 -10.42
C PRO C 87 -41.66 -49.69 -10.25
N ILE C 88 -42.53 -49.42 -9.29
CA ILE C 88 -42.89 -48.05 -8.94
C ILE C 88 -41.68 -47.37 -8.30
N ARG C 89 -41.33 -46.18 -8.77
CA ARG C 89 -40.25 -45.41 -8.14
C ARG C 89 -40.52 -43.93 -8.02
N ASP C 90 -39.97 -43.35 -6.95
CA ASP C 90 -40.12 -41.94 -6.67
C ASP C 90 -39.24 -41.13 -7.58
N VAL C 91 -39.81 -40.10 -8.20
CA VAL C 91 -39.01 -39.15 -8.96
C VAL C 91 -38.05 -38.44 -8.01
N THR C 92 -36.86 -38.10 -8.49
CA THR C 92 -35.94 -37.34 -7.66
C THR C 92 -36.10 -35.87 -7.97
N ARG C 93 -36.76 -35.57 -9.10
CA ARG C 93 -37.00 -34.19 -9.53
C ARG C 93 -38.47 -33.97 -9.93
N GLY C 94 -39.05 -32.86 -9.47
CA GLY C 94 -40.43 -32.53 -9.82
C GLY C 94 -41.15 -31.83 -8.69
N PRO C 95 -42.40 -31.41 -8.93
CA PRO C 95 -43.16 -30.65 -7.94
C PRO C 95 -43.45 -31.43 -6.67
N ILE C 96 -43.63 -32.75 -6.80
CA ILE C 96 -43.99 -33.60 -5.69
C ILE C 96 -42.86 -34.55 -5.39
N LEU C 97 -42.26 -34.36 -4.22
CA LEU C 97 -41.12 -35.16 -3.80
C LEU C 97 -41.47 -35.94 -2.55
N LYS C 98 -40.94 -37.16 -2.45
CA LYS C 98 -41.15 -38.01 -1.27
C LYS C 98 -40.79 -37.33 0.05
N GLN C 99 -39.68 -36.60 0.09
CA GLN C 99 -39.22 -35.95 1.32
C GLN C 99 -40.28 -35.00 1.91
N GLN C 100 -40.97 -34.27 1.05
CA GLN C 100 -42.00 -33.33 1.48
C GLN C 100 -43.26 -34.07 1.92
N LEU C 101 -43.62 -35.13 1.19
CA LEU C 101 -44.76 -35.97 1.55
C LEU C 101 -44.53 -36.65 2.91
N ASP C 102 -43.30 -37.09 3.14
CA ASP C 102 -42.86 -37.61 4.43
C ASP C 102 -43.02 -36.58 5.56
N TRP C 103 -42.62 -35.34 5.28
CA TRP C 103 -42.70 -34.25 6.24
C TRP C 103 -44.14 -34.00 6.67
N ILE C 104 -45.03 -33.85 5.69
CA ILE C 104 -46.44 -33.62 5.96
C ILE C 104 -47.04 -34.72 6.84
N ARG C 105 -46.74 -35.98 6.50
CA ARG C 105 -47.29 -37.12 7.22
C ARG C 105 -46.77 -37.15 8.66
N THR C 106 -45.47 -36.92 8.83
CA THR C 106 -44.85 -36.86 10.16
C THR C 106 -45.54 -35.81 11.04
N GLN C 107 -45.67 -34.59 10.52
CA GLN C 107 -46.38 -33.52 11.22
C GLN C 107 -47.78 -33.95 11.65
N GLU C 108 -48.54 -34.48 10.71
CA GLU C 108 -49.93 -34.84 10.97
C GLU C 108 -50.07 -36.01 11.95
N LEU C 109 -49.14 -36.94 11.90
CA LEU C 109 -49.10 -38.06 12.85
C LEU C 109 -48.83 -37.59 14.28
N SER C 110 -48.03 -36.53 14.42
CA SER C 110 -47.74 -36.00 15.74
C SER C 110 -48.95 -35.20 16.26
N GLU C 111 -49.84 -34.82 15.35
CA GLU C 111 -51.09 -34.14 15.71
C GLU C 111 -52.21 -35.14 15.99
N GLY C 112 -51.97 -36.42 15.71
CA GLY C 112 -52.96 -37.45 15.98
C GLY C 112 -53.89 -37.75 14.81
N CYS C 113 -53.49 -37.32 13.61
CA CYS C 113 -54.25 -37.63 12.42
C CYS C 113 -54.27 -39.13 12.12
N ASP C 114 -55.45 -39.66 11.84
CA ASP C 114 -55.58 -41.07 11.53
C ASP C 114 -56.58 -41.26 10.40
N PRO C 115 -56.07 -41.62 9.22
CA PRO C 115 -56.88 -41.94 8.04
C PRO C 115 -57.62 -43.26 8.19
N GLY C 116 -57.15 -44.13 9.09
CA GLY C 116 -57.78 -45.42 9.36
C GLY C 116 -57.96 -46.24 8.10
N MET C 117 -56.89 -46.34 7.32
CA MET C 117 -56.88 -47.16 6.11
C MET C 117 -57.00 -48.63 6.51
N THR C 118 -57.90 -49.34 5.84
CA THR C 118 -58.09 -50.76 6.10
C THR C 118 -58.77 -51.42 4.91
N PHE C 119 -58.50 -52.71 4.74
CA PHE C 119 -59.20 -53.50 3.75
C PHE C 119 -60.38 -54.24 4.39
N THR C 120 -61.54 -54.13 3.77
CA THR C 120 -62.73 -54.85 4.21
C THR C 120 -62.63 -56.33 3.84
N SER C 121 -63.58 -57.11 4.33
CA SER C 121 -63.55 -58.56 4.10
C SER C 121 -63.69 -58.87 2.61
N GLU C 122 -64.34 -57.97 1.87
CA GLU C 122 -64.48 -58.11 0.42
C GLU C 122 -63.23 -57.65 -0.36
N GLY C 123 -62.24 -57.11 0.34
CA GLY C 123 -61.02 -56.62 -0.30
C GLY C 123 -61.05 -55.15 -0.70
N PHE C 124 -62.14 -54.47 -0.39
CA PHE C 124 -62.26 -53.05 -0.69
C PHE C 124 -61.34 -52.23 0.20
N LEU C 125 -60.80 -51.13 -0.33
CA LEU C 125 -59.99 -50.23 0.47
C LEU C 125 -60.84 -49.08 0.94
N THR C 126 -60.72 -48.76 2.23
CA THR C 126 -61.49 -47.69 2.80
C THR C 126 -60.59 -46.82 3.67
N PHE C 127 -60.79 -45.51 3.59
CA PHE C 127 -60.05 -44.57 4.42
C PHE C 127 -60.79 -43.24 4.57
N GLU C 128 -60.32 -42.43 5.51
CA GLU C 128 -60.88 -41.13 5.77
C GLU C 128 -59.78 -40.08 5.81
N THR C 129 -60.11 -38.87 5.36
CA THR C 129 -59.31 -37.71 5.68
C THR C 129 -60.13 -36.92 6.72
N LYS C 130 -59.74 -35.67 6.99
CA LYS C 130 -60.41 -34.85 7.98
C LYS C 130 -61.90 -34.63 7.66
N ASP C 131 -62.19 -34.35 6.39
CA ASP C 131 -63.53 -33.98 5.95
C ASP C 131 -64.15 -34.97 4.98
N LEU C 132 -63.39 -35.99 4.57
CA LEU C 132 -63.85 -36.93 3.55
C LEU C 132 -63.70 -38.38 3.97
N SER C 133 -64.51 -39.25 3.36
CA SER C 133 -64.29 -40.68 3.43
C SER C 133 -64.31 -41.22 2.01
N VAL C 134 -63.42 -42.17 1.74
CA VAL C 134 -63.21 -42.68 0.41
C VAL C 134 -63.39 -44.19 0.43
N ILE C 135 -64.09 -44.73 -0.57
CA ILE C 135 -64.14 -46.17 -0.74
C ILE C 135 -63.67 -46.56 -2.14
N ILE C 136 -62.84 -47.59 -2.20
CA ILE C 136 -62.28 -48.09 -3.45
C ILE C 136 -62.60 -49.59 -3.55
N TYR C 137 -63.43 -49.96 -4.52
CA TYR C 137 -63.87 -51.34 -4.67
C TYR C 137 -62.83 -52.28 -5.31
N GLY C 138 -63.27 -53.50 -5.63
CA GLY C 138 -62.39 -54.53 -6.13
C GLY C 138 -61.75 -54.22 -7.47
N ASN C 139 -62.51 -53.55 -8.34
CA ASN C 139 -62.02 -53.14 -9.66
C ASN C 139 -61.59 -51.67 -9.67
N PHE C 140 -61.43 -51.10 -8.48
CA PHE C 140 -60.92 -49.74 -8.30
C PHE C 140 -61.93 -48.63 -8.54
N LYS C 141 -63.20 -48.99 -8.74
CA LYS C 141 -64.27 -48.01 -8.76
C LYS C 141 -64.17 -47.25 -7.46
N THR C 142 -64.09 -45.93 -7.54
CA THR C 142 -63.81 -45.11 -6.37
C THR C 142 -64.91 -44.10 -6.13
N ARG C 143 -65.28 -43.96 -4.87
CA ARG C 143 -66.24 -42.94 -4.48
C ARG C 143 -65.68 -42.11 -3.32
N VAL C 144 -65.72 -40.80 -3.48
CA VAL C 144 -65.27 -39.86 -2.46
C VAL C 144 -66.48 -39.13 -1.89
N THR C 145 -66.67 -39.22 -0.58
CA THR C 145 -67.83 -38.64 0.10
C THR C 145 -67.44 -37.55 1.09
N ARG C 146 -68.20 -36.46 1.10
CA ARG C 146 -68.04 -35.45 2.13
C ARG C 146 -68.77 -35.89 3.38
N LYS C 147 -68.07 -35.95 4.50
CA LYS C 147 -68.64 -36.47 5.74
C LYS C 147 -69.87 -35.72 6.21
N SER C 148 -69.80 -34.38 6.15
CA SER C 148 -70.81 -33.53 6.78
C SER C 148 -72.22 -33.64 6.20
N ASP C 149 -72.32 -33.81 4.89
CA ASP C 149 -73.62 -33.89 4.24
C ASP C 149 -73.83 -35.20 3.48
N GLY C 150 -72.81 -36.05 3.47
CA GLY C 150 -72.89 -37.33 2.80
C GLY C 150 -72.84 -37.24 1.28
N LYS C 151 -72.48 -36.08 0.74
CA LYS C 151 -72.50 -35.86 -0.71
C LYS C 151 -71.31 -36.52 -1.40
N VAL C 152 -71.58 -37.27 -2.46
CA VAL C 152 -70.53 -37.84 -3.29
C VAL C 152 -69.88 -36.73 -4.11
N ILE C 153 -68.62 -36.46 -3.82
CA ILE C 153 -67.87 -35.35 -4.36
C ILE C 153 -67.24 -35.73 -5.70
N MET C 154 -66.84 -37.00 -5.84
CA MET C 154 -66.20 -37.49 -7.07
C MET C 154 -66.28 -39.02 -7.19
N GLU C 155 -66.60 -39.50 -8.40
CA GLU C 155 -66.52 -40.92 -8.72
C GLU C 155 -65.76 -41.09 -10.01
N ASN C 156 -64.94 -42.13 -10.10
CA ASN C 156 -64.36 -42.48 -11.39
C ASN C 156 -65.34 -43.31 -12.21
N ASP C 157 -64.97 -43.57 -13.46
CA ASP C 157 -65.87 -44.14 -14.45
C ASP C 157 -65.67 -45.64 -14.60
N GLU C 158 -66.77 -46.34 -14.88
CA GLU C 158 -66.76 -47.76 -15.22
C GLU C 158 -67.34 -47.99 -16.61
N VAL C 159 -66.73 -48.90 -17.36
CA VAL C 159 -67.25 -49.32 -18.66
C VAL C 159 -67.69 -50.77 -18.55
N GLY C 160 -68.86 -51.07 -19.12
CA GLY C 160 -69.36 -52.44 -19.12
C GLY C 160 -68.74 -53.25 -20.25
N THR C 161 -68.57 -54.55 -20.01
CA THR C 161 -68.20 -55.52 -21.04
C THR C 161 -69.26 -56.61 -21.12
N ALA C 162 -69.39 -57.23 -22.28
CA ALA C 162 -70.48 -58.17 -22.56
C ALA C 162 -70.43 -59.45 -21.72
N SER C 163 -69.24 -59.90 -21.38
CA SER C 163 -69.08 -61.20 -20.75
C SER C 163 -68.25 -61.19 -19.48
N SER C 164 -67.66 -60.04 -19.15
CA SER C 164 -66.61 -60.03 -18.14
C SER C 164 -66.78 -58.98 -17.05
N GLY C 165 -67.95 -58.37 -16.96
CA GLY C 165 -68.20 -57.38 -15.93
C GLY C 165 -67.58 -56.01 -16.19
N ASN C 166 -67.68 -55.13 -15.20
CA ASN C 166 -67.23 -53.75 -15.34
C ASN C 166 -65.74 -53.55 -15.14
N LYS C 167 -65.15 -52.74 -16.02
CA LYS C 167 -63.77 -52.34 -15.91
C LYS C 167 -63.72 -50.85 -15.57
N CYS C 168 -62.93 -50.50 -14.56
CA CYS C 168 -62.86 -49.12 -14.10
C CYS C 168 -61.87 -48.31 -14.92
N ARG C 169 -62.38 -47.41 -15.74
CA ARG C 169 -61.53 -46.53 -16.52
C ARG C 169 -60.86 -45.45 -15.68
N GLY C 170 -61.05 -45.50 -14.36
CA GLY C 170 -60.24 -44.72 -13.43
C GLY C 170 -58.77 -45.10 -13.51
N LEU C 171 -58.47 -46.33 -13.94
CA LEU C 171 -57.09 -46.74 -14.19
C LEU C 171 -56.97 -47.38 -15.56
N MET C 172 -56.29 -46.71 -16.49
CA MET C 172 -56.15 -47.22 -17.86
C MET C 172 -54.72 -47.18 -18.35
N PHE C 173 -54.37 -48.13 -19.20
CA PHE C 173 -53.11 -48.06 -19.95
C PHE C 173 -53.14 -48.90 -21.21
N VAL C 174 -52.59 -48.37 -22.29
CA VAL C 174 -52.52 -49.08 -23.55
C VAL C 174 -51.62 -50.30 -23.36
N ASP C 175 -52.09 -51.44 -23.87
CA ASP C 175 -51.34 -52.69 -23.92
C ASP C 175 -49.99 -52.39 -24.55
N ARG C 176 -48.90 -52.76 -23.89
CA ARG C 176 -47.57 -52.38 -24.38
C ARG C 176 -47.18 -53.09 -25.68
N LEU C 177 -48.02 -53.98 -26.17
CA LEU C 177 -47.81 -54.54 -27.50
C LEU C 177 -48.19 -53.51 -28.57
N TYR C 178 -48.91 -52.46 -28.16
CA TYR C 178 -49.45 -51.48 -29.09
C TYR C 178 -49.14 -50.02 -28.74
N GLY C 179 -48.92 -49.74 -27.45
CA GLY C 179 -48.68 -48.37 -27.03
C GLY C 179 -48.09 -48.17 -25.65
N ASN C 180 -48.05 -46.90 -25.23
CA ASN C 180 -47.40 -46.51 -24.00
C ASN C 180 -48.26 -45.61 -23.14
N ALA C 181 -49.43 -45.23 -23.66
CA ALA C 181 -50.27 -44.23 -23.03
C ALA C 181 -50.97 -44.69 -21.75
N ILE C 182 -51.38 -43.71 -20.97
CA ILE C 182 -52.12 -43.95 -19.73
C ILE C 182 -53.31 -43.01 -19.70
N ALA C 183 -54.33 -43.37 -18.94
CA ALA C 183 -55.49 -42.51 -18.82
C ALA C 183 -56.23 -42.76 -17.51
N SER C 184 -57.03 -41.78 -17.11
CA SER C 184 -57.85 -41.89 -15.92
C SER C 184 -59.14 -41.12 -16.16
N VAL C 185 -60.26 -41.80 -15.99
CA VAL C 185 -61.56 -41.27 -16.37
C VAL C 185 -62.52 -41.14 -15.18
N ASN C 186 -63.11 -39.96 -15.03
CA ASN C 186 -64.10 -39.67 -13.99
C ASN C 186 -65.46 -39.39 -14.58
N LYS C 187 -66.50 -39.59 -13.77
CA LYS C 187 -67.81 -39.09 -14.13
C LYS C 187 -67.73 -37.57 -14.05
N ASN C 188 -68.36 -36.92 -15.02
CA ASN C 188 -68.30 -35.47 -15.21
C ASN C 188 -69.74 -34.96 -15.15
N PHE C 189 -70.01 -34.06 -14.21
CA PHE C 189 -71.37 -33.61 -13.93
C PHE C 189 -71.62 -32.20 -14.48
N ARG C 190 -70.91 -31.86 -15.56
CA ARG C 190 -71.05 -30.54 -16.20
C ARG C 190 -72.49 -30.24 -16.63
N ASN C 191 -73.22 -31.27 -17.08
CA ASN C 191 -74.61 -31.09 -17.53
C ASN C 191 -75.66 -31.36 -16.45
N ASP C 192 -75.22 -31.74 -15.25
CA ASP C 192 -76.13 -31.90 -14.13
C ASP C 192 -76.75 -30.55 -13.79
N ALA C 193 -78.07 -30.47 -13.82
CA ALA C 193 -78.78 -29.18 -13.68
C ALA C 193 -78.46 -28.49 -12.36
N VAL C 194 -78.23 -29.27 -11.32
CA VAL C 194 -77.93 -28.72 -10.00
C VAL C 194 -76.43 -28.47 -9.80
N LYS C 195 -75.59 -29.47 -10.09
CA LYS C 195 -74.13 -29.36 -9.86
C LYS C 195 -73.40 -28.44 -10.84
N GLN C 196 -73.88 -28.42 -12.09
CA GLN C 196 -73.27 -27.65 -13.19
C GLN C 196 -71.75 -27.53 -13.07
N GLU C 197 -71.08 -28.67 -12.97
CA GLU C 197 -69.64 -28.67 -12.72
C GLU C 197 -68.85 -27.83 -13.70
N GLY C 198 -67.86 -27.13 -13.16
CA GLY C 198 -66.94 -26.37 -13.96
C GLY C 198 -65.53 -26.87 -13.75
N PHE C 199 -64.73 -26.81 -14.81
CA PHE C 199 -63.34 -27.21 -14.75
C PHE C 199 -62.50 -25.96 -15.02
N TYR C 200 -61.50 -25.72 -14.16
CA TYR C 200 -60.67 -24.50 -14.17
C TYR C 200 -59.19 -24.88 -14.05
N GLY C 201 -58.29 -23.96 -14.39
CA GLY C 201 -56.86 -24.20 -14.21
C GLY C 201 -56.17 -24.37 -15.55
N ALA C 202 -55.46 -25.49 -15.72
CA ALA C 202 -54.81 -25.84 -17.00
C ALA C 202 -53.78 -24.83 -17.53
N GLY C 203 -53.10 -24.12 -16.62
CA GLY C 203 -52.05 -23.17 -16.99
C GLY C 203 -52.39 -22.10 -18.02
N GLU C 204 -51.71 -22.18 -19.16
CA GLU C 204 -51.75 -21.11 -20.17
C GLU C 204 -52.68 -21.35 -21.36
N VAL C 205 -53.44 -22.45 -21.34
CA VAL C 205 -54.40 -22.72 -22.41
C VAL C 205 -55.35 -21.54 -22.65
N ASN C 206 -55.59 -21.21 -23.92
CA ASN C 206 -56.54 -20.19 -24.31
C ASN C 206 -57.78 -20.87 -24.90
N CYS C 207 -58.96 -20.32 -24.64
CA CYS C 207 -60.19 -20.92 -25.15
C CYS C 207 -61.14 -19.82 -25.55
N LYS C 208 -61.61 -19.90 -26.79
CA LYS C 208 -62.52 -18.88 -27.26
C LYS C 208 -63.96 -19.36 -27.17
N TYR C 209 -64.87 -18.45 -26.81
CA TYR C 209 -66.29 -18.66 -26.92
C TYR C 209 -66.86 -17.44 -27.66
N GLN C 210 -67.48 -17.69 -28.82
CA GLN C 210 -67.91 -16.62 -29.71
C GLN C 210 -66.73 -15.69 -30.09
N ASP C 211 -66.74 -14.45 -29.61
CA ASP C 211 -65.70 -13.48 -29.95
C ASP C 211 -64.74 -13.20 -28.80
N THR C 212 -64.98 -13.87 -27.67
CA THR C 212 -64.27 -13.56 -26.41
C THR C 212 -63.40 -14.73 -25.96
N TYR C 213 -62.26 -14.43 -25.37
CA TYR C 213 -61.46 -15.48 -24.72
C TYR C 213 -61.84 -15.61 -23.26
N ILE C 214 -62.10 -16.85 -22.84
CA ILE C 214 -62.75 -17.08 -21.57
C ILE C 214 -61.84 -17.74 -20.54
N LEU C 215 -62.30 -17.75 -19.30
CA LEU C 215 -61.50 -18.29 -18.20
C LEU C 215 -61.69 -19.79 -18.00
N GLU C 216 -62.94 -20.22 -17.97
CA GLU C 216 -63.29 -21.60 -17.64
C GLU C 216 -62.88 -22.59 -18.73
N ARG C 217 -62.56 -23.80 -18.32
CA ARG C 217 -62.03 -24.83 -19.23
C ARG C 217 -62.87 -26.11 -19.19
N THR C 218 -64.19 -25.99 -19.32
CA THR C 218 -65.04 -27.19 -19.33
C THR C 218 -65.56 -27.52 -20.75
N GLY C 219 -65.73 -28.82 -21.03
CA GLY C 219 -66.27 -29.27 -22.31
C GLY C 219 -65.25 -29.25 -23.44
N ILE C 220 -63.98 -29.24 -23.08
CA ILE C 220 -62.93 -29.03 -24.06
C ILE C 220 -61.80 -30.05 -23.96
N ALA C 221 -61.08 -30.24 -25.06
CA ALA C 221 -60.00 -31.21 -25.11
C ALA C 221 -58.67 -30.47 -25.23
N MET C 222 -57.86 -30.58 -24.19
CA MET C 222 -56.63 -29.82 -24.05
C MET C 222 -55.42 -30.76 -24.03
N THR C 223 -54.24 -30.20 -24.31
CA THR C 223 -52.99 -30.95 -24.21
C THR C 223 -51.83 -30.11 -23.62
N ASN C 224 -50.95 -30.77 -22.87
CA ASN C 224 -49.69 -30.18 -22.46
C ASN C 224 -48.61 -30.77 -23.34
N TYR C 225 -48.08 -29.92 -24.22
CA TYR C 225 -47.05 -30.27 -25.17
C TYR C 225 -46.27 -28.99 -25.40
N ASN C 226 -45.35 -28.71 -24.46
CA ASN C 226 -44.66 -27.43 -24.41
C ASN C 226 -44.03 -27.10 -25.76
N TYR C 227 -44.36 -25.93 -26.29
CA TYR C 227 -44.06 -25.62 -27.69
C TYR C 227 -43.52 -24.20 -27.87
N ASP C 228 -42.71 -24.02 -28.91
CA ASP C 228 -42.18 -22.72 -29.31
C ASP C 228 -43.30 -21.96 -30.01
N ASN C 229 -44.29 -21.54 -29.24
CA ASN C 229 -45.59 -21.22 -29.81
C ASN C 229 -45.87 -19.74 -29.95
N LEU C 230 -45.02 -19.05 -30.72
CA LEU C 230 -45.22 -17.64 -31.06
C LEU C 230 -46.65 -17.37 -31.49
N ASN C 231 -47.27 -16.39 -30.86
CA ASN C 231 -48.66 -15.97 -31.13
C ASN C 231 -49.76 -16.89 -30.60
N TYR C 232 -49.35 -18.02 -30.03
CA TYR C 232 -50.26 -19.00 -29.42
C TYR C 232 -51.03 -19.83 -30.46
N ASN C 233 -50.55 -19.80 -31.70
CA ASN C 233 -51.30 -20.41 -32.79
C ASN C 233 -50.41 -20.90 -33.93
N GLN C 234 -49.23 -21.42 -33.62
CA GLN C 234 -48.33 -21.90 -34.66
C GLN C 234 -49.01 -22.89 -35.61
N TRP C 235 -48.72 -22.75 -36.90
CA TRP C 235 -49.47 -23.42 -37.96
C TRP C 235 -49.36 -24.94 -37.93
N ASP C 236 -48.19 -25.43 -37.54
CA ASP C 236 -47.95 -26.86 -37.39
C ASP C 236 -48.76 -27.51 -36.26
N LEU C 237 -49.50 -26.68 -35.51
CA LEU C 237 -50.35 -27.18 -34.42
C LEU C 237 -51.82 -27.25 -34.82
N ARG C 238 -52.13 -26.93 -36.08
CA ARG C 238 -53.51 -26.98 -36.56
C ARG C 238 -54.14 -28.37 -36.54
N PRO C 239 -55.47 -28.45 -36.36
CA PRO C 239 -56.18 -29.73 -36.54
C PRO C 239 -56.06 -30.19 -38.00
N PRO C 240 -56.11 -31.52 -38.23
CA PRO C 240 -56.12 -32.07 -39.58
C PRO C 240 -57.09 -31.34 -40.50
N HIS C 241 -56.62 -30.95 -41.68
CA HIS C 241 -57.43 -30.27 -42.70
C HIS C 241 -58.08 -28.97 -42.21
N HIS C 242 -57.48 -28.35 -41.20
CA HIS C 242 -57.95 -27.03 -40.80
C HIS C 242 -57.74 -26.04 -41.94
N ASP C 243 -58.83 -25.39 -42.36
CA ASP C 243 -58.74 -24.31 -43.34
C ASP C 243 -58.90 -22.97 -42.62
N GLY C 244 -58.37 -21.91 -43.22
CA GLY C 244 -58.48 -20.56 -42.64
C GLY C 244 -57.48 -20.35 -41.51
N ALA C 245 -57.47 -19.14 -40.97
CA ALA C 245 -56.59 -18.80 -39.85
C ALA C 245 -56.75 -19.80 -38.71
N LEU C 246 -55.63 -20.19 -38.10
CA LEU C 246 -55.65 -20.93 -36.86
C LEU C 246 -55.64 -19.91 -35.72
N ASN C 247 -56.80 -19.70 -35.10
CA ASN C 247 -56.92 -18.79 -33.97
C ASN C 247 -56.44 -19.51 -32.72
N PRO C 248 -55.85 -18.77 -31.77
CA PRO C 248 -55.48 -19.44 -30.53
C PRO C 248 -56.71 -20.07 -29.91
N ASP C 249 -56.58 -21.26 -29.35
CA ASP C 249 -57.75 -21.95 -28.82
C ASP C 249 -57.37 -23.18 -28.02
N TYR C 250 -58.39 -23.86 -27.51
CA TYR C 250 -58.24 -24.80 -26.42
C TYR C 250 -57.43 -26.04 -26.73
N TYR C 251 -57.41 -26.43 -28.00
CA TYR C 251 -56.77 -27.66 -28.43
C TYR C 251 -55.30 -27.46 -28.82
N ILE C 252 -54.80 -26.25 -28.59
CA ILE C 252 -53.42 -25.89 -28.92
C ILE C 252 -52.57 -25.82 -27.66
N PRO C 253 -51.40 -26.48 -27.66
CA PRO C 253 -50.56 -26.45 -26.46
C PRO C 253 -49.87 -25.10 -26.28
N MET C 254 -49.43 -24.81 -25.07
CA MET C 254 -48.77 -23.54 -24.81
C MET C 254 -47.34 -23.76 -24.33
N TYR C 255 -46.84 -22.91 -23.44
CA TYR C 255 -45.43 -22.98 -23.02
C TYR C 255 -45.25 -23.68 -21.66
N TYR C 256 -46.33 -23.74 -20.89
CA TYR C 256 -46.29 -24.27 -19.53
C TYR C 256 -47.04 -25.58 -19.52
N ALA C 257 -46.50 -26.58 -18.83
CA ALA C 257 -47.18 -27.87 -18.71
C ALA C 257 -47.89 -27.93 -17.38
N ALA C 258 -49.22 -27.96 -17.44
CA ALA C 258 -50.07 -27.96 -16.27
C ALA C 258 -51.19 -29.00 -16.42
N PRO C 259 -50.89 -30.28 -16.16
CA PRO C 259 -51.93 -31.32 -16.15
C PRO C 259 -52.70 -31.24 -14.83
N TRP C 260 -53.51 -30.19 -14.71
CA TRP C 260 -54.03 -29.76 -13.44
C TRP C 260 -55.36 -29.05 -13.66
N LEU C 261 -56.39 -29.56 -12.99
CA LEU C 261 -57.72 -28.99 -13.10
C LEU C 261 -58.30 -28.83 -11.71
N ILE C 262 -59.06 -27.75 -11.51
CA ILE C 262 -59.85 -27.60 -10.32
C ILE C 262 -61.32 -27.71 -10.71
N VAL C 263 -62.00 -28.69 -10.13
CA VAL C 263 -63.42 -28.90 -10.36
C VAL C 263 -64.22 -28.14 -9.30
N ASN C 264 -65.22 -27.40 -9.75
CA ASN C 264 -66.07 -26.62 -8.86
C ASN C 264 -67.53 -26.99 -9.16
N GLY C 265 -68.27 -27.43 -8.14
CA GLY C 265 -69.66 -27.85 -8.36
C GLY C 265 -70.60 -27.20 -7.37
N CYS C 266 -71.88 -27.10 -7.73
CA CYS C 266 -72.85 -26.42 -6.87
C CYS C 266 -72.33 -25.04 -6.45
N ALA C 267 -71.83 -24.29 -7.43
CA ALA C 267 -71.16 -23.03 -7.15
C ALA C 267 -72.11 -22.00 -6.56
N GLY C 268 -71.66 -21.34 -5.50
CA GLY C 268 -72.43 -20.27 -4.87
C GLY C 268 -73.38 -20.75 -3.79
N THR C 269 -73.41 -22.06 -3.55
CA THR C 269 -74.34 -22.61 -2.56
C THR C 269 -73.61 -23.16 -1.33
N SER C 270 -74.36 -23.47 -0.29
CA SER C 270 -73.77 -23.99 0.94
C SER C 270 -73.17 -25.39 0.74
N GLU C 271 -73.64 -26.10 -0.28
CA GLU C 271 -73.11 -27.43 -0.62
C GLU C 271 -72.04 -27.42 -1.73
N GLN C 272 -71.49 -26.24 -2.01
CA GLN C 272 -70.43 -26.12 -3.00
C GLN C 272 -69.29 -27.10 -2.69
N TYR C 273 -68.69 -27.68 -3.72
CA TYR C 273 -67.51 -28.52 -3.54
C TYR C 273 -66.44 -28.20 -4.58
N SER C 274 -65.18 -28.34 -4.19
CA SER C 274 -64.05 -28.10 -5.09
C SER C 274 -62.97 -29.13 -4.82
N TYR C 275 -62.31 -29.56 -5.88
CA TYR C 275 -61.13 -30.40 -5.73
C TYR C 275 -60.19 -30.29 -6.93
N GLY C 276 -58.91 -30.46 -6.66
CA GLY C 276 -57.89 -30.46 -7.68
C GLY C 276 -57.60 -31.86 -8.16
N TRP C 277 -57.25 -31.93 -9.44
CA TRP C 277 -56.91 -33.16 -10.12
C TRP C 277 -55.56 -32.95 -10.79
N PHE C 278 -54.54 -33.65 -10.32
CA PHE C 278 -53.17 -33.52 -10.82
C PHE C 278 -52.66 -34.85 -11.34
N MET C 279 -52.41 -34.96 -12.63
CA MET C 279 -51.73 -36.14 -13.14
C MET C 279 -50.26 -35.76 -13.27
N ASP C 280 -49.45 -36.23 -12.34
CA ASP C 280 -48.03 -35.85 -12.31
C ASP C 280 -47.28 -36.64 -13.38
N ASN C 281 -47.17 -36.03 -14.55
CA ASN C 281 -46.58 -36.70 -15.70
C ASN C 281 -45.94 -35.65 -16.57
N VAL C 282 -44.72 -35.92 -17.05
CA VAL C 282 -43.98 -34.95 -17.86
C VAL C 282 -43.83 -35.34 -19.35
N SER C 283 -44.48 -36.41 -19.77
CA SER C 283 -44.63 -36.68 -21.20
C SER C 283 -45.85 -35.89 -21.67
N GLN C 284 -46.10 -35.85 -22.97
CA GLN C 284 -47.28 -35.16 -23.46
C GLN C 284 -48.50 -35.63 -22.66
N SER C 285 -49.25 -34.70 -22.09
CA SER C 285 -50.43 -35.09 -21.34
C SER C 285 -51.69 -34.44 -21.89
N TYR C 286 -52.84 -34.90 -21.41
CA TYR C 286 -54.13 -34.47 -21.96
C TYR C 286 -55.10 -34.26 -20.83
N MET C 287 -56.01 -33.31 -21.03
CA MET C 287 -57.11 -33.08 -20.10
C MET C 287 -58.36 -32.82 -20.93
N ASN C 288 -59.33 -33.70 -20.80
CA ASN C 288 -60.56 -33.60 -21.56
C ASN C 288 -61.73 -33.42 -20.60
N THR C 289 -62.34 -32.26 -20.65
CA THR C 289 -63.37 -31.94 -19.69
C THR C 289 -64.78 -32.16 -20.26
N GLY C 290 -64.90 -33.12 -21.18
CA GLY C 290 -66.21 -33.49 -21.71
C GLY C 290 -66.45 -33.06 -23.15
N ASP C 291 -65.41 -33.16 -23.97
CA ASP C 291 -65.43 -32.67 -25.34
C ASP C 291 -65.65 -33.82 -26.34
N THR C 292 -66.68 -33.70 -27.17
CA THR C 292 -66.96 -34.72 -28.16
C THR C 292 -66.32 -34.44 -29.52
N THR C 293 -65.69 -33.28 -29.68
CA THR C 293 -64.99 -32.96 -30.92
C THR C 293 -63.92 -34.01 -31.21
N TRP C 294 -63.83 -34.44 -32.46
CA TRP C 294 -62.90 -35.51 -32.91
C TRP C 294 -63.08 -36.82 -32.14
N ASN C 295 -64.27 -37.03 -31.58
CA ASN C 295 -64.52 -38.14 -30.66
C ASN C 295 -63.45 -38.26 -29.56
N SER C 296 -62.84 -37.15 -29.20
CA SER C 296 -61.79 -37.15 -28.19
C SER C 296 -62.31 -37.60 -26.84
N GLY C 297 -63.57 -37.28 -26.54
CA GLY C 297 -64.18 -37.66 -25.27
C GLY C 297 -65.70 -37.71 -25.32
N GLN C 298 -66.33 -37.71 -24.15
CA GLN C 298 -67.78 -37.72 -24.07
C GLN C 298 -68.24 -36.66 -23.08
N GLU C 299 -69.41 -36.07 -23.34
CA GLU C 299 -69.89 -34.95 -22.54
C GLU C 299 -69.97 -35.22 -21.04
N ASP C 300 -70.30 -36.44 -20.68
CA ASP C 300 -70.52 -36.78 -19.27
C ASP C 300 -69.33 -37.49 -18.64
N LEU C 301 -68.17 -37.35 -19.26
CA LEU C 301 -66.93 -37.90 -18.73
C LEU C 301 -65.82 -36.84 -18.78
N ALA C 302 -64.87 -36.94 -17.86
CA ALA C 302 -63.68 -36.10 -17.89
C ALA C 302 -62.52 -37.03 -17.70
N TYR C 303 -61.41 -36.76 -18.38
CA TYR C 303 -60.24 -37.60 -18.19
C TYR C 303 -58.92 -36.85 -18.27
N MET C 304 -57.90 -37.44 -17.68
CA MET C 304 -56.56 -37.00 -17.91
C MET C 304 -55.82 -38.19 -18.48
N GLY C 305 -54.79 -37.94 -19.28
CA GLY C 305 -54.00 -39.01 -19.86
C GLY C 305 -52.60 -38.53 -20.23
N ALA C 306 -51.76 -39.46 -20.65
CA ALA C 306 -50.42 -39.11 -21.11
C ALA C 306 -49.92 -40.12 -22.13
N GLN C 307 -48.99 -39.70 -22.96
CA GLN C 307 -48.42 -40.57 -23.99
C GLN C 307 -47.55 -41.66 -23.39
N TYR C 308 -47.00 -41.40 -22.20
CA TYR C 308 -46.10 -42.35 -21.56
C TYR C 308 -46.37 -42.47 -20.08
N GLY C 309 -46.03 -43.64 -19.51
CA GLY C 309 -46.10 -43.82 -18.07
C GLY C 309 -45.01 -43.00 -17.40
N PRO C 310 -44.92 -43.04 -16.07
CA PRO C 310 -45.75 -43.83 -15.18
C PRO C 310 -47.04 -43.10 -14.80
N PHE C 311 -47.85 -43.76 -13.98
CA PHE C 311 -49.16 -43.25 -13.57
C PHE C 311 -49.04 -42.79 -12.13
N ASP C 312 -49.37 -41.53 -11.89
CA ASP C 312 -49.22 -40.93 -10.57
C ASP C 312 -50.15 -39.72 -10.51
N GLN C 313 -51.22 -39.84 -9.74
CA GLN C 313 -52.32 -38.90 -9.83
C GLN C 313 -52.73 -38.45 -8.43
N HIS C 314 -53.03 -37.17 -8.25
CA HIS C 314 -53.44 -36.60 -6.96
C HIS C 314 -54.84 -36.03 -7.00
N PHE C 315 -55.56 -36.22 -5.90
CA PHE C 315 -56.87 -35.64 -5.68
C PHE C 315 -56.67 -34.71 -4.49
N VAL C 316 -56.96 -33.43 -4.67
CA VAL C 316 -56.72 -32.40 -3.64
C VAL C 316 -57.98 -31.60 -3.28
N TYR C 317 -58.71 -32.04 -2.26
CA TYR C 317 -59.94 -31.36 -1.87
C TYR C 317 -59.68 -30.04 -1.13
N GLY C 318 -58.55 -29.96 -0.42
CA GLY C 318 -58.21 -28.76 0.33
C GLY C 318 -58.79 -28.81 1.74
N ALA C 319 -58.27 -27.97 2.63
CA ALA C 319 -58.71 -27.95 4.04
C ALA C 319 -60.00 -27.18 4.24
N GLY C 320 -60.02 -25.93 3.78
CA GLY C 320 -61.21 -25.11 3.90
C GLY C 320 -62.12 -25.37 2.72
N GLY C 321 -63.14 -24.53 2.56
CA GLY C 321 -64.02 -24.64 1.40
C GLY C 321 -63.61 -23.64 0.34
N GLY C 322 -63.93 -23.95 -0.91
CA GLY C 322 -63.70 -23.01 -2.00
C GLY C 322 -62.45 -23.35 -2.77
N MET C 323 -62.38 -22.82 -4.00
CA MET C 323 -61.31 -23.15 -4.92
C MET C 323 -59.91 -22.72 -4.47
N GLU C 324 -59.81 -21.58 -3.80
CA GLU C 324 -58.50 -21.10 -3.36
C GLU C 324 -57.83 -22.10 -2.42
N VAL C 326 -58.07 -25.20 -2.59
CA VAL C 326 -57.51 -26.28 -3.39
C VAL C 326 -56.08 -25.92 -3.86
N VAL C 327 -55.91 -24.68 -4.33
CA VAL C 327 -54.61 -24.18 -4.78
C VAL C 327 -53.63 -24.21 -3.62
N THR C 328 -54.13 -23.78 -2.50
CA THR C 328 -53.33 -23.64 -1.31
C THR C 328 -52.84 -25.02 -0.80
N ALA C 329 -53.70 -26.03 -0.80
CA ALA C 329 -53.31 -27.39 -0.41
C ALA C 329 -52.37 -28.06 -1.42
N PHE C 330 -52.57 -27.76 -2.69
CA PHE C 330 -51.69 -28.23 -3.77
C PHE C 330 -50.27 -27.67 -3.57
N SER C 331 -50.18 -26.38 -3.20
CA SER C 331 -48.89 -25.75 -2.92
C SER C 331 -48.17 -26.37 -1.71
N LEU C 332 -48.93 -26.87 -0.74
CA LEU C 332 -48.33 -27.57 0.39
C LEU C 332 -47.67 -28.88 -0.04
N LEU C 333 -48.34 -29.64 -0.91
CA LEU C 333 -47.79 -30.89 -1.45
C LEU C 333 -46.48 -30.64 -2.21
N GLN C 334 -46.40 -29.46 -2.84
CA GLN C 334 -45.21 -29.00 -3.56
C GLN C 334 -44.25 -28.20 -2.65
N GLY C 335 -44.57 -28.11 -1.36
CA GLY C 335 -43.89 -27.19 -0.43
C GLY C 335 -42.47 -27.56 -0.06
N LYS C 336 -41.79 -26.68 0.66
CA LYS C 336 -40.39 -26.89 1.03
C LYS C 336 -40.20 -26.86 2.54
N GLU C 337 -41.29 -27.10 3.25
CA GLU C 337 -41.25 -27.27 4.69
C GLU C 337 -40.23 -28.30 5.15
N PHE C 338 -40.00 -29.34 4.33
CA PHE C 338 -39.06 -30.39 4.70
C PHE C 338 -37.62 -29.86 4.74
N GLU C 339 -37.40 -28.72 4.10
CA GLU C 339 -36.08 -28.09 4.08
C GLU C 339 -35.97 -27.02 5.16
N ASN C 340 -37.06 -26.81 5.89
CA ASN C 340 -37.12 -25.78 6.94
C ASN C 340 -36.93 -24.36 6.39
N GLN C 341 -37.56 -24.06 5.25
CA GLN C 341 -37.52 -22.71 4.70
C GLN C 341 -38.25 -21.77 5.65
N VAL C 342 -37.58 -20.72 6.11
CA VAL C 342 -38.24 -19.78 7.02
C VAL C 342 -39.17 -18.88 6.22
N LEU C 343 -38.89 -18.69 4.93
CA LEU C 343 -39.71 -17.80 4.10
C LEU C 343 -40.29 -18.48 2.87
N ASN C 344 -39.45 -19.18 2.11
CA ASN C 344 -39.81 -19.69 0.79
C ASN C 344 -40.38 -21.12 0.85
N LYS C 345 -41.50 -21.26 1.56
CA LYS C 345 -42.13 -22.56 1.72
C LYS C 345 -42.85 -23.04 0.46
N ARG C 346 -43.61 -22.15 -0.17
CA ARG C 346 -44.52 -22.54 -1.24
C ARG C 346 -44.12 -21.98 -2.61
N SER C 347 -43.14 -21.09 -2.59
CA SER C 347 -42.57 -20.47 -3.79
C SER C 347 -41.42 -19.60 -3.32
N VAL C 348 -40.60 -19.12 -4.24
CA VAL C 348 -39.50 -18.25 -3.86
C VAL C 348 -39.86 -16.79 -4.02
N MET C 349 -39.50 -15.98 -3.03
CA MET C 349 -39.70 -14.54 -3.06
C MET C 349 -38.78 -13.85 -4.06
N PRO C 350 -39.32 -12.89 -4.80
CA PRO C 350 -38.47 -12.12 -5.68
C PRO C 350 -37.91 -10.92 -4.92
N PRO C 351 -37.00 -10.17 -5.55
CA PRO C 351 -36.71 -8.86 -5.00
C PRO C 351 -37.88 -7.95 -5.30
N LYS C 352 -38.10 -6.96 -4.44
CA LYS C 352 -39.19 -6.00 -4.61
C LYS C 352 -39.23 -5.46 -6.05
N TYR C 353 -38.07 -5.30 -6.68
CA TYR C 353 -38.01 -4.64 -7.98
C TYR C 353 -38.70 -5.40 -9.11
N VAL C 354 -38.90 -6.70 -8.92
CA VAL C 354 -39.58 -7.52 -9.92
C VAL C 354 -41.01 -7.00 -10.16
N PHE C 355 -41.55 -6.27 -9.18
CA PHE C 355 -42.88 -5.65 -9.33
C PHE C 355 -42.89 -4.27 -9.98
N GLY C 356 -41.73 -3.83 -10.46
CA GLY C 356 -41.64 -2.54 -11.16
C GLY C 356 -42.10 -2.63 -12.62
N PHE C 357 -42.18 -1.49 -13.27
CA PHE C 357 -42.54 -1.45 -14.69
C PHE C 357 -41.30 -1.51 -15.61
N PHE C 358 -41.18 -2.60 -16.38
CA PHE C 358 -40.05 -2.81 -17.28
C PHE C 358 -40.39 -2.57 -18.75
N GLN C 359 -39.36 -2.15 -19.50
CA GLN C 359 -39.47 -2.07 -20.96
C GLN C 359 -38.40 -2.93 -21.62
N GLY C 360 -38.82 -3.76 -22.55
CA GLY C 360 -37.89 -4.51 -23.42
C GLY C 360 -38.18 -4.15 -24.87
N VAL C 361 -37.14 -4.18 -25.70
CA VAL C 361 -37.32 -3.94 -27.13
C VAL C 361 -36.48 -4.94 -27.91
N PHE C 362 -37.14 -5.84 -28.61
CA PHE C 362 -36.42 -6.70 -29.54
C PHE C 362 -36.18 -5.91 -30.81
N GLY C 363 -34.95 -5.43 -30.97
CA GLY C 363 -34.59 -4.54 -32.06
C GLY C 363 -33.97 -3.25 -31.58
N THR C 364 -33.05 -3.36 -30.60
CA THR C 364 -32.26 -2.21 -30.14
C THR C 364 -30.81 -2.41 -30.59
N SER C 365 -30.15 -1.32 -30.98
CA SER C 365 -28.86 -1.38 -31.67
C SER C 365 -27.66 -1.01 -30.84
N SER C 366 -27.89 -0.39 -29.68
CA SER C 366 -26.79 0.01 -28.83
C SER C 366 -27.29 0.50 -27.50
N LEU C 367 -26.33 0.70 -26.60
CA LEU C 367 -26.57 1.35 -25.33
C LEU C 367 -26.81 2.84 -25.57
N LEU C 368 -25.79 3.53 -26.08
CA LEU C 368 -25.80 4.98 -26.20
C LEU C 368 -26.13 5.43 -27.63
N ARG C 369 -26.71 6.61 -27.77
CA ARG C 369 -26.94 7.21 -29.09
C ARG C 369 -25.63 7.40 -29.84
N ALA C 370 -24.60 7.81 -29.10
CA ALA C 370 -23.29 8.13 -29.69
C ALA C 370 -22.60 6.93 -30.34
N HIS C 371 -23.02 5.71 -30.00
CA HIS C 371 -22.45 4.52 -30.63
C HIS C 371 -23.49 3.62 -31.31
N MET C 372 -24.63 4.22 -31.66
CA MET C 372 -25.68 3.51 -32.37
C MET C 372 -25.39 3.48 -33.87
N PRO C 373 -25.31 2.29 -34.47
CA PRO C 373 -25.09 2.25 -35.91
C PRO C 373 -26.33 2.80 -36.61
N ALA C 374 -26.14 3.45 -37.76
CA ALA C 374 -27.26 3.98 -38.52
C ALA C 374 -28.12 2.88 -39.14
N GLY C 375 -29.41 3.17 -39.32
CA GLY C 375 -30.33 2.23 -39.94
C GLY C 375 -31.75 2.69 -39.66
N GLU C 376 -32.64 2.47 -40.62
CA GLU C 376 -34.01 2.94 -40.49
C GLU C 376 -34.69 2.46 -39.21
N ASN C 377 -35.21 3.41 -38.45
CA ASN C 377 -35.92 3.17 -37.20
C ASN C 377 -35.09 2.62 -36.04
N ASN C 378 -33.75 2.58 -36.21
CA ASN C 378 -32.86 2.16 -35.13
C ASN C 378 -33.02 2.98 -33.86
N ILE C 379 -32.86 2.31 -32.72
CA ILE C 379 -32.99 2.93 -31.41
C ILE C 379 -31.94 2.40 -30.44
N SER C 380 -31.49 3.29 -29.56
CA SER C 380 -30.59 2.92 -28.47
C SER C 380 -31.37 2.82 -27.16
N VAL C 381 -30.80 2.05 -26.24
CA VAL C 381 -31.26 1.96 -24.86
C VAL C 381 -31.43 3.34 -24.22
N GLU C 382 -30.48 4.23 -24.52
CA GLU C 382 -30.46 5.59 -23.99
C GLU C 382 -31.75 6.34 -24.31
N GLU C 383 -32.15 6.31 -25.58
CA GLU C 383 -33.36 6.99 -26.00
C GLU C 383 -34.61 6.48 -25.27
N ILE C 384 -34.68 5.16 -25.05
CA ILE C 384 -35.79 4.52 -24.33
C ILE C 384 -35.81 5.00 -22.88
N VAL C 385 -34.64 5.03 -22.24
CA VAL C 385 -34.54 5.52 -20.87
C VAL C 385 -34.88 7.01 -20.78
N GLU C 386 -34.41 7.79 -21.76
CA GLU C 386 -34.72 9.21 -21.81
C GLU C 386 -36.20 9.48 -21.99
N GLY C 387 -36.84 8.78 -22.91
CA GLY C 387 -38.27 8.97 -23.10
C GLY C 387 -39.03 8.79 -21.80
N TYR C 388 -38.68 7.75 -21.04
CA TYR C 388 -39.38 7.43 -19.79
C TYR C 388 -39.07 8.38 -18.64
N GLN C 389 -37.78 8.60 -18.39
CA GLN C 389 -37.34 9.47 -17.32
C GLN C 389 -37.70 10.94 -17.58
N ASN C 390 -37.51 11.42 -18.81
CA ASN C 390 -37.87 12.80 -19.17
C ASN C 390 -39.36 13.07 -19.08
N ASN C 391 -40.18 12.02 -19.17
CA ASN C 391 -41.62 12.21 -19.08
C ASN C 391 -42.19 11.73 -17.75
N ASN C 392 -41.28 11.54 -16.79
CA ASN C 392 -41.62 11.27 -15.39
C ASN C 392 -42.48 10.04 -15.20
N PHE C 393 -42.18 8.98 -15.96
CA PHE C 393 -42.77 7.69 -15.68
C PHE C 393 -42.06 7.02 -14.52
N PRO C 394 -42.84 6.42 -13.62
CA PRO C 394 -42.17 5.44 -12.75
C PRO C 394 -41.68 4.35 -13.69
N PHE C 395 -40.41 3.97 -13.56
CA PHE C 395 -39.78 3.08 -14.55
C PHE C 395 -38.66 2.30 -13.90
N GLU C 396 -38.73 0.98 -13.99
CA GLU C 396 -37.85 0.12 -13.20
C GLU C 396 -36.53 -0.18 -13.90
N GLY C 397 -36.59 -0.30 -15.22
CA GLY C 397 -35.43 -0.71 -15.99
C GLY C 397 -35.78 -1.45 -17.27
N LEU C 398 -34.81 -2.23 -17.74
CA LEU C 398 -34.80 -2.73 -19.09
C LEU C 398 -34.79 -4.24 -19.16
N ALA C 399 -35.43 -4.74 -20.21
CA ALA C 399 -35.31 -6.15 -20.58
C ALA C 399 -34.47 -6.18 -21.85
N VAL C 400 -33.18 -6.49 -21.69
CA VAL C 400 -32.23 -6.43 -22.79
C VAL C 400 -32.19 -7.76 -23.53
N ASP C 401 -32.58 -7.73 -24.79
CA ASP C 401 -32.84 -8.96 -25.52
C ASP C 401 -31.55 -9.54 -26.11
N VAL C 402 -31.71 -10.67 -26.79
CA VAL C 402 -30.63 -11.48 -27.37
C VAL C 402 -29.80 -10.69 -28.39
N ASP C 403 -30.34 -9.55 -28.82
CA ASP C 403 -29.64 -8.70 -29.77
C ASP C 403 -28.56 -7.84 -29.12
N MET C 404 -28.36 -7.99 -27.81
CA MET C 404 -27.20 -7.43 -27.10
C MET C 404 -25.96 -8.34 -27.24
N GLN C 405 -26.20 -9.64 -27.40
CA GLN C 405 -25.11 -10.59 -27.45
C GLN C 405 -24.31 -10.50 -28.74
N ASP C 406 -23.08 -10.98 -28.69
CA ASP C 406 -22.28 -11.13 -29.88
C ASP C 406 -22.78 -12.33 -30.68
N ASN C 407 -23.63 -12.06 -31.68
CA ASN C 407 -24.09 -13.08 -32.61
C ASN C 407 -24.69 -14.32 -31.99
N LEU C 408 -25.69 -14.13 -31.11
CA LEU C 408 -26.45 -15.25 -30.53
C LEU C 408 -25.63 -16.12 -29.59
N ARG C 409 -24.49 -15.63 -29.16
CA ARG C 409 -23.69 -16.33 -28.14
C ARG C 409 -24.17 -15.91 -26.76
N VAL C 410 -24.86 -16.82 -26.07
CA VAL C 410 -25.39 -16.53 -24.75
C VAL C 410 -24.26 -16.23 -23.76
N PHE C 411 -24.50 -15.30 -22.84
CA PHE C 411 -23.50 -14.87 -21.84
C PHE C 411 -22.44 -13.90 -22.38
N THR C 412 -22.58 -13.45 -23.62
CA THR C 412 -21.67 -12.44 -24.16
C THR C 412 -22.41 -11.11 -24.37
N THR C 413 -21.63 -10.07 -24.67
CA THR C 413 -22.16 -8.77 -25.09
C THR C 413 -21.32 -8.30 -26.27
N LYS C 414 -21.83 -7.32 -27.01
CA LYS C 414 -20.99 -6.64 -27.99
C LYS C 414 -20.70 -5.18 -27.63
N GLY C 415 -19.70 -4.60 -28.27
CA GLY C 415 -19.20 -3.28 -27.94
C GLY C 415 -20.22 -2.16 -27.88
N GLU C 416 -21.21 -2.23 -28.77
CA GLU C 416 -22.23 -1.18 -28.90
C GLU C 416 -23.06 -1.04 -27.63
N PHE C 417 -23.01 -2.06 -26.76
CA PHE C 417 -23.76 -2.02 -25.51
C PHE C 417 -22.90 -1.64 -24.31
N TRP C 418 -21.80 -0.94 -24.61
CA TRP C 418 -20.91 -0.38 -23.61
C TRP C 418 -20.71 1.11 -23.91
N THR C 419 -20.47 1.91 -22.87
CA THR C 419 -20.37 3.35 -23.04
C THR C 419 -19.18 3.76 -23.89
N ALA C 420 -18.07 3.04 -23.77
CA ALA C 420 -16.87 3.33 -24.56
C ALA C 420 -16.84 2.55 -25.87
N ASN C 421 -17.96 1.92 -26.21
CA ASN C 421 -18.10 1.14 -27.44
C ASN C 421 -17.09 -0.02 -27.58
N ARG C 422 -16.78 -0.68 -26.47
CA ARG C 422 -15.95 -1.88 -26.48
C ARG C 422 -16.23 -2.72 -25.24
N VAL C 423 -16.07 -4.03 -25.33
CA VAL C 423 -16.42 -4.93 -24.21
C VAL C 423 -15.40 -4.84 -23.07
N GLY C 424 -15.86 -4.54 -21.86
CA GLY C 424 -14.97 -4.49 -20.69
C GLY C 424 -15.17 -5.73 -19.83
N THR C 425 -14.54 -5.77 -18.68
CA THR C 425 -14.74 -6.89 -17.75
C THR C 425 -15.55 -6.51 -16.53
N GLY C 426 -16.00 -5.25 -16.49
CA GLY C 426 -16.82 -4.75 -15.39
C GLY C 426 -16.04 -3.90 -14.39
N GLY C 427 -16.72 -2.97 -13.72
CA GLY C 427 -16.08 -2.18 -12.67
C GLY C 427 -15.29 -0.97 -13.16
N ASP C 428 -15.31 -0.74 -14.47
CA ASP C 428 -14.55 0.36 -15.05
C ASP C 428 -15.41 1.61 -15.16
N PRO C 429 -15.14 2.63 -14.31
CA PRO C 429 -15.97 3.83 -14.35
C PRO C 429 -15.90 4.53 -15.72
N ASN C 430 -14.85 4.26 -16.49
CA ASN C 430 -14.69 4.85 -17.80
C ASN C 430 -15.22 4.02 -18.98
N ASN C 431 -15.75 2.84 -18.69
CA ASN C 431 -16.40 2.01 -19.70
C ASN C 431 -17.44 1.11 -19.05
N ARG C 432 -18.65 1.64 -18.93
CA ARG C 432 -19.74 0.97 -18.26
C ARG C 432 -20.56 0.15 -19.25
N SER C 433 -20.88 -1.08 -18.84
CA SER C 433 -21.76 -1.94 -19.63
C SER C 433 -23.15 -1.33 -19.53
N VAL C 434 -24.05 -1.78 -20.40
CA VAL C 434 -25.46 -1.41 -20.36
C VAL C 434 -26.03 -1.51 -18.95
N PHE C 435 -25.66 -2.54 -18.20
CA PHE C 435 -26.20 -2.75 -16.85
C PHE C 435 -25.64 -1.81 -15.79
N GLU C 436 -24.37 -1.46 -15.92
CA GLU C 436 -23.74 -0.58 -14.94
C GLU C 436 -24.25 0.84 -15.17
N TRP C 437 -24.33 1.21 -16.44
CA TRP C 437 -24.90 2.48 -16.87
C TRP C 437 -26.35 2.58 -16.42
N ALA C 438 -27.10 1.49 -16.52
CA ALA C 438 -28.49 1.45 -16.05
C ALA C 438 -28.58 1.62 -14.52
N HIS C 439 -27.65 0.99 -13.79
CA HIS C 439 -27.57 1.22 -12.34
C HIS C 439 -27.47 2.70 -12.01
N ASP C 440 -26.64 3.41 -12.77
CA ASP C 440 -26.44 4.83 -12.55
C ASP C 440 -27.65 5.70 -12.88
N LYS C 441 -28.57 5.15 -13.68
CA LYS C 441 -29.85 5.82 -13.97
C LYS C 441 -30.93 5.43 -12.94
N GLY C 442 -30.53 4.65 -11.96
CA GLY C 442 -31.48 4.16 -10.95
C GLY C 442 -32.29 2.96 -11.44
N LEU C 443 -31.83 2.30 -12.50
CA LEU C 443 -32.55 1.16 -13.05
C LEU C 443 -31.96 -0.17 -12.65
N VAL C 444 -32.75 -1.23 -12.86
CA VAL C 444 -32.24 -2.60 -12.85
C VAL C 444 -32.64 -3.31 -14.14
N CYS C 445 -31.96 -4.39 -14.49
CA CYS C 445 -32.22 -5.05 -15.78
C CYS C 445 -32.24 -6.57 -15.67
N GLN C 446 -33.09 -7.17 -16.51
CA GLN C 446 -32.97 -8.57 -16.84
C GLN C 446 -32.43 -8.64 -18.27
N THR C 447 -31.87 -9.78 -18.64
CA THR C 447 -31.41 -10.00 -20.00
C THR C 447 -31.82 -11.40 -20.45
N ASN C 448 -31.87 -11.60 -21.75
CA ASN C 448 -32.24 -12.89 -22.34
C ASN C 448 -31.17 -13.99 -22.18
N ILE C 449 -31.47 -15.00 -21.38
CA ILE C 449 -30.62 -16.18 -21.34
C ILE C 449 -31.32 -17.29 -22.11
N THR C 450 -30.78 -17.59 -23.29
CA THR C 450 -31.21 -18.76 -24.05
C THR C 450 -30.50 -19.99 -23.50
N CYS C 451 -30.93 -21.17 -23.92
CA CYS C 451 -30.36 -22.45 -23.44
C CYS C 451 -29.69 -23.22 -24.58
N PHE C 452 -29.32 -22.50 -25.63
CA PHE C 452 -28.56 -23.08 -26.71
C PHE C 452 -27.21 -22.40 -26.83
N LEU C 453 -26.20 -23.18 -27.15
CA LEU C 453 -24.83 -22.69 -27.16
C LEU C 453 -24.28 -22.74 -28.56
N ARG C 454 -24.09 -21.56 -29.15
CA ARG C 454 -23.74 -21.44 -30.56
C ARG C 454 -22.56 -22.33 -30.89
N ASN C 455 -22.70 -23.13 -31.96
CA ASN C 455 -21.73 -24.16 -32.27
C ASN C 455 -20.84 -23.85 -33.49
N ASP C 456 -21.36 -23.05 -34.41
CA ASP C 456 -20.62 -22.63 -35.61
C ASP C 456 -20.03 -21.24 -35.41
N ASN C 457 -18.78 -21.21 -34.97
CA ASN C 457 -18.25 -19.97 -34.42
C ASN C 457 -17.30 -19.17 -35.31
N GLU C 458 -17.05 -19.71 -36.50
CA GLU C 458 -16.27 -19.03 -37.54
C GLU C 458 -14.90 -18.58 -37.02
N GLY C 459 -14.11 -19.53 -36.55
CA GLY C 459 -12.74 -19.27 -36.11
C GLY C 459 -12.60 -18.38 -34.89
N GLN C 460 -13.74 -17.94 -34.33
CA GLN C 460 -13.74 -17.08 -33.15
C GLN C 460 -14.07 -17.85 -31.87
N ASP C 461 -13.23 -17.70 -30.85
CA ASP C 461 -13.41 -18.44 -29.60
C ASP C 461 -14.71 -18.09 -28.88
N TYR C 462 -15.45 -19.11 -28.53
CA TYR C 462 -16.65 -18.96 -27.72
C TYR C 462 -16.56 -19.97 -26.59
N GLU C 463 -15.97 -19.52 -25.49
CA GLU C 463 -15.61 -20.38 -24.36
C GLU C 463 -16.77 -21.21 -23.78
N VAL C 464 -17.99 -20.68 -23.80
CA VAL C 464 -19.12 -21.39 -23.22
C VAL C 464 -19.38 -22.69 -23.99
N ASN C 465 -19.42 -22.57 -25.32
CA ASN C 465 -19.59 -23.74 -26.17
C ASN C 465 -18.40 -24.69 -26.03
N GLN C 466 -17.21 -24.12 -25.98
CA GLN C 466 -15.99 -24.93 -25.91
C GLN C 466 -15.87 -25.74 -24.61
N THR C 467 -16.21 -25.14 -23.48
CA THR C 467 -16.16 -25.87 -22.22
C THR C 467 -17.29 -26.88 -22.13
N LEU C 468 -18.43 -26.57 -22.74
CA LEU C 468 -19.52 -27.54 -22.84
C LEU C 468 -18.98 -28.79 -23.53
N ARG C 469 -18.23 -28.58 -24.61
CA ARG C 469 -17.62 -29.64 -25.40
C ARG C 469 -16.63 -30.51 -24.64
N GLU C 470 -15.61 -29.87 -24.06
CA GLU C 470 -14.53 -30.66 -23.43
C GLU C 470 -15.00 -31.36 -22.16
N ARG C 471 -15.99 -30.79 -21.47
CA ARG C 471 -16.55 -31.42 -20.29
C ARG C 471 -17.62 -32.47 -20.66
N GLN C 472 -17.93 -32.56 -21.94
CA GLN C 472 -18.95 -33.47 -22.48
C GLN C 472 -20.30 -33.38 -21.77
N LEU C 473 -20.82 -32.16 -21.66
CA LEU C 473 -22.08 -31.93 -20.97
C LEU C 473 -23.23 -31.76 -21.95
N TYR C 474 -22.91 -31.88 -23.23
CA TYR C 474 -23.90 -31.68 -24.28
C TYR C 474 -24.74 -32.95 -24.49
N THR C 475 -25.99 -32.75 -24.90
CA THR C 475 -26.83 -33.85 -25.28
C THR C 475 -26.23 -34.56 -26.49
N LYS C 476 -26.20 -35.89 -26.46
CA LYS C 476 -25.61 -36.66 -27.54
C LYS C 476 -26.59 -36.78 -28.71
N ASN C 477 -26.11 -37.37 -29.80
CA ASN C 477 -26.94 -37.66 -30.97
C ASN C 477 -27.39 -39.13 -31.04
N ASP C 478 -27.52 -39.78 -29.89
CA ASP C 478 -27.95 -41.18 -29.82
C ASP C 478 -29.46 -41.36 -29.78
N SER C 479 -29.91 -42.55 -30.20
CA SER C 479 -31.32 -42.91 -30.18
C SER C 479 -31.42 -44.44 -30.11
N LEU C 480 -32.64 -44.94 -29.92
CA LEU C 480 -32.87 -46.38 -29.94
C LEU C 480 -33.34 -46.78 -31.33
N THR C 481 -33.75 -45.79 -32.11
CA THR C 481 -34.32 -45.97 -33.44
C THR C 481 -33.29 -45.75 -34.54
N GLY C 482 -32.03 -45.52 -34.16
CA GLY C 482 -30.98 -45.24 -35.13
C GLY C 482 -31.30 -44.03 -36.01
N THR C 483 -31.89 -43.00 -35.42
CA THR C 483 -32.23 -41.79 -36.15
C THR C 483 -30.98 -40.90 -36.36
N ASP C 484 -30.84 -40.35 -37.57
CA ASP C 484 -29.75 -39.45 -37.90
C ASP C 484 -30.24 -38.00 -37.76
N PHE C 485 -29.87 -37.36 -36.65
CA PHE C 485 -30.35 -36.01 -36.34
C PHE C 485 -29.62 -34.92 -37.14
N GLY C 486 -28.53 -35.29 -37.80
CA GLY C 486 -27.74 -34.35 -38.58
C GLY C 486 -26.36 -34.18 -37.96
N MET C 487 -25.44 -33.59 -38.73
CA MET C 487 -24.06 -33.40 -38.28
C MET C 487 -23.43 -32.27 -39.09
N THR C 488 -22.44 -31.58 -38.51
CA THR C 488 -21.69 -30.54 -39.21
C THR C 488 -20.19 -30.77 -39.05
N ASP C 489 -19.41 -29.93 -39.71
CA ASP C 489 -17.94 -30.03 -39.68
C ASP C 489 -17.39 -29.74 -38.30
N ASP C 490 -18.11 -28.89 -37.54
CA ASP C 490 -17.67 -28.43 -36.23
C ASP C 490 -17.68 -29.57 -35.22
N GLY C 491 -18.55 -30.56 -35.46
CA GLY C 491 -18.78 -31.61 -34.49
C GLY C 491 -19.41 -31.05 -33.21
N PRO C 492 -19.23 -31.76 -32.09
CA PRO C 492 -18.55 -33.05 -32.02
C PRO C 492 -19.34 -34.13 -32.77
N SER C 493 -18.66 -35.19 -33.18
CA SER C 493 -19.28 -36.25 -33.98
C SER C 493 -20.45 -36.91 -33.25
N ASP C 494 -20.40 -36.94 -31.91
CA ASP C 494 -21.41 -37.64 -31.11
C ASP C 494 -22.40 -36.68 -30.44
N ALA C 495 -22.54 -35.49 -30.98
CA ALA C 495 -23.36 -34.47 -30.34
C ALA C 495 -24.67 -34.23 -31.09
N TYR C 496 -25.74 -33.96 -30.34
CA TYR C 496 -26.96 -33.46 -30.95
C TYR C 496 -26.71 -32.02 -31.34
N ILE C 497 -26.91 -31.72 -32.61
CA ILE C 497 -26.71 -30.37 -33.10
C ILE C 497 -28.03 -29.91 -33.71
N GLY C 498 -28.61 -28.88 -33.13
CA GLY C 498 -29.82 -28.28 -33.65
C GLY C 498 -29.52 -26.94 -34.28
N HIS C 499 -30.55 -26.27 -34.80
CA HIS C 499 -30.36 -25.01 -35.44
C HIS C 499 -31.38 -24.00 -34.92
N LEU C 500 -30.97 -22.74 -34.83
CA LEU C 500 -31.89 -21.67 -34.47
C LEU C 500 -31.87 -20.63 -35.57
N ASP C 501 -33.04 -20.14 -35.97
CA ASP C 501 -33.13 -19.27 -37.12
C ASP C 501 -34.08 -18.10 -36.87
N TYR C 502 -33.51 -16.98 -36.46
CA TYR C 502 -34.25 -15.75 -36.24
C TYR C 502 -34.51 -14.98 -37.54
N GLY C 503 -34.26 -15.61 -38.68
CA GLY C 503 -34.50 -14.98 -39.99
C GLY C 503 -33.43 -13.97 -40.37
N GLY C 504 -33.51 -13.49 -41.61
CA GLY C 504 -32.58 -12.49 -42.13
C GLY C 504 -31.09 -12.81 -41.98
N GLY C 505 -30.75 -14.10 -42.03
CA GLY C 505 -29.36 -14.54 -41.90
C GLY C 505 -28.87 -14.64 -40.46
N VAL C 506 -29.72 -14.27 -39.51
CA VAL C 506 -29.39 -14.36 -38.09
C VAL C 506 -29.80 -15.73 -37.59
N GLU C 507 -28.81 -16.62 -37.46
CA GLU C 507 -29.07 -18.02 -37.23
C GLU C 507 -27.76 -18.68 -36.78
N CYS C 508 -27.86 -19.85 -36.18
CA CYS C 508 -26.67 -20.60 -35.77
C CYS C 508 -27.01 -22.06 -35.52
N ASP C 509 -26.00 -22.92 -35.62
CA ASP C 509 -26.07 -24.27 -35.09
C ASP C 509 -25.92 -24.14 -33.58
N ALA C 510 -26.36 -25.16 -32.85
CA ALA C 510 -26.24 -25.11 -31.38
C ALA C 510 -26.08 -26.49 -30.73
N LEU C 511 -25.27 -26.52 -29.68
CA LEU C 511 -25.28 -27.64 -28.76
C LEU C 511 -26.23 -27.30 -27.62
N PHE C 512 -26.70 -28.32 -26.89
CA PHE C 512 -27.62 -28.09 -25.79
C PHE C 512 -27.18 -28.91 -24.59
N PRO C 513 -27.33 -28.37 -23.37
CA PRO C 513 -26.89 -29.10 -22.17
C PRO C 513 -27.80 -30.30 -21.88
N ASP C 514 -27.18 -31.42 -21.54
CA ASP C 514 -27.95 -32.61 -21.14
C ASP C 514 -28.30 -32.47 -19.66
N TRP C 515 -29.39 -31.74 -19.39
CA TRP C 515 -29.74 -31.27 -18.04
C TRP C 515 -29.86 -32.33 -16.95
N GLY C 516 -30.26 -33.55 -17.32
CA GLY C 516 -30.38 -34.67 -16.38
C GLY C 516 -29.07 -35.16 -15.79
N ARG C 517 -27.95 -34.83 -16.44
CA ARG C 517 -26.62 -35.15 -15.90
C ARG C 517 -26.37 -34.35 -14.64
N PRO C 518 -25.85 -35.00 -13.57
CA PRO C 518 -25.59 -34.29 -12.31
C PRO C 518 -24.45 -33.28 -12.36
N ASP C 519 -23.69 -33.23 -13.44
CA ASP C 519 -22.56 -32.30 -13.52
C ASP C 519 -22.84 -31.04 -14.35
N VAL C 520 -23.98 -31.00 -15.00
CA VAL C 520 -24.32 -29.87 -15.86
C VAL C 520 -24.57 -28.56 -15.10
N ALA C 521 -25.21 -28.66 -13.94
CA ALA C 521 -25.69 -27.48 -13.21
C ALA C 521 -24.60 -26.56 -12.71
N GLU C 522 -23.54 -27.14 -12.14
CA GLU C 522 -22.43 -26.34 -11.64
C GLU C 522 -21.85 -25.53 -12.80
N TRP C 523 -21.67 -26.20 -13.94
CA TRP C 523 -21.11 -25.57 -15.13
C TRP C 523 -22.01 -24.47 -15.64
N TRP C 524 -23.30 -24.73 -15.70
CA TRP C 524 -24.23 -23.77 -16.26
C TRP C 524 -24.30 -22.54 -15.38
N GLY C 525 -24.50 -22.76 -14.08
CA GLY C 525 -24.63 -21.68 -13.12
C GLY C 525 -23.43 -20.76 -13.14
N ASN C 526 -22.25 -21.36 -13.32
CA ASN C 526 -21.03 -20.59 -13.36
C ASN C 526 -20.97 -19.57 -14.51
N ASN C 527 -21.59 -19.89 -15.64
CA ASN C 527 -21.62 -18.96 -16.78
C ASN C 527 -22.24 -17.61 -16.43
N TYR C 528 -23.17 -17.62 -15.48
CA TYR C 528 -23.91 -16.42 -15.10
C TYR C 528 -23.04 -15.33 -14.52
N LYS C 529 -21.88 -15.71 -14.00
CA LYS C 529 -20.92 -14.75 -13.49
C LYS C 529 -20.51 -13.74 -14.56
N LYS C 530 -20.50 -14.17 -15.82
CA LYS C 530 -20.05 -13.35 -16.93
C LYS C 530 -20.96 -12.14 -17.13
N LEU C 531 -22.20 -12.27 -16.67
CA LEU C 531 -23.17 -11.18 -16.74
C LEU C 531 -23.34 -10.50 -15.38
N PHE C 532 -23.33 -11.28 -14.31
CA PHE C 532 -23.49 -10.66 -12.99
C PHE C 532 -22.31 -9.73 -12.63
N SER C 533 -21.11 -10.08 -13.06
CA SER C 533 -19.95 -9.25 -12.73
C SER C 533 -19.87 -8.01 -13.61
N ILE C 534 -20.73 -7.92 -14.63
CA ILE C 534 -20.82 -6.67 -15.38
C ILE C 534 -22.13 -5.97 -15.08
N GLY C 535 -22.73 -6.28 -13.94
CA GLY C 535 -23.86 -5.48 -13.44
C GLY C 535 -25.27 -6.03 -13.61
N LEU C 536 -25.44 -7.09 -14.39
CA LEU C 536 -26.75 -7.70 -14.58
C LEU C 536 -27.47 -8.03 -13.26
N ASP C 537 -28.75 -7.68 -13.16
CA ASP C 537 -29.50 -7.92 -11.93
C ASP C 537 -30.25 -9.24 -11.87
N PHE C 538 -31.01 -9.53 -12.92
CA PHE C 538 -31.75 -10.77 -13.00
C PHE C 538 -31.95 -11.23 -14.43
N VAL C 539 -32.63 -12.36 -14.61
CA VAL C 539 -32.64 -13.01 -15.91
C VAL C 539 -34.04 -13.37 -16.40
N TRP C 540 -34.15 -13.61 -17.69
CA TRP C 540 -35.28 -14.33 -18.19
C TRP C 540 -34.79 -15.47 -19.05
N GLN C 541 -35.36 -16.65 -18.83
CA GLN C 541 -34.99 -17.84 -19.59
C GLN C 541 -35.90 -17.93 -20.80
N ASP C 542 -35.28 -17.95 -21.98
CA ASP C 542 -36.04 -17.92 -23.22
C ASP C 542 -35.77 -19.20 -24.00
N MET C 543 -36.68 -19.53 -24.91
CA MET C 543 -36.48 -20.63 -25.86
C MET C 543 -36.28 -21.95 -25.11
N THR C 544 -37.08 -22.15 -24.06
CA THR C 544 -36.77 -23.23 -23.11
C THR C 544 -37.36 -24.60 -23.40
N VAL C 545 -37.93 -24.81 -24.60
CA VAL C 545 -38.51 -26.11 -24.95
C VAL C 545 -37.55 -27.31 -24.82
N PRO C 546 -36.30 -27.20 -25.31
CA PRO C 546 -35.63 -26.05 -25.93
C PRO C 546 -36.12 -25.80 -27.36
N ALA C 547 -36.39 -24.53 -27.67
CA ALA C 547 -36.84 -24.16 -29.00
C ALA C 547 -35.75 -24.44 -30.01
N MET C 548 -36.14 -24.97 -31.16
CA MET C 548 -35.23 -25.19 -32.28
C MET C 548 -35.99 -24.91 -33.57
N MET C 549 -35.25 -24.52 -34.60
CA MET C 549 -35.83 -24.36 -35.93
C MET C 549 -36.49 -25.69 -36.33
N PRO C 550 -37.71 -25.62 -36.89
CA PRO C 550 -38.36 -26.84 -37.41
C PRO C 550 -37.43 -27.55 -38.38
N HIS C 551 -37.34 -28.87 -38.28
CA HIS C 551 -36.39 -29.63 -39.09
C HIS C 551 -36.85 -31.07 -39.30
N LYS C 552 -36.59 -31.58 -40.51
CA LYS C 552 -36.96 -32.94 -40.88
C LYS C 552 -35.72 -33.81 -41.06
N ILE C 553 -35.72 -35.00 -40.45
CA ILE C 553 -34.63 -35.96 -40.58
C ILE C 553 -34.24 -36.14 -42.05
N GLY C 554 -32.95 -36.06 -42.34
CA GLY C 554 -32.47 -36.27 -43.70
C GLY C 554 -32.11 -34.96 -44.36
N ASP C 555 -32.72 -33.88 -43.90
CA ASP C 555 -32.36 -32.56 -44.39
C ASP C 555 -31.11 -32.06 -43.66
N ASP C 556 -30.35 -31.19 -44.32
CA ASP C 556 -29.24 -30.51 -43.66
C ASP C 556 -29.72 -29.81 -42.39
N ILE C 557 -28.80 -29.60 -41.46
CA ILE C 557 -29.18 -29.04 -40.16
C ILE C 557 -29.79 -27.65 -40.27
N ASN C 558 -29.28 -26.85 -41.21
CA ASN C 558 -29.77 -25.49 -41.40
C ASN C 558 -30.96 -25.35 -42.34
N VAL C 559 -31.53 -26.46 -42.80
CA VAL C 559 -32.69 -26.38 -43.69
C VAL C 559 -33.98 -26.79 -42.98
N LYS C 560 -35.05 -26.04 -43.23
CA LYS C 560 -36.35 -26.27 -42.60
C LYS C 560 -37.35 -26.76 -43.64
N PRO C 561 -38.38 -27.50 -43.20
CA PRO C 561 -39.39 -27.97 -44.16
C PRO C 561 -40.32 -26.84 -44.59
N ASP C 562 -41.13 -27.10 -45.60
CA ASP C 562 -42.23 -26.20 -45.93
C ASP C 562 -43.06 -26.00 -44.67
N GLY C 563 -43.49 -24.77 -44.43
CA GLY C 563 -44.28 -24.44 -43.24
C GLY C 563 -45.59 -25.19 -43.15
N ASN C 564 -46.04 -25.75 -44.28
CA ASN C 564 -47.26 -26.56 -44.33
C ASN C 564 -47.04 -27.99 -43.87
N TRP C 565 -45.77 -28.37 -43.79
CA TRP C 565 -45.39 -29.73 -43.43
C TRP C 565 -44.92 -29.74 -41.97
N PRO C 566 -45.30 -30.77 -41.20
CA PRO C 566 -46.11 -31.93 -41.57
C PRO C 566 -47.61 -31.61 -41.57
N ASN C 567 -48.40 -32.47 -42.20
CA ASN C 567 -49.85 -32.34 -42.14
C ASN C 567 -50.53 -33.71 -42.18
N ALA C 568 -51.87 -33.72 -42.20
CA ALA C 568 -52.61 -34.97 -42.13
C ALA C 568 -52.28 -35.91 -43.29
N ASP C 569 -52.27 -35.35 -44.50
CA ASP C 569 -52.05 -36.14 -45.72
C ASP C 569 -50.58 -36.39 -46.00
N ASP C 570 -49.73 -35.79 -45.19
CA ASP C 570 -48.30 -35.91 -45.33
C ASP C 570 -47.71 -35.82 -43.92
N PRO C 571 -47.98 -36.84 -43.08
CA PRO C 571 -47.67 -36.79 -41.65
C PRO C 571 -46.17 -36.83 -41.38
N SER C 572 -45.78 -36.65 -40.12
CA SER C 572 -44.37 -36.61 -39.78
C SER C 572 -43.67 -37.96 -39.95
N ASN C 573 -44.36 -39.03 -39.56
CA ASN C 573 -43.80 -40.39 -39.60
C ASN C 573 -42.44 -40.49 -38.94
N GLY C 574 -42.29 -39.81 -37.81
CA GLY C 574 -41.06 -39.83 -37.03
C GLY C 574 -39.92 -38.99 -37.59
N GLN C 575 -40.24 -38.06 -38.49
CA GLN C 575 -39.21 -37.26 -39.16
C GLN C 575 -39.10 -35.82 -38.65
N TYR C 576 -40.22 -35.28 -38.17
CA TYR C 576 -40.31 -33.90 -37.68
C TYR C 576 -39.76 -33.74 -36.27
N ASN C 577 -39.21 -32.57 -35.98
CA ASN C 577 -38.70 -32.30 -34.63
C ASN C 577 -39.67 -31.55 -33.73
N TRP C 578 -40.81 -31.15 -34.27
CA TRP C 578 -41.81 -30.38 -33.52
C TRP C 578 -41.16 -29.18 -32.82
N LYS C 579 -40.25 -28.52 -33.54
CA LYS C 579 -39.62 -27.27 -33.13
C LYS C 579 -38.85 -27.39 -31.81
N THR C 580 -38.19 -28.53 -31.65
CA THR C 580 -37.36 -28.81 -30.47
C THR C 580 -36.47 -29.99 -30.86
N TYR C 581 -35.91 -30.69 -29.88
CA TYR C 581 -35.21 -31.95 -30.11
C TYR C 581 -36.09 -32.89 -30.91
N HIS C 582 -35.50 -33.59 -31.88
CA HIS C 582 -36.16 -34.74 -32.46
C HIS C 582 -36.44 -35.72 -31.31
N PRO C 583 -37.72 -36.11 -31.16
CA PRO C 583 -38.24 -36.83 -29.99
C PRO C 583 -37.48 -38.10 -29.62
N GLN C 584 -36.77 -38.69 -30.58
CA GLN C 584 -36.07 -39.96 -30.38
C GLN C 584 -34.78 -39.82 -29.58
N VAL C 585 -34.28 -38.60 -29.48
CA VAL C 585 -32.96 -38.38 -28.85
C VAL C 585 -32.92 -38.90 -27.42
N LEU C 586 -31.87 -39.63 -27.09
CA LEU C 586 -31.68 -40.12 -25.74
C LEU C 586 -31.06 -39.05 -24.85
N VAL C 587 -31.83 -38.59 -23.85
CA VAL C 587 -31.37 -37.60 -22.90
C VAL C 587 -31.16 -38.27 -21.54
N THR C 588 -30.23 -37.75 -20.75
CA THR C 588 -30.07 -38.27 -19.41
C THR C 588 -31.35 -37.98 -18.61
N ASP C 589 -31.95 -39.03 -18.06
CA ASP C 589 -33.24 -38.97 -17.40
C ASP C 589 -33.31 -37.82 -16.38
N MET C 590 -34.27 -36.91 -16.57
CA MET C 590 -34.45 -35.76 -15.69
C MET C 590 -35.45 -36.06 -14.56
N ARG C 591 -36.21 -37.13 -14.71
CA ARG C 591 -37.15 -37.57 -13.69
C ARG C 591 -36.43 -38.30 -12.56
N TYR C 592 -35.36 -39.02 -12.91
CA TYR C 592 -34.62 -39.84 -11.96
C TYR C 592 -33.11 -39.66 -12.10
N GLU C 593 -32.50 -39.06 -11.09
CA GLU C 593 -31.06 -38.79 -11.11
C GLU C 593 -30.25 -40.09 -11.06
N ASN C 594 -29.15 -40.11 -11.82
CA ASN C 594 -28.23 -41.25 -11.86
C ASN C 594 -28.91 -42.55 -12.31
N HIS C 595 -29.77 -42.45 -13.32
CA HIS C 595 -30.57 -43.59 -13.78
C HIS C 595 -30.63 -43.70 -15.30
N GLY C 596 -29.48 -43.55 -15.95
CA GLY C 596 -29.39 -43.72 -17.40
C GLY C 596 -30.16 -42.72 -18.24
N ARG C 597 -30.54 -43.13 -19.45
CA ARG C 597 -31.19 -42.23 -20.39
C ARG C 597 -32.50 -42.77 -20.92
N GLU C 598 -33.34 -41.85 -21.37
CA GLU C 598 -34.62 -42.20 -21.96
C GLU C 598 -34.84 -41.23 -23.12
N PRO C 599 -35.63 -41.65 -24.11
CA PRO C 599 -36.05 -40.76 -25.19
C PRO C 599 -36.77 -39.53 -24.66
N MET C 600 -36.44 -38.36 -25.22
CA MET C 600 -37.00 -37.10 -24.80
C MET C 600 -38.55 -37.13 -24.76
N VAL C 601 -39.14 -37.92 -25.65
CA VAL C 601 -40.61 -38.01 -25.72
C VAL C 601 -41.25 -38.37 -24.36
N THR C 602 -40.51 -39.07 -23.51
CA THR C 602 -41.04 -39.50 -22.22
C THR C 602 -41.06 -38.39 -21.16
N GLN C 603 -40.41 -37.27 -21.46
CA GLN C 603 -40.24 -36.22 -20.45
C GLN C 603 -40.07 -34.84 -21.06
N ARG C 604 -40.63 -34.64 -22.25
CA ARG C 604 -40.56 -33.36 -22.94
C ARG C 604 -40.86 -32.18 -22.03
N ASN C 605 -41.93 -32.30 -21.24
CA ASN C 605 -42.44 -31.15 -20.47
C ASN C 605 -41.68 -30.82 -19.18
N ILE C 606 -40.59 -31.51 -18.90
CA ILE C 606 -39.79 -31.20 -17.70
C ILE C 606 -38.48 -30.46 -18.03
N HIS C 607 -38.22 -30.24 -19.32
CA HIS C 607 -36.97 -29.62 -19.76
C HIS C 607 -36.77 -28.21 -19.19
N ALA C 608 -37.72 -27.31 -19.39
CA ALA C 608 -37.58 -25.94 -18.87
C ALA C 608 -37.57 -25.94 -17.34
N TYR C 609 -38.37 -26.83 -16.76
CA TYR C 609 -38.39 -26.99 -15.30
C TYR C 609 -36.98 -27.32 -14.80
N THR C 610 -36.28 -28.20 -15.51
CA THR C 610 -34.98 -28.67 -15.03
C THR C 610 -33.94 -27.59 -15.17
N LEU C 611 -33.91 -26.94 -16.34
CA LEU C 611 -32.93 -25.88 -16.54
C LEU C 611 -33.17 -24.72 -15.57
N CYS C 612 -34.44 -24.46 -15.24
CA CYS C 612 -34.79 -23.41 -14.29
C CYS C 612 -34.32 -23.77 -12.90
N GLU C 613 -34.50 -25.04 -12.53
CA GLU C 613 -33.96 -25.54 -11.27
C GLU C 613 -32.46 -25.29 -11.17
N SER C 614 -31.73 -25.67 -12.20
CA SER C 614 -30.28 -25.51 -12.23
C SER C 614 -29.88 -24.03 -12.23
N THR C 615 -30.65 -23.21 -12.93
CA THR C 615 -30.38 -21.79 -12.97
C THR C 615 -30.59 -21.19 -11.58
N ARG C 616 -31.64 -21.62 -10.90
CA ARG C 616 -31.99 -21.09 -9.59
C ARG C 616 -30.92 -21.37 -8.54
N LYS C 617 -30.47 -22.63 -8.47
CA LYS C 617 -29.53 -23.03 -7.45
C LYS C 617 -28.10 -22.61 -7.77
N GLU C 618 -27.61 -23.00 -8.94
CA GLU C 618 -26.21 -22.77 -9.28
C GLU C 618 -26.02 -21.46 -10.03
N GLY C 619 -27.07 -20.98 -10.69
CA GLY C 619 -26.99 -19.73 -11.44
C GLY C 619 -27.21 -18.49 -10.58
N ILE C 620 -28.20 -18.56 -9.69
CA ILE C 620 -28.58 -17.39 -8.90
C ILE C 620 -28.13 -17.46 -7.43
N VAL C 621 -28.61 -18.45 -6.68
CA VAL C 621 -28.23 -18.62 -5.26
C VAL C 621 -26.71 -18.76 -5.04
N GLU C 622 -26.04 -19.54 -5.87
CA GLU C 622 -24.60 -19.75 -5.67
C GLU C 622 -23.75 -18.57 -6.15
N ASN C 623 -24.39 -17.58 -6.78
CA ASN C 623 -23.71 -16.38 -7.29
C ASN C 623 -24.09 -15.07 -6.62
N ALA C 624 -24.67 -15.14 -5.42
CA ALA C 624 -24.96 -13.94 -4.67
C ALA C 624 -23.73 -13.02 -4.54
N ASP C 625 -22.55 -13.59 -4.28
CA ASP C 625 -21.32 -12.78 -4.12
C ASP C 625 -20.98 -11.95 -5.35
N THR C 626 -21.38 -12.43 -6.53
CA THR C 626 -21.08 -11.72 -7.79
C THR C 626 -22.15 -10.68 -8.16
N LEU C 627 -23.37 -10.86 -7.66
CA LEU C 627 -24.41 -9.86 -7.87
C LEU C 627 -24.03 -8.50 -7.27
N THR C 628 -24.32 -7.42 -7.99
CA THR C 628 -23.78 -6.12 -7.63
C THR C 628 -24.64 -5.34 -6.63
N LYS C 629 -25.86 -4.99 -7.02
CA LYS C 629 -26.70 -4.14 -6.18
C LYS C 629 -27.63 -4.92 -5.24
N PHE C 630 -28.19 -6.02 -5.74
CA PHE C 630 -29.11 -6.83 -4.95
C PHE C 630 -28.65 -8.29 -4.99
N ARG C 631 -28.39 -8.85 -3.82
CA ARG C 631 -27.90 -10.24 -3.74
C ARG C 631 -29.01 -11.22 -4.09
N ARG C 632 -30.26 -10.83 -3.84
CA ARG C 632 -31.38 -11.64 -4.27
C ARG C 632 -31.68 -11.32 -5.74
N SER C 633 -31.97 -12.36 -6.51
CA SER C 633 -32.24 -12.19 -7.92
C SER C 633 -33.48 -13.02 -8.25
N TYR C 634 -33.84 -13.12 -9.53
CA TYR C 634 -35.06 -13.79 -9.93
C TYR C 634 -35.00 -14.29 -11.36
N ILE C 635 -35.82 -15.28 -11.64
CA ILE C 635 -35.94 -15.85 -12.98
C ILE C 635 -37.34 -15.58 -13.51
N ILE C 636 -37.42 -15.02 -14.71
CA ILE C 636 -38.70 -14.99 -15.43
C ILE C 636 -38.58 -15.93 -16.62
N SER C 637 -39.18 -17.12 -16.50
CA SER C 637 -39.04 -18.19 -17.48
C SER C 637 -40.12 -18.17 -18.57
N ARG C 638 -39.78 -18.70 -19.73
CA ARG C 638 -40.76 -18.87 -20.78
C ARG C 638 -41.48 -20.20 -20.65
N GLY C 639 -40.79 -21.22 -20.17
CA GLY C 639 -41.41 -22.54 -20.08
C GLY C 639 -41.26 -23.13 -18.71
N GLY C 640 -42.02 -24.19 -18.44
CA GLY C 640 -41.90 -24.89 -17.18
C GLY C 640 -42.98 -25.94 -16.98
N TYR C 641 -43.00 -26.49 -15.77
CA TYR C 641 -43.96 -27.50 -15.38
C TYR C 641 -44.48 -27.11 -14.00
N ILE C 642 -45.56 -27.75 -13.55
CA ILE C 642 -46.05 -27.53 -12.20
C ILE C 642 -44.86 -27.63 -11.26
N GLY C 643 -44.72 -26.65 -10.37
CA GLY C 643 -43.57 -26.60 -9.47
C GLY C 643 -42.59 -25.47 -9.78
N ASN C 644 -42.68 -24.89 -10.97
CA ASN C 644 -41.76 -23.82 -11.39
C ASN C 644 -41.67 -22.58 -10.48
N GLN C 645 -42.67 -22.40 -9.62
CA GLN C 645 -42.74 -21.23 -8.74
C GLN C 645 -41.62 -21.22 -7.69
N HIS C 646 -40.99 -22.38 -7.49
CA HIS C 646 -39.87 -22.48 -6.58
C HIS C 646 -38.59 -22.01 -7.23
N PHE C 647 -38.66 -21.74 -8.54
CA PHE C 647 -37.49 -21.23 -9.26
C PHE C 647 -37.66 -19.75 -9.63
N GLY C 648 -38.91 -19.31 -9.80
CA GLY C 648 -39.18 -17.95 -10.19
C GLY C 648 -40.58 -17.80 -10.77
N GLY C 649 -40.72 -16.89 -11.73
CA GLY C 649 -42.01 -16.60 -12.36
C GLY C 649 -41.95 -16.88 -13.86
N MET C 650 -42.95 -16.36 -14.58
CA MET C 650 -43.08 -16.63 -16.01
C MET C 650 -43.60 -15.42 -16.74
N TRP C 651 -43.32 -15.34 -18.04
CA TRP C 651 -44.08 -14.44 -18.89
C TRP C 651 -44.67 -15.31 -19.98
N VAL C 652 -45.83 -14.94 -20.51
CA VAL C 652 -46.50 -15.83 -21.46
C VAL C 652 -46.01 -15.63 -22.90
N GLY C 653 -44.72 -15.86 -23.12
CA GLY C 653 -44.15 -15.87 -24.46
C GLY C 653 -44.53 -14.70 -25.35
N ASP C 654 -44.74 -15.00 -26.63
CA ASP C 654 -45.01 -13.98 -27.61
C ASP C 654 -46.49 -13.86 -27.88
N ASN C 655 -47.14 -12.95 -27.19
CA ASN C 655 -48.52 -12.59 -27.53
C ASN C 655 -48.51 -11.51 -28.62
N SER C 656 -49.69 -11.00 -28.94
CA SER C 656 -49.81 -10.01 -29.99
C SER C 656 -50.67 -8.82 -29.56
N THR C 657 -50.87 -7.88 -30.47
CA THR C 657 -51.45 -6.61 -30.13
C THR C 657 -52.90 -6.56 -30.56
N THR C 658 -53.77 -7.24 -29.81
CA THR C 658 -55.23 -7.18 -30.04
C THR C 658 -56.02 -7.28 -28.73
N SER C 659 -57.31 -6.94 -28.79
CA SER C 659 -58.20 -7.07 -27.65
C SER C 659 -58.22 -8.51 -27.14
N ASN C 660 -58.34 -9.48 -28.05
CA ASN C 660 -58.30 -10.89 -27.69
C ASN C 660 -57.05 -11.26 -26.89
N TYR C 661 -55.93 -10.62 -27.18
CA TYR C 661 -54.72 -10.90 -26.41
C TYR C 661 -54.75 -10.30 -25.02
N ILE C 662 -55.43 -9.18 -24.85
CA ILE C 662 -55.68 -8.64 -23.51
C ILE C 662 -56.53 -9.62 -22.69
N GLN C 663 -57.55 -10.17 -23.33
CA GLN C 663 -58.46 -11.12 -22.70
C GLN C 663 -57.72 -12.39 -22.32
N MET C 664 -56.88 -12.85 -23.22
CA MET C 664 -56.03 -14.01 -22.98
C MET C 664 -55.07 -13.75 -21.84
N MET C 665 -54.51 -12.54 -21.77
CA MET C 665 -53.57 -12.17 -20.70
C MET C 665 -54.20 -12.31 -19.31
N ILE C 666 -55.42 -11.80 -19.18
CA ILE C 666 -56.15 -11.83 -17.91
C ILE C 666 -56.44 -13.28 -17.54
N ALA C 667 -56.96 -14.06 -18.48
CA ALA C 667 -57.30 -15.46 -18.21
C ALA C 667 -56.05 -16.28 -17.90
N ASN C 668 -54.97 -16.06 -18.64
CA ASN C 668 -53.71 -16.75 -18.39
C ASN C 668 -53.22 -16.46 -16.98
N ASN C 669 -53.24 -15.19 -16.59
CA ASN C 669 -52.81 -14.80 -15.26
C ASN C 669 -53.58 -15.48 -14.14
N ILE C 670 -54.91 -15.47 -14.26
CA ILE C 670 -55.78 -16.12 -13.28
C ILE C 670 -55.58 -17.64 -13.24
N ASN C 671 -55.48 -18.24 -14.43
CA ASN C 671 -55.33 -19.69 -14.52
C ASN C 671 -53.96 -20.18 -14.08
N MET C 672 -52.94 -19.37 -14.34
CA MET C 672 -51.58 -19.71 -13.93
C MET C 672 -51.46 -19.60 -12.43
N ASN C 673 -52.05 -18.55 -11.87
CA ASN C 673 -52.09 -18.36 -10.42
C ASN C 673 -52.71 -19.54 -9.68
N MET C 674 -53.77 -20.13 -10.23
CA MET C 674 -54.44 -21.24 -9.57
C MET C 674 -53.79 -22.56 -9.95
N SER C 675 -52.83 -22.48 -10.87
CA SER C 675 -51.94 -23.60 -11.14
C SER C 675 -50.65 -23.52 -10.31
N CYS C 676 -50.66 -22.68 -9.27
CA CYS C 676 -49.51 -22.47 -8.39
C CYS C 676 -48.31 -21.79 -9.04
N LEU C 677 -48.57 -20.94 -10.02
CA LEU C 677 -47.54 -20.09 -10.60
C LEU C 677 -48.02 -18.63 -10.60
N PRO C 678 -47.75 -17.91 -9.50
CA PRO C 678 -48.36 -16.60 -9.24
C PRO C 678 -47.67 -15.43 -9.94
N LEU C 679 -46.34 -15.42 -9.98
CA LEU C 679 -45.65 -14.27 -10.58
C LEU C 679 -45.56 -14.43 -12.09
N VAL C 680 -46.64 -14.04 -12.74
CA VAL C 680 -46.78 -14.24 -14.16
C VAL C 680 -47.33 -12.95 -14.80
N GLY C 681 -47.05 -12.74 -16.08
CA GLY C 681 -47.59 -11.60 -16.82
C GLY C 681 -47.41 -11.81 -18.31
N SER C 682 -47.98 -10.91 -19.10
CA SER C 682 -47.87 -10.97 -20.55
C SER C 682 -47.37 -9.64 -21.10
N ASP C 683 -46.66 -9.69 -22.23
CA ASP C 683 -46.06 -8.48 -22.78
C ASP C 683 -47.12 -7.41 -22.95
N ILE C 684 -46.96 -6.31 -22.22
CA ILE C 684 -47.89 -5.20 -22.24
C ILE C 684 -47.80 -4.49 -23.58
N GLY C 685 -48.94 -4.40 -24.26
CA GLY C 685 -48.98 -3.83 -25.59
C GLY C 685 -48.91 -4.93 -26.64
N GLY C 686 -48.51 -6.12 -26.21
CA GLY C 686 -48.40 -7.28 -27.10
C GLY C 686 -47.06 -7.29 -27.80
N PHE C 687 -46.50 -8.47 -27.98
CA PHE C 687 -45.15 -8.57 -28.55
C PHE C 687 -45.15 -8.34 -30.07
N THR C 688 -45.93 -9.12 -30.81
CA THR C 688 -45.78 -9.15 -32.27
C THR C 688 -46.65 -8.13 -32.99
N SER C 689 -46.32 -7.90 -34.26
CA SER C 689 -47.18 -7.14 -35.16
C SER C 689 -48.59 -7.71 -35.20
N TYR C 690 -49.55 -6.84 -35.51
CA TYR C 690 -50.96 -7.24 -35.56
C TYR C 690 -51.64 -6.81 -36.86
N ASP C 691 -51.14 -5.74 -37.48
CA ASP C 691 -51.74 -5.16 -38.68
C ASP C 691 -51.35 -5.98 -39.91
N ASN C 692 -52.34 -6.70 -40.47
CA ASN C 692 -52.11 -7.57 -41.62
C ASN C 692 -51.74 -6.81 -42.89
N GLU C 693 -52.18 -5.55 -42.96
CA GLU C 693 -51.94 -4.71 -44.13
C GLU C 693 -50.62 -3.92 -44.04
N ASN C 694 -50.19 -3.60 -42.83
CA ASN C 694 -48.85 -3.01 -42.59
C ASN C 694 -48.31 -3.39 -41.21
N GLN C 695 -47.41 -4.38 -41.18
CA GLN C 695 -46.93 -4.94 -39.92
C GLN C 695 -46.31 -3.93 -38.95
N ARG C 696 -45.89 -2.78 -39.49
CA ARG C 696 -45.15 -1.80 -38.70
C ARG C 696 -46.04 -0.90 -37.85
N THR C 697 -47.34 -0.92 -38.15
CA THR C 697 -48.31 -0.09 -37.42
C THR C 697 -48.27 -0.38 -35.92
N PRO C 698 -47.92 0.63 -35.11
CA PRO C 698 -47.81 0.39 -33.67
C PRO C 698 -49.17 0.14 -33.03
N CYS C 699 -49.15 -0.50 -31.86
CA CYS C 699 -50.32 -0.61 -31.00
C CYS C 699 -50.98 0.77 -30.94
N THR C 700 -52.30 0.81 -31.04
CA THR C 700 -53.02 2.09 -30.98
C THR C 700 -53.01 2.64 -29.57
N GLY C 701 -53.27 3.93 -29.46
CA GLY C 701 -53.30 4.57 -28.15
C GLY C 701 -54.35 3.97 -27.23
N ASP C 702 -55.55 3.73 -27.74
CA ASP C 702 -56.60 3.20 -26.90
C ASP C 702 -56.27 1.79 -26.40
N LEU C 703 -55.77 0.94 -27.29
CA LEU C 703 -55.50 -0.43 -26.93
C LEU C 703 -54.34 -0.49 -25.94
N MET C 704 -53.36 0.39 -26.09
CA MET C 704 -52.26 0.46 -25.14
C MET C 704 -52.79 0.84 -23.76
N VAL C 705 -53.71 1.82 -23.71
CA VAL C 705 -54.30 2.22 -22.45
C VAL C 705 -55.01 1.05 -21.76
N ARG C 706 -55.83 0.31 -22.50
CA ARG C 706 -56.53 -0.86 -21.94
C ARG C 706 -55.56 -1.99 -21.56
N TYR C 707 -54.51 -2.15 -22.34
CA TYR C 707 -53.49 -3.16 -22.06
C TYR C 707 -52.79 -2.83 -20.73
N VAL C 708 -52.44 -1.57 -20.56
CA VAL C 708 -51.76 -1.08 -19.37
C VAL C 708 -52.70 -1.15 -18.15
N GLN C 709 -53.96 -0.80 -18.36
CA GLN C 709 -54.94 -0.81 -17.28
C GLN C 709 -55.19 -2.23 -16.81
N ALA C 710 -55.27 -3.17 -17.74
CA ALA C 710 -55.52 -4.58 -17.41
C ALA C 710 -54.34 -5.25 -16.71
N GLY C 711 -53.13 -4.79 -17.02
CA GLY C 711 -51.93 -5.43 -16.49
C GLY C 711 -51.35 -4.74 -15.28
N CYS C 712 -51.87 -3.56 -14.96
CA CYS C 712 -51.24 -2.69 -13.96
C CYS C 712 -51.20 -3.23 -12.54
N LEU C 713 -52.00 -4.26 -12.24
CA LEU C 713 -51.93 -4.90 -10.94
C LEU C 713 -51.71 -6.40 -11.09
N LEU C 714 -51.36 -6.83 -12.30
CA LEU C 714 -50.97 -8.22 -12.49
C LEU C 714 -49.51 -8.35 -12.06
N PRO C 715 -49.10 -9.52 -11.58
CA PRO C 715 -47.80 -9.62 -10.88
C PRO C 715 -46.55 -9.22 -11.67
N TRP C 716 -46.47 -9.58 -12.96
CA TRP C 716 -45.31 -9.25 -13.79
C TRP C 716 -45.73 -8.26 -14.89
N PHE C 717 -45.10 -7.07 -14.89
CA PHE C 717 -45.60 -5.90 -15.61
C PHE C 717 -44.52 -5.30 -16.51
N ARG C 718 -44.50 -5.74 -17.77
CA ARG C 718 -43.46 -5.34 -18.70
C ARG C 718 -44.00 -5.14 -20.10
N ASN C 719 -43.75 -3.94 -20.64
CA ASN C 719 -44.00 -3.62 -22.05
C ASN C 719 -42.83 -4.17 -22.86
N HIS C 720 -43.11 -5.10 -23.76
CA HIS C 720 -42.02 -5.71 -24.52
C HIS C 720 -42.50 -6.04 -25.91
N TYR C 721 -41.70 -5.71 -26.92
CA TYR C 721 -42.21 -5.85 -28.28
C TYR C 721 -41.15 -6.09 -29.32
N ASP C 722 -41.64 -6.55 -30.48
CA ASP C 722 -40.81 -6.76 -31.64
C ASP C 722 -40.78 -5.43 -32.39
N ARG C 723 -39.60 -4.82 -32.47
CA ARG C 723 -39.45 -3.52 -33.16
C ARG C 723 -38.85 -3.68 -34.56
N TRP C 724 -39.59 -3.22 -35.55
CA TRP C 724 -39.07 -3.15 -36.92
C TRP C 724 -37.84 -2.24 -36.97
N ILE C 725 -36.71 -2.80 -37.36
CA ILE C 725 -35.54 -1.99 -37.70
C ILE C 725 -34.97 -2.46 -39.03
N GLU C 726 -34.21 -1.60 -39.70
CA GLU C 726 -33.69 -1.93 -41.01
C GLU C 726 -33.06 -3.34 -41.06
N SER C 727 -32.25 -3.67 -40.06
CA SER C 727 -31.52 -4.94 -40.06
C SER C 727 -32.31 -6.12 -39.51
N LYS C 728 -33.51 -5.87 -39.01
CA LYS C 728 -34.41 -6.93 -38.55
C LYS C 728 -35.81 -6.47 -38.90
N ASP C 729 -36.16 -6.63 -40.18
CA ASP C 729 -37.32 -5.99 -40.79
C ASP C 729 -38.68 -6.63 -40.53
N HIS C 730 -38.96 -6.94 -39.26
CA HIS C 730 -40.30 -7.34 -38.88
C HIS C 730 -40.56 -6.73 -37.52
N GLY C 731 -41.83 -6.42 -37.24
CA GLY C 731 -42.21 -5.80 -35.99
C GLY C 731 -42.88 -4.45 -36.17
N LYS C 732 -43.03 -3.74 -35.06
CA LYS C 732 -43.73 -2.47 -35.04
C LYS C 732 -42.74 -1.31 -34.90
N ASP C 733 -43.16 -0.10 -35.25
CA ASP C 733 -42.26 1.06 -35.23
C ASP C 733 -41.82 1.42 -33.81
N TYR C 734 -42.77 1.40 -32.89
CA TYR C 734 -42.53 1.76 -31.48
C TYR C 734 -43.66 1.20 -30.62
N GLN C 735 -43.53 1.30 -29.29
CA GLN C 735 -44.57 0.81 -28.39
C GLN C 735 -44.47 1.40 -26.99
N GLU C 736 -43.38 2.13 -26.74
CA GLU C 736 -43.08 2.66 -25.40
C GLU C 736 -44.18 3.64 -24.97
N LEU C 737 -44.46 3.67 -23.67
CA LEU C 737 -45.60 4.44 -23.16
C LEU C 737 -45.47 5.93 -23.44
N TYR C 738 -44.24 6.43 -23.48
CA TYR C 738 -43.98 7.85 -23.68
C TYR C 738 -44.18 8.23 -25.14
N MET C 739 -44.37 7.24 -26.00
CA MET C 739 -44.56 7.47 -27.43
C MET C 739 -46.03 7.74 -27.78
N TYR C 740 -46.88 7.88 -26.76
CA TYR C 740 -48.31 8.15 -26.96
C TYR C 740 -48.74 9.48 -26.34
N PRO C 741 -48.47 10.60 -27.03
CA PRO C 741 -48.74 11.93 -26.46
C PRO C 741 -50.14 12.09 -25.86
N ASN C 742 -51.17 11.73 -26.63
CA ASN C 742 -52.55 11.94 -26.18
C ASN C 742 -52.94 11.09 -24.97
N GLU C 743 -52.34 9.93 -24.84
CA GLU C 743 -52.68 9.02 -23.75
C GLU C 743 -51.66 9.06 -22.62
N MET C 744 -50.63 9.91 -22.76
CA MET C 744 -49.49 9.82 -21.85
C MET C 744 -49.88 10.01 -20.39
N ASP C 745 -50.74 11.00 -20.13
CA ASP C 745 -51.19 11.31 -18.77
C ASP C 745 -51.87 10.10 -18.12
N THR C 746 -52.76 9.45 -18.87
CA THR C 746 -53.42 8.22 -18.39
C THR C 746 -52.43 7.09 -18.15
N LEU C 747 -51.54 6.86 -19.11
CA LEU C 747 -50.54 5.80 -18.99
C LEU C 747 -49.68 5.99 -17.73
N ARG C 748 -49.12 7.17 -17.57
CA ARG C 748 -48.27 7.46 -16.43
C ARG C 748 -48.99 7.23 -15.11
N LYS C 749 -50.22 7.71 -15.00
CA LYS C 749 -50.92 7.65 -13.71
C LYS C 749 -51.27 6.23 -13.30
N PHE C 750 -51.53 5.34 -14.26
CA PHE C 750 -51.72 3.94 -13.94
C PHE C 750 -50.43 3.24 -13.48
N VAL C 751 -49.29 3.64 -14.02
CA VAL C 751 -48.02 3.10 -13.51
C VAL C 751 -47.74 3.65 -12.11
N GLU C 752 -48.03 4.93 -11.89
CA GLU C 752 -47.91 5.56 -10.56
C GLU C 752 -48.80 4.86 -9.54
N PHE C 753 -50.01 4.55 -9.98
CA PHE C 753 -51.00 3.83 -9.21
C PHE C 753 -50.46 2.46 -8.78
N ARG C 754 -49.84 1.75 -9.72
CA ARG C 754 -49.22 0.45 -9.39
C ARG C 754 -48.10 0.63 -8.37
N TYR C 755 -47.36 1.73 -8.49
CA TYR C 755 -46.21 1.95 -7.64
C TYR C 755 -46.62 2.26 -6.20
N ARG C 756 -47.74 2.96 -6.05
CA ARG C 756 -48.28 3.28 -4.74
C ARG C 756 -48.66 2.00 -4.01
N TRP C 757 -49.08 0.98 -4.77
CA TRP C 757 -49.45 -0.32 -4.21
C TRP C 757 -48.37 -1.39 -4.35
N GLN C 758 -47.11 -0.98 -4.42
CA GLN C 758 -46.02 -1.93 -4.49
C GLN C 758 -46.05 -2.95 -3.34
N GLU C 759 -46.41 -2.50 -2.14
CA GLU C 759 -46.46 -3.39 -0.97
C GLU C 759 -47.70 -4.27 -0.99
N VAL C 760 -48.77 -3.84 -1.65
CA VAL C 760 -49.89 -4.74 -1.84
C VAL C 760 -49.46 -5.95 -2.65
N LEU C 761 -48.72 -5.72 -3.74
CA LEU C 761 -48.20 -6.82 -4.55
C LEU C 761 -47.14 -7.63 -3.79
N TYR C 762 -46.24 -6.95 -3.09
CA TYR C 762 -45.15 -7.62 -2.38
C TYR C 762 -45.69 -8.48 -1.25
N THR C 763 -46.64 -7.93 -0.49
CA THR C 763 -47.27 -8.67 0.59
C THR C 763 -48.07 -9.86 0.05
N ALA C 764 -48.78 -9.67 -1.04
CA ALA C 764 -49.46 -10.77 -1.72
C ALA C 764 -48.47 -11.85 -2.08
N MET C 765 -47.32 -11.48 -2.64
CA MET C 765 -46.31 -12.48 -2.96
C MET C 765 -45.82 -13.20 -1.70
N TYR C 766 -45.63 -12.45 -0.61
CA TYR C 766 -45.29 -13.08 0.67
C TYR C 766 -46.33 -14.12 1.07
N GLN C 767 -47.61 -13.78 0.94
CA GLN C 767 -48.70 -14.67 1.25
C GLN C 767 -48.66 -15.93 0.39
N ASN C 768 -48.04 -15.83 -0.78
CA ASN C 768 -47.83 -16.98 -1.64
C ASN C 768 -46.63 -17.84 -1.21
N ALA C 769 -45.49 -17.19 -0.95
CA ALA C 769 -44.33 -17.93 -0.42
C ALA C 769 -44.66 -18.65 0.90
N ALA C 770 -45.48 -18.02 1.71
CA ALA C 770 -45.74 -18.53 3.06
C ALA C 770 -46.89 -19.53 3.12
N PHE C 771 -48.01 -19.21 2.45
CA PHE C 771 -49.24 -19.98 2.57
C PHE C 771 -49.79 -20.47 1.23
N GLY C 772 -49.13 -20.12 0.14
CA GLY C 772 -49.50 -20.59 -1.20
C GLY C 772 -50.76 -19.96 -1.76
N LYS C 773 -51.17 -18.82 -1.19
CA LYS C 773 -52.37 -18.15 -1.67
C LYS C 773 -52.04 -17.54 -3.04
N PRO C 774 -52.89 -17.82 -4.04
CA PRO C 774 -52.67 -17.19 -5.34
C PRO C 774 -52.76 -15.69 -5.19
N ILE C 775 -51.90 -14.95 -5.87
CA ILE C 775 -51.95 -13.50 -5.83
C ILE C 775 -53.26 -13.04 -6.47
N ILE C 776 -53.51 -13.52 -7.68
CA ILE C 776 -54.70 -13.17 -8.44
C ILE C 776 -55.77 -14.23 -8.21
N LYS C 777 -56.93 -13.83 -7.70
CA LYS C 777 -58.02 -14.78 -7.43
C LYS C 777 -59.02 -14.77 -8.57
N ALA C 778 -59.43 -15.96 -9.02
CA ALA C 778 -60.54 -16.07 -9.96
C ALA C 778 -61.80 -15.62 -9.25
N ALA C 779 -62.71 -14.98 -9.96
CA ALA C 779 -63.95 -14.52 -9.37
C ALA C 779 -64.65 -15.69 -8.67
N SER C 780 -64.56 -16.88 -9.26
CA SER C 780 -65.17 -18.06 -8.67
C SER C 780 -64.57 -18.47 -7.31
N MET C 781 -63.44 -17.89 -6.93
CA MET C 781 -62.87 -18.11 -5.59
C MET C 781 -63.59 -17.28 -4.52
N TYR C 782 -64.38 -16.31 -4.95
CA TYR C 782 -65.25 -15.59 -4.04
C TYR C 782 -66.48 -16.47 -3.79
N ASN C 783 -66.59 -16.99 -2.57
CA ASN C 783 -67.62 -17.95 -2.16
C ASN C 783 -68.98 -17.34 -1.88
N ASN C 784 -69.97 -18.23 -1.78
CA ASN C 784 -71.34 -17.87 -1.41
C ASN C 784 -71.94 -16.81 -2.32
N ASP C 785 -71.54 -16.87 -3.59
CA ASP C 785 -71.96 -15.93 -4.59
C ASP C 785 -72.25 -16.70 -5.87
N SER C 786 -73.49 -16.65 -6.31
CA SER C 786 -73.88 -17.46 -7.47
C SER C 786 -73.87 -16.66 -8.77
N ASN C 787 -73.29 -15.46 -8.75
CA ASN C 787 -73.14 -14.66 -9.96
C ASN C 787 -71.69 -14.42 -10.41
N VAL C 788 -70.72 -14.76 -9.57
CA VAL C 788 -69.32 -14.50 -9.92
C VAL C 788 -68.84 -15.35 -11.11
N ARG C 789 -69.44 -16.52 -11.25
CA ARG C 789 -69.03 -17.43 -12.32
C ARG C 789 -69.29 -16.75 -13.66
N ARG C 790 -70.43 -16.07 -13.76
CA ARG C 790 -70.75 -15.33 -14.96
C ARG C 790 -69.72 -14.26 -15.25
N ALA C 791 -69.24 -13.58 -14.21
CA ALA C 791 -68.31 -12.47 -14.40
C ALA C 791 -66.83 -12.87 -14.45
N GLN C 792 -66.54 -14.16 -14.36
CA GLN C 792 -65.16 -14.62 -14.15
C GLN C 792 -64.18 -14.45 -15.33
N ASN C 793 -64.67 -14.07 -16.50
CA ASN C 793 -63.76 -13.89 -17.63
C ASN C 793 -62.82 -12.70 -17.45
N ASP C 794 -63.31 -11.64 -16.81
CA ASP C 794 -62.63 -10.35 -16.78
C ASP C 794 -62.74 -9.65 -15.42
N HIS C 795 -63.27 -10.35 -14.43
CA HIS C 795 -63.25 -9.86 -13.05
C HIS C 795 -62.29 -10.71 -12.24
N PHE C 796 -61.42 -10.08 -11.46
CA PHE C 796 -60.52 -10.80 -10.57
C PHE C 796 -60.22 -10.00 -9.32
N LEU C 797 -59.71 -10.67 -8.28
CA LEU C 797 -59.44 -10.00 -7.02
C LEU C 797 -57.99 -10.23 -6.57
N LEU C 798 -57.55 -9.41 -5.63
CA LEU C 798 -56.22 -9.50 -5.07
C LEU C 798 -56.14 -8.59 -3.86
N GLY C 799 -55.08 -8.75 -3.07
CA GLY C 799 -54.63 -7.75 -2.12
C GLY C 799 -55.24 -7.79 -0.74
N GLY C 800 -54.54 -7.21 0.23
CA GLY C 800 -55.10 -7.01 1.55
C GLY C 800 -54.84 -8.19 2.45
N HIS C 801 -55.44 -8.16 3.63
CA HIS C 801 -55.16 -9.16 4.65
C HIS C 801 -55.53 -10.57 4.20
N ASP C 802 -56.62 -10.67 3.44
CA ASP C 802 -57.16 -11.94 2.97
C ASP C 802 -56.91 -12.22 1.48
N GLY C 803 -56.52 -11.19 0.74
CA GLY C 803 -56.25 -11.35 -0.68
C GLY C 803 -57.49 -11.13 -1.54
N TYR C 804 -58.52 -10.55 -0.94
CA TYR C 804 -59.76 -10.28 -1.65
C TYR C 804 -60.20 -8.84 -1.43
N ARG C 805 -59.25 -7.92 -1.22
CA ARG C 805 -59.63 -6.56 -0.85
C ARG C 805 -59.80 -5.63 -2.06
N ILE C 806 -59.34 -6.06 -3.23
CA ILE C 806 -59.39 -5.25 -4.44
C ILE C 806 -60.06 -6.01 -5.57
N LEU C 807 -61.07 -5.42 -6.19
CA LEU C 807 -61.72 -6.02 -7.34
C LEU C 807 -61.30 -5.26 -8.59
N CYS C 808 -60.88 -5.98 -9.63
CA CYS C 808 -60.56 -5.38 -10.90
C CYS C 808 -61.46 -5.95 -11.97
N ALA C 809 -62.00 -5.08 -12.82
CA ALA C 809 -62.77 -5.54 -13.96
C ALA C 809 -62.41 -4.72 -15.19
N PRO C 810 -61.20 -4.93 -15.73
CA PRO C 810 -60.65 -4.13 -16.83
C PRO C 810 -61.52 -4.20 -18.08
N VAL C 811 -61.62 -3.10 -18.81
CA VAL C 811 -62.29 -3.12 -20.12
C VAL C 811 -61.41 -3.91 -21.07
N VAL C 812 -62.00 -4.85 -21.81
CA VAL C 812 -61.21 -5.80 -22.60
C VAL C 812 -61.50 -5.67 -24.10
N TRP C 813 -62.02 -4.52 -24.50
CA TRP C 813 -62.22 -4.21 -25.91
C TRP C 813 -61.68 -2.82 -26.24
N GLU C 814 -61.08 -2.68 -27.43
CA GLU C 814 -60.67 -1.38 -27.92
C GLU C 814 -61.92 -0.57 -28.27
N ASN C 815 -61.80 0.75 -28.22
CA ASN C 815 -62.88 1.68 -28.59
C ASN C 815 -64.17 1.51 -27.80
N SER C 816 -64.01 1.28 -26.51
CA SER C 816 -65.12 0.93 -25.66
C SER C 816 -65.06 1.78 -24.41
N THR C 817 -66.18 2.40 -24.04
CA THR C 817 -66.21 3.28 -22.88
C THR C 817 -67.22 2.86 -21.82
N GLU C 818 -67.54 1.58 -21.80
CA GLU C 818 -68.49 1.04 -20.83
C GLU C 818 -68.30 -0.47 -20.75
N ARG C 819 -68.74 -1.07 -19.66
CA ARG C 819 -68.70 -2.52 -19.51
C ARG C 819 -69.79 -2.98 -18.54
N GLU C 820 -70.08 -4.27 -18.56
CA GLU C 820 -70.98 -4.87 -17.61
C GLU C 820 -70.19 -5.24 -16.37
N LEU C 821 -70.53 -4.61 -15.25
CA LEU C 821 -69.79 -4.77 -14.02
C LEU C 821 -70.59 -5.58 -13.01
N TYR C 822 -69.96 -6.58 -12.41
CA TYR C 822 -70.61 -7.29 -11.32
C TYR C 822 -69.79 -7.15 -10.03
N LEU C 823 -70.46 -6.74 -8.96
CA LEU C 823 -69.80 -6.58 -7.68
C LEU C 823 -70.15 -7.79 -6.82
N PRO C 824 -69.13 -8.48 -6.28
CA PRO C 824 -69.42 -9.60 -5.39
C PRO C 824 -70.31 -9.22 -4.19
N VAL C 825 -71.16 -10.17 -3.79
CA VAL C 825 -72.22 -9.96 -2.81
C VAL C 825 -71.71 -10.03 -1.36
N LEU C 826 -72.52 -9.51 -0.44
CA LEU C 826 -72.26 -9.55 1.01
C LEU C 826 -70.98 -8.84 1.44
N THR C 827 -70.66 -7.78 0.69
CA THR C 827 -69.66 -6.81 1.10
C THR C 827 -69.94 -5.49 0.38
N GLN C 828 -69.25 -4.43 0.79
CA GLN C 828 -69.38 -3.14 0.17
C GLN C 828 -68.08 -2.79 -0.55
N TRP C 829 -68.21 -2.11 -1.69
CA TRP C 829 -67.07 -1.74 -2.53
C TRP C 829 -66.97 -0.22 -2.73
N TYR C 830 -65.74 0.27 -2.87
CA TYR C 830 -65.46 1.68 -3.10
C TYR C 830 -64.70 1.88 -4.40
N LYS C 831 -65.28 2.62 -5.33
CA LYS C 831 -64.59 2.92 -6.59
C LYS C 831 -63.21 3.49 -6.29
N PHE C 832 -62.21 3.06 -7.05
CA PHE C 832 -60.84 3.49 -6.78
C PHE C 832 -60.04 3.59 -8.09
N GLY C 833 -58.72 3.67 -7.98
CA GLY C 833 -57.90 3.86 -9.16
C GLY C 833 -57.01 5.06 -8.94
N PRO C 834 -56.23 5.43 -9.97
CA PRO C 834 -55.19 6.46 -9.90
C PRO C 834 -55.63 7.83 -9.39
N ASP C 835 -56.87 8.23 -9.66
CA ASP C 835 -57.34 9.56 -9.27
C ASP C 835 -57.65 9.70 -7.78
N PHE C 836 -58.03 8.59 -7.15
CA PHE C 836 -58.58 8.65 -5.81
C PHE C 836 -57.57 8.88 -4.71
N ASP C 837 -56.29 8.76 -5.01
CA ASP C 837 -55.26 9.09 -4.02
C ASP C 837 -55.37 10.55 -3.57
N THR C 838 -55.87 11.40 -4.46
CA THR C 838 -55.82 12.85 -4.22
C THR C 838 -57.20 13.51 -4.14
N LYS C 839 -58.24 12.69 -3.96
CA LYS C 839 -59.59 13.21 -3.72
C LYS C 839 -60.35 12.27 -2.77
N PRO C 840 -61.54 12.70 -2.28
CA PRO C 840 -62.30 11.82 -1.40
C PRO C 840 -62.90 10.65 -2.17
N LEU C 841 -63.12 9.53 -1.49
CA LEU C 841 -63.88 8.43 -2.08
C LEU C 841 -65.30 8.88 -2.39
N GLU C 842 -65.96 8.15 -3.27
CA GLU C 842 -67.39 8.31 -3.48
C GLU C 842 -68.15 7.38 -2.53
N GLY C 843 -69.47 7.37 -2.61
CA GLY C 843 -70.30 6.56 -1.71
C GLY C 843 -70.11 5.06 -1.93
N ALA C 844 -70.40 4.26 -0.91
CA ALA C 844 -70.29 2.80 -1.01
C ALA C 844 -71.19 2.23 -2.11
N MET C 845 -70.65 1.31 -2.90
CA MET C 845 -71.42 0.56 -3.87
C MET C 845 -71.77 -0.81 -3.29
N ASN C 846 -73.03 -1.20 -3.42
CA ASN C 846 -73.54 -2.41 -2.77
C ASN C 846 -73.08 -3.68 -3.47
N GLY C 847 -72.52 -4.60 -2.71
CA GLY C 847 -72.22 -5.92 -3.22
C GLY C 847 -73.47 -6.59 -3.74
N GLY C 848 -73.32 -7.38 -4.79
CA GLY C 848 -74.46 -8.06 -5.41
C GLY C 848 -75.01 -7.32 -6.63
N ASP C 849 -74.59 -6.06 -6.78
CA ASP C 849 -75.04 -5.22 -7.88
C ASP C 849 -74.42 -5.65 -9.21
N ARG C 850 -75.29 -5.89 -10.19
CA ARG C 850 -74.89 -6.10 -11.56
C ARG C 850 -75.26 -4.84 -12.33
N ILE C 851 -74.26 -4.14 -12.85
CA ILE C 851 -74.47 -2.86 -13.52
C ILE C 851 -74.16 -2.94 -15.02
N TYR C 852 -75.20 -2.81 -15.83
CA TYR C 852 -75.04 -2.71 -17.28
C TYR C 852 -74.63 -1.31 -17.69
N ASN C 853 -73.88 -1.21 -18.78
CA ASN C 853 -73.46 0.08 -19.35
C ASN C 853 -72.67 0.96 -18.36
N TYR C 854 -71.94 0.31 -17.45
CA TYR C 854 -71.16 1.03 -16.43
C TYR C 854 -70.09 1.89 -17.10
N PRO C 855 -70.17 3.22 -16.91
CA PRO C 855 -69.23 4.14 -17.57
C PRO C 855 -67.76 3.86 -17.25
N VAL C 856 -66.96 3.67 -18.30
CA VAL C 856 -65.51 3.55 -18.20
C VAL C 856 -64.85 4.36 -19.31
N PRO C 857 -64.65 5.67 -19.07
CA PRO C 857 -63.93 6.39 -20.13
C PRO C 857 -62.50 5.88 -20.24
N GLN C 858 -61.82 6.25 -21.33
CA GLN C 858 -60.44 5.82 -21.58
C GLN C 858 -59.52 6.05 -20.40
N SER C 859 -59.66 7.20 -19.74
CA SER C 859 -58.78 7.55 -18.63
C SER C 859 -59.06 6.76 -17.34
N GLU C 860 -60.08 5.90 -17.35
CA GLU C 860 -60.43 5.13 -16.16
C GLU C 860 -60.42 3.63 -16.42
N SER C 861 -60.46 2.87 -15.34
CA SER C 861 -60.56 1.43 -15.40
C SER C 861 -61.33 1.03 -14.14
N PRO C 862 -62.24 0.05 -14.24
CA PRO C 862 -62.99 -0.37 -13.03
C PRO C 862 -62.13 -1.11 -12.02
N ILE C 863 -61.82 -0.43 -10.91
CA ILE C 863 -61.01 -0.99 -9.83
C ILE C 863 -61.65 -0.54 -8.51
N PHE C 864 -61.88 -1.47 -7.59
CA PHE C 864 -62.66 -1.18 -6.39
C PHE C 864 -61.97 -1.71 -5.15
N VAL C 865 -61.95 -0.92 -4.08
CA VAL C 865 -61.43 -1.37 -2.80
C VAL C 865 -62.59 -1.73 -1.87
N ARG C 866 -62.49 -2.92 -1.29
CA ARG C 866 -63.48 -3.47 -0.38
C ARG C 866 -63.44 -2.77 0.98
N GLU C 867 -64.62 -2.53 1.56
CA GLU C 867 -64.70 -2.08 2.94
C GLU C 867 -63.89 -3.04 3.82
N GLY C 868 -63.36 -2.52 4.91
CA GLY C 868 -62.64 -3.34 5.87
C GLY C 868 -61.20 -3.53 5.47
N ALA C 869 -60.77 -2.81 4.45
CA ALA C 869 -59.40 -2.90 3.94
C ALA C 869 -58.46 -1.90 4.59
N ILE C 870 -57.28 -2.37 4.99
CA ILE C 870 -56.18 -1.49 5.31
C ILE C 870 -55.03 -1.89 4.40
N LEU C 871 -54.62 -0.98 3.52
CA LEU C 871 -53.63 -1.32 2.50
C LEU C 871 -52.32 -0.56 2.73
N PRO C 872 -51.19 -1.29 2.72
CA PRO C 872 -49.90 -0.62 2.85
C PRO C 872 -49.60 0.10 1.54
N THR C 873 -49.22 1.37 1.63
CA THR C 873 -49.11 2.26 0.48
C THR C 873 -47.76 2.99 0.55
N ARG C 874 -47.13 3.25 -0.59
CA ARG C 874 -45.81 3.89 -0.56
C ARG C 874 -45.83 5.20 -1.33
N TYR C 875 -45.02 6.13 -0.86
CA TYR C 875 -44.83 7.42 -1.54
C TYR C 875 -43.35 7.76 -1.55
N THR C 876 -42.92 8.54 -2.53
CA THR C 876 -41.57 9.07 -2.48
C THR C 876 -41.56 10.29 -1.55
N LEU C 877 -40.46 10.46 -0.83
CA LEU C 877 -40.32 11.59 0.08
C LEU C 877 -40.34 12.90 -0.68
N ASN C 878 -39.78 12.90 -1.88
CA ASN C 878 -39.65 14.13 -2.66
C ASN C 878 -40.72 14.36 -3.72
N GLY C 879 -41.63 13.39 -3.88
CA GLY C 879 -42.75 13.53 -4.80
C GLY C 879 -42.44 13.28 -6.27
N GLU C 880 -41.22 12.80 -6.54
CA GLU C 880 -40.83 12.45 -7.90
C GLU C 880 -41.04 10.96 -8.11
N ASN C 881 -41.41 10.57 -9.33
CA ASN C 881 -41.55 9.17 -9.64
C ASN C 881 -40.17 8.54 -9.81
N LYS C 882 -39.89 7.52 -9.01
CA LYS C 882 -38.63 6.80 -9.15
C LYS C 882 -38.83 5.29 -9.16
N SER C 883 -37.74 4.57 -9.33
CA SER C 883 -37.79 3.13 -9.40
C SER C 883 -37.95 2.56 -8.01
N LEU C 884 -38.59 1.40 -7.92
CA LEU C 884 -38.81 0.72 -6.66
C LEU C 884 -37.46 0.43 -6.01
N ASN C 885 -36.48 0.08 -6.83
CA ASN C 885 -35.21 -0.38 -6.30
C ASN C 885 -34.41 0.77 -5.69
N THR C 886 -34.83 1.99 -5.97
CA THR C 886 -34.22 3.16 -5.31
C THR C 886 -35.05 3.76 -4.16
N TYR C 887 -36.14 3.14 -3.76
CA TYR C 887 -36.84 3.57 -2.53
C TYR C 887 -35.97 3.22 -1.32
N THR C 888 -36.05 4.02 -0.27
CA THR C 888 -35.51 3.65 1.02
C THR C 888 -36.66 3.70 2.01
N ASP C 889 -36.41 3.31 3.26
CA ASP C 889 -37.43 3.39 4.29
C ASP C 889 -37.81 4.83 4.67
N GLU C 890 -37.09 5.81 4.11
CA GLU C 890 -37.43 7.22 4.32
C GLU C 890 -38.51 7.65 3.33
N ASP C 891 -38.84 6.77 2.38
CA ASP C 891 -39.98 7.01 1.51
C ASP C 891 -41.21 6.46 2.22
N PRO C 892 -42.14 7.36 2.60
CA PRO C 892 -43.27 7.05 3.48
C PRO C 892 -43.94 5.69 3.25
N LEU C 893 -44.17 4.97 4.34
CA LEU C 893 -45.05 3.81 4.32
C LEU C 893 -46.34 4.25 5.00
N VAL C 894 -47.45 4.07 4.33
CA VAL C 894 -48.72 4.58 4.81
C VAL C 894 -49.73 3.43 4.85
N PHE C 895 -50.27 3.14 6.04
CA PHE C 895 -51.35 2.19 6.16
C PHE C 895 -52.66 2.91 5.94
N GLU C 896 -53.25 2.70 4.77
CA GLU C 896 -54.45 3.40 4.41
C GLU C 896 -55.66 2.61 4.83
N VAL C 897 -56.43 3.18 5.76
CA VAL C 897 -57.60 2.55 6.32
C VAL C 897 -58.84 3.01 5.58
N PHE C 898 -59.43 2.10 4.83
CA PHE C 898 -60.65 2.38 4.08
C PHE C 898 -61.88 2.30 4.97
N PRO C 899 -63.03 2.81 4.51
CA PRO C 899 -64.19 2.75 5.39
C PRO C 899 -64.37 1.33 5.94
N LEU C 900 -64.67 1.25 7.23
CA LEU C 900 -64.77 -0.03 7.93
C LEU C 900 -65.88 -0.93 7.39
N GLY C 901 -65.66 -2.23 7.47
CA GLY C 901 -66.68 -3.24 7.20
C GLY C 901 -67.08 -3.90 8.51
N ASN C 902 -68.37 -3.82 8.82
CA ASN C 902 -68.88 -4.32 10.10
C ASN C 902 -68.06 -3.82 11.27
N ASN C 903 -67.73 -2.53 11.22
CA ASN C 903 -67.01 -1.82 12.29
C ASN C 903 -65.55 -2.21 12.48
N ARG C 904 -64.97 -2.86 11.48
CA ARG C 904 -63.56 -3.19 11.56
C ARG C 904 -62.87 -3.12 10.19
N ALA C 905 -61.55 -3.06 10.23
CA ALA C 905 -60.74 -3.16 9.03
C ALA C 905 -59.49 -3.91 9.44
N ASP C 906 -58.82 -4.51 8.47
CA ASP C 906 -57.68 -5.38 8.76
C ASP C 906 -56.66 -5.19 7.66
N GLY C 907 -55.39 -5.38 8.00
CA GLY C 907 -54.32 -5.19 7.05
C GLY C 907 -53.08 -6.00 7.40
N MET C 908 -52.23 -6.19 6.39
CA MET C 908 -50.99 -6.92 6.54
C MET C 908 -49.97 -6.25 5.65
N CYS C 909 -48.73 -6.19 6.12
CA CYS C 909 -47.62 -5.75 5.29
C CYS C 909 -46.38 -6.56 5.58
N TYR C 910 -45.85 -7.20 4.54
CA TYR C 910 -44.54 -7.84 4.60
C TYR C 910 -43.47 -6.77 4.45
N LEU C 911 -42.39 -6.84 5.22
CA LEU C 911 -41.29 -5.89 5.11
C LEU C 911 -39.93 -6.58 5.16
N ASP C 912 -39.08 -6.26 4.20
CA ASP C 912 -37.68 -6.68 4.28
C ASP C 912 -36.82 -5.66 3.53
N ASP C 913 -35.55 -5.97 3.33
CA ASP C 913 -34.66 -5.00 2.67
C ASP C 913 -34.77 -5.01 1.14
N GLY C 914 -35.89 -5.47 0.59
CA GLY C 914 -36.13 -5.49 -0.87
C GLY C 914 -35.28 -6.47 -1.68
N GLY C 915 -34.39 -7.19 -1.01
CA GLY C 915 -33.54 -8.15 -1.69
C GLY C 915 -32.11 -7.68 -1.84
N VAL C 916 -31.80 -6.54 -1.23
CA VAL C 916 -30.41 -6.09 -1.11
C VAL C 916 -29.58 -7.27 -0.58
N THR C 917 -30.09 -7.96 0.43
CA THR C 917 -29.49 -9.22 0.88
C THR C 917 -30.50 -10.34 0.71
N THR C 918 -30.06 -11.57 0.95
CA THR C 918 -30.97 -12.71 0.95
C THR C 918 -31.23 -13.16 2.40
N ASN C 919 -31.00 -12.26 3.35
CA ASN C 919 -31.16 -12.56 4.76
C ASN C 919 -32.61 -12.85 5.19
N ALA C 920 -33.59 -12.23 4.53
CA ALA C 920 -34.99 -12.57 4.82
C ALA C 920 -35.23 -14.07 4.67
N GLU C 921 -34.84 -14.63 3.52
CA GLU C 921 -35.12 -16.01 3.17
C GLU C 921 -34.12 -17.01 3.77
N ASP C 922 -32.91 -16.55 4.07
CA ASP C 922 -31.87 -17.43 4.61
C ASP C 922 -31.81 -17.45 6.13
N ASN C 923 -32.14 -16.33 6.75
CA ASN C 923 -31.89 -16.10 8.18
C ASN C 923 -33.09 -15.54 8.94
N GLY C 924 -34.23 -15.45 8.25
CA GLY C 924 -35.46 -15.00 8.87
C GLY C 924 -35.56 -13.49 9.05
N LYS C 925 -34.71 -12.73 8.35
CA LYS C 925 -34.67 -11.27 8.53
C LYS C 925 -35.77 -10.52 7.79
N PHE C 926 -37.00 -10.66 8.29
CA PHE C 926 -38.15 -9.99 7.71
C PHE C 926 -39.22 -9.69 8.77
N SER C 927 -40.21 -8.89 8.41
CA SER C 927 -41.30 -8.54 9.32
C SER C 927 -42.64 -8.74 8.66
N VAL C 928 -43.64 -9.11 9.46
CA VAL C 928 -45.00 -9.22 8.97
C VAL C 928 -45.87 -8.41 9.91
N VAL C 929 -46.09 -7.16 9.55
CA VAL C 929 -46.90 -6.25 10.31
C VAL C 929 -48.37 -6.61 10.08
N LYS C 930 -49.13 -6.68 11.17
CA LYS C 930 -50.57 -6.82 11.08
C LYS C 930 -51.20 -5.60 11.73
N VAL C 931 -52.32 -5.14 11.17
CA VAL C 931 -53.02 -3.99 11.71
C VAL C 931 -54.53 -4.23 11.71
N ALA C 932 -55.19 -3.81 12.77
CA ALA C 932 -56.63 -3.96 12.88
C ALA C 932 -57.21 -2.64 13.35
N ALA C 933 -58.32 -2.25 12.76
CA ALA C 933 -59.07 -1.09 13.21
C ALA C 933 -60.42 -1.56 13.68
N GLU C 934 -60.87 -1.06 14.82
CA GLU C 934 -62.20 -1.37 15.32
C GLU C 934 -62.90 -0.09 15.79
N GLN C 935 -64.15 0.08 15.40
CA GLN C 935 -64.95 1.17 15.89
C GLN C 935 -65.94 0.63 16.94
N ASP C 936 -65.88 1.22 18.12
CA ASP C 936 -66.86 0.96 19.16
C ASP C 936 -67.35 2.29 19.70
N GLY C 937 -68.57 2.67 19.30
CA GLY C 937 -69.11 3.98 19.67
C GLY C 937 -68.30 5.12 19.09
N GLY C 938 -67.80 5.99 19.96
CA GLY C 938 -67.02 7.15 19.54
C GLY C 938 -65.52 6.92 19.62
N THR C 939 -65.13 5.68 19.91
CA THR C 939 -63.72 5.33 20.01
C THR C 939 -63.32 4.39 18.88
N GLU C 940 -62.29 4.77 18.12
CA GLU C 940 -61.72 3.88 17.12
C GLU C 940 -60.33 3.45 17.58
N THR C 941 -60.12 2.15 17.70
CA THR C 941 -58.84 1.61 18.14
C THR C 941 -58.12 0.99 16.96
N ILE C 942 -56.89 1.43 16.72
CA ILE C 942 -56.06 0.91 15.65
C ILE C 942 -54.83 0.22 16.25
N THR C 943 -54.75 -1.08 16.06
CA THR C 943 -53.77 -1.90 16.76
C THR C 943 -52.79 -2.53 15.79
N PHE C 944 -51.51 -2.26 16.01
CA PHE C 944 -50.45 -2.89 15.27
C PHE C 944 -49.93 -4.07 16.07
N THR C 945 -49.77 -5.20 15.40
CA THR C 945 -49.06 -6.33 15.94
C THR C 945 -48.14 -6.86 14.83
N ASN C 946 -47.54 -8.02 15.06
CA ASN C 946 -46.69 -8.64 14.05
C ASN C 946 -46.56 -10.15 14.30
N ASP C 947 -46.46 -10.93 13.22
CA ASP C 947 -46.16 -12.35 13.34
C ASP C 947 -44.67 -12.53 13.63
N CYS C 948 -43.88 -11.60 13.10
CA CYS C 948 -42.47 -11.45 13.47
C CYS C 948 -42.01 -10.03 13.10
N TYR C 949 -40.92 -9.60 13.72
CA TYR C 949 -40.36 -8.29 13.44
C TYR C 949 -38.85 -8.35 13.43
N GLU C 950 -38.28 -9.00 12.42
CA GLU C 950 -36.83 -9.12 12.31
C GLU C 950 -36.25 -8.15 11.32
N TYR C 951 -37.10 -7.39 10.64
CA TYR C 951 -36.64 -6.30 9.81
C TYR C 951 -37.14 -4.97 10.37
N VAL C 952 -36.24 -4.10 10.79
CA VAL C 952 -36.61 -2.80 11.34
C VAL C 952 -36.90 -1.78 10.22
N PHE C 953 -38.16 -1.44 10.00
CA PHE C 953 -38.47 -0.35 9.07
C PHE C 953 -37.77 0.91 9.58
N GLY C 954 -36.86 1.45 8.78
CA GLY C 954 -35.98 2.53 9.23
C GLY C 954 -36.50 3.94 9.01
N GLY C 955 -37.81 4.12 8.90
CA GLY C 955 -38.37 5.46 8.74
C GLY C 955 -39.69 5.62 9.46
N PRO C 956 -40.21 6.85 9.50
CA PRO C 956 -41.56 7.04 10.05
C PRO C 956 -42.60 6.26 9.23
N PHE C 957 -43.70 5.86 9.86
CA PHE C 957 -44.81 5.29 9.12
C PHE C 957 -46.08 6.08 9.41
N TYR C 958 -47.10 5.88 8.60
CA TYR C 958 -48.31 6.68 8.69
C TYR C 958 -49.53 5.79 8.74
N VAL C 959 -50.55 6.25 9.42
CA VAL C 959 -51.86 5.67 9.26
C VAL C 959 -52.73 6.76 8.65
N ARG C 960 -53.38 6.45 7.55
CA ARG C 960 -54.28 7.41 6.88
C ARG C 960 -55.71 6.87 6.95
N VAL C 961 -56.52 7.45 7.83
CA VAL C 961 -57.89 7.00 8.03
C VAL C 961 -58.85 7.76 7.11
N ARG C 962 -59.46 7.05 6.16
CA ARG C 962 -60.43 7.63 5.23
C ARG C 962 -61.76 7.86 5.93
N GLY C 963 -62.39 8.99 5.63
CA GLY C 963 -63.71 9.31 6.19
C GLY C 963 -63.64 9.83 7.61
N ALA C 964 -62.43 10.13 8.08
CA ALA C 964 -62.24 10.74 9.39
C ALA C 964 -61.66 12.13 9.19
N GLN C 965 -61.90 13.00 10.17
CA GLN C 965 -61.33 14.34 10.16
C GLN C 965 -60.80 14.69 11.54
N SER C 966 -61.16 15.89 12.03
CA SER C 966 -60.61 16.37 13.28
C SER C 966 -61.09 15.53 14.45
N PRO C 967 -60.14 14.95 15.20
CA PRO C 967 -60.42 14.24 16.44
C PRO C 967 -60.25 15.20 17.61
N SER C 968 -60.79 14.86 18.77
CA SER C 968 -60.51 15.68 19.94
C SER C 968 -59.28 15.18 20.69
N ASN C 969 -58.93 13.91 20.46
CA ASN C 969 -57.68 13.36 20.97
C ASN C 969 -57.25 12.06 20.26
N ILE C 970 -55.95 11.91 20.03
CA ILE C 970 -55.41 10.63 19.60
C ILE C 970 -54.31 10.20 20.56
N HIS C 971 -54.44 9.00 21.11
CA HIS C 971 -53.45 8.48 22.05
C HIS C 971 -52.69 7.31 21.44
N VAL C 972 -51.38 7.28 21.63
CA VAL C 972 -50.56 6.20 21.11
C VAL C 972 -49.87 5.48 22.24
N SER C 973 -50.20 4.21 22.42
CA SER C 973 -49.63 3.37 23.45
C SER C 973 -48.57 2.45 22.85
N SER C 974 -47.43 2.33 23.52
CA SER C 974 -46.36 1.46 23.03
C SER C 974 -45.37 1.12 24.12
N GLY C 975 -44.82 -0.09 24.06
CA GLY C 975 -43.77 -0.51 24.96
C GLY C 975 -42.51 0.32 24.77
N ALA C 976 -42.46 1.05 23.64
CA ALA C 976 -41.34 1.95 23.35
C ALA C 976 -41.65 3.38 23.81
N GLY C 977 -42.73 3.54 24.56
CA GLY C 977 -43.13 4.83 25.08
C GLY C 977 -44.50 5.24 24.56
N SER C 978 -45.34 5.76 25.45
CA SER C 978 -46.67 6.24 25.08
C SER C 978 -46.73 7.77 24.99
N GLN C 979 -47.55 8.28 24.07
CA GLN C 979 -47.77 9.72 23.97
C GLN C 979 -49.10 10.06 23.29
N ASP C 980 -49.62 11.24 23.57
CA ASP C 980 -50.75 11.77 22.84
C ASP C 980 -50.20 12.49 21.62
N MET C 981 -50.95 12.46 20.53
CA MET C 981 -50.55 13.13 19.31
C MET C 981 -51.02 14.58 19.33
N LYS C 982 -50.40 15.43 18.52
CA LYS C 982 -50.84 16.81 18.40
C LYS C 982 -51.07 17.19 16.94
N VAL C 983 -51.87 18.23 16.70
CA VAL C 983 -52.10 18.69 15.34
C VAL C 983 -50.81 19.29 14.75
N SER C 984 -50.44 18.84 13.55
CA SER C 984 -49.18 19.26 12.93
C SER C 984 -49.23 20.72 12.50
N SER C 985 -48.07 21.38 12.45
CA SER C 985 -48.04 22.72 11.87
C SER C 985 -47.88 22.61 10.35
N ALA C 986 -47.79 21.37 9.86
CA ALA C 986 -47.81 21.08 8.43
C ALA C 986 -49.25 21.07 7.92
N THR C 987 -49.48 21.59 6.71
CA THR C 987 -50.84 21.67 6.18
C THR C 987 -50.95 21.15 4.73
N SER C 988 -49.97 20.35 4.32
CA SER C 988 -50.06 19.59 3.08
C SER C 988 -49.43 18.22 3.32
N ARG C 989 -49.67 17.28 2.41
CA ARG C 989 -49.10 15.95 2.56
C ARG C 989 -47.59 16.03 2.45
N ALA C 990 -47.12 16.82 1.48
CA ALA C 990 -45.69 17.01 1.25
C ALA C 990 -45.02 17.60 2.49
N ALA C 991 -45.67 18.58 3.10
CA ALA C 991 -45.16 19.21 4.33
C ALA C 991 -45.16 18.24 5.50
N LEU C 992 -46.20 17.42 5.64
CA LEU C 992 -46.20 16.41 6.69
C LEU C 992 -45.04 15.42 6.50
N PHE C 993 -44.84 14.97 5.27
CA PHE C 993 -43.77 14.00 4.95
C PHE C 993 -42.39 14.54 5.32
N ASN C 994 -42.12 15.78 4.92
CA ASN C 994 -40.78 16.38 5.07
C ASN C 994 -40.52 17.15 6.37
N ASP C 995 -41.55 17.82 6.89
CA ASP C 995 -41.39 18.75 8.01
C ASP C 995 -42.20 18.36 9.25
N GLY C 996 -43.27 17.62 9.05
CA GLY C 996 -44.08 17.14 10.18
C GLY C 996 -43.20 16.33 11.11
N GLU C 997 -43.48 16.38 12.41
CA GLU C 997 -42.73 15.55 13.34
C GLU C 997 -43.54 14.34 13.79
N ASN C 998 -42.82 13.35 14.31
CA ASN C 998 -43.46 12.18 14.85
C ASN C 998 -44.41 12.54 15.99
N GLY C 999 -45.65 12.06 15.90
CA GLY C 999 -46.67 12.40 16.87
C GLY C 999 -47.65 13.40 16.30
N ASP C 1000 -47.38 13.87 15.09
CA ASP C 1000 -48.27 14.83 14.43
C ASP C 1000 -49.41 14.13 13.71
N PHE C 1001 -50.61 14.71 13.78
CA PHE C 1001 -51.66 14.31 12.85
C PHE C 1001 -52.02 15.48 11.95
N TRP C 1002 -52.56 15.17 10.77
CA TRP C 1002 -52.96 16.19 9.81
C TRP C 1002 -54.36 15.92 9.32
N VAL C 1003 -55.23 16.92 9.44
CA VAL C 1003 -56.59 16.84 8.93
C VAL C 1003 -56.59 17.26 7.47
N ASP C 1004 -56.80 16.28 6.60
CA ASP C 1004 -56.69 16.46 5.15
C ASP C 1004 -58.08 16.60 4.54
N GLN C 1005 -58.54 17.84 4.40
CA GLN C 1005 -59.87 18.15 3.89
C GLN C 1005 -60.07 17.78 2.42
N GLU C 1006 -59.01 17.87 1.62
CA GLU C 1006 -59.12 17.65 0.18
C GLU C 1006 -59.47 16.21 -0.19
N THR C 1007 -59.01 15.26 0.63
CA THR C 1007 -59.33 13.86 0.39
C THR C 1007 -60.11 13.23 1.56
N ASP C 1008 -60.67 14.08 2.41
CA ASP C 1008 -61.43 13.61 3.58
C ASP C 1008 -60.68 12.51 4.34
N SER C 1009 -59.43 12.77 4.70
CA SER C 1009 -58.62 11.79 5.41
C SER C 1009 -57.97 12.40 6.64
N LEU C 1010 -57.67 11.56 7.62
CA LEU C 1010 -56.89 11.98 8.78
C LEU C 1010 -55.58 11.21 8.78
N TRP C 1011 -54.45 11.92 8.77
CA TRP C 1011 -53.15 11.29 8.65
C TRP C 1011 -52.40 11.33 9.98
N LEU C 1012 -51.83 10.21 10.39
CA LEU C 1012 -51.04 10.13 11.61
C LEU C 1012 -49.59 9.81 11.26
N LYS C 1013 -48.66 10.65 11.70
CA LYS C 1013 -47.24 10.37 11.53
C LYS C 1013 -46.68 9.74 12.80
N LEU C 1014 -46.12 8.55 12.67
CA LEU C 1014 -45.66 7.79 13.83
C LEU C 1014 -44.19 7.38 13.67
N PRO C 1015 -43.44 7.37 14.79
CA PRO C 1015 -42.04 6.93 14.72
C PRO C 1015 -41.93 5.43 14.49
N ASN C 1016 -40.85 5.01 13.84
CA ASN C 1016 -40.66 3.60 13.52
C ASN C 1016 -40.73 2.67 14.73
N VAL C 1017 -40.30 3.17 15.89
CA VAL C 1017 -40.19 2.36 17.11
C VAL C 1017 -41.52 1.80 17.62
N VAL C 1018 -42.65 2.40 17.25
CA VAL C 1018 -43.94 1.89 17.69
C VAL C 1018 -44.65 1.00 16.64
N LEU C 1019 -44.02 0.82 15.48
CA LEU C 1019 -44.62 -0.02 14.43
C LEU C 1019 -44.98 -1.43 14.92
N PRO C 1020 -44.08 -2.07 15.71
CA PRO C 1020 -44.33 -3.44 16.15
C PRO C 1020 -45.52 -3.64 17.08
N ASP C 1021 -45.97 -2.60 17.77
CA ASP C 1021 -46.95 -2.80 18.84
C ASP C 1021 -47.95 -1.67 19.12
N ALA C 1022 -47.95 -0.63 18.29
CA ALA C 1022 -48.73 0.57 18.60
C ALA C 1022 -50.19 0.25 18.84
N VAL C 1023 -50.73 0.74 19.94
CA VAL C 1023 -52.18 0.74 20.12
C VAL C 1023 -52.59 2.20 20.07
N ILE C 1024 -53.23 2.59 18.98
CA ILE C 1024 -53.63 3.96 18.74
C ILE C 1024 -55.12 4.06 19.02
N THR C 1025 -55.53 5.00 19.86
CA THR C 1025 -56.94 5.18 20.14
C THR C 1025 -57.40 6.62 19.83
N ILE C 1026 -58.38 6.73 18.94
CA ILE C 1026 -58.86 8.02 18.43
C ILE C 1026 -60.23 8.31 19.01
N THR C 1027 -60.35 9.51 19.57
CA THR C 1027 -61.60 9.96 20.17
C THR C 1027 -62.00 11.34 19.63
N THR D 3 35.15 -64.58 0.09
CA THR D 3 34.48 -64.00 1.29
C THR D 3 33.88 -62.65 0.96
N ASP D 4 34.76 -61.67 0.69
CA ASP D 4 34.32 -60.31 0.37
C ASP D 4 33.72 -60.25 -1.03
N ASN D 5 32.56 -59.63 -1.15
CA ASN D 5 31.92 -59.42 -2.46
C ASN D 5 31.76 -60.74 -3.22
N PRO D 6 31.06 -61.72 -2.62
CA PRO D 6 30.95 -63.07 -3.20
C PRO D 6 30.37 -63.10 -4.60
N ASP D 7 29.43 -62.20 -4.90
CA ASP D 7 28.76 -62.17 -6.20
C ASP D 7 29.60 -61.50 -7.31
N GLY D 8 30.69 -60.86 -6.93
CA GLY D 8 31.57 -60.22 -7.89
C GLY D 8 30.95 -59.01 -8.56
N ILE D 9 30.32 -58.14 -7.76
CA ILE D 9 29.82 -56.86 -8.25
C ILE D 9 30.98 -55.92 -8.51
N ASP D 10 30.88 -55.09 -9.54
CA ASP D 10 31.82 -54.00 -9.72
C ASP D 10 31.14 -52.68 -9.36
N TYR D 11 31.62 -52.07 -8.27
CA TYR D 11 31.00 -50.85 -7.73
C TYR D 11 31.48 -49.63 -8.48
N LYS D 12 30.60 -49.05 -9.27
CA LYS D 12 30.99 -48.00 -10.17
C LYS D 12 30.79 -46.61 -9.59
N THR D 13 30.00 -46.51 -8.51
CA THR D 13 29.73 -45.20 -7.92
C THR D 13 29.89 -45.22 -6.41
N TYR D 14 30.57 -44.21 -5.87
CA TYR D 14 30.75 -44.13 -4.43
C TYR D 14 30.22 -42.84 -3.84
N ASP D 15 30.26 -41.76 -4.61
CA ASP D 15 29.86 -40.45 -4.10
C ASP D 15 28.36 -40.31 -3.97
N TYR D 16 27.96 -39.36 -3.12
CA TYR D 16 26.59 -38.90 -3.04
C TYR D 16 26.14 -38.54 -4.44
N VAL D 17 24.95 -38.98 -4.81
CA VAL D 17 24.36 -38.61 -6.08
C VAL D 17 23.02 -37.96 -5.78
N GLY D 18 22.97 -36.63 -5.85
CA GLY D 18 21.75 -35.91 -5.51
C GLY D 18 20.63 -36.25 -6.47
N VAL D 19 19.42 -35.82 -6.15
CA VAL D 19 18.28 -36.10 -7.02
C VAL D 19 18.47 -35.55 -8.43
N TRP D 20 19.29 -34.51 -8.54
CA TRP D 20 19.60 -33.85 -9.81
C TRP D 20 20.42 -34.75 -10.73
N GLY D 21 20.98 -35.82 -10.18
CA GLY D 21 21.79 -36.76 -10.96
C GLY D 21 21.22 -38.17 -10.98
N PHE D 22 19.98 -38.33 -10.54
CA PHE D 22 19.33 -39.64 -10.62
C PHE D 22 18.13 -39.53 -11.55
N SER D 23 18.26 -40.11 -12.74
CA SER D 23 17.24 -39.90 -13.75
C SER D 23 16.94 -41.16 -14.57
N PRO D 24 16.21 -42.10 -13.95
CA PRO D 24 15.84 -43.33 -14.64
C PRO D 24 14.94 -43.09 -15.86
N LEU D 25 14.13 -42.05 -15.85
CA LEU D 25 13.20 -41.81 -16.97
C LEU D 25 13.94 -41.32 -18.22
N SER D 26 15.23 -41.08 -18.08
CA SER D 26 16.10 -40.76 -19.22
C SER D 26 16.40 -42.00 -20.08
N ASN D 27 16.36 -43.17 -19.44
CA ASN D 27 16.40 -44.47 -20.14
C ASN D 27 17.76 -44.95 -20.62
N THR D 28 18.67 -44.00 -20.82
CA THR D 28 20.01 -44.28 -21.34
C THR D 28 20.75 -45.29 -20.46
N ASN D 29 21.12 -46.43 -21.05
CA ASN D 29 21.81 -47.51 -20.32
C ASN D 29 20.97 -48.24 -19.25
N TRP D 30 19.66 -48.03 -19.24
CA TRP D 30 18.79 -48.75 -18.30
C TRP D 30 18.13 -49.96 -18.96
N PHE D 31 18.15 -51.09 -18.27
CA PHE D 31 17.34 -52.26 -18.60
C PHE D 31 15.94 -52.05 -18.02
N ALA D 32 14.91 -52.41 -18.78
CA ALA D 32 13.55 -52.49 -18.24
C ALA D 32 12.96 -53.83 -18.65
N ALA D 33 11.89 -54.26 -17.97
CA ALA D 33 11.27 -55.54 -18.24
C ALA D 33 10.62 -55.56 -19.63
N GLY D 34 11.00 -56.55 -20.45
CA GLY D 34 10.51 -56.60 -21.84
C GLY D 34 9.54 -57.73 -22.15
N SER D 35 9.71 -58.86 -21.47
CA SER D 35 8.91 -60.06 -21.73
C SER D 35 9.24 -61.07 -20.64
N SER D 36 8.53 -62.20 -20.61
CA SER D 36 8.79 -63.22 -19.60
C SER D 36 8.10 -64.52 -19.94
N THR D 37 8.42 -65.56 -19.17
CA THR D 37 7.67 -66.80 -19.14
C THR D 37 7.54 -67.25 -17.68
N PRO D 38 6.45 -67.97 -17.36
CA PRO D 38 6.20 -68.45 -15.99
C PRO D 38 7.33 -69.32 -15.45
N GLY D 39 7.66 -69.15 -14.18
CA GLY D 39 8.72 -69.94 -13.52
C GLY D 39 8.26 -70.60 -12.22
N GLY D 40 6.98 -70.91 -12.14
CA GLY D 40 6.47 -71.71 -11.02
C GLY D 40 6.02 -70.94 -9.78
N ILE D 41 5.16 -71.58 -9.00
CA ILE D 41 4.64 -71.00 -7.76
C ILE D 41 4.95 -71.92 -6.59
N THR D 42 5.52 -71.36 -5.53
CA THR D 42 5.81 -72.10 -4.33
C THR D 42 5.29 -71.28 -3.16
N ASP D 43 4.43 -71.89 -2.34
CA ASP D 43 3.71 -71.18 -1.31
C ASP D 43 2.95 -70.03 -1.96
N TRP D 44 3.17 -68.81 -1.47
CA TRP D 44 2.53 -67.63 -2.06
C TRP D 44 3.51 -66.82 -2.90
N THR D 45 4.53 -67.48 -3.43
CA THR D 45 5.56 -66.80 -4.21
C THR D 45 5.61 -67.32 -5.63
N ALA D 46 5.27 -66.46 -6.58
CA ALA D 46 5.39 -66.78 -8.00
C ALA D 46 6.76 -66.31 -8.47
N THR D 47 7.30 -67.00 -9.47
CA THR D 47 8.51 -66.54 -10.12
C THR D 47 8.18 -66.33 -11.59
N MET D 48 8.56 -65.17 -12.13
CA MET D 48 8.51 -64.95 -13.56
C MET D 48 9.94 -64.82 -14.05
N ASN D 49 10.26 -65.59 -15.10
CA ASN D 49 11.56 -65.52 -15.72
C ASN D 49 11.59 -64.36 -16.74
N VAL D 50 12.00 -63.20 -16.25
CA VAL D 50 11.85 -61.96 -16.99
C VAL D 50 13.06 -61.62 -17.87
N ASN D 51 12.78 -61.34 -19.14
CA ASN D 51 13.76 -60.79 -20.05
C ASN D 51 13.78 -59.28 -19.94
N PHE D 52 14.91 -58.74 -19.52
CA PHE D 52 15.12 -57.31 -19.45
C PHE D 52 15.81 -56.84 -20.72
N ASP D 53 15.31 -55.74 -21.29
CA ASP D 53 15.84 -55.19 -22.52
C ASP D 53 16.34 -53.78 -22.27
N ARG D 54 17.46 -53.44 -22.92
CA ARG D 54 17.94 -52.06 -22.88
C ARG D 54 16.94 -51.18 -23.59
N ILE D 55 16.41 -50.18 -22.89
CA ILE D 55 15.38 -49.33 -23.48
C ILE D 55 15.88 -48.66 -24.77
N ASP D 56 17.12 -48.20 -24.77
CA ASP D 56 17.70 -47.49 -25.93
C ASP D 56 18.37 -48.43 -26.94
N ASN D 57 18.39 -49.73 -26.64
CA ASN D 57 18.97 -50.73 -27.55
C ASN D 57 18.37 -52.10 -27.25
N PRO D 58 17.09 -52.29 -27.60
CA PRO D 58 16.28 -53.39 -27.07
C PRO D 58 16.73 -54.78 -27.49
N SER D 59 17.59 -54.88 -28.50
CA SER D 59 18.17 -56.17 -28.84
C SER D 59 19.19 -56.66 -27.79
N ILE D 60 19.66 -55.76 -26.94
CA ILE D 60 20.51 -56.15 -25.81
C ILE D 60 19.61 -56.59 -24.66
N THR D 61 19.72 -57.87 -24.27
CA THR D 61 18.79 -58.47 -23.32
C THR D 61 19.44 -59.41 -22.30
N VAL D 62 18.87 -59.45 -21.12
CA VAL D 62 19.39 -60.32 -20.08
C VAL D 62 18.21 -60.83 -19.23
N GLN D 63 18.37 -62.01 -18.66
CA GLN D 63 17.28 -62.68 -17.98
C GLN D 63 17.53 -62.73 -16.47
N HIS D 64 16.49 -62.40 -15.69
CA HIS D 64 16.55 -62.56 -14.24
C HIS D 64 15.22 -63.05 -13.69
N PRO D 65 15.27 -63.98 -12.73
CA PRO D 65 14.02 -64.39 -12.07
C PRO D 65 13.47 -63.28 -11.19
N VAL D 66 12.18 -63.05 -11.27
CA VAL D 66 11.51 -62.02 -10.45
C VAL D 66 10.44 -62.70 -9.63
N GLN D 67 10.50 -62.53 -8.31
CA GLN D 67 9.52 -63.13 -7.42
C GLN D 67 8.37 -62.16 -7.13
N VAL D 68 7.16 -62.69 -7.16
CA VAL D 68 6.00 -61.93 -6.77
C VAL D 68 5.33 -62.68 -5.62
N GLN D 69 5.32 -62.06 -4.44
CA GLN D 69 4.87 -62.75 -3.25
C GLN D 69 3.71 -62.01 -2.59
N VAL D 70 2.59 -62.69 -2.41
CA VAL D 70 1.52 -62.13 -1.60
C VAL D 70 1.99 -62.23 -0.15
N THR D 71 2.06 -61.09 0.54
CA THR D 71 2.58 -61.07 1.91
C THR D 71 1.44 -61.04 2.95
N SER D 72 0.28 -60.55 2.54
CA SER D 72 -0.90 -60.62 3.39
C SER D 72 -2.19 -60.53 2.58
N TYR D 73 -2.96 -61.61 2.60
CA TYR D 73 -4.30 -61.62 2.00
C TYR D 73 -5.23 -60.62 2.70
N ASN D 74 -5.29 -60.68 4.04
CA ASN D 74 -6.24 -59.85 4.81
C ASN D 74 -5.89 -58.37 4.80
N ASN D 75 -4.60 -58.07 4.70
CA ASN D 75 -4.14 -56.68 4.74
C ASN D 75 -3.73 -56.15 3.36
N ASN D 76 -4.06 -56.91 2.33
CA ASN D 76 -3.93 -56.51 0.95
C ASN D 76 -2.54 -55.98 0.66
N SER D 77 -1.55 -56.83 0.82
CA SER D 77 -0.19 -56.43 0.54
C SER D 77 0.54 -57.50 -0.26
N TYR D 78 1.42 -57.08 -1.15
CA TYR D 78 2.26 -58.00 -1.87
C TYR D 78 3.65 -57.41 -2.11
N ARG D 79 4.53 -58.20 -2.72
CA ARG D 79 5.94 -57.84 -2.79
C ARG D 79 6.55 -58.30 -4.13
N VAL D 80 7.39 -57.46 -4.71
CA VAL D 80 8.15 -57.81 -5.92
C VAL D 80 9.64 -57.72 -5.62
N ARG D 81 10.39 -58.75 -6.00
CA ARG D 81 11.80 -58.80 -5.63
C ARG D 81 12.64 -59.50 -6.70
N PHE D 82 13.79 -58.92 -7.03
CA PHE D 82 14.78 -59.59 -7.88
C PHE D 82 16.18 -59.07 -7.57
N ASN D 83 17.17 -59.80 -8.07
CA ASN D 83 18.56 -59.42 -7.86
C ASN D 83 19.35 -59.57 -9.17
N PRO D 84 19.59 -58.44 -9.86
CA PRO D 84 20.31 -58.44 -11.14
C PRO D 84 21.77 -58.85 -11.00
N ASP D 85 22.25 -58.89 -9.76
CA ASP D 85 23.67 -59.11 -9.50
C ASP D 85 23.96 -60.51 -9.00
N GLY D 86 22.92 -61.29 -8.76
CA GLY D 86 23.10 -62.66 -8.27
C GLY D 86 21.83 -63.30 -7.75
N PRO D 87 21.97 -64.41 -7.00
CA PRO D 87 20.78 -65.07 -6.46
C PRO D 87 20.00 -64.14 -5.54
N ILE D 88 18.68 -64.32 -5.50
CA ILE D 88 17.86 -63.57 -4.58
C ILE D 88 18.12 -64.08 -3.16
N ARG D 89 18.34 -63.14 -2.24
CA ARG D 89 18.82 -63.48 -0.90
C ARG D 89 17.92 -62.84 0.14
N ASP D 90 17.59 -63.61 1.17
CA ASP D 90 16.83 -63.09 2.31
C ASP D 90 17.77 -62.35 3.25
N VAL D 91 17.48 -61.08 3.51
CA VAL D 91 18.25 -60.31 4.49
C VAL D 91 18.09 -60.94 5.87
N THR D 92 19.16 -60.95 6.67
CA THR D 92 19.03 -61.46 8.03
C THR D 92 18.66 -60.33 8.99
N ARG D 93 18.89 -59.10 8.56
CA ARG D 93 18.66 -57.93 9.39
C ARG D 93 17.89 -56.88 8.60
N GLY D 94 16.85 -56.31 9.21
CA GLY D 94 16.10 -55.23 8.58
C GLY D 94 14.64 -55.25 8.98
N PRO D 95 13.86 -54.26 8.54
CA PRO D 95 12.46 -54.15 8.97
C PRO D 95 11.61 -55.36 8.58
N ILE D 96 11.88 -55.94 7.41
CA ILE D 96 11.07 -57.05 6.91
C ILE D 96 11.89 -58.33 6.94
N LEU D 97 11.42 -59.30 7.71
CA LEU D 97 12.14 -60.55 7.91
C LEU D 97 11.32 -61.73 7.44
N LYS D 98 11.97 -62.69 6.78
CA LYS D 98 11.29 -63.90 6.32
C LYS D 98 10.44 -64.55 7.42
N GLN D 99 10.99 -64.62 8.63
CA GLN D 99 10.30 -65.22 9.78
C GLN D 99 8.91 -64.62 10.04
N GLN D 100 8.78 -63.30 9.89
CA GLN D 100 7.49 -62.66 10.13
C GLN D 100 6.56 -62.81 8.95
N LEU D 101 7.11 -62.77 7.74
CA LEU D 101 6.31 -63.03 6.54
C LEU D 101 5.74 -64.46 6.63
N ASP D 102 6.59 -65.41 7.00
CA ASP D 102 6.17 -66.81 7.21
C ASP D 102 5.08 -66.93 8.25
N TRP D 103 5.18 -66.17 9.34
CA TRP D 103 4.19 -66.24 10.39
C TRP D 103 2.84 -65.75 9.87
N ILE D 104 2.85 -64.58 9.24
CA ILE D 104 1.63 -64.00 8.70
C ILE D 104 0.95 -64.99 7.75
N ARG D 105 1.72 -65.52 6.81
CA ARG D 105 1.16 -66.41 5.81
C ARG D 105 0.60 -67.66 6.50
N THR D 106 1.34 -68.19 7.47
CA THR D 106 0.87 -69.38 8.17
C THR D 106 -0.49 -69.15 8.85
N GLN D 107 -0.65 -68.04 9.56
CA GLN D 107 -1.93 -67.71 10.22
C GLN D 107 -3.06 -67.59 9.19
N GLU D 108 -2.80 -66.88 8.11
CA GLU D 108 -3.83 -66.61 7.12
C GLU D 108 -4.25 -67.90 6.40
N LEU D 109 -3.27 -68.75 6.11
CA LEU D 109 -3.56 -70.04 5.51
C LEU D 109 -4.47 -70.84 6.45
N SER D 110 -4.20 -70.78 7.75
CA SER D 110 -5.01 -71.56 8.70
C SER D 110 -6.44 -71.02 8.78
N GLU D 111 -6.64 -69.80 8.28
CA GLU D 111 -7.97 -69.19 8.26
C GLU D 111 -8.66 -69.38 6.91
N GLY D 112 -8.01 -70.10 6.01
CA GLY D 112 -8.57 -70.36 4.69
C GLY D 112 -8.40 -69.22 3.68
N CYS D 113 -7.51 -68.27 3.95
CA CYS D 113 -7.22 -67.24 2.95
C CYS D 113 -6.57 -67.88 1.73
N ASP D 114 -7.08 -67.56 0.53
CA ASP D 114 -6.55 -68.16 -0.70
C ASP D 114 -6.42 -67.08 -1.74
N PRO D 115 -5.18 -66.62 -1.97
CA PRO D 115 -4.91 -65.61 -2.98
C PRO D 115 -5.15 -66.14 -4.41
N GLY D 116 -5.30 -67.47 -4.53
CA GLY D 116 -5.55 -68.11 -5.81
C GLY D 116 -4.51 -67.78 -6.89
N MET D 117 -3.27 -67.59 -6.47
CA MET D 117 -2.18 -67.27 -7.40
C MET D 117 -2.12 -68.26 -8.54
N THR D 118 -2.15 -67.75 -9.77
CA THR D 118 -2.15 -68.62 -10.94
C THR D 118 -1.54 -67.94 -12.16
N PHE D 119 -0.93 -68.71 -13.04
CA PHE D 119 -0.56 -68.20 -14.34
C PHE D 119 -1.69 -68.48 -15.30
N THR D 120 -2.17 -67.44 -15.99
CA THR D 120 -3.22 -67.59 -17.00
C THR D 120 -2.65 -68.39 -18.17
N SER D 121 -3.48 -68.70 -19.15
CA SER D 121 -3.00 -69.47 -20.30
C SER D 121 -1.92 -68.70 -21.07
N GLU D 122 -2.07 -67.38 -21.13
CA GLU D 122 -1.08 -66.52 -21.79
C GLU D 122 0.22 -66.37 -21.00
N GLY D 123 0.27 -66.89 -19.77
CA GLY D 123 1.46 -66.75 -18.93
C GLY D 123 1.46 -65.50 -18.08
N PHE D 124 0.31 -64.84 -17.99
CA PHE D 124 0.16 -63.69 -17.10
C PHE D 124 0.03 -64.20 -15.68
N LEU D 125 0.52 -63.43 -14.70
CA LEU D 125 0.35 -63.79 -13.30
C LEU D 125 -0.88 -63.11 -12.77
N THR D 126 -1.67 -63.84 -12.01
CA THR D 126 -2.91 -63.28 -11.54
C THR D 126 -3.12 -63.76 -10.10
N PHE D 127 -3.62 -62.87 -9.25
CA PHE D 127 -3.89 -63.22 -7.85
C PHE D 127 -4.83 -62.21 -7.21
N GLU D 128 -5.41 -62.58 -6.07
CA GLU D 128 -6.19 -61.62 -5.33
C GLU D 128 -5.82 -61.62 -3.85
N THR D 129 -6.17 -60.53 -3.19
CA THR D 129 -6.11 -60.44 -1.75
C THR D 129 -7.56 -60.27 -1.32
N LYS D 130 -7.79 -59.92 -0.06
CA LYS D 130 -9.15 -59.80 0.42
C LYS D 130 -9.97 -58.85 -0.45
N ASP D 131 -9.41 -57.68 -0.76
CA ASP D 131 -10.16 -56.60 -1.40
C ASP D 131 -9.70 -56.26 -2.81
N LEU D 132 -8.56 -56.80 -3.23
CA LEU D 132 -7.98 -56.46 -4.51
C LEU D 132 -7.76 -57.67 -5.40
N SER D 133 -7.57 -57.40 -6.69
CA SER D 133 -7.11 -58.41 -7.63
C SER D 133 -6.02 -57.79 -8.50
N VAL D 134 -5.01 -58.59 -8.80
CA VAL D 134 -3.84 -58.12 -9.51
C VAL D 134 -3.63 -58.97 -10.77
N ILE D 135 -3.27 -58.32 -11.87
CA ILE D 135 -2.79 -59.05 -13.04
C ILE D 135 -1.44 -58.46 -13.49
N ILE D 136 -0.49 -59.34 -13.75
CA ILE D 136 0.82 -58.94 -14.26
C ILE D 136 1.05 -59.59 -15.63
N TYR D 137 1.23 -58.76 -16.64
CA TYR D 137 1.35 -59.23 -18.01
C TYR D 137 2.77 -59.71 -18.35
N GLY D 138 2.99 -60.11 -19.60
CA GLY D 138 4.29 -60.61 -20.05
C GLY D 138 5.49 -59.74 -19.70
N ASN D 139 5.40 -58.45 -20.03
CA ASN D 139 6.50 -57.51 -19.77
C ASN D 139 6.48 -56.92 -18.36
N PHE D 140 5.73 -57.57 -17.48
CA PHE D 140 5.52 -57.14 -16.10
C PHE D 140 4.61 -55.91 -15.93
N LYS D 141 3.92 -55.48 -17.00
CA LYS D 141 2.89 -54.47 -16.82
C LYS D 141 1.90 -54.94 -15.74
N THR D 142 1.69 -54.14 -14.70
CA THR D 142 0.88 -54.51 -13.55
C THR D 142 -0.34 -53.58 -13.39
N ARG D 143 -1.50 -54.17 -13.15
CA ARG D 143 -2.68 -53.40 -12.74
C ARG D 143 -3.28 -53.99 -11.47
N VAL D 144 -3.52 -53.11 -10.49
CA VAL D 144 -4.12 -53.50 -9.23
C VAL D 144 -5.52 -52.94 -9.15
N THR D 145 -6.52 -53.80 -9.04
CA THR D 145 -7.91 -53.37 -9.08
C THR D 145 -8.58 -53.64 -7.74
N ARG D 146 -9.38 -52.69 -7.28
CA ARG D 146 -10.19 -52.88 -6.08
C ARG D 146 -11.46 -53.62 -6.48
N LYS D 147 -11.70 -54.77 -5.87
CA LYS D 147 -12.80 -55.66 -6.28
C LYS D 147 -14.18 -55.04 -6.12
N SER D 148 -14.37 -54.22 -5.09
CA SER D 148 -15.71 -53.67 -4.77
C SER D 148 -16.30 -52.79 -5.86
N ASP D 149 -15.47 -51.93 -6.46
CA ASP D 149 -15.95 -51.01 -7.49
C ASP D 149 -15.21 -51.14 -8.82
N GLY D 150 -14.36 -52.16 -8.92
CA GLY D 150 -13.56 -52.37 -10.12
C GLY D 150 -12.56 -51.26 -10.43
N LYS D 151 -12.26 -50.41 -9.45
CA LYS D 151 -11.40 -49.27 -9.71
C LYS D 151 -9.93 -49.66 -9.73
N VAL D 152 -9.23 -49.23 -10.77
CA VAL D 152 -7.78 -49.43 -10.84
C VAL D 152 -7.12 -48.49 -9.84
N ILE D 153 -6.51 -49.09 -8.82
CA ILE D 153 -5.96 -48.38 -7.68
C ILE D 153 -4.48 -48.05 -7.91
N MET D 154 -3.79 -48.90 -8.67
CA MET D 154 -2.43 -48.63 -9.07
C MET D 154 -2.05 -49.31 -10.37
N GLU D 155 -1.11 -48.67 -11.07
CA GLU D 155 -0.64 -49.12 -12.36
C GLU D 155 0.83 -48.75 -12.49
N ASN D 156 1.70 -49.71 -12.82
CA ASN D 156 3.09 -49.36 -13.12
C ASN D 156 3.24 -48.77 -14.54
N ASP D 157 4.45 -48.33 -14.88
CA ASP D 157 4.64 -47.55 -16.11
C ASP D 157 5.30 -48.36 -17.24
N GLU D 158 4.93 -48.02 -18.47
CA GLU D 158 5.60 -48.54 -19.67
C GLU D 158 6.16 -47.41 -20.54
N VAL D 159 7.34 -47.65 -21.09
CA VAL D 159 7.95 -46.78 -22.08
C VAL D 159 7.90 -47.48 -23.45
N GLY D 160 7.58 -46.75 -24.52
CA GLY D 160 7.55 -47.34 -25.84
C GLY D 160 8.96 -47.43 -26.40
N THR D 161 9.18 -48.28 -27.39
CA THR D 161 10.39 -48.21 -28.21
C THR D 161 9.97 -48.05 -29.66
N ALA D 162 10.94 -47.82 -30.54
CA ALA D 162 10.64 -47.59 -31.96
C ALA D 162 9.79 -48.71 -32.56
N SER D 163 10.20 -49.95 -32.34
CA SER D 163 9.51 -51.09 -32.94
C SER D 163 9.71 -52.39 -32.16
N SER D 164 10.23 -52.31 -30.95
CA SER D 164 10.59 -53.51 -30.22
C SER D 164 9.62 -53.85 -29.09
N GLY D 165 8.47 -53.18 -29.08
CA GLY D 165 7.48 -53.36 -28.04
C GLY D 165 7.67 -52.44 -26.84
N ASN D 166 6.66 -52.37 -25.99
CA ASN D 166 6.72 -51.57 -24.78
C ASN D 166 7.54 -52.25 -23.68
N LYS D 167 8.36 -51.47 -22.99
CA LYS D 167 9.14 -51.96 -21.85
C LYS D 167 8.59 -51.39 -20.54
N CYS D 168 8.40 -52.27 -19.56
CA CYS D 168 7.80 -51.87 -18.31
C CYS D 168 8.85 -51.33 -17.33
N ARG D 169 8.75 -50.05 -17.01
CA ARG D 169 9.67 -49.42 -16.08
C ARG D 169 9.31 -49.72 -14.62
N GLY D 170 8.31 -50.57 -14.43
CA GLY D 170 8.01 -51.16 -13.13
C GLY D 170 9.20 -51.94 -12.61
N LEU D 171 9.98 -52.50 -13.52
CA LEU D 171 11.25 -53.14 -13.14
C LEU D 171 12.38 -52.50 -13.94
N MET D 172 13.29 -51.80 -13.25
CA MET D 172 14.45 -51.19 -13.91
C MET D 172 15.76 -51.41 -13.16
N PHE D 173 16.85 -51.55 -13.92
CA PHE D 173 18.19 -51.50 -13.37
C PHE D 173 19.18 -51.04 -14.45
N VAL D 174 20.26 -50.40 -14.03
CA VAL D 174 21.26 -49.90 -14.96
C VAL D 174 22.10 -51.07 -15.43
N ASP D 175 22.33 -51.14 -16.74
CA ASP D 175 23.27 -52.08 -17.33
C ASP D 175 24.52 -52.09 -16.48
N ARG D 176 24.92 -53.28 -16.01
CA ARG D 176 26.06 -53.41 -15.09
C ARG D 176 27.43 -53.12 -15.75
N LEU D 177 27.45 -52.91 -17.06
CA LEU D 177 28.65 -52.41 -17.71
C LEU D 177 28.86 -50.94 -17.36
N TYR D 178 27.80 -50.26 -16.91
CA TYR D 178 27.86 -48.83 -16.66
C TYR D 178 27.45 -48.38 -15.25
N GLY D 179 26.71 -49.23 -14.54
CA GLY D 179 26.18 -48.81 -13.25
C GLY D 179 25.60 -49.91 -12.38
N ASN D 180 25.07 -49.52 -11.23
CA ASN D 180 24.62 -50.46 -10.23
C ASN D 180 23.19 -50.15 -9.79
N ALA D 181 22.61 -49.07 -10.30
CA ALA D 181 21.32 -48.57 -9.81
C ALA D 181 20.11 -49.40 -10.19
N ILE D 182 19.02 -49.20 -9.44
CA ILE D 182 17.74 -49.85 -9.70
C ILE D 182 16.63 -48.81 -9.59
N ALA D 183 15.46 -49.09 -10.14
CA ALA D 183 14.35 -48.14 -10.07
C ALA D 183 13.07 -48.86 -10.38
N SER D 184 11.95 -48.23 -10.04
CA SER D 184 10.64 -48.80 -10.31
C SER D 184 9.67 -47.64 -10.46
N VAL D 185 8.89 -47.66 -11.54
CA VAL D 185 8.11 -46.50 -11.95
C VAL D 185 6.64 -46.83 -12.07
N ASN D 186 5.80 -45.96 -11.50
CA ASN D 186 4.35 -46.06 -11.53
C ASN D 186 3.74 -44.87 -12.25
N LYS D 187 2.54 -45.06 -12.78
CA LYS D 187 1.71 -43.94 -13.20
C LYS D 187 1.28 -43.16 -11.98
N ASN D 188 1.32 -41.84 -12.11
CA ASN D 188 1.15 -40.91 -11.00
C ASN D 188 0.01 -40.01 -11.41
N PHE D 189 -1.09 -40.03 -10.67
CA PHE D 189 -2.29 -39.32 -11.08
C PHE D 189 -2.53 -38.02 -10.29
N ARG D 190 -1.44 -37.37 -9.89
CA ARG D 190 -1.51 -36.09 -9.18
C ARG D 190 -2.28 -35.01 -9.95
N ASN D 191 -2.11 -34.95 -11.27
CA ASN D 191 -2.76 -33.94 -12.11
C ASN D 191 -4.14 -34.35 -12.61
N ASP D 192 -4.59 -35.52 -12.22
CA ASP D 192 -5.91 -36.00 -12.62
C ASP D 192 -6.98 -35.26 -11.80
N ALA D 193 -7.99 -34.70 -12.48
CA ALA D 193 -8.97 -33.85 -11.84
C ALA D 193 -9.73 -34.52 -10.71
N VAL D 194 -10.04 -35.80 -10.87
CA VAL D 194 -10.82 -36.54 -9.87
C VAL D 194 -9.91 -37.15 -8.78
N LYS D 195 -8.92 -37.93 -9.19
CA LYS D 195 -8.04 -38.64 -8.26
C LYS D 195 -7.18 -37.67 -7.44
N GLN D 196 -6.60 -36.68 -8.11
CA GLN D 196 -5.77 -35.66 -7.47
C GLN D 196 -4.83 -36.30 -6.45
N GLU D 197 -4.08 -37.29 -6.91
CA GLU D 197 -3.25 -38.09 -6.01
C GLU D 197 -2.26 -37.27 -5.21
N GLY D 198 -2.18 -37.59 -3.92
CA GLY D 198 -1.25 -36.96 -3.00
C GLY D 198 -0.29 -38.01 -2.49
N PHE D 199 0.97 -37.63 -2.34
CA PHE D 199 1.99 -38.55 -1.86
C PHE D 199 2.49 -38.08 -0.49
N TYR D 200 2.54 -39.01 0.48
CA TYR D 200 2.85 -38.66 1.87
C TYR D 200 3.92 -39.58 2.49
N GLY D 201 4.51 -39.15 3.59
CA GLY D 201 5.40 -40.03 4.33
C GLY D 201 6.82 -39.54 4.23
N ALA D 202 7.70 -40.39 3.71
CA ALA D 202 9.10 -40.04 3.45
C ALA D 202 9.87 -39.50 4.66
N GLY D 203 9.56 -40.02 5.84
CA GLY D 203 10.34 -39.73 7.04
C GLY D 203 10.45 -38.27 7.44
N GLU D 204 11.69 -37.77 7.43
CA GLU D 204 12.00 -36.44 7.95
C GLU D 204 12.17 -35.37 6.89
N VAL D 205 11.87 -35.70 5.64
CA VAL D 205 12.11 -34.75 4.56
C VAL D 205 11.31 -33.49 4.84
N ASN D 206 11.94 -32.34 4.62
CA ASN D 206 11.31 -31.03 4.76
C ASN D 206 10.98 -30.47 3.38
N CYS D 207 9.83 -29.83 3.21
CA CYS D 207 9.51 -29.25 1.93
C CYS D 207 8.84 -27.88 2.12
N LYS D 208 9.41 -26.87 1.48
CA LYS D 208 8.92 -25.50 1.55
C LYS D 208 7.96 -25.21 0.39
N TYR D 209 6.91 -24.46 0.69
CA TYR D 209 6.04 -23.93 -0.32
C TYR D 209 5.75 -22.45 0.01
N GLN D 210 6.21 -21.55 -0.86
CA GLN D 210 6.22 -20.11 -0.57
C GLN D 210 6.98 -19.82 0.74
N ASP D 211 6.29 -19.36 1.77
CA ASP D 211 6.93 -19.09 3.05
C ASP D 211 6.71 -20.18 4.08
N THR D 212 5.97 -21.23 3.73
CA THR D 212 5.51 -22.20 4.72
C THR D 212 6.04 -23.60 4.47
N TYR D 213 6.45 -24.28 5.52
CA TYR D 213 6.78 -25.68 5.41
C TYR D 213 5.55 -26.58 5.52
N ILE D 214 5.41 -27.45 4.53
CA ILE D 214 4.19 -28.22 4.34
C ILE D 214 4.38 -29.71 4.65
N LEU D 215 3.27 -30.44 4.71
CA LEU D 215 3.26 -31.87 5.00
C LEU D 215 3.37 -32.76 3.77
N GLU D 216 2.55 -32.46 2.76
CA GLU D 216 2.44 -33.33 1.60
C GLU D 216 3.75 -33.32 0.82
N ARG D 217 4.04 -34.44 0.18
CA ARG D 217 5.28 -34.61 -0.56
C ARG D 217 5.00 -35.01 -2.02
N THR D 218 4.18 -34.24 -2.73
CA THR D 218 3.93 -34.54 -4.14
C THR D 218 4.58 -33.57 -5.11
N GLY D 219 4.95 -34.10 -6.27
CA GLY D 219 5.65 -33.34 -7.31
C GLY D 219 7.09 -33.01 -6.97
N ILE D 220 7.75 -33.86 -6.17
CA ILE D 220 9.10 -33.53 -5.71
C ILE D 220 10.09 -34.68 -5.78
N ALA D 221 11.37 -34.35 -5.96
CA ALA D 221 12.43 -35.35 -5.99
C ALA D 221 13.15 -35.40 -4.64
N MET D 222 13.11 -36.57 -3.99
CA MET D 222 13.65 -36.77 -2.66
C MET D 222 14.70 -37.87 -2.67
N THR D 223 15.60 -37.84 -1.69
CA THR D 223 16.56 -38.91 -1.50
C THR D 223 16.68 -39.25 0.00
N ASN D 224 16.94 -40.53 0.29
CA ASN D 224 17.41 -40.93 1.60
C ASN D 224 18.90 -41.18 1.52
N TYR D 225 19.65 -40.43 2.31
CA TYR D 225 21.09 -40.50 2.31
C TYR D 225 21.45 -39.97 3.67
N ASN D 226 21.37 -40.83 4.68
CA ASN D 226 21.44 -40.36 6.05
C ASN D 226 22.65 -39.46 6.25
N TYR D 227 22.41 -38.26 6.76
CA TYR D 227 23.46 -37.26 6.79
C TYR D 227 23.58 -36.58 8.15
N ASP D 228 24.80 -36.22 8.51
CA ASP D 228 25.07 -35.31 9.65
C ASP D 228 24.59 -33.89 9.29
N ASN D 229 23.28 -33.70 9.23
CA ASN D 229 22.71 -32.53 8.61
C ASN D 229 22.22 -31.45 9.58
N LEU D 230 23.15 -30.88 10.33
CA LEU D 230 22.85 -29.77 11.24
C LEU D 230 22.09 -28.63 10.56
N ASN D 231 20.98 -28.22 11.18
CA ASN D 231 20.07 -27.19 10.65
C ASN D 231 19.21 -27.63 9.45
N TYR D 232 19.46 -28.84 8.96
CA TYR D 232 18.69 -29.45 7.88
C TYR D 232 19.09 -28.88 6.51
N ASN D 233 20.22 -28.18 6.46
CA ASN D 233 20.59 -27.46 5.24
C ASN D 233 22.10 -27.36 4.99
N GLN D 234 22.84 -28.40 5.36
CA GLN D 234 24.30 -28.35 5.24
C GLN D 234 24.76 -27.98 3.83
N TRP D 235 25.77 -27.11 3.78
CA TRP D 235 26.20 -26.47 2.55
C TRP D 235 26.62 -27.47 1.49
N ASP D 236 27.33 -28.51 1.91
CA ASP D 236 27.75 -29.56 0.99
C ASP D 236 26.60 -30.33 0.31
N LEU D 237 25.37 -30.12 0.76
CA LEU D 237 24.20 -30.78 0.16
C LEU D 237 23.47 -29.91 -0.86
N ARG D 238 24.05 -28.76 -1.22
CA ARG D 238 23.39 -27.87 -2.16
C ARG D 238 23.36 -28.43 -3.60
N PRO D 239 22.31 -28.08 -4.36
CA PRO D 239 22.23 -28.47 -5.77
C PRO D 239 23.36 -27.82 -6.57
N PRO D 240 23.71 -28.40 -7.74
CA PRO D 240 24.84 -27.89 -8.52
C PRO D 240 24.71 -26.42 -8.85
N HIS D 241 25.81 -25.69 -8.67
CA HIS D 241 25.89 -24.25 -8.95
C HIS D 241 24.87 -23.43 -8.16
N HIS D 242 24.53 -23.90 -6.96
CA HIS D 242 23.56 -23.18 -6.12
C HIS D 242 24.16 -21.90 -5.57
N ASP D 243 23.44 -20.81 -5.72
CA ASP D 243 23.91 -19.51 -5.26
C ASP D 243 23.05 -18.95 -4.13
N GLY D 244 23.71 -18.38 -3.14
CA GLY D 244 23.03 -17.80 -1.99
C GLY D 244 22.68 -18.82 -0.93
N ALA D 245 21.76 -18.44 -0.06
CA ALA D 245 21.37 -19.27 1.08
C ALA D 245 20.75 -20.60 0.64
N LEU D 246 21.16 -21.68 1.30
CA LEU D 246 20.50 -22.98 1.13
C LEU D 246 19.48 -23.16 2.25
N ASN D 247 18.21 -23.21 1.90
CA ASN D 247 17.14 -23.38 2.87
C ASN D 247 16.81 -24.87 3.03
N PRO D 248 16.32 -25.28 4.21
CA PRO D 248 15.89 -26.68 4.27
C PRO D 248 14.82 -26.90 3.21
N ASP D 249 14.87 -28.02 2.49
CA ASP D 249 13.90 -28.26 1.42
C ASP D 249 13.94 -29.71 0.93
N TYR D 250 13.06 -30.02 -0.03
CA TYR D 250 12.69 -31.40 -0.33
C TYR D 250 13.80 -32.25 -0.92
N TYR D 251 14.76 -31.59 -1.55
CA TYR D 251 15.85 -32.26 -2.25
C TYR D 251 17.07 -32.40 -1.36
N ILE D 252 16.89 -32.26 -0.06
CA ILE D 252 17.99 -32.43 0.91
C ILE D 252 17.72 -33.64 1.83
N PRO D 253 18.70 -34.55 1.97
CA PRO D 253 18.43 -35.71 2.83
C PRO D 253 18.46 -35.35 4.30
N MET D 254 17.88 -36.22 5.14
CA MET D 254 17.84 -35.99 6.58
C MET D 254 18.54 -37.11 7.36
N TYR D 255 18.10 -37.39 8.58
CA TYR D 255 18.82 -38.34 9.45
C TYR D 255 18.27 -39.76 9.41
N TYR D 256 17.07 -39.90 8.85
CA TYR D 256 16.36 -41.16 8.85
C TYR D 256 16.16 -41.60 7.42
N ALA D 257 16.28 -42.89 7.15
CA ALA D 257 16.05 -43.38 5.80
C ALA D 257 14.68 -44.04 5.73
N ALA D 258 13.77 -43.43 4.98
CA ALA D 258 12.41 -43.92 4.85
C ALA D 258 12.00 -43.88 3.39
N PRO D 259 12.42 -44.87 2.60
CA PRO D 259 11.97 -44.99 1.22
C PRO D 259 10.55 -45.54 1.21
N TRP D 260 9.61 -44.68 1.60
CA TRP D 260 8.27 -45.08 1.94
C TRP D 260 7.32 -43.93 1.62
N LEU D 261 6.30 -44.21 0.81
CA LEU D 261 5.28 -43.22 0.50
C LEU D 261 3.90 -43.85 0.66
N ILE D 262 2.95 -43.06 1.12
CA ILE D 262 1.55 -43.45 1.10
C ILE D 262 0.85 -42.59 0.07
N VAL D 263 0.28 -43.22 -0.94
CA VAL D 263 -0.43 -42.54 -1.97
C VAL D 263 -1.91 -42.52 -1.59
N ASN D 264 -2.52 -41.35 -1.67
CA ASN D 264 -3.91 -41.18 -1.29
C ASN D 264 -4.60 -40.49 -2.44
N GLY D 265 -5.64 -41.12 -2.99
CA GLY D 265 -6.34 -40.57 -4.13
C GLY D 265 -7.83 -40.56 -3.90
N CYS D 266 -8.54 -39.71 -4.65
CA CYS D 266 -9.96 -39.46 -4.45
C CYS D 266 -10.29 -39.13 -2.99
N ALA D 267 -9.48 -38.26 -2.38
CA ALA D 267 -9.59 -37.97 -0.93
C ALA D 267 -10.97 -37.47 -0.47
N GLY D 268 -11.45 -38.05 0.61
CA GLY D 268 -12.71 -37.62 1.22
C GLY D 268 -13.96 -38.05 0.48
N THR D 269 -13.80 -38.92 -0.52
CA THR D 269 -14.96 -39.49 -1.19
C THR D 269 -15.11 -40.95 -0.82
N SER D 270 -16.25 -41.52 -1.20
CA SER D 270 -16.54 -42.93 -0.95
C SER D 270 -15.64 -43.85 -1.78
N GLU D 271 -15.02 -43.30 -2.83
CA GLU D 271 -14.08 -44.05 -3.66
C GLU D 271 -12.61 -43.77 -3.30
N GLN D 272 -12.37 -43.10 -2.18
CA GLN D 272 -10.99 -42.86 -1.71
C GLN D 272 -10.21 -44.16 -1.73
N TYR D 273 -8.97 -44.13 -2.20
CA TYR D 273 -8.09 -45.28 -2.09
C TYR D 273 -6.73 -44.82 -1.56
N SER D 274 -6.03 -45.73 -0.89
CA SER D 274 -4.71 -45.44 -0.38
C SER D 274 -3.83 -46.65 -0.60
N TYR D 275 -2.55 -46.42 -0.88
CA TYR D 275 -1.60 -47.52 -0.85
C TYR D 275 -0.22 -47.05 -0.46
N GLY D 276 0.50 -47.89 0.28
CA GLY D 276 1.87 -47.61 0.64
C GLY D 276 2.82 -48.29 -0.34
N TRP D 277 4.00 -47.72 -0.48
CA TRP D 277 5.01 -48.16 -1.43
C TRP D 277 6.33 -48.12 -0.66
N PHE D 278 6.94 -49.28 -0.43
CA PHE D 278 8.20 -49.37 0.31
C PHE D 278 9.24 -50.03 -0.58
N MET D 279 10.32 -49.33 -0.90
CA MET D 279 11.44 -49.98 -1.54
C MET D 279 12.45 -50.28 -0.44
N ASP D 280 12.54 -51.55 -0.08
CA ASP D 280 13.38 -52.01 1.00
C ASP D 280 14.85 -52.06 0.55
N ASN D 281 15.52 -50.92 0.64
CA ASN D 281 16.87 -50.78 0.16
C ASN D 281 17.63 -49.87 1.13
N VAL D 282 18.84 -50.24 1.50
CA VAL D 282 19.62 -49.45 2.45
C VAL D 282 20.81 -48.69 1.82
N SER D 283 20.95 -48.77 0.49
CA SER D 283 21.91 -47.90 -0.19
C SER D 283 21.20 -46.55 -0.44
N GLN D 284 21.90 -45.54 -0.93
CA GLN D 284 21.20 -44.29 -1.19
C GLN D 284 19.96 -44.56 -2.06
N SER D 285 18.79 -44.16 -1.59
CA SER D 285 17.55 -44.40 -2.33
C SER D 285 16.85 -43.08 -2.64
N TYR D 286 15.80 -43.15 -3.46
CA TYR D 286 15.17 -41.99 -4.11
C TYR D 286 13.67 -42.19 -4.16
N MET D 287 12.93 -41.09 -4.02
CA MET D 287 11.48 -41.09 -4.18
C MET D 287 11.12 -39.81 -4.93
N ASN D 288 10.67 -39.99 -6.16
CA ASN D 288 10.34 -38.87 -7.00
C ASN D 288 8.86 -38.92 -7.31
N THR D 289 8.13 -37.93 -6.83
CA THR D 289 6.68 -37.97 -6.88
C THR D 289 6.13 -37.05 -7.97
N GLY D 290 6.93 -36.81 -9.01
CA GLY D 290 6.48 -36.10 -10.21
C GLY D 290 7.19 -34.78 -10.45
N ASP D 291 8.47 -34.73 -10.13
CA ASP D 291 9.21 -33.48 -10.14
C ASP D 291 9.93 -33.31 -11.49
N THR D 292 9.64 -32.25 -12.24
CA THR D 292 10.36 -32.02 -13.49
C THR D 292 11.69 -31.30 -13.26
N THR D 293 11.91 -30.80 -12.04
CA THR D 293 13.17 -30.11 -11.71
C THR D 293 14.37 -30.99 -12.02
N TRP D 294 15.39 -30.40 -12.65
CA TRP D 294 16.60 -31.09 -13.10
C TRP D 294 16.33 -32.21 -14.09
N ASN D 295 15.12 -32.23 -14.64
CA ASN D 295 14.65 -33.35 -15.45
C ASN D 295 14.76 -34.68 -14.71
N SER D 296 14.58 -34.63 -13.39
CA SER D 296 14.70 -35.81 -12.54
C SER D 296 13.49 -36.73 -12.67
N GLY D 297 12.34 -36.14 -12.99
CA GLY D 297 11.10 -36.90 -13.07
C GLY D 297 10.17 -36.32 -14.12
N GLN D 298 8.96 -36.88 -14.19
CA GLN D 298 7.93 -36.36 -15.07
C GLN D 298 6.68 -36.22 -14.23
N GLU D 299 5.89 -35.19 -14.51
CA GLU D 299 4.71 -34.87 -13.70
C GLU D 299 3.79 -36.06 -13.48
N ASP D 300 3.60 -36.88 -14.51
CA ASP D 300 2.61 -37.94 -14.45
C ASP D 300 3.17 -39.31 -14.11
N LEU D 301 4.43 -39.34 -13.65
CA LEU D 301 5.07 -40.56 -13.20
C LEU D 301 5.62 -40.32 -11.80
N ALA D 302 5.71 -41.39 -11.02
CA ALA D 302 6.35 -41.37 -9.72
C ALA D 302 7.27 -42.59 -9.68
N TYR D 303 8.41 -42.50 -9.00
CA TYR D 303 9.31 -43.63 -8.92
C TYR D 303 10.10 -43.73 -7.62
N MET D 304 10.59 -44.93 -7.35
CA MET D 304 11.53 -45.14 -6.28
C MET D 304 12.74 -45.80 -6.92
N GLY D 305 13.91 -45.61 -6.32
CA GLY D 305 15.10 -46.17 -6.93
C GLY D 305 16.24 -46.15 -5.94
N ALA D 306 17.36 -46.76 -6.31
CA ALA D 306 18.49 -46.77 -5.40
C ALA D 306 19.79 -46.89 -6.17
N GLN D 307 20.89 -46.57 -5.51
CA GLN D 307 22.19 -46.56 -6.14
C GLN D 307 22.67 -48.00 -6.33
N TYR D 308 22.19 -48.90 -5.47
CA TYR D 308 22.62 -50.29 -5.52
C TYR D 308 21.45 -51.26 -5.36
N GLY D 309 21.64 -52.48 -5.84
CA GLY D 309 20.70 -53.57 -5.59
C GLY D 309 20.82 -54.10 -4.16
N PRO D 310 19.99 -55.09 -3.79
CA PRO D 310 19.04 -55.74 -4.68
C PRO D 310 17.75 -54.93 -4.77
N PHE D 311 16.80 -55.43 -5.57
CA PHE D 311 15.49 -54.82 -5.78
C PHE D 311 14.50 -55.61 -4.95
N ASP D 312 13.71 -54.90 -4.14
CA ASP D 312 12.77 -55.56 -3.23
C ASP D 312 11.77 -54.55 -2.74
N GLN D 313 10.53 -54.72 -3.15
CA GLN D 313 9.55 -53.65 -3.06
C GLN D 313 8.21 -54.19 -2.59
N HIS D 314 7.56 -53.45 -1.69
CA HIS D 314 6.29 -53.88 -1.11
C HIS D 314 5.19 -52.88 -1.45
N PHE D 315 4.04 -53.39 -1.85
CA PHE D 315 2.89 -52.53 -2.00
C PHE D 315 1.89 -52.91 -0.92
N VAL D 316 1.45 -51.91 -0.15
CA VAL D 316 0.72 -52.13 1.09
C VAL D 316 -0.57 -51.36 1.06
N TYR D 317 -1.67 -52.03 0.77
CA TYR D 317 -2.93 -51.33 0.59
CA TYR D 317 -2.96 -51.35 0.60
C TYR D 317 -3.71 -51.22 1.91
N GLY D 318 -3.47 -52.15 2.84
CA GLY D 318 -4.12 -52.10 4.14
C GLY D 318 -5.48 -52.78 4.12
N ALA D 319 -5.96 -53.15 5.32
CA ALA D 319 -7.26 -53.82 5.48
C ALA D 319 -8.42 -52.85 5.30
N GLY D 320 -8.58 -51.94 6.24
CA GLY D 320 -9.74 -51.04 6.22
C GLY D 320 -9.58 -49.96 5.17
N GLY D 321 -10.42 -48.94 5.27
CA GLY D 321 -10.27 -47.77 4.41
C GLY D 321 -9.51 -46.69 5.17
N GLY D 322 -8.69 -45.93 4.47
CA GLY D 322 -8.01 -44.79 5.08
C GLY D 322 -6.51 -44.95 5.14
N MET D 323 -5.79 -43.82 5.08
CA MET D 323 -4.34 -43.82 5.14
C MET D 323 -3.80 -44.47 6.39
N GLU D 324 -4.51 -44.35 7.52
CA GLU D 324 -4.03 -44.99 8.75
C GLU D 324 -3.89 -46.51 8.61
N VAL D 326 -2.99 -48.15 6.06
CA VAL D 326 -1.75 -48.44 5.35
C VAL D 326 -0.59 -48.51 6.34
N VAL D 327 -0.60 -47.58 7.32
CA VAL D 327 0.43 -47.55 8.35
C VAL D 327 0.38 -48.82 9.19
N THR D 328 -0.81 -49.23 9.60
CA THR D 328 -0.94 -50.42 10.46
C THR D 328 -0.55 -51.70 9.73
N ALA D 329 -0.98 -51.83 8.48
CA ALA D 329 -0.59 -53.00 7.68
C ALA D 329 0.92 -53.03 7.48
N PHE D 330 1.52 -51.87 7.22
CA PHE D 330 2.98 -51.78 7.10
C PHE D 330 3.67 -52.25 8.38
N SER D 331 3.14 -51.84 9.52
CA SER D 331 3.72 -52.20 10.82
C SER D 331 3.60 -53.71 11.07
N LEU D 332 2.56 -54.32 10.51
CA LEU D 332 2.39 -55.77 10.63
C LEU D 332 3.49 -56.54 9.90
N LEU D 333 3.85 -56.09 8.69
CA LEU D 333 4.94 -56.72 7.92
C LEU D 333 6.26 -56.62 8.67
N GLN D 334 6.37 -55.62 9.53
CA GLN D 334 7.55 -55.38 10.35
C GLN D 334 7.40 -55.97 11.76
N GLY D 335 6.26 -56.59 12.01
CA GLY D 335 5.91 -57.03 13.36
C GLY D 335 6.75 -58.14 13.96
N LYS D 336 6.49 -58.41 15.24
CA LYS D 336 7.26 -59.39 16.01
C LYS D 336 6.37 -60.49 16.56
N GLU D 337 5.21 -60.65 15.94
CA GLU D 337 4.31 -61.74 16.25
C GLU D 337 4.99 -63.10 16.13
N PHE D 338 5.89 -63.25 15.16
CA PHE D 338 6.60 -64.51 15.02
C PHE D 338 7.39 -64.83 16.30
N GLU D 339 7.73 -63.80 17.08
CA GLU D 339 8.46 -64.00 18.33
C GLU D 339 7.55 -64.19 19.53
N ASN D 340 6.25 -64.16 19.30
CA ASN D 340 5.28 -64.29 20.37
C ASN D 340 5.41 -63.18 21.42
N GLN D 341 5.71 -61.97 20.98
CA GLN D 341 5.64 -60.79 21.85
C GLN D 341 4.24 -60.58 22.41
N VAL D 342 4.09 -60.56 23.74
CA VAL D 342 2.77 -60.34 24.35
C VAL D 342 2.38 -58.87 24.32
N LEU D 343 3.36 -57.99 24.16
CA LEU D 343 3.12 -56.56 24.18
C LEU D 343 3.77 -55.84 23.00
N ASN D 344 5.08 -56.03 22.85
CA ASN D 344 5.86 -55.32 21.83
C ASN D 344 5.74 -55.92 20.41
N LYS D 345 4.52 -55.94 19.88
CA LYS D 345 4.28 -56.53 18.56
C LYS D 345 4.76 -55.63 17.42
N ARG D 346 4.46 -54.33 17.48
CA ARG D 346 4.67 -53.43 16.34
C ARG D 346 5.69 -52.33 16.62
N SER D 347 6.12 -52.24 17.88
CA SER D 347 7.18 -51.34 18.35
C SER D 347 7.47 -51.71 19.81
N VAL D 348 8.53 -51.14 20.40
CA VAL D 348 8.82 -51.39 21.81
C VAL D 348 8.24 -50.29 22.68
N MET D 349 7.57 -50.69 23.75
CA MET D 349 6.99 -49.75 24.73
C MET D 349 8.11 -49.07 25.49
N PRO D 350 7.97 -47.76 25.70
CA PRO D 350 8.96 -47.07 26.50
C PRO D 350 8.55 -47.14 27.95
N PRO D 351 9.47 -46.80 28.88
CA PRO D 351 9.00 -46.48 30.22
C PRO D 351 8.08 -45.27 30.15
N LYS D 352 7.13 -45.18 31.07
CA LYS D 352 6.22 -44.04 31.16
C LYS D 352 6.96 -42.70 31.15
N TYR D 353 8.14 -42.66 31.79
CA TYR D 353 8.86 -41.39 31.94
C TYR D 353 9.28 -40.72 30.62
N VAL D 354 9.36 -41.50 29.54
CA VAL D 354 9.80 -40.98 28.25
C VAL D 354 8.85 -39.89 27.75
N PHE D 355 7.62 -39.91 28.25
CA PHE D 355 6.64 -38.91 27.90
C PHE D 355 6.67 -37.65 28.78
N GLY D 356 7.71 -37.52 29.59
CA GLY D 356 7.89 -36.37 30.47
C GLY D 356 8.59 -35.23 29.75
N PHE D 357 8.73 -34.10 30.43
CA PHE D 357 9.43 -32.98 29.86
C PHE D 357 10.90 -32.98 30.29
N PHE D 358 11.80 -33.10 29.33
CA PHE D 358 13.23 -33.13 29.59
C PHE D 358 13.92 -31.84 29.17
N GLN D 359 14.97 -31.47 29.90
CA GLN D 359 15.84 -30.37 29.51
C GLN D 359 17.25 -30.89 29.23
N GLY D 360 17.76 -30.59 28.05
CA GLY D 360 19.14 -30.88 27.74
C GLY D 360 19.86 -29.57 27.48
N VAL D 361 21.13 -29.50 27.88
CA VAL D 361 21.96 -28.35 27.59
C VAL D 361 23.32 -28.81 27.07
N PHE D 362 23.64 -28.48 25.82
CA PHE D 362 24.99 -28.70 25.34
C PHE D 362 25.81 -27.48 25.75
N GLY D 363 26.63 -27.68 26.78
CA GLY D 363 27.35 -26.60 27.41
C GLY D 363 27.09 -26.49 28.89
N THR D 364 26.99 -27.64 29.57
CA THR D 364 26.97 -27.64 31.03
C THR D 364 28.36 -27.98 31.56
N SER D 365 28.74 -27.41 32.70
CA SER D 365 30.13 -27.53 33.18
C SER D 365 30.30 -28.46 34.38
N SER D 366 29.22 -28.73 35.10
CA SER D 366 29.30 -29.59 36.28
C SER D 366 27.93 -30.00 36.77
N LEU D 367 27.94 -30.91 37.74
CA LEU D 367 26.73 -31.26 38.47
C LEU D 367 26.36 -30.12 39.42
N LEU D 368 27.18 -29.92 40.44
CA LEU D 368 26.83 -28.96 41.48
C LEU D 368 27.41 -27.59 41.17
N ARG D 369 26.72 -26.55 41.59
CA ARG D 369 27.27 -25.20 41.53
C ARG D 369 28.61 -25.15 42.26
N ALA D 370 28.69 -25.84 43.40
CA ALA D 370 29.87 -25.79 44.25
C ALA D 370 31.12 -26.36 43.60
N HIS D 371 30.95 -27.12 42.52
CA HIS D 371 32.11 -27.65 41.78
C HIS D 371 32.14 -27.18 40.32
N MET D 372 31.45 -26.09 40.04
CA MET D 372 31.42 -25.56 38.69
C MET D 372 32.67 -24.76 38.42
N PRO D 373 33.41 -25.10 37.35
CA PRO D 373 34.52 -24.22 37.00
C PRO D 373 34.01 -22.83 36.58
N ALA D 374 34.77 -21.80 36.90
CA ALA D 374 34.44 -20.43 36.51
C ALA D 374 34.50 -20.29 35.00
N GLY D 375 33.66 -19.42 34.44
CA GLY D 375 33.62 -19.22 32.99
C GLY D 375 32.37 -18.48 32.60
N GLU D 376 32.50 -17.56 31.64
CA GLU D 376 31.37 -16.72 31.24
C GLU D 376 30.18 -17.55 30.78
N ASN D 377 29.02 -17.32 31.41
CA ASN D 377 27.78 -18.04 31.13
C ASN D 377 27.75 -19.53 31.53
N ASN D 378 28.80 -20.03 32.17
CA ASN D 378 28.78 -21.42 32.67
C ASN D 378 27.55 -21.69 33.52
N ILE D 379 27.02 -22.90 33.42
CA ILE D 379 25.87 -23.32 34.22
C ILE D 379 26.13 -24.74 34.72
N SER D 380 25.60 -25.04 35.91
CA SER D 380 25.64 -26.39 36.46
C SER D 380 24.30 -27.06 36.25
N VAL D 381 24.28 -28.39 36.30
CA VAL D 381 23.03 -29.14 36.26
C VAL D 381 22.10 -28.69 37.41
N GLU D 382 22.69 -28.53 38.59
CA GLU D 382 21.97 -28.12 39.79
C GLU D 382 21.14 -26.86 39.55
N GLU D 383 21.72 -25.83 38.92
CA GLU D 383 20.99 -24.60 38.62
C GLU D 383 19.76 -24.85 37.75
N ILE D 384 19.91 -25.73 36.75
CA ILE D 384 18.83 -26.09 35.84
C ILE D 384 17.68 -26.79 36.57
N VAL D 385 18.03 -27.75 37.42
CA VAL D 385 17.05 -28.42 38.25
C VAL D 385 16.35 -27.45 39.21
N GLU D 386 17.12 -26.63 39.92
CA GLU D 386 16.57 -25.53 40.73
C GLU D 386 15.58 -24.71 39.94
N GLY D 387 15.98 -24.32 38.74
CA GLY D 387 15.16 -23.43 37.93
C GLY D 387 13.79 -24.06 37.69
N TYR D 388 13.79 -25.33 37.32
CA TYR D 388 12.53 -26.01 37.06
C TYR D 388 11.72 -26.29 38.32
N GLN D 389 12.39 -26.81 39.35
CA GLN D 389 11.68 -27.27 40.55
C GLN D 389 11.22 -26.14 41.46
N ASN D 390 12.05 -25.12 41.65
CA ASN D 390 11.65 -23.95 42.45
C ASN D 390 10.47 -23.22 41.83
N ASN D 391 10.33 -23.31 40.52
CA ASN D 391 9.25 -22.63 39.82
C ASN D 391 8.06 -23.53 39.54
N ASN D 392 8.07 -24.72 40.13
CA ASN D 392 6.96 -25.65 39.99
C ASN D 392 6.63 -26.04 38.56
N PHE D 393 7.64 -26.29 37.73
CA PHE D 393 7.37 -26.92 36.44
C PHE D 393 7.24 -28.43 36.61
N PRO D 394 6.26 -29.05 35.93
CA PRO D 394 6.36 -30.51 35.79
C PRO D 394 7.67 -30.74 35.04
N PHE D 395 8.56 -31.56 35.60
CA PHE D 395 9.92 -31.69 35.06
C PHE D 395 10.45 -33.10 35.24
N GLU D 396 10.78 -33.78 34.14
CA GLU D 396 11.16 -35.19 34.20
C GLU D 396 12.62 -35.41 34.50
N GLY D 397 13.45 -34.51 34.01
CA GLY D 397 14.88 -34.69 34.14
C GLY D 397 15.68 -34.18 32.97
N LEU D 398 16.86 -34.75 32.83
CA LEU D 398 17.91 -34.11 32.08
C LEU D 398 18.41 -34.97 30.95
N ALA D 399 18.86 -34.30 29.90
CA ALA D 399 19.58 -34.93 28.82
C ALA D 399 21.02 -34.44 28.95
N VAL D 400 21.87 -35.28 29.55
CA VAL D 400 23.25 -34.90 29.81
C VAL D 400 24.14 -35.18 28.59
N ASP D 401 24.74 -34.13 28.03
CA ASP D 401 25.43 -34.24 26.75
C ASP D 401 26.89 -34.73 26.88
N VAL D 402 27.62 -34.74 25.76
CA VAL D 402 29.00 -35.28 25.68
C VAL D 402 30.01 -34.58 26.57
N ASP D 403 29.67 -33.39 27.05
CA ASP D 403 30.57 -32.65 27.90
C ASP D 403 30.65 -33.20 29.32
N MET D 404 29.76 -34.12 29.66
CA MET D 404 29.91 -34.89 30.88
C MET D 404 31.08 -35.88 30.78
N GLN D 405 31.41 -36.29 29.56
CA GLN D 405 32.43 -37.30 29.33
C GLN D 405 33.85 -36.77 29.58
N ASP D 406 34.78 -37.68 29.84
CA ASP D 406 36.16 -37.26 29.94
C ASP D 406 36.76 -37.13 28.55
N ASN D 407 36.82 -35.91 28.04
CA ASN D 407 37.45 -35.59 26.76
C ASN D 407 36.93 -36.44 25.60
N LEU D 408 35.60 -36.53 25.47
CA LEU D 408 34.93 -37.17 24.33
C LEU D 408 35.08 -38.70 24.29
N ARG D 409 35.46 -39.29 25.42
CA ARG D 409 35.51 -40.74 25.55
C ARG D 409 34.14 -41.24 25.96
N VAL D 410 33.40 -41.83 25.04
CA VAL D 410 32.07 -42.34 25.33
C VAL D 410 32.12 -43.42 26.44
N PHE D 411 31.07 -43.46 27.26
CA PHE D 411 30.95 -44.32 28.47
C PHE D 411 31.74 -43.83 29.71
N THR D 412 32.37 -42.66 29.62
CA THR D 412 33.06 -42.10 30.77
C THR D 412 32.35 -40.86 31.34
N THR D 413 32.76 -40.46 32.55
CA THR D 413 32.34 -39.21 33.17
C THR D 413 33.59 -38.52 33.72
N LYS D 414 33.49 -37.22 33.99
CA LYS D 414 34.56 -36.53 34.70
C LYS D 414 34.11 -36.10 36.08
N GLY D 415 35.07 -35.87 36.97
CA GLY D 415 34.77 -35.61 38.39
C GLY D 415 33.79 -34.49 38.65
N GLU D 416 33.73 -33.51 37.77
CA GLU D 416 32.86 -32.35 37.98
C GLU D 416 31.38 -32.70 37.95
N PHE D 417 31.06 -33.87 37.40
CA PHE D 417 29.67 -34.30 37.31
C PHE D 417 29.30 -35.26 38.44
N TRP D 418 30.12 -35.21 39.49
CA TRP D 418 29.88 -35.93 40.73
C TRP D 418 29.85 -34.94 41.90
N THR D 419 29.05 -35.25 42.93
CA THR D 419 28.91 -34.36 44.09
C THR D 419 30.22 -34.17 44.87
N ALA D 420 31.08 -35.18 44.91
CA ALA D 420 32.37 -35.00 45.61
C ALA D 420 33.49 -34.62 44.66
N ASN D 421 33.12 -34.23 43.44
CA ASN D 421 34.09 -33.75 42.44
C ASN D 421 35.13 -34.81 42.07
N ARG D 422 34.77 -36.08 42.24
CA ARG D 422 35.60 -37.19 41.79
C ARG D 422 34.73 -38.33 41.29
N VAL D 423 35.23 -39.07 40.31
CA VAL D 423 34.50 -40.17 39.72
C VAL D 423 34.46 -41.37 40.68
N GLY D 424 33.27 -41.88 40.95
CA GLY D 424 33.11 -43.05 41.81
C GLY D 424 32.70 -44.25 40.99
N THR D 425 32.48 -45.39 41.64
CA THR D 425 32.01 -46.58 40.95
C THR D 425 30.51 -46.78 41.14
N GLY D 426 29.87 -45.84 41.83
CA GLY D 426 28.42 -45.88 42.03
C GLY D 426 27.95 -46.38 43.41
N GLY D 427 26.77 -45.93 43.82
CA GLY D 427 26.18 -46.37 45.09
C GLY D 427 26.82 -45.82 46.36
N ASP D 428 27.50 -44.68 46.23
CA ASP D 428 28.14 -44.03 47.38
C ASP D 428 27.31 -42.80 47.79
N PRO D 429 26.69 -42.84 48.97
CA PRO D 429 25.82 -41.73 49.37
C PRO D 429 26.60 -40.44 49.64
N ASN D 430 27.92 -40.53 49.78
CA ASN D 430 28.75 -39.35 49.96
C ASN D 430 29.44 -38.85 48.68
N ASN D 431 29.14 -39.49 47.56
CA ASN D 431 29.64 -39.07 46.25
C ASN D 431 28.73 -39.60 45.16
N ARG D 432 27.71 -38.84 44.83
CA ARG D 432 26.72 -39.27 43.85
C ARG D 432 27.06 -38.72 42.47
N SER D 433 26.83 -39.53 41.44
CA SER D 433 27.00 -39.09 40.07
C SER D 433 25.82 -38.21 39.72
N VAL D 434 25.89 -37.54 38.57
CA VAL D 434 24.81 -36.69 38.11
C VAL D 434 23.49 -37.47 38.13
N PHE D 435 23.55 -38.72 37.72
CA PHE D 435 22.36 -39.56 37.59
C PHE D 435 21.78 -39.98 38.94
N GLU D 436 22.64 -40.25 39.91
CA GLU D 436 22.17 -40.66 41.23
C GLU D 436 21.58 -39.46 41.94
N TRP D 437 22.27 -38.32 41.82
CA TRP D 437 21.81 -37.07 42.42
C TRP D 437 20.46 -36.69 41.79
N ALA D 438 20.32 -36.87 40.48
CA ALA D 438 19.04 -36.60 39.80
C ALA D 438 17.95 -37.54 40.29
N HIS D 439 18.27 -38.82 40.51
CA HIS D 439 17.31 -39.74 41.13
C HIS D 439 16.76 -39.15 42.44
N ASP D 440 17.65 -38.62 43.27
CA ASP D 440 17.27 -38.06 44.57
C ASP D 440 16.46 -36.77 44.43
N LYS D 441 16.49 -36.16 43.24
CA LYS D 441 15.61 -35.04 42.94
C LYS D 441 14.30 -35.49 42.28
N GLY D 442 14.12 -36.80 42.15
CA GLY D 442 12.91 -37.35 41.51
C GLY D 442 13.00 -37.33 40.00
N LEU D 443 14.21 -37.22 39.46
CA LEU D 443 14.38 -37.13 38.01
C LEU D 443 14.91 -38.43 37.41
N VAL D 444 14.79 -38.56 36.10
CA VAL D 444 15.52 -39.58 35.34
C VAL D 444 16.34 -38.89 34.24
N CYS D 445 17.38 -39.54 33.77
CA CYS D 445 18.25 -38.92 32.77
C CYS D 445 18.56 -39.84 31.60
N GLN D 446 18.66 -39.23 30.41
CA GLN D 446 19.33 -39.85 29.28
C GLN D 446 20.68 -39.19 29.16
N THR D 447 21.60 -39.84 28.44
CA THR D 447 22.92 -39.27 28.22
C THR D 447 23.35 -39.58 26.80
N ASN D 448 24.15 -38.68 26.24
CA ASN D 448 24.65 -38.83 24.88
C ASN D 448 25.61 -40.01 24.69
N ILE D 449 25.16 -41.03 23.98
CA ILE D 449 26.06 -42.10 23.57
C ILE D 449 26.35 -41.97 22.09
N THR D 450 27.61 -41.69 21.77
CA THR D 450 28.05 -41.73 20.40
C THR D 450 28.72 -43.08 20.10
N CYS D 451 29.02 -43.32 18.84
CA CYS D 451 29.48 -44.63 18.39
C CYS D 451 30.90 -44.49 17.85
N PHE D 452 31.59 -43.44 18.27
CA PHE D 452 32.99 -43.29 17.92
C PHE D 452 33.84 -43.43 19.16
N LEU D 453 34.95 -44.13 19.02
CA LEU D 453 35.76 -44.48 20.17
C LEU D 453 37.09 -43.76 20.08
N ARG D 454 37.25 -42.75 20.92
CA ARG D 454 38.42 -41.91 20.91
C ARG D 454 39.69 -42.74 20.77
N ASN D 455 40.51 -42.41 19.78
CA ASN D 455 41.70 -43.20 19.47
C ASN D 455 43.01 -42.53 19.86
N ASP D 456 43.03 -41.20 19.88
CA ASP D 456 44.21 -40.45 20.31
C ASP D 456 44.07 -40.07 21.79
N ASN D 457 44.53 -40.97 22.65
CA ASN D 457 44.23 -40.84 24.07
C ASN D 457 45.28 -40.21 24.96
N GLU D 458 46.38 -39.79 24.35
CA GLU D 458 47.39 -38.94 24.99
C GLU D 458 47.89 -39.50 26.31
N GLY D 459 48.34 -40.75 26.31
CA GLY D 459 48.86 -41.36 27.52
C GLY D 459 47.84 -41.93 28.50
N GLN D 460 46.56 -41.62 28.30
CA GLN D 460 45.50 -42.19 29.13
C GLN D 460 45.05 -43.54 28.62
N ASP D 461 44.92 -44.51 29.52
CA ASP D 461 44.36 -45.80 29.14
C ASP D 461 42.83 -45.67 29.08
N TYR D 462 42.30 -45.65 27.86
CA TYR D 462 40.85 -45.59 27.64
C TYR D 462 40.38 -47.00 27.26
N GLU D 463 39.84 -47.69 28.25
CA GLU D 463 39.53 -49.12 28.17
C GLU D 463 38.65 -49.51 26.97
N VAL D 464 37.65 -48.69 26.66
CA VAL D 464 36.67 -49.03 25.63
C VAL D 464 37.31 -49.07 24.24
N ASN D 465 38.20 -48.12 23.98
CA ASN D 465 39.00 -48.16 22.76
C ASN D 465 40.00 -49.32 22.78
N GLN D 466 40.67 -49.52 23.91
CA GLN D 466 41.67 -50.59 24.01
C GLN D 466 41.10 -51.99 23.75
N THR D 467 39.94 -52.28 24.31
CA THR D 467 39.30 -53.57 24.07
C THR D 467 38.80 -53.73 22.63
N LEU D 468 38.29 -52.64 22.05
CA LEU D 468 37.90 -52.65 20.64
C LEU D 468 39.08 -53.08 19.76
N ARG D 469 40.28 -52.64 20.14
CA ARG D 469 41.51 -52.95 19.42
C ARG D 469 41.92 -54.40 19.55
N GLU D 470 42.06 -54.87 20.79
CA GLU D 470 42.60 -56.21 21.04
C GLU D 470 41.59 -57.30 20.67
N ARG D 471 40.31 -56.93 20.61
CA ARG D 471 39.28 -57.85 20.16
C ARG D 471 39.05 -57.72 18.65
N GLN D 472 39.71 -56.73 18.03
CA GLN D 472 39.65 -56.48 16.58
C GLN D 472 38.23 -56.31 16.05
N LEU D 473 37.46 -55.46 16.71
CA LEU D 473 36.05 -55.29 16.37
C LEU D 473 35.83 -53.98 15.62
N TYR D 474 36.94 -53.30 15.31
CA TYR D 474 36.88 -52.04 14.60
C TYR D 474 36.82 -52.26 13.10
N THR D 475 36.19 -51.32 12.40
CA THR D 475 36.19 -51.34 10.95
C THR D 475 37.64 -51.18 10.44
N LYS D 476 38.02 -52.01 9.47
CA LYS D 476 39.37 -51.93 8.91
C LYS D 476 39.47 -50.82 7.87
N ASN D 477 40.69 -50.58 7.37
CA ASN D 477 40.92 -49.55 6.36
C ASN D 477 41.02 -50.11 4.95
N ASP D 478 40.34 -51.23 4.72
CA ASP D 478 40.40 -51.94 3.44
C ASP D 478 39.39 -51.39 2.43
N SER D 479 39.75 -51.46 1.16
CA SER D 479 38.88 -51.04 0.07
C SER D 479 39.20 -51.80 -1.21
N LEU D 480 38.37 -51.65 -2.23
CA LEU D 480 38.57 -52.31 -3.51
C LEU D 480 39.09 -51.31 -4.54
N THR D 481 39.28 -50.08 -4.08
CA THR D 481 39.67 -48.97 -4.94
C THR D 481 41.10 -48.52 -4.65
N GLY D 482 41.70 -49.14 -3.63
CA GLY D 482 43.05 -48.77 -3.20
C GLY D 482 43.07 -47.42 -2.51
N THR D 483 41.93 -47.03 -1.94
CA THR D 483 41.80 -45.72 -1.30
C THR D 483 42.53 -45.67 0.03
N ASP D 484 43.33 -44.64 0.23
CA ASP D 484 44.04 -44.46 1.48
C ASP D 484 43.24 -43.53 2.40
N PHE D 485 42.64 -44.12 3.43
CA PHE D 485 41.73 -43.40 4.32
C PHE D 485 42.47 -42.58 5.37
N GLY D 486 43.79 -42.75 5.44
CA GLY D 486 44.61 -42.01 6.38
C GLY D 486 45.14 -42.90 7.49
N MET D 487 46.11 -42.37 8.23
CA MET D 487 46.73 -43.11 9.31
C MET D 487 47.29 -42.15 10.34
N THR D 488 47.49 -42.64 11.57
CA THR D 488 48.11 -41.86 12.63
C THR D 488 49.14 -42.75 13.32
N ASP D 489 49.93 -42.14 14.19
CA ASP D 489 50.92 -42.90 14.96
C ASP D 489 50.26 -43.91 15.91
N ASP D 490 48.99 -43.67 16.25
CA ASP D 490 48.28 -44.53 17.21
C ASP D 490 47.95 -45.90 16.63
N GLY D 491 47.69 -45.95 15.32
CA GLY D 491 47.24 -47.19 14.71
C GLY D 491 45.83 -47.50 15.21
N PRO D 492 45.41 -48.77 15.12
CA PRO D 492 46.20 -49.86 14.54
C PRO D 492 46.44 -49.61 13.05
N SER D 493 47.48 -50.23 12.50
CA SER D 493 47.85 -50.01 11.10
C SER D 493 46.77 -50.41 10.09
N ASP D 494 45.78 -51.19 10.54
CA ASP D 494 44.72 -51.71 9.67
C ASP D 494 43.33 -51.24 10.07
N ALA D 495 43.26 -50.10 10.75
CA ALA D 495 41.98 -49.57 11.22
C ALA D 495 41.55 -48.37 10.39
N TYR D 496 40.24 -48.23 10.21
CA TYR D 496 39.69 -47.00 9.68
C TYR D 496 39.79 -45.98 10.78
N ILE D 497 40.46 -44.87 10.54
CA ILE D 497 40.54 -43.82 11.54
C ILE D 497 39.85 -42.56 11.04
N GLY D 498 38.74 -42.22 11.70
CA GLY D 498 37.99 -41.02 11.37
C GLY D 498 38.29 -39.93 12.37
N HIS D 499 37.60 -38.81 12.25
CA HIS D 499 37.87 -37.69 13.13
C HIS D 499 36.58 -37.00 13.47
N LEU D 500 36.54 -36.38 14.64
CA LEU D 500 35.39 -35.58 15.03
C LEU D 500 35.87 -34.27 15.58
N ASP D 501 35.39 -33.18 14.98
CA ASP D 501 35.81 -31.85 15.35
C ASP D 501 34.58 -31.06 15.78
N TYR D 502 34.50 -30.71 17.07
CA TYR D 502 33.27 -30.15 17.66
C TYR D 502 33.13 -28.62 17.57
N GLY D 503 33.92 -27.89 18.34
CA GLY D 503 33.84 -26.43 18.35
C GLY D 503 35.23 -25.84 18.37
N GLY D 504 35.67 -25.40 19.55
CA GLY D 504 37.07 -25.08 19.78
C GLY D 504 37.86 -26.36 19.62
N GLY D 505 39.07 -26.39 20.16
CA GLY D 505 40.00 -27.53 20.01
C GLY D 505 39.62 -28.85 20.67
N VAL D 506 38.32 -29.11 20.80
CA VAL D 506 37.83 -30.38 21.34
C VAL D 506 37.47 -31.35 20.20
N GLU D 507 38.45 -32.18 19.88
CA GLU D 507 38.39 -33.03 18.71
C GLU D 507 39.07 -34.32 19.10
N CYS D 508 38.94 -35.32 18.25
CA CYS D 508 39.65 -36.57 18.49
C CYS D 508 39.66 -37.45 17.25
N ASP D 509 40.67 -38.31 17.14
CA ASP D 509 40.63 -39.44 16.25
C ASP D 509 39.66 -40.44 16.86
N ALA D 510 39.04 -41.26 16.03
CA ALA D 510 38.15 -42.30 16.52
C ALA D 510 38.25 -43.56 15.68
N LEU D 511 38.15 -44.71 16.34
CA LEU D 511 37.84 -45.97 15.68
C LEU D 511 36.33 -46.14 15.74
N PHE D 512 35.81 -47.13 14.99
CA PHE D 512 34.36 -47.35 14.91
C PHE D 512 34.06 -48.85 14.92
N PRO D 513 32.93 -49.25 15.52
CA PRO D 513 32.66 -50.68 15.55
C PRO D 513 32.22 -51.22 14.18
N ASP D 514 32.71 -52.39 13.82
CA ASP D 514 32.31 -53.02 12.58
C ASP D 514 31.05 -53.84 12.86
N TRP D 515 29.91 -53.15 12.91
CA TRP D 515 28.62 -53.68 13.40
C TRP D 515 28.15 -54.97 12.75
N GLY D 516 28.65 -55.24 11.56
CA GLY D 516 28.25 -56.43 10.82
C GLY D 516 28.80 -57.72 11.39
N ARG D 517 29.89 -57.64 12.17
CA ARG D 517 30.47 -58.83 12.79
C ARG D 517 29.54 -59.33 13.88
N PRO D 518 29.43 -60.65 14.05
CA PRO D 518 28.51 -61.16 15.07
C PRO D 518 29.03 -61.01 16.51
N ASP D 519 30.29 -60.62 16.69
CA ASP D 519 30.87 -60.42 18.02
C ASP D 519 30.87 -58.98 18.54
N VAL D 520 30.51 -58.02 17.69
CA VAL D 520 30.51 -56.60 18.08
C VAL D 520 29.42 -56.21 19.07
N ALA D 521 28.21 -56.74 18.89
CA ALA D 521 27.04 -56.37 19.71
C ALA D 521 27.20 -56.64 21.20
N GLU D 522 27.67 -57.83 21.56
CA GLU D 522 27.90 -58.17 22.96
C GLU D 522 28.93 -57.25 23.62
N TRP D 523 30.01 -56.98 22.91
CA TRP D 523 31.04 -56.07 23.42
C TRP D 523 30.46 -54.67 23.64
N TRP D 524 29.72 -54.18 22.64
CA TRP D 524 29.12 -52.86 22.71
C TRP D 524 28.17 -52.75 23.89
N GLY D 525 27.30 -53.76 24.03
CA GLY D 525 26.23 -53.75 25.02
C GLY D 525 26.78 -53.69 26.43
N ASN D 526 27.88 -54.39 26.65
CA ASN D 526 28.50 -54.41 27.97
C ASN D 526 29.09 -53.09 28.43
N ASN D 527 29.45 -52.23 27.48
CA ASN D 527 29.96 -50.90 27.81
C ASN D 527 28.92 -50.06 28.58
N TYR D 528 27.64 -50.30 28.27
CA TYR D 528 26.54 -49.57 28.90
C TYR D 528 26.50 -49.79 30.41
N LYS D 529 27.01 -50.93 30.85
CA LYS D 529 27.14 -51.21 32.29
C LYS D 529 27.87 -50.10 33.03
N LYS D 530 28.87 -49.48 32.39
CA LYS D 530 29.64 -48.39 32.98
C LYS D 530 28.79 -47.18 33.33
N LEU D 531 27.67 -47.04 32.63
CA LEU D 531 26.78 -45.92 32.89
C LEU D 531 25.56 -46.34 33.69
N PHE D 532 25.00 -47.50 33.41
CA PHE D 532 23.85 -47.97 34.16
C PHE D 532 24.17 -48.19 35.66
N SER D 533 25.40 -48.62 35.97
CA SER D 533 25.76 -48.91 37.36
C SER D 533 26.03 -47.64 38.17
N ILE D 534 26.12 -46.50 37.48
CA ILE D 534 26.20 -45.21 38.16
C ILE D 534 24.88 -44.43 38.02
N GLY D 535 23.80 -45.11 37.66
CA GLY D 535 22.47 -44.54 37.78
C GLY D 535 21.78 -44.04 36.52
N LEU D 536 22.39 -44.24 35.36
CA LEU D 536 21.79 -43.78 34.09
C LEU D 536 20.48 -44.54 33.79
N ASP D 537 19.44 -43.82 33.39
CA ASP D 537 18.15 -44.45 33.13
C ASP D 537 17.99 -44.84 31.67
N PHE D 538 18.27 -43.92 30.77
CA PHE D 538 18.21 -44.28 29.36
C PHE D 538 19.23 -43.51 28.50
N VAL D 539 19.15 -43.69 27.20
CA VAL D 539 20.21 -43.22 26.33
C VAL D 539 19.66 -42.46 25.14
N TRP D 540 20.48 -41.58 24.57
CA TRP D 540 20.22 -41.15 23.23
C TRP D 540 21.44 -41.48 22.37
N GLN D 541 21.21 -42.01 21.16
CA GLN D 541 22.32 -42.36 20.27
C GLN D 541 22.53 -41.21 19.30
N ASP D 542 23.71 -40.61 19.35
CA ASP D 542 24.01 -39.42 18.54
C ASP D 542 25.05 -39.79 17.48
N MET D 543 25.26 -38.89 16.53
CA MET D 543 26.33 -39.01 15.53
C MET D 543 26.30 -40.36 14.82
N THR D 544 25.10 -40.84 14.53
CA THR D 544 24.91 -42.24 14.14
C THR D 544 25.16 -42.59 12.65
N VAL D 545 25.56 -41.62 11.84
CA VAL D 545 25.74 -41.89 10.41
C VAL D 545 26.62 -43.11 10.09
N PRO D 546 27.80 -43.26 10.74
CA PRO D 546 28.37 -42.47 11.83
C PRO D 546 28.88 -41.13 11.34
N ALA D 547 28.54 -40.06 12.06
CA ALA D 547 28.94 -38.75 11.63
C ALA D 547 30.44 -38.63 11.85
N MET D 548 31.11 -38.05 10.87
CA MET D 548 32.54 -37.82 10.93
C MET D 548 32.82 -36.43 10.37
N MET D 549 33.87 -35.80 10.87
CA MET D 549 34.30 -34.52 10.32
C MET D 549 34.47 -34.71 8.81
N PRO D 550 34.04 -33.70 8.02
CA PRO D 550 34.29 -33.76 6.59
C PRO D 550 35.78 -33.95 6.31
N HIS D 551 36.10 -34.72 5.28
CA HIS D 551 37.50 -35.06 4.99
C HIS D 551 37.71 -35.50 3.54
N LYS D 552 38.83 -35.06 2.96
CA LYS D 552 39.23 -35.43 1.62
C LYS D 552 40.44 -36.37 1.67
N ILE D 553 40.36 -37.47 0.95
CA ILE D 553 41.49 -38.40 0.78
C ILE D 553 42.77 -37.63 0.46
N GLY D 554 43.88 -38.04 1.05
CA GLY D 554 45.16 -37.35 0.86
C GLY D 554 45.48 -36.34 1.96
N ASP D 555 44.44 -35.74 2.54
CA ASP D 555 44.63 -34.80 3.67
C ASP D 555 44.93 -35.54 4.97
N ASP D 556 45.53 -34.85 5.94
CA ASP D 556 45.72 -35.43 7.27
C ASP D 556 44.35 -35.75 7.85
N ILE D 557 44.30 -36.79 8.68
CA ILE D 557 43.06 -37.23 9.32
C ILE D 557 42.32 -36.09 10.04
N ASN D 558 43.08 -35.18 10.67
CA ASN D 558 42.48 -34.08 11.43
C ASN D 558 42.20 -32.81 10.61
N VAL D 559 42.52 -32.86 9.32
CA VAL D 559 42.33 -31.73 8.43
C VAL D 559 41.08 -31.90 7.59
N LYS D 560 40.24 -30.87 7.52
CA LYS D 560 39.04 -30.90 6.70
C LYS D 560 39.18 -30.03 5.46
N PRO D 561 38.32 -30.25 4.44
CA PRO D 561 38.41 -29.46 3.22
C PRO D 561 37.79 -28.07 3.38
N ASP D 562 38.10 -27.16 2.46
CA ASP D 562 37.41 -25.88 2.39
C ASP D 562 35.91 -26.15 2.42
N GLY D 563 35.17 -25.34 3.19
CA GLY D 563 33.72 -25.50 3.32
C GLY D 563 32.93 -25.52 2.01
N ASN D 564 33.49 -24.91 0.98
CA ASN D 564 32.84 -24.83 -0.33
C ASN D 564 33.03 -26.09 -1.17
N TRP D 565 33.91 -26.97 -0.71
CA TRP D 565 34.29 -28.17 -1.47
C TRP D 565 33.68 -29.41 -0.84
N PRO D 566 33.14 -30.34 -1.65
CA PRO D 566 33.08 -30.35 -3.12
C PRO D 566 31.96 -29.51 -3.68
N ASN D 567 32.01 -29.28 -4.99
CA ASN D 567 30.97 -28.56 -5.69
C ASN D 567 30.93 -29.02 -7.13
N ALA D 568 30.00 -28.51 -7.91
CA ALA D 568 29.84 -28.92 -9.30
C ALA D 568 31.10 -28.70 -10.14
N ASP D 569 31.77 -27.57 -9.93
CA ASP D 569 32.97 -27.20 -10.69
C ASP D 569 34.21 -27.95 -10.22
N ASP D 570 34.13 -28.47 -9.01
CA ASP D 570 35.24 -29.19 -8.39
C ASP D 570 34.67 -30.34 -7.59
N PRO D 571 34.25 -31.42 -8.27
CA PRO D 571 33.52 -32.50 -7.63
C PRO D 571 34.39 -33.39 -6.75
N SER D 572 33.74 -34.21 -5.95
CA SER D 572 34.43 -35.12 -5.04
C SER D 572 35.35 -36.09 -5.77
N ASN D 573 34.86 -36.63 -6.89
CA ASN D 573 35.61 -37.64 -7.64
C ASN D 573 36.20 -38.75 -6.77
N GLY D 574 35.40 -39.23 -5.81
CA GLY D 574 35.79 -40.33 -4.94
C GLY D 574 36.74 -39.96 -3.81
N GLN D 575 36.88 -38.67 -3.52
CA GLN D 575 37.80 -38.23 -2.47
C GLN D 575 37.10 -37.69 -1.20
N TYR D 576 35.81 -37.36 -1.30
CA TYR D 576 35.07 -36.82 -0.17
C TYR D 576 34.32 -37.90 0.61
N ASN D 577 34.36 -37.78 1.94
CA ASN D 577 33.74 -38.77 2.83
C ASN D 577 32.26 -38.54 3.09
N TRP D 578 31.72 -37.43 2.57
CA TRP D 578 30.32 -37.08 2.80
C TRP D 578 29.97 -37.13 4.30
N LYS D 579 30.87 -36.59 5.11
CA LYS D 579 30.72 -36.49 6.56
C LYS D 579 30.39 -37.80 7.28
N THR D 580 31.09 -38.86 6.88
CA THR D 580 30.90 -40.20 7.43
C THR D 580 32.08 -41.05 6.93
N TYR D 581 31.97 -42.38 6.99
CA TYR D 581 32.95 -43.24 6.35
C TYR D 581 33.18 -42.78 4.92
N HIS D 582 34.44 -42.73 4.49
CA HIS D 582 34.72 -42.67 3.06
C HIS D 582 34.04 -43.89 2.48
N PRO D 583 33.18 -43.69 1.47
CA PRO D 583 32.20 -44.70 1.07
C PRO D 583 32.79 -45.97 0.44
N GLN D 584 34.09 -45.92 0.13
CA GLN D 584 34.80 -47.05 -0.42
C GLN D 584 35.14 -48.11 0.64
N VAL D 585 35.05 -47.74 1.91
CA VAL D 585 35.50 -48.64 2.98
C VAL D 585 34.70 -49.96 3.02
N LEU D 586 35.41 -51.08 3.10
CA LEU D 586 34.78 -52.38 3.25
C LEU D 586 34.32 -52.63 4.69
N VAL D 587 33.01 -52.71 4.87
CA VAL D 587 32.43 -52.99 6.18
C VAL D 587 31.87 -54.41 6.15
N THR D 588 31.80 -55.06 7.30
CA THR D 588 31.21 -56.37 7.36
C THR D 588 29.71 -56.21 7.09
N ASP D 589 29.21 -56.97 6.12
CA ASP D 589 27.86 -56.76 5.58
C ASP D 589 26.82 -56.84 6.69
N MET D 590 26.10 -55.74 6.88
CA MET D 590 25.04 -55.65 7.89
C MET D 590 23.71 -56.20 7.38
N ARG D 591 23.56 -56.34 6.07
CA ARG D 591 22.33 -56.90 5.51
C ARG D 591 22.24 -58.43 5.69
N TYR D 592 23.38 -59.12 5.57
CA TYR D 592 23.44 -60.57 5.66
C TYR D 592 24.56 -61.00 6.60
N GLU D 593 24.18 -61.67 7.68
CA GLU D 593 25.13 -62.10 8.70
C GLU D 593 26.04 -63.22 8.17
N ASN D 594 27.28 -63.24 8.65
CA ASN D 594 28.25 -64.27 8.29
C ASN D 594 28.39 -64.42 6.76
N HIS D 595 28.59 -63.30 6.08
CA HIS D 595 28.53 -63.25 4.61
C HIS D 595 29.51 -62.21 4.03
N GLY D 596 30.61 -61.97 4.73
CA GLY D 596 31.71 -61.16 4.20
C GLY D 596 31.51 -59.65 4.22
N ARG D 597 32.32 -58.96 3.43
CA ARG D 597 32.34 -57.50 3.45
C ARG D 597 31.86 -56.88 2.15
N GLU D 598 31.46 -55.63 2.26
CA GLU D 598 30.90 -54.84 1.16
C GLU D 598 31.24 -53.39 1.40
N PRO D 599 31.49 -52.62 0.33
CA PRO D 599 31.75 -51.19 0.49
C PRO D 599 30.56 -50.51 1.14
N MET D 600 30.83 -49.60 2.07
CA MET D 600 29.76 -48.97 2.85
C MET D 600 28.66 -48.40 1.97
N VAL D 601 29.03 -47.96 0.76
CA VAL D 601 28.08 -47.32 -0.16
C VAL D 601 26.84 -48.17 -0.41
N THR D 602 26.99 -49.49 -0.31
CA THR D 602 25.88 -50.40 -0.58
C THR D 602 24.82 -50.40 0.52
N GLN D 603 25.14 -49.85 1.68
CA GLN D 603 24.29 -50.02 2.83
C GLN D 603 24.41 -48.89 3.84
N ARG D 604 24.69 -47.69 3.34
CA ARG D 604 24.92 -46.53 4.20
C ARG D 604 23.78 -46.36 5.20
N ASN D 605 22.55 -46.54 4.73
CA ASN D 605 21.36 -46.18 5.49
C ASN D 605 20.90 -47.18 6.55
N ILE D 606 21.67 -48.26 6.73
CA ILE D 606 21.37 -49.26 7.74
C ILE D 606 22.32 -49.17 8.96
N HIS D 607 23.30 -48.27 8.91
CA HIS D 607 24.34 -48.22 9.97
C HIS D 607 23.76 -47.88 11.34
N ALA D 608 23.03 -46.77 11.42
CA ALA D 608 22.37 -46.39 12.67
C ALA D 608 21.34 -47.42 13.11
N TYR D 609 20.54 -47.93 12.17
CA TYR D 609 19.59 -49.01 12.47
C TYR D 609 20.30 -50.15 13.20
N THR D 610 21.46 -50.55 12.68
CA THR D 610 22.23 -51.65 13.23
C THR D 610 22.84 -51.32 14.59
N LEU D 611 23.34 -50.09 14.74
CA LEU D 611 23.80 -49.57 16.03
C LEU D 611 22.69 -49.66 17.08
N CYS D 612 21.49 -49.20 16.72
CA CYS D 612 20.35 -49.20 17.61
C CYS D 612 19.91 -50.60 17.98
N GLU D 613 19.91 -51.50 16.99
CA GLU D 613 19.58 -52.88 17.25
C GLU D 613 20.52 -53.45 18.31
N SER D 614 21.81 -53.20 18.16
CA SER D 614 22.81 -53.76 19.09
C SER D 614 22.64 -53.19 20.49
N THR D 615 22.42 -51.89 20.56
CA THR D 615 22.16 -51.21 21.81
C THR D 615 20.89 -51.75 22.49
N ARG D 616 19.81 -51.91 21.74
CA ARG D 616 18.57 -52.42 22.29
C ARG D 616 18.74 -53.79 22.96
N LYS D 617 19.26 -54.77 22.24
CA LYS D 617 19.29 -56.11 22.77
C LYS D 617 20.43 -56.32 23.78
N GLU D 618 21.65 -55.97 23.37
CA GLU D 618 22.83 -56.23 24.16
C GLU D 618 23.09 -55.12 25.17
N GLY D 619 22.63 -53.91 24.87
CA GLY D 619 22.85 -52.76 25.72
C GLY D 619 21.81 -52.56 26.81
N ILE D 620 20.54 -52.66 26.42
CA ILE D 620 19.43 -52.36 27.31
C ILE D 620 18.75 -53.63 27.85
N VAL D 621 18.39 -54.56 26.97
CA VAL D 621 17.69 -55.77 27.41
C VAL D 621 18.58 -56.67 28.26
N GLU D 622 19.79 -56.98 27.77
CA GLU D 622 20.76 -57.83 28.51
C GLU D 622 21.29 -57.23 29.82
N ASN D 623 21.11 -55.92 30.00
CA ASN D 623 21.61 -55.22 31.21
C ASN D 623 20.52 -54.71 32.14
N ALA D 624 19.32 -55.26 32.04
CA ALA D 624 18.26 -54.89 32.97
C ALA D 624 18.70 -55.03 34.43
N ASP D 625 19.49 -56.06 34.74
CA ASP D 625 19.91 -56.27 36.14
C ASP D 625 20.80 -55.14 36.64
N THR D 626 21.34 -54.36 35.72
CA THR D 626 22.26 -53.27 36.08
C THR D 626 21.53 -51.92 36.19
N LEU D 627 20.42 -51.78 35.48
CA LEU D 627 19.63 -50.57 35.59
C LEU D 627 19.17 -50.43 37.03
N THR D 628 19.08 -49.19 37.52
CA THR D 628 18.83 -48.97 38.94
C THR D 628 17.33 -48.83 39.29
N LYS D 629 16.73 -47.70 38.97
CA LYS D 629 15.33 -47.43 39.33
C LYS D 629 14.31 -48.12 38.41
N PHE D 630 14.57 -48.08 37.11
CA PHE D 630 13.63 -48.63 36.14
C PHE D 630 14.32 -49.66 35.27
N ARG D 631 13.88 -50.91 35.37
CA ARG D 631 14.50 -51.99 34.60
C ARG D 631 14.21 -51.85 33.11
N ARG D 632 13.09 -51.22 32.78
CA ARG D 632 12.83 -50.94 31.38
C ARG D 632 13.61 -49.67 31.04
N SER D 633 14.07 -49.58 29.81
CA SER D 633 14.80 -48.39 29.37
C SER D 633 14.33 -48.06 27.97
N TYR D 634 15.07 -47.18 27.29
CA TYR D 634 14.66 -46.71 25.96
C TYR D 634 15.83 -46.07 25.25
N ILE D 635 15.69 -45.90 23.93
CA ILE D 635 16.70 -45.24 23.11
C ILE D 635 16.02 -44.12 22.36
N ILE D 636 16.59 -42.93 22.41
CA ILE D 636 16.21 -41.86 21.47
C ILE D 636 17.37 -41.69 20.48
N SER D 637 17.19 -42.18 19.25
CA SER D 637 18.25 -42.17 18.23
C SER D 637 18.15 -40.96 17.30
N ARG D 638 19.29 -40.54 16.77
CA ARG D 638 19.30 -39.43 15.83
C ARG D 638 19.10 -39.95 14.41
N GLY D 639 19.41 -41.22 14.20
CA GLY D 639 19.40 -41.81 12.88
C GLY D 639 18.81 -43.21 12.88
N GLY D 640 18.39 -43.67 11.70
CA GLY D 640 17.87 -45.01 11.59
C GLY D 640 17.30 -45.30 10.22
N TYR D 641 16.55 -46.39 10.15
CA TYR D 641 15.95 -46.88 8.92
C TYR D 641 14.59 -47.41 9.31
N ILE D 642 13.68 -47.52 8.36
CA ILE D 642 12.39 -48.15 8.57
C ILE D 642 12.59 -49.38 9.46
N GLY D 643 11.85 -49.45 10.57
CA GLY D 643 12.02 -50.54 11.52
C GLY D 643 12.60 -50.13 12.86
N ASN D 644 13.17 -48.92 12.93
CA ASN D 644 13.80 -48.42 14.15
C ASN D 644 12.87 -48.37 15.37
N GLN D 645 11.56 -48.47 15.13
CA GLN D 645 10.58 -48.42 16.21
C GLN D 645 10.66 -49.61 17.17
N HIS D 646 11.26 -50.71 16.72
CA HIS D 646 11.50 -51.87 17.60
C HIS D 646 12.74 -51.69 18.45
N PHE D 647 13.42 -50.56 18.28
CA PHE D 647 14.57 -50.26 19.12
C PHE D 647 14.31 -49.08 20.04
N GLY D 648 13.34 -48.25 19.69
CA GLY D 648 13.11 -47.02 20.44
C GLY D 648 12.52 -45.92 19.58
N GLY D 649 12.79 -44.67 19.93
CA GLY D 649 12.25 -43.54 19.19
C GLY D 649 13.35 -42.66 18.63
N MET D 650 13.00 -41.45 18.23
CA MET D 650 13.92 -40.57 17.53
C MET D 650 13.78 -39.13 17.98
N TRP D 651 14.85 -38.37 17.90
CA TRP D 651 14.65 -36.91 17.85
C TRP D 651 15.25 -36.42 16.55
N VAL D 652 14.70 -35.34 16.01
CA VAL D 652 15.12 -34.88 14.68
C VAL D 652 16.37 -34.01 14.72
N GLY D 653 17.43 -34.52 15.34
CA GLY D 653 18.76 -33.89 15.28
C GLY D 653 18.77 -32.41 15.66
N ASP D 654 19.57 -31.62 14.93
CA ASP D 654 19.79 -30.23 15.28
C ASP D 654 18.93 -29.31 14.46
N ASN D 655 17.81 -28.90 15.01
CA ASN D 655 16.97 -27.91 14.36
C ASN D 655 17.41 -26.50 14.79
N SER D 656 16.63 -25.50 14.44
CA SER D 656 16.95 -24.16 14.87
C SER D 656 15.74 -23.40 15.37
N THR D 657 15.96 -22.14 15.70
CA THR D 657 15.02 -21.36 16.49
C THR D 657 14.29 -20.33 15.62
N THR D 658 13.37 -20.81 14.78
CA THR D 658 12.55 -19.95 13.93
C THR D 658 11.16 -20.55 13.78
N SER D 659 10.21 -19.73 13.31
CA SER D 659 8.87 -20.21 12.99
C SER D 659 8.88 -21.40 12.01
N ASN D 660 9.69 -21.28 10.95
CA ASN D 660 9.83 -22.35 9.96
C ASN D 660 10.18 -23.70 10.60
N TYR D 661 11.02 -23.70 11.64
CA TYR D 661 11.38 -24.96 12.32
C TYR D 661 10.28 -25.51 13.20
N ILE D 662 9.40 -24.64 13.68
CA ILE D 662 8.19 -25.13 14.36
C ILE D 662 7.33 -25.87 13.32
N GLN D 663 7.19 -25.25 12.15
CA GLN D 663 6.43 -25.87 11.06
C GLN D 663 7.03 -27.24 10.68
N MET D 664 8.35 -27.28 10.54
CA MET D 664 9.04 -28.51 10.21
C MET D 664 8.87 -29.56 11.30
N MET D 665 8.87 -29.14 12.56
CA MET D 665 8.68 -30.06 13.68
C MET D 665 7.35 -30.81 13.58
N ILE D 666 6.29 -30.08 13.31
CA ILE D 666 4.98 -30.67 13.19
C ILE D 666 4.92 -31.65 12.01
N ALA D 667 5.39 -31.21 10.84
CA ALA D 667 5.34 -32.05 9.64
C ALA D 667 6.21 -33.29 9.79
N ASN D 668 7.39 -33.13 10.37
CA ASN D 668 8.28 -34.24 10.69
C ASN D 668 7.59 -35.26 11.57
N ASN D 669 6.89 -34.80 12.60
CA ASN D 669 6.32 -35.69 13.58
C ASN D 669 5.23 -36.55 12.95
N ILE D 670 4.34 -35.88 12.22
CA ILE D 670 3.27 -36.55 11.50
C ILE D 670 3.80 -37.55 10.45
N ASN D 671 4.81 -37.11 9.70
CA ASN D 671 5.41 -37.93 8.65
C ASN D 671 6.17 -39.12 9.18
N MET D 672 6.88 -38.93 10.28
CA MET D 672 7.57 -40.03 10.91
C MET D 672 6.55 -41.01 11.48
N ASN D 673 5.49 -40.52 12.12
CA ASN D 673 4.45 -41.43 12.63
C ASN D 673 3.89 -42.34 11.55
N MET D 674 3.59 -41.76 10.38
CA MET D 674 3.05 -42.56 9.28
C MET D 674 4.12 -43.38 8.56
N SER D 675 5.39 -43.19 8.93
CA SER D 675 6.48 -44.05 8.45
C SER D 675 6.83 -45.07 9.53
N CYS D 676 5.89 -45.27 10.45
CA CYS D 676 5.99 -46.27 11.53
C CYS D 676 7.08 -45.95 12.54
N LEU D 677 7.37 -44.67 12.73
CA LEU D 677 8.25 -44.24 13.83
C LEU D 677 7.48 -43.27 14.72
N PRO D 678 6.77 -43.79 15.72
CA PRO D 678 5.83 -42.96 16.44
C PRO D 678 6.42 -42.05 17.51
N LEU D 679 7.40 -42.54 18.27
CA LEU D 679 7.91 -41.79 19.41
C LEU D 679 9.07 -40.88 18.99
N VAL D 680 8.68 -39.72 18.49
CA VAL D 680 9.60 -38.81 17.80
C VAL D 680 9.27 -37.39 18.26
N GLY D 681 10.25 -36.48 18.18
CA GLY D 681 10.02 -35.07 18.49
C GLY D 681 11.22 -34.26 18.07
N SER D 682 11.09 -32.93 18.09
CA SER D 682 12.24 -32.09 17.77
C SER D 682 12.56 -31.20 18.96
N ASP D 683 13.81 -30.75 19.04
CA ASP D 683 14.26 -29.92 20.16
C ASP D 683 13.37 -28.69 20.33
N ILE D 684 12.72 -28.61 21.49
CA ILE D 684 11.75 -27.55 21.77
C ILE D 684 12.48 -26.25 22.04
N GLY D 685 12.17 -25.21 21.26
CA GLY D 685 12.92 -23.96 21.32
C GLY D 685 13.96 -23.85 20.22
N GLY D 686 14.40 -24.98 19.69
CA GLY D 686 15.37 -25.04 18.60
C GLY D 686 16.75 -25.29 19.16
N PHE D 687 17.56 -26.10 18.49
CA PHE D 687 18.88 -26.41 19.03
C PHE D 687 19.91 -25.28 18.81
N THR D 688 20.14 -24.93 17.55
CA THR D 688 21.21 -23.98 17.21
C THR D 688 20.77 -22.53 17.36
N SER D 689 21.75 -21.62 17.31
CA SER D 689 21.50 -20.18 17.25
C SER D 689 20.73 -19.79 16.00
N TYR D 690 20.01 -18.69 16.07
CA TYR D 690 19.20 -18.23 14.95
C TYR D 690 19.53 -16.78 14.56
N ASP D 691 20.07 -16.01 15.51
CA ASP D 691 20.30 -14.60 15.29
C ASP D 691 21.63 -14.37 14.56
N ASN D 692 21.55 -14.03 13.27
CA ASN D 692 22.75 -13.79 12.45
C ASN D 692 23.63 -12.62 12.89
N GLU D 693 23.06 -11.66 13.61
CA GLU D 693 23.83 -10.51 14.07
C GLU D 693 24.58 -10.84 15.37
N ASN D 694 23.89 -11.49 16.29
CA ASN D 694 24.47 -11.93 17.56
C ASN D 694 23.95 -13.32 17.84
N GLN D 695 24.81 -14.32 17.70
CA GLN D 695 24.39 -15.70 17.84
C GLN D 695 23.83 -16.02 19.23
N ARG D 696 24.24 -15.26 20.24
CA ARG D 696 23.90 -15.59 21.62
C ARG D 696 22.47 -15.22 22.02
N THR D 697 21.78 -14.43 21.19
CA THR D 697 20.40 -14.05 21.49
C THR D 697 19.51 -15.26 21.68
N PRO D 698 18.88 -15.37 22.85
CA PRO D 698 18.00 -16.51 23.14
C PRO D 698 16.74 -16.48 22.29
N CYS D 699 16.11 -17.65 22.15
CA CYS D 699 14.76 -17.77 21.65
C CYS D 699 13.89 -16.70 22.29
N THR D 700 13.04 -16.06 21.50
CA THR D 700 12.14 -15.06 22.07
C THR D 700 11.08 -15.75 22.92
N GLY D 701 10.55 -15.01 23.89
CA GLY D 701 9.46 -15.50 24.72
C GLY D 701 8.27 -16.00 23.92
N ASP D 702 7.91 -15.31 22.85
CA ASP D 702 6.75 -15.69 22.07
C ASP D 702 7.01 -16.93 21.23
N LEU D 703 8.19 -17.02 20.61
CA LEU D 703 8.50 -18.19 19.83
C LEU D 703 8.60 -19.42 20.71
N MET D 704 9.15 -19.25 21.91
CA MET D 704 9.23 -20.38 22.85
C MET D 704 7.84 -20.85 23.27
N VAL D 705 6.94 -19.91 23.54
CA VAL D 705 5.57 -20.27 23.87
C VAL D 705 4.98 -21.10 22.73
N ARG D 706 5.10 -20.63 21.50
CA ARG D 706 4.51 -21.35 20.37
C ARG D 706 5.18 -22.69 20.12
N TYR D 707 6.49 -22.75 20.37
CA TYR D 707 7.25 -23.98 20.23
C TYR D 707 6.75 -25.00 21.23
N VAL D 708 6.52 -24.55 22.46
CA VAL D 708 6.04 -25.41 23.55
C VAL D 708 4.60 -25.85 23.30
N GLN D 709 3.74 -24.90 22.93
CA GLN D 709 2.36 -25.25 22.57
C GLN D 709 2.27 -26.24 21.40
N ALA D 710 3.11 -26.07 20.38
CA ALA D 710 3.09 -26.99 19.24
C ALA D 710 3.66 -28.36 19.58
N GLY D 711 4.57 -28.43 20.56
CA GLY D 711 5.17 -29.69 20.95
C GLY D 711 4.57 -30.42 22.13
N CYS D 712 3.60 -29.81 22.81
CA CYS D 712 3.17 -30.30 24.12
C CYS D 712 2.44 -31.64 24.11
N LEU D 713 1.95 -32.07 22.95
CA LEU D 713 1.26 -33.34 22.84
C LEU D 713 1.91 -34.23 21.79
N LEU D 714 3.00 -33.75 21.20
CA LEU D 714 3.84 -34.60 20.36
C LEU D 714 4.60 -35.59 21.27
N PRO D 715 4.90 -36.79 20.77
CA PRO D 715 5.37 -37.87 21.66
C PRO D 715 6.69 -37.64 22.41
N TRP D 716 7.68 -37.04 21.78
CA TRP D 716 8.94 -36.79 22.48
C TRP D 716 9.11 -35.28 22.69
N PHE D 717 9.17 -34.89 23.97
CA PHE D 717 9.07 -33.49 24.39
C PHE D 717 10.30 -33.07 25.25
N ARG D 718 11.32 -32.54 24.59
CA ARG D 718 12.56 -32.16 25.24
C ARG D 718 13.01 -30.80 24.72
N ASN D 719 13.26 -29.87 25.64
CA ASN D 719 13.92 -28.60 25.34
C ASN D 719 15.41 -28.91 25.34
N HIS D 720 16.09 -28.66 24.23
CA HIS D 720 17.51 -28.93 24.18
C HIS D 720 18.15 -27.93 23.24
N TYR D 721 19.30 -27.38 23.61
CA TYR D 721 19.89 -26.30 22.85
C TYR D 721 21.40 -26.23 23.00
N ASP D 722 22.01 -25.49 22.10
CA ASP D 722 23.44 -25.21 22.11
C ASP D 722 23.60 -23.96 22.97
N ARG D 723 24.27 -24.09 24.11
CA ARG D 723 24.47 -22.97 25.02
C ARG D 723 25.86 -22.40 24.87
N TRP D 724 25.94 -21.10 24.62
CA TRP D 724 27.19 -20.39 24.55
C TRP D 724 27.83 -20.35 25.93
N ILE D 725 29.03 -20.89 26.04
CA ILE D 725 29.82 -20.73 27.26
C ILE D 725 31.27 -20.44 26.87
N GLU D 726 32.05 -19.94 27.82
CA GLU D 726 33.40 -19.45 27.52
C GLU D 726 34.24 -20.47 26.75
N SER D 727 34.15 -21.74 27.14
CA SER D 727 34.97 -22.81 26.56
C SER D 727 34.33 -23.47 25.34
N LYS D 728 33.09 -23.11 25.05
CA LYS D 728 32.44 -23.54 23.82
C LYS D 728 31.62 -22.38 23.27
N ASP D 729 32.31 -21.49 22.55
CA ASP D 729 31.79 -20.17 22.23
C ASP D 729 30.87 -20.12 21.01
N HIS D 730 29.93 -21.06 20.94
CA HIS D 730 28.82 -20.97 19.99
C HIS D 730 27.54 -21.35 20.71
N GLY D 731 26.43 -20.80 20.24
CA GLY D 731 25.14 -21.08 20.84
C GLY D 731 24.47 -19.88 21.48
N LYS D 732 23.36 -20.14 22.15
CA LYS D 732 22.55 -19.10 22.76
C LYS D 732 22.81 -19.05 24.26
N ASP D 733 22.51 -17.90 24.86
CA ASP D 733 22.74 -17.69 26.29
C ASP D 733 21.98 -18.67 27.19
N TYR D 734 20.72 -18.94 26.86
CA TYR D 734 19.84 -19.78 27.67
C TYR D 734 18.55 -20.09 26.90
N GLN D 735 17.81 -21.07 27.36
CA GLN D 735 16.56 -21.48 26.70
C GLN D 735 15.58 -22.19 27.65
N GLU D 736 15.95 -22.34 28.91
CA GLU D 736 15.13 -23.05 29.88
C GLU D 736 13.81 -22.31 30.09
N LEU D 737 12.72 -23.05 30.28
CA LEU D 737 11.41 -22.43 30.37
C LEU D 737 11.26 -21.46 31.55
N TYR D 738 11.98 -21.71 32.64
CA TYR D 738 11.90 -20.83 33.81
C TYR D 738 12.67 -19.54 33.61
N MET D 739 13.48 -19.48 32.55
CA MET D 739 14.24 -18.26 32.24
C MET D 739 13.39 -17.25 31.50
N TYR D 740 12.08 -17.50 31.43
CA TYR D 740 11.14 -16.61 30.74
C TYR D 740 10.06 -16.06 31.68
N PRO D 741 10.39 -15.02 32.46
CA PRO D 741 9.46 -14.56 33.51
C PRO D 741 8.09 -14.11 32.99
N ASN D 742 8.04 -13.43 31.84
CA ASN D 742 6.77 -12.92 31.33
C ASN D 742 5.84 -14.03 30.81
N GLU D 743 6.44 -15.14 30.39
CA GLU D 743 5.70 -16.20 29.73
C GLU D 743 5.65 -17.44 30.59
N MET D 744 6.17 -17.35 31.81
CA MET D 744 6.29 -18.51 32.68
C MET D 744 4.96 -19.19 33.05
N ASP D 745 3.94 -18.42 33.41
CA ASP D 745 2.62 -19.00 33.71
C ASP D 745 2.07 -19.79 32.51
N THR D 746 2.19 -19.23 31.31
CA THR D 746 1.74 -19.92 30.09
C THR D 746 2.56 -21.19 29.83
N LEU D 747 3.88 -21.07 29.94
CA LEU D 747 4.77 -22.18 29.66
C LEU D 747 4.51 -23.33 30.63
N ARG D 748 4.36 -23.01 31.91
CA ARG D 748 4.14 -24.01 32.95
C ARG D 748 2.85 -24.77 32.74
N LYS D 749 1.76 -24.05 32.49
CA LYS D 749 0.46 -24.69 32.40
C LYS D 749 0.33 -25.62 31.18
N PHE D 750 1.09 -25.36 30.11
CA PHE D 750 1.07 -26.27 28.97
C PHE D 750 1.85 -27.53 29.25
N VAL D 751 2.90 -27.44 30.04
CA VAL D 751 3.58 -28.64 30.50
C VAL D 751 2.67 -29.42 31.45
N GLU D 752 1.97 -28.68 32.33
CA GLU D 752 1.02 -29.30 33.25
C GLU D 752 -0.04 -30.05 32.48
N PHE D 753 -0.54 -29.38 31.43
CA PHE D 753 -1.55 -29.91 30.56
C PHE D 753 -1.10 -31.21 29.95
N ARG D 754 0.12 -31.24 29.43
CA ARG D 754 0.67 -32.48 28.92
C ARG D 754 0.68 -33.56 30.00
N TYR D 755 1.10 -33.20 31.21
CA TYR D 755 1.23 -34.17 32.29
C TYR D 755 -0.13 -34.75 32.72
N ARG D 756 -1.17 -33.94 32.66
CA ARG D 756 -2.50 -34.47 32.95
C ARG D 756 -2.95 -35.51 31.94
N TRP D 757 -2.42 -35.41 30.71
CA TRP D 757 -2.78 -36.34 29.65
C TRP D 757 -1.66 -37.36 29.42
N GLN D 758 -0.86 -37.62 30.45
CA GLN D 758 0.19 -38.63 30.35
C GLN D 758 -0.35 -39.99 29.90
N GLU D 759 -1.58 -40.32 30.32
CA GLU D 759 -2.15 -41.63 30.02
C GLU D 759 -2.71 -41.66 28.61
N VAL D 760 -3.11 -40.49 28.09
CA VAL D 760 -3.52 -40.37 26.69
C VAL D 760 -2.36 -40.74 25.76
N LEU D 761 -1.16 -40.28 26.12
CA LEU D 761 0.03 -40.57 25.34
C LEU D 761 0.49 -42.02 25.54
N TYR D 762 0.49 -42.47 26.79
CA TYR D 762 0.96 -43.80 27.11
C TYR D 762 0.07 -44.84 26.46
N THR D 763 -1.25 -44.63 26.53
CA THR D 763 -2.21 -45.53 25.93
C THR D 763 -2.10 -45.50 24.40
N ALA D 764 -1.86 -44.33 23.83
CA ALA D 764 -1.67 -44.24 22.39
C ALA D 764 -0.42 -45.04 22.00
N MET D 765 0.62 -44.95 22.81
CA MET D 765 1.82 -45.71 22.55
C MET D 765 1.50 -47.21 22.66
N TYR D 766 0.67 -47.60 23.62
CA TYR D 766 0.24 -49.00 23.70
C TYR D 766 -0.48 -49.41 22.42
N GLN D 767 -1.36 -48.55 21.90
CA GLN D 767 -2.09 -48.85 20.66
C GLN D 767 -1.11 -49.00 19.50
N ASN D 768 0.04 -48.36 19.61
CA ASN D 768 1.06 -48.52 18.60
C ASN D 768 1.81 -49.85 18.74
N ALA D 769 2.25 -50.17 19.95
CA ALA D 769 2.99 -51.40 20.15
C ALA D 769 2.09 -52.60 19.87
N ALA D 770 0.82 -52.49 20.21
CA ALA D 770 -0.11 -53.60 20.03
C ALA D 770 -0.62 -53.70 18.60
N PHE D 771 -1.09 -52.59 18.04
CA PHE D 771 -1.86 -52.58 16.80
C PHE D 771 -1.23 -51.75 15.68
N GLY D 772 -0.12 -51.08 15.98
CA GLY D 772 0.60 -50.32 14.96
C GLY D 772 -0.04 -48.99 14.57
N LYS D 773 -0.99 -48.51 15.37
CA LYS D 773 -1.63 -47.22 15.11
C LYS D 773 -0.64 -46.10 15.39
N PRO D 774 -0.48 -45.16 14.45
CA PRO D 774 0.38 -44.01 14.74
C PRO D 774 -0.22 -43.18 15.87
N ILE D 775 0.64 -42.66 16.74
CA ILE D 775 0.17 -41.80 17.82
C ILE D 775 -0.42 -40.58 17.17
N ILE D 776 0.38 -39.90 16.35
CA ILE D 776 -0.07 -38.68 15.71
C ILE D 776 -0.65 -38.97 14.32
N LYS D 777 -1.88 -38.52 14.10
CA LYS D 777 -2.58 -38.74 12.84
C LYS D 777 -2.54 -37.52 11.91
N ALA D 778 -2.13 -37.74 10.66
CA ALA D 778 -2.23 -36.70 9.63
C ALA D 778 -3.71 -36.37 9.45
N ALA D 779 -4.03 -35.11 9.20
CA ALA D 779 -5.43 -34.71 9.03
C ALA D 779 -6.13 -35.53 7.96
N SER D 780 -5.39 -35.91 6.92
CA SER D 780 -5.95 -36.71 5.83
C SER D 780 -6.23 -38.16 6.23
N MET D 781 -5.84 -38.54 7.46
CA MET D 781 -6.24 -39.82 8.03
C MET D 781 -7.71 -39.80 8.47
N TYR D 782 -8.28 -38.59 8.57
CA TYR D 782 -9.68 -38.43 8.97
C TYR D 782 -10.54 -38.60 7.74
N ASN D 783 -11.24 -39.72 7.67
CA ASN D 783 -12.01 -40.13 6.50
C ASN D 783 -13.28 -39.31 6.27
N ASN D 784 -13.71 -39.33 5.01
CA ASN D 784 -14.96 -38.70 4.56
C ASN D 784 -14.98 -37.18 4.71
N ASP D 785 -13.82 -36.55 4.52
CA ASP D 785 -13.70 -35.12 4.70
C ASP D 785 -12.87 -34.52 3.56
N SER D 786 -13.51 -33.68 2.75
CA SER D 786 -12.82 -33.14 1.58
C SER D 786 -12.06 -31.84 1.85
N ASN D 787 -11.98 -31.43 3.11
CA ASN D 787 -11.25 -30.22 3.47
C ASN D 787 -10.00 -30.43 4.35
N VAL D 788 -9.87 -31.60 4.98
CA VAL D 788 -8.71 -31.86 5.85
C VAL D 788 -7.39 -31.78 5.11
N ARG D 789 -7.39 -32.09 3.81
CA ARG D 789 -6.17 -32.03 3.03
C ARG D 789 -5.58 -30.62 3.03
N ARG D 790 -6.47 -29.63 2.92
CA ARG D 790 -6.10 -28.20 2.98
C ARG D 790 -5.52 -27.79 4.34
N ALA D 791 -6.00 -28.43 5.41
CA ALA D 791 -5.59 -28.09 6.78
C ALA D 791 -4.44 -28.94 7.30
N GLN D 792 -3.94 -29.86 6.47
CA GLN D 792 -3.03 -30.90 6.94
C GLN D 792 -1.60 -30.47 7.31
N ASN D 793 -1.24 -29.22 7.03
CA ASN D 793 0.11 -28.79 7.38
C ASN D 793 0.28 -28.57 8.86
N ASP D 794 -0.80 -28.22 9.54
CA ASP D 794 -0.69 -27.81 10.93
C ASP D 794 -1.89 -28.23 11.80
N HIS D 795 -2.78 -29.03 11.23
CA HIS D 795 -3.83 -29.68 12.01
C HIS D 795 -3.48 -31.16 12.14
N PHE D 796 -3.57 -31.72 13.34
CA PHE D 796 -3.34 -33.16 13.50
C PHE D 796 -4.18 -33.69 14.63
N LEU D 797 -4.31 -35.01 14.73
CA LEU D 797 -5.17 -35.63 15.75
C LEU D 797 -4.41 -36.69 16.53
N LEU D 798 -4.97 -37.07 17.68
CA LEU D 798 -4.38 -38.09 18.55
C LEU D 798 -5.39 -38.50 19.62
N GLY D 799 -5.11 -39.60 20.31
CA GLY D 799 -5.72 -39.87 21.62
C GLY D 799 -7.11 -40.45 21.66
N GLY D 800 -7.45 -41.09 22.77
CA GLY D 800 -8.79 -41.65 22.93
C GLY D 800 -8.89 -43.08 22.43
N HIS D 801 -10.09 -43.64 22.47
CA HIS D 801 -10.29 -45.04 22.15
C HIS D 801 -9.89 -45.33 20.72
N ASP D 802 -10.03 -44.35 19.84
CA ASP D 802 -9.76 -44.58 18.42
C ASP D 802 -8.52 -43.86 17.89
N GLY D 803 -7.96 -42.96 18.69
CA GLY D 803 -6.79 -42.19 18.28
C GLY D 803 -7.14 -40.92 17.52
N TYR D 804 -8.42 -40.56 17.50
CA TYR D 804 -8.86 -39.35 16.83
C TYR D 804 -9.72 -38.49 17.75
N ARG D 805 -9.45 -38.48 19.06
CA ARG D 805 -10.33 -37.74 19.97
C ARG D 805 -9.88 -36.31 20.24
N ILE D 806 -8.64 -35.99 19.90
CA ILE D 806 -8.08 -34.66 20.16
C ILE D 806 -7.58 -34.07 18.84
N LEU D 807 -7.97 -32.83 18.55
CA LEU D 807 -7.47 -32.11 17.38
C LEU D 807 -6.57 -30.95 17.83
N CYS D 808 -5.37 -30.86 17.26
CA CYS D 808 -4.49 -29.73 17.52
C CYS D 808 -4.24 -28.94 16.24
N ALA D 809 -4.22 -27.62 16.36
CA ALA D 809 -3.94 -26.74 15.24
C ALA D 809 -3.09 -25.60 15.78
N PRO D 810 -1.86 -25.91 16.20
CA PRO D 810 -1.01 -24.95 16.87
C PRO D 810 -0.64 -23.79 15.96
N VAL D 811 -0.51 -22.59 16.54
CA VAL D 811 -0.07 -21.42 15.77
C VAL D 811 1.41 -21.59 15.42
N VAL D 812 1.72 -21.48 14.14
CA VAL D 812 3.07 -21.82 13.67
C VAL D 812 3.87 -20.59 13.19
N TRP D 813 3.46 -19.40 13.63
CA TRP D 813 4.20 -18.17 13.38
C TRP D 813 4.41 -17.36 14.66
N GLU D 814 5.56 -16.70 14.78
CA GLU D 814 5.83 -15.78 15.88
C GLU D 814 5.00 -14.52 15.70
N ASN D 815 4.71 -13.83 16.80
CA ASN D 815 3.94 -12.58 16.82
C ASN D 815 2.60 -12.67 16.11
N SER D 816 1.90 -13.77 16.35
CA SER D 816 0.62 -14.01 15.69
C SER D 816 -0.43 -14.45 16.71
N THR D 817 -1.62 -13.85 16.63
CA THR D 817 -2.67 -14.12 17.61
C THR D 817 -3.99 -14.57 16.96
N GLU D 818 -3.87 -15.23 15.82
CA GLU D 818 -5.01 -15.75 15.10
C GLU D 818 -4.52 -16.78 14.12
N ARG D 819 -5.40 -17.68 13.71
CA ARG D 819 -5.06 -18.64 12.67
C ARG D 819 -6.35 -19.07 11.99
N GLU D 820 -6.25 -19.60 10.77
CA GLU D 820 -7.39 -20.18 10.11
C GLU D 820 -7.60 -21.60 10.66
N LEU D 821 -8.79 -21.87 11.17
CA LEU D 821 -9.05 -23.14 11.84
C LEU D 821 -10.04 -23.95 11.02
N TYR D 822 -9.75 -25.24 10.86
CA TYR D 822 -10.70 -26.16 10.23
C TYR D 822 -11.02 -27.31 11.17
N LEU D 823 -12.30 -27.54 11.39
CA LEU D 823 -12.76 -28.63 12.26
C LEU D 823 -13.27 -29.78 11.41
N PRO D 824 -12.70 -30.99 11.59
CA PRO D 824 -13.15 -32.14 10.81
C PRO D 824 -14.67 -32.38 10.93
N VAL D 825 -15.28 -32.81 9.83
CA VAL D 825 -16.72 -32.84 9.65
C VAL D 825 -17.38 -34.08 10.28
N LEU D 826 -18.69 -34.02 10.47
CA LEU D 826 -19.50 -35.13 10.99
C LEU D 826 -19.09 -35.58 12.42
N THR D 827 -18.62 -34.63 13.21
CA THR D 827 -18.42 -34.83 14.65
C THR D 827 -18.49 -33.43 15.27
N GLN D 828 -18.55 -33.35 16.60
CA GLN D 828 -18.60 -32.06 17.29
C GLN D 828 -17.35 -31.89 18.12
N TRP D 829 -16.94 -30.65 18.30
CA TRP D 829 -15.69 -30.35 18.96
C TRP D 829 -15.87 -29.38 20.14
N TYR D 830 -15.01 -29.54 21.14
CA TYR D 830 -15.02 -28.70 22.34
C TYR D 830 -13.66 -28.09 22.57
N LYS D 831 -13.60 -26.76 22.53
CA LYS D 831 -12.37 -26.04 22.83
C LYS D 831 -11.86 -26.52 24.17
N PHE D 832 -10.56 -26.76 24.23
CA PHE D 832 -9.95 -27.28 25.43
C PHE D 832 -8.55 -26.67 25.56
N GLY D 833 -7.72 -27.21 26.42
CA GLY D 833 -6.43 -26.61 26.68
C GLY D 833 -6.27 -26.49 28.17
N PRO D 834 -5.11 -25.97 28.62
CA PRO D 834 -4.71 -25.90 30.02
C PRO D 834 -5.73 -25.26 30.95
N ASP D 835 -6.47 -24.25 30.48
CA ASP D 835 -7.44 -23.55 31.31
C ASP D 835 -8.68 -24.35 31.65
N PHE D 836 -9.01 -25.31 30.80
CA PHE D 836 -10.31 -25.97 30.88
C PHE D 836 -10.49 -27.00 31.98
N ASP D 837 -9.37 -27.43 32.58
CA ASP D 837 -9.42 -28.33 33.74
C ASP D 837 -10.15 -27.72 34.93
N THR D 838 -10.11 -26.40 35.05
CA THR D 838 -10.63 -25.74 36.23
C THR D 838 -11.82 -24.85 35.91
N LYS D 839 -12.44 -25.06 34.76
CA LYS D 839 -13.65 -24.32 34.40
C LYS D 839 -14.57 -25.12 33.48
N PRO D 840 -15.85 -24.71 33.36
CA PRO D 840 -16.77 -25.42 32.47
C PRO D 840 -16.35 -25.36 31.00
N LEU D 841 -16.77 -26.36 30.23
CA LEU D 841 -16.56 -26.33 28.79
C LEU D 841 -17.40 -25.23 28.19
N GLU D 842 -17.01 -24.78 27.01
CA GLU D 842 -17.84 -23.89 26.24
C GLU D 842 -18.79 -24.72 25.35
N GLY D 843 -19.69 -24.04 24.65
CA GLY D 843 -20.65 -24.71 23.75
C GLY D 843 -19.97 -25.45 22.62
N ALA D 844 -20.66 -26.45 22.08
CA ALA D 844 -20.11 -27.27 21.00
C ALA D 844 -19.78 -26.45 19.75
N MET D 845 -18.69 -26.85 19.09
CA MET D 845 -18.30 -26.31 17.80
C MET D 845 -18.57 -27.35 16.72
N ASN D 846 -19.29 -26.95 15.67
CA ASN D 846 -19.69 -27.85 14.60
C ASN D 846 -18.55 -28.26 13.70
N GLY D 847 -18.35 -29.57 13.58
CA GLY D 847 -17.39 -30.10 12.61
C GLY D 847 -17.80 -29.67 11.21
N GLY D 848 -16.82 -29.32 10.40
CA GLY D 848 -17.05 -28.85 9.06
C GLY D 848 -16.84 -27.35 8.98
N ASP D 849 -16.65 -26.73 10.14
CA ASP D 849 -16.46 -25.30 10.20
C ASP D 849 -15.05 -24.88 9.82
N ARG D 850 -14.96 -23.89 8.95
CA ARG D 850 -13.70 -23.22 8.67
C ARG D 850 -13.83 -21.82 9.26
N ILE D 851 -12.98 -21.50 10.24
CA ILE D 851 -13.02 -20.20 10.89
C ILE D 851 -11.76 -19.43 10.53
N TYR D 852 -11.91 -18.41 9.70
CA TYR D 852 -10.83 -17.48 9.43
C TYR D 852 -10.67 -16.55 10.63
N ASN D 853 -9.43 -16.15 10.89
CA ASN D 853 -9.12 -15.22 11.96
C ASN D 853 -9.64 -15.73 13.30
N TYR D 854 -9.52 -17.04 13.50
CA TYR D 854 -9.85 -17.66 14.77
C TYR D 854 -8.87 -17.17 15.84
N PRO D 855 -9.39 -16.52 16.90
CA PRO D 855 -8.52 -15.89 17.90
C PRO D 855 -7.62 -16.88 18.64
N VAL D 856 -6.31 -16.61 18.63
CA VAL D 856 -5.39 -17.39 19.44
C VAL D 856 -4.37 -16.50 20.16
N PRO D 857 -4.74 -16.04 21.35
CA PRO D 857 -3.82 -15.28 22.19
C PRO D 857 -2.55 -16.09 22.46
N GLN D 858 -1.46 -15.40 22.80
CA GLN D 858 -0.22 -16.08 23.10
C GLN D 858 -0.44 -17.17 24.14
N SER D 859 -1.30 -16.90 25.11
CA SER D 859 -1.51 -17.81 26.23
C SER D 859 -2.30 -19.07 25.86
N GLU D 860 -2.90 -19.07 24.68
CA GLU D 860 -3.77 -20.14 24.21
C GLU D 860 -3.16 -20.92 23.05
N SER D 861 -3.67 -22.12 22.83
CA SER D 861 -3.33 -22.91 21.65
C SER D 861 -4.56 -23.69 21.24
N PRO D 862 -4.85 -23.76 19.93
CA PRO D 862 -6.10 -24.40 19.49
C PRO D 862 -6.04 -25.91 19.67
N ILE D 863 -6.75 -26.41 20.68
CA ILE D 863 -6.76 -27.83 21.01
C ILE D 863 -8.19 -28.17 21.37
N PHE D 864 -8.75 -29.17 20.71
CA PHE D 864 -10.17 -29.46 20.84
C PHE D 864 -10.35 -30.93 21.19
N VAL D 865 -11.30 -31.21 22.07
CA VAL D 865 -11.66 -32.58 22.39
C VAL D 865 -12.99 -32.91 21.72
N ARG D 866 -13.01 -34.04 21.04
CA ARG D 866 -14.16 -34.48 20.26
C ARG D 866 -15.26 -34.99 21.18
N GLU D 867 -16.52 -34.81 20.78
CA GLU D 867 -17.61 -35.43 21.51
C GLU D 867 -17.41 -36.95 21.56
N GLY D 868 -17.94 -37.60 22.58
CA GLY D 868 -17.89 -39.04 22.67
C GLY D 868 -16.57 -39.55 23.22
N ALA D 869 -15.71 -38.64 23.69
CA ALA D 869 -14.41 -39.03 24.24
C ALA D 869 -14.47 -39.29 25.74
N ILE D 870 -13.80 -40.35 26.19
CA ILE D 870 -13.54 -40.52 27.62
C ILE D 870 -12.03 -40.63 27.74
N LEU D 871 -11.41 -39.68 28.43
CA LEU D 871 -9.96 -39.63 28.46
C LEU D 871 -9.42 -39.93 29.85
N PRO D 872 -8.48 -40.89 29.93
CA PRO D 872 -7.78 -41.10 31.19
C PRO D 872 -6.90 -39.89 31.50
N THR D 873 -6.96 -39.42 32.74
CA THR D 873 -6.39 -38.15 33.17
C THR D 873 -5.74 -38.38 34.55
N ARG D 874 -4.56 -37.78 34.77
CA ARG D 874 -3.84 -37.99 36.01
C ARG D 874 -3.65 -36.68 36.76
N TYR D 875 -3.79 -36.74 38.08
CA TYR D 875 -3.44 -35.63 38.96
C TYR D 875 -2.49 -36.12 40.05
N THR D 876 -1.71 -35.20 40.60
CA THR D 876 -0.97 -35.50 41.81
C THR D 876 -1.90 -35.39 43.03
N LEU D 877 -1.67 -36.24 44.02
CA LEU D 877 -2.45 -36.24 45.25
C LEU D 877 -2.30 -34.93 46.04
N ASN D 878 -1.09 -34.38 46.07
CA ASN D 878 -0.86 -33.16 46.83
C ASN D 878 -1.03 -31.87 46.04
N GLY D 879 -1.35 -31.98 44.76
CA GLY D 879 -1.55 -30.79 43.91
C GLY D 879 -0.29 -30.07 43.45
N GLU D 880 0.88 -30.56 43.84
CA GLU D 880 2.14 -30.02 43.33
C GLU D 880 2.54 -30.75 42.04
N ASN D 881 3.32 -30.11 41.19
CA ASN D 881 3.79 -30.76 39.96
C ASN D 881 5.05 -31.58 40.23
N LYS D 882 5.01 -32.86 39.87
CA LYS D 882 6.21 -33.69 40.00
C LYS D 882 6.46 -34.49 38.73
N SER D 883 7.62 -35.13 38.66
CA SER D 883 7.95 -35.97 37.52
C SER D 883 6.96 -37.13 37.38
N LEU D 884 6.76 -37.57 36.14
CA LEU D 884 5.95 -38.75 35.85
C LEU D 884 6.50 -39.97 36.59
N ASN D 885 7.82 -40.10 36.60
CA ASN D 885 8.42 -41.30 37.15
C ASN D 885 8.22 -41.45 38.66
N THR D 886 7.85 -40.37 39.35
CA THR D 886 7.55 -40.46 40.78
C THR D 886 6.05 -40.55 41.11
N TYR D 887 5.18 -40.64 40.10
CA TYR D 887 3.77 -40.91 40.39
C TYR D 887 3.63 -42.32 40.96
N THR D 888 2.65 -42.51 41.83
CA THR D 888 2.22 -43.84 42.20
C THR D 888 0.72 -43.92 41.93
N ASP D 889 0.13 -45.09 42.15
CA ASP D 889 -1.29 -45.25 41.89
C ASP D 889 -2.14 -44.43 42.87
N GLU D 890 -1.51 -43.81 43.87
CA GLU D 890 -2.21 -42.92 44.80
C GLU D 890 -2.36 -41.50 44.23
N ASP D 891 -1.74 -41.27 43.08
CA ASP D 891 -1.98 -40.06 42.32
C ASP D 891 -3.17 -40.34 41.40
N PRO D 892 -4.28 -39.63 41.64
CA PRO D 892 -5.54 -40.02 41.02
C PRO D 892 -5.50 -40.32 39.53
N LEU D 893 -6.19 -41.39 39.17
CA LEU D 893 -6.53 -41.71 37.78
C LEU D 893 -7.99 -41.35 37.63
N VAL D 894 -8.30 -40.49 36.67
CA VAL D 894 -9.64 -39.94 36.49
C VAL D 894 -10.06 -40.15 35.05
N PHE D 895 -11.24 -40.71 34.83
CA PHE D 895 -11.76 -40.92 33.50
C PHE D 895 -12.69 -39.76 33.22
N GLU D 896 -12.21 -38.82 32.42
CA GLU D 896 -12.99 -37.63 32.13
C GLU D 896 -13.92 -37.89 30.96
N VAL D 897 -15.22 -37.88 31.24
CA VAL D 897 -16.25 -38.10 30.24
C VAL D 897 -16.70 -36.77 29.66
N PHE D 898 -16.37 -36.55 28.39
CA PHE D 898 -16.76 -35.34 27.70
C PHE D 898 -18.17 -35.54 27.20
N PRO D 899 -18.81 -34.48 26.67
CA PRO D 899 -20.19 -34.61 26.25
C PRO D 899 -20.33 -35.75 25.26
N LEU D 900 -21.44 -36.47 25.34
CA LEU D 900 -21.64 -37.65 24.51
C LEU D 900 -21.85 -37.27 23.06
N GLY D 901 -21.35 -38.11 22.17
CA GLY D 901 -21.68 -38.07 20.76
C GLY D 901 -22.65 -39.17 20.37
N ASN D 902 -23.81 -38.78 19.84
CA ASN D 902 -24.88 -39.73 19.53
C ASN D 902 -25.18 -40.58 20.76
N ASN D 903 -25.25 -39.93 21.91
CA ASN D 903 -25.63 -40.58 23.15
C ASN D 903 -24.65 -41.62 23.66
N ARG D 904 -23.40 -41.54 23.23
CA ARG D 904 -22.38 -42.38 23.84
C ARG D 904 -21.00 -41.74 23.88
N ALA D 905 -20.14 -42.32 24.70
CA ALA D 905 -18.73 -41.96 24.77
C ALA D 905 -17.95 -43.25 25.02
N ASP D 906 -16.68 -43.25 24.66
CA ASP D 906 -15.83 -44.42 24.81
C ASP D 906 -14.45 -44.04 25.29
N GLY D 907 -13.77 -44.97 25.94
CA GLY D 907 -12.47 -44.71 26.48
C GLY D 907 -11.63 -45.96 26.60
N MET D 908 -10.33 -45.76 26.75
CA MET D 908 -9.40 -46.85 26.85
C MET D 908 -8.20 -46.34 27.64
N CYS D 909 -7.64 -47.21 28.47
CA CYS D 909 -6.47 -46.86 29.24
C CYS D 909 -5.65 -48.13 29.46
N TYR D 910 -4.40 -48.08 29.00
CA TYR D 910 -3.38 -49.09 29.29
C TYR D 910 -2.74 -48.83 30.67
N LEU D 911 -2.46 -49.89 31.42
CA LEU D 911 -1.82 -49.73 32.73
C LEU D 911 -0.73 -50.77 33.01
N ASP D 912 0.40 -50.30 33.51
CA ASP D 912 1.44 -51.22 33.97
C ASP D 912 2.25 -50.47 35.02
N ASP D 913 3.35 -51.03 35.49
CA ASP D 913 4.12 -50.37 36.54
C ASP D 913 5.00 -49.21 36.04
N GLY D 914 4.82 -48.83 34.78
CA GLY D 914 5.54 -47.71 34.18
C GLY D 914 6.95 -48.02 33.72
N GLY D 915 7.37 -49.27 33.86
CA GLY D 915 8.69 -49.64 33.44
C GLY D 915 9.64 -49.84 34.61
N VAL D 916 9.10 -49.85 35.82
CA VAL D 916 9.87 -50.24 37.00
C VAL D 916 10.43 -51.65 36.80
N THR D 917 9.61 -52.51 36.21
CA THR D 917 10.06 -53.82 35.76
C THR D 917 9.74 -53.93 34.28
N THR D 918 10.13 -55.05 33.67
CA THR D 918 9.82 -55.30 32.28
C THR D 918 8.77 -56.43 32.17
N ASN D 919 7.98 -56.60 33.22
CA ASN D 919 7.07 -57.74 33.30
C ASN D 919 5.83 -57.57 32.41
N ALA D 920 5.52 -56.33 32.04
CA ALA D 920 4.44 -56.12 31.09
C ALA D 920 4.82 -56.79 29.77
N GLU D 921 6.02 -56.51 29.29
CA GLU D 921 6.44 -56.95 27.96
C GLU D 921 7.04 -58.36 27.95
N ASP D 922 7.54 -58.81 29.09
CA ASP D 922 8.13 -60.15 29.19
C ASP D 922 7.09 -61.18 29.62
N ASN D 923 6.17 -60.77 30.49
CA ASN D 923 5.25 -61.70 31.16
C ASN D 923 3.77 -61.33 31.06
N GLY D 924 3.49 -60.26 30.33
CA GLY D 924 2.10 -59.87 30.10
C GLY D 924 1.49 -59.21 31.32
N LYS D 925 2.34 -58.69 32.20
CA LYS D 925 1.86 -58.02 33.41
C LYS D 925 1.43 -56.57 33.13
N PHE D 926 0.29 -56.43 32.45
CA PHE D 926 -0.30 -55.13 32.19
C PHE D 926 -1.82 -55.29 32.11
N SER D 927 -2.52 -54.17 32.03
CA SER D 927 -3.97 -54.14 32.04
C SER D 927 -4.46 -53.24 30.92
N VAL D 928 -5.61 -53.57 30.36
CA VAL D 928 -6.21 -52.74 29.33
C VAL D 928 -7.65 -52.53 29.76
N VAL D 929 -7.92 -51.34 30.27
CA VAL D 929 -9.24 -50.99 30.75
C VAL D 929 -9.98 -50.23 29.66
N LYS D 930 -11.25 -50.58 29.47
CA LYS D 930 -12.10 -49.84 28.56
C LYS D 930 -13.31 -49.34 29.32
N VAL D 931 -13.85 -48.22 28.84
CA VAL D 931 -14.99 -47.60 29.47
C VAL D 931 -15.93 -47.09 28.39
N ALA D 932 -17.21 -47.11 28.70
CA ALA D 932 -18.23 -46.75 27.73
C ALA D 932 -19.37 -46.04 28.46
N ALA D 933 -19.82 -44.90 27.94
CA ALA D 933 -20.93 -44.20 28.53
C ALA D 933 -22.08 -44.19 27.54
N GLU D 934 -23.30 -44.28 28.05
CA GLU D 934 -24.51 -44.32 27.22
C GLU D 934 -25.62 -43.60 27.94
N GLN D 935 -26.25 -42.65 27.27
CA GLN D 935 -27.45 -42.02 27.78
C GLN D 935 -28.65 -42.68 27.13
N ASP D 936 -29.62 -43.06 27.95
CA ASP D 936 -30.87 -43.60 27.44
C ASP D 936 -31.99 -43.05 28.30
N GLY D 937 -32.68 -42.03 27.77
CA GLY D 937 -33.71 -41.35 28.54
C GLY D 937 -33.08 -40.67 29.74
N GLY D 938 -33.65 -40.93 30.92
CA GLY D 938 -33.15 -40.32 32.17
C GLY D 938 -32.01 -41.06 32.83
N THR D 939 -31.57 -42.17 32.24
CA THR D 939 -30.52 -42.99 32.84
C THR D 939 -29.22 -42.90 32.03
N GLU D 940 -28.11 -42.63 32.72
CA GLU D 940 -26.79 -42.72 32.10
C GLU D 940 -26.03 -43.89 32.67
N THR D 941 -25.53 -44.76 31.80
CA THR D 941 -24.80 -45.92 32.25
C THR D 941 -23.35 -45.84 31.83
N ILE D 942 -22.46 -46.04 32.79
CA ILE D 942 -21.02 -46.00 32.54
C ILE D 942 -20.39 -47.35 32.91
N THR D 943 -19.89 -48.06 31.90
CA THR D 943 -19.39 -49.40 32.10
C THR D 943 -17.87 -49.48 31.95
N PHE D 944 -17.21 -49.99 32.98
CA PHE D 944 -15.81 -50.41 32.94
C PHE D 944 -15.69 -51.92 32.65
N THR D 945 -14.83 -52.28 31.70
CA THR D 945 -14.55 -53.67 31.35
C THR D 945 -13.05 -53.75 31.16
N ASN D 946 -12.51 -54.96 31.13
CA ASN D 946 -11.09 -55.12 30.82
C ASN D 946 -10.89 -56.14 29.71
N ASP D 947 -9.85 -55.92 28.89
CA ASP D 947 -9.43 -56.93 27.91
C ASP D 947 -8.37 -57.84 28.55
N CYS D 948 -7.71 -57.33 29.56
CA CYS D 948 -6.85 -58.09 30.43
C CYS D 948 -6.64 -57.25 31.67
N TYR D 949 -6.37 -57.91 32.79
CA TYR D 949 -6.11 -57.17 34.01
C TYR D 949 -5.03 -57.83 34.87
N GLU D 950 -3.80 -57.81 34.37
CA GLU D 950 -2.67 -58.41 35.06
C GLU D 950 -1.89 -57.40 35.89
N TYR D 951 -2.11 -56.11 35.62
CA TYR D 951 -1.56 -55.08 36.48
C TYR D 951 -2.66 -54.52 37.40
N VAL D 952 -2.47 -54.61 38.71
CA VAL D 952 -3.47 -54.13 39.65
C VAL D 952 -3.23 -52.67 39.98
N PHE D 953 -4.11 -51.80 39.51
CA PHE D 953 -4.02 -50.39 39.87
C PHE D 953 -4.36 -50.26 41.36
N GLY D 954 -3.44 -49.67 42.13
CA GLY D 954 -3.52 -49.74 43.60
C GLY D 954 -4.23 -48.61 44.32
N GLY D 955 -4.73 -47.63 43.59
CA GLY D 955 -5.39 -46.51 44.24
C GLY D 955 -6.82 -46.35 43.76
N PRO D 956 -7.61 -45.50 44.43
CA PRO D 956 -8.96 -45.26 43.93
C PRO D 956 -8.87 -44.61 42.57
N PHE D 957 -9.95 -44.71 41.78
CA PHE D 957 -10.01 -44.04 40.50
C PHE D 957 -11.31 -43.24 40.43
N TYR D 958 -11.41 -42.35 39.45
CA TYR D 958 -12.52 -41.41 39.42
C TYR D 958 -13.16 -41.42 38.06
N VAL D 959 -14.44 -41.07 38.01
CA VAL D 959 -15.11 -40.72 36.78
C VAL D 959 -15.50 -39.26 36.95
N ARG D 960 -15.15 -38.42 35.98
CA ARG D 960 -15.58 -37.02 36.00
C ARG D 960 -16.49 -36.82 34.81
N VAL D 961 -17.78 -36.57 35.05
CA VAL D 961 -18.75 -36.44 33.98
C VAL D 961 -19.05 -34.95 33.71
N ARG D 962 -18.61 -34.47 32.55
CA ARG D 962 -18.88 -33.09 32.13
C ARG D 962 -20.34 -32.90 31.76
N GLY D 963 -20.92 -31.77 32.18
CA GLY D 963 -22.31 -31.47 31.87
C GLY D 963 -23.29 -32.13 32.82
N ALA D 964 -22.78 -32.88 33.79
CA ALA D 964 -23.63 -33.52 34.78
C ALA D 964 -23.49 -32.83 36.13
N GLN D 965 -24.60 -32.66 36.82
CA GLN D 965 -24.56 -32.14 38.19
C GLN D 965 -25.22 -33.13 39.12
N SER D 966 -25.90 -32.68 40.18
CA SER D 966 -26.39 -33.61 41.20
C SER D 966 -27.34 -34.68 40.66
N PRO D 967 -27.09 -35.95 41.01
CA PRO D 967 -27.95 -37.05 40.62
C PRO D 967 -29.05 -37.31 41.64
N SER D 968 -30.09 -38.05 41.24
CA SER D 968 -31.03 -38.59 42.21
C SER D 968 -30.43 -39.83 42.86
N ASN D 969 -29.62 -40.55 42.09
CA ASN D 969 -29.03 -41.79 42.56
C ASN D 969 -27.93 -42.27 41.62
N ILE D 970 -26.88 -42.85 42.20
CA ILE D 970 -25.84 -43.55 41.44
C ILE D 970 -25.67 -44.93 42.02
N HIS D 971 -25.94 -45.95 41.20
CA HIS D 971 -25.74 -47.35 41.61
C HIS D 971 -24.49 -47.91 40.95
N VAL D 972 -23.70 -48.68 41.69
CA VAL D 972 -22.50 -49.30 41.11
C VAL D 972 -22.48 -50.79 41.40
N SER D 973 -22.48 -51.61 40.34
CA SER D 973 -22.29 -53.05 40.52
C SER D 973 -20.92 -53.44 40.00
N SER D 974 -20.29 -54.39 40.67
CA SER D 974 -18.95 -54.79 40.34
C SER D 974 -18.69 -56.11 41.02
N GLY D 975 -17.86 -56.93 40.38
CA GLY D 975 -17.48 -58.26 40.85
C GLY D 975 -17.98 -58.71 42.21
N ALA D 976 -19.09 -59.43 42.18
CA ALA D 976 -19.68 -60.10 43.36
C ALA D 976 -20.85 -59.35 43.97
N GLY D 977 -20.78 -58.01 43.98
CA GLY D 977 -21.83 -57.22 44.61
C GLY D 977 -22.11 -55.87 43.97
N SER D 978 -22.61 -54.94 44.78
CA SER D 978 -23.05 -53.64 44.32
C SER D 978 -23.49 -52.76 45.48
N GLN D 979 -23.23 -51.46 45.39
CA GLN D 979 -23.70 -50.49 46.37
C GLN D 979 -24.22 -49.23 45.68
N ASP D 980 -24.98 -48.43 46.42
CA ASP D 980 -25.29 -47.08 45.97
C ASP D 980 -24.19 -46.16 46.46
N MET D 981 -23.90 -45.14 45.67
CA MET D 981 -22.94 -44.13 46.07
C MET D 981 -23.63 -43.15 47.02
N LYS D 982 -22.83 -42.32 47.70
CA LYS D 982 -23.41 -41.27 48.55
C LYS D 982 -22.67 -39.95 48.32
N VAL D 983 -23.32 -38.83 48.58
CA VAL D 983 -22.69 -37.53 48.39
C VAL D 983 -21.53 -37.37 49.37
N SER D 984 -20.40 -36.87 48.89
CA SER D 984 -19.19 -36.76 49.71
C SER D 984 -19.34 -35.68 50.76
N SER D 985 -18.61 -35.81 51.87
CA SER D 985 -18.51 -34.70 52.80
C SER D 985 -17.37 -33.77 52.34
N ALA D 986 -16.63 -34.20 51.33
CA ALA D 986 -15.62 -33.34 50.70
C ALA D 986 -16.30 -32.22 49.92
N THR D 987 -15.72 -31.01 49.98
CA THR D 987 -16.31 -29.84 49.33
C THR D 987 -15.38 -29.24 48.27
N SER D 988 -14.29 -29.95 47.96
CA SER D 988 -13.39 -29.49 46.90
C SER D 988 -12.76 -30.72 46.25
N ARG D 989 -12.13 -30.54 45.10
CA ARG D 989 -11.46 -31.64 44.43
C ARG D 989 -10.30 -32.17 45.27
N ALA D 990 -9.47 -31.26 45.77
CA ALA D 990 -8.39 -31.63 46.68
C ALA D 990 -8.93 -32.44 47.87
N ALA D 991 -10.05 -32.00 48.43
CA ALA D 991 -10.67 -32.71 49.55
C ALA D 991 -11.20 -34.08 49.14
N LEU D 992 -11.77 -34.19 47.94
CA LEU D 992 -12.23 -35.49 47.44
C LEU D 992 -11.07 -36.46 47.28
N PHE D 993 -9.98 -35.98 46.67
CA PHE D 993 -8.80 -36.79 46.46
C PHE D 993 -8.24 -37.31 47.78
N ASN D 994 -8.08 -36.42 48.75
CA ASN D 994 -7.38 -36.75 50.00
C ASN D 994 -8.24 -37.28 51.14
N ASP D 995 -9.47 -36.79 51.23
CA ASP D 995 -10.35 -37.07 52.36
C ASP D 995 -11.62 -37.81 51.92
N GLY D 996 -11.94 -37.75 50.63
CA GLY D 996 -13.11 -38.45 50.12
C GLY D 996 -13.08 -39.95 50.39
N GLU D 997 -14.25 -40.51 50.68
CA GLU D 997 -14.37 -41.95 50.85
C GLU D 997 -14.72 -42.64 49.53
N ASN D 998 -14.25 -43.87 49.37
CA ASN D 998 -14.67 -44.66 48.22
C ASN D 998 -16.19 -44.78 48.21
N GLY D 999 -16.80 -44.55 47.05
CA GLY D 999 -18.24 -44.58 46.96
C GLY D 999 -18.87 -43.21 47.11
N ASP D 1000 -18.02 -42.19 47.28
CA ASP D 1000 -18.44 -40.79 47.40
C ASP D 1000 -18.58 -40.16 46.02
N PHE D 1001 -19.58 -39.30 45.84
CA PHE D 1001 -19.60 -38.43 44.67
C PHE D 1001 -19.61 -36.94 45.04
N TRP D 1002 -19.07 -36.10 44.17
CA TRP D 1002 -18.97 -34.69 44.47
C TRP D 1002 -19.47 -33.85 43.31
N VAL D 1003 -20.46 -33.01 43.58
CA VAL D 1003 -20.98 -32.13 42.56
C VAL D 1003 -20.09 -30.90 42.44
N ASP D 1004 -19.45 -30.75 41.29
CA ASP D 1004 -18.47 -29.69 41.09
C ASP D 1004 -19.10 -28.66 40.17
N GLN D 1005 -19.75 -27.65 40.75
CA GLN D 1005 -20.48 -26.68 39.93
C GLN D 1005 -19.54 -25.70 39.23
N GLU D 1006 -18.35 -25.52 39.80
CA GLU D 1006 -17.38 -24.61 39.24
C GLU D 1006 -16.90 -25.05 37.85
N THR D 1007 -16.76 -26.36 37.63
CA THR D 1007 -16.41 -26.83 36.29
C THR D 1007 -17.54 -27.63 35.64
N ASP D 1008 -18.75 -27.52 36.18
CA ASP D 1008 -19.93 -28.24 35.69
C ASP D 1008 -19.69 -29.73 35.48
N SER D 1009 -19.10 -30.39 36.47
CA SER D 1009 -18.73 -31.78 36.38
C SER D 1009 -19.29 -32.51 37.58
N LEU D 1010 -19.51 -33.81 37.42
CA LEU D 1010 -19.84 -34.66 38.54
C LEU D 1010 -18.69 -35.67 38.71
N TRP D 1011 -18.12 -35.72 39.90
CA TRP D 1011 -16.99 -36.61 40.17
C TRP D 1011 -17.45 -37.82 40.99
N LEU D 1012 -17.01 -39.01 40.61
CA LEU D 1012 -17.29 -40.24 41.35
C LEU D 1012 -15.97 -40.80 41.85
N LYS D 1013 -15.88 -41.07 43.15
CA LYS D 1013 -14.70 -41.73 43.70
C LYS D 1013 -15.02 -43.20 43.92
N LEU D 1014 -14.21 -44.08 43.33
CA LEU D 1014 -14.49 -45.50 43.37
C LEU D 1014 -13.25 -46.28 43.75
N PRO D 1015 -13.44 -47.42 44.43
CA PRO D 1015 -12.32 -48.27 44.86
C PRO D 1015 -11.55 -48.90 43.70
N ASN D 1016 -10.26 -49.15 43.92
CA ASN D 1016 -9.40 -49.75 42.90
C ASN D 1016 -9.93 -51.10 42.36
N VAL D 1017 -10.54 -51.91 43.23
CA VAL D 1017 -11.03 -53.25 42.86
C VAL D 1017 -12.20 -53.25 41.87
N VAL D 1018 -12.85 -52.09 41.68
CA VAL D 1018 -13.95 -52.03 40.72
C VAL D 1018 -13.52 -51.51 39.34
N LEU D 1019 -12.26 -51.10 39.22
CA LEU D 1019 -11.69 -50.62 37.96
C LEU D 1019 -11.90 -51.58 36.79
N PRO D 1020 -11.66 -52.89 37.00
CA PRO D 1020 -11.66 -53.82 35.86
C PRO D 1020 -13.05 -54.19 35.34
N ASP D 1021 -14.09 -53.90 36.11
CA ASP D 1021 -15.42 -54.38 35.79
C ASP D 1021 -16.47 -53.68 36.65
N ALA D 1022 -17.17 -52.72 36.08
CA ALA D 1022 -18.16 -52.00 36.85
C ALA D 1022 -19.27 -51.49 35.97
N VAL D 1023 -20.49 -51.46 36.50
CA VAL D 1023 -21.61 -50.81 35.85
C VAL D 1023 -22.12 -49.71 36.77
N ILE D 1024 -22.00 -48.47 36.31
CA ILE D 1024 -22.41 -47.29 37.04
C ILE D 1024 -23.68 -46.74 36.40
N THR D 1025 -24.75 -46.70 37.18
CA THR D 1025 -26.05 -46.25 36.68
C THR D 1025 -26.40 -44.95 37.39
N ILE D 1026 -26.34 -43.86 36.65
CA ILE D 1026 -26.64 -42.52 37.14
C ILE D 1026 -28.06 -42.16 36.72
N THR D 1027 -28.86 -41.75 37.69
CA THR D 1027 -30.26 -41.57 37.45
C THR D 1027 -30.75 -40.28 38.15
#